data_8UG9
#
_entry.id   8UG9
#
_cell.length_a   1.00
_cell.length_b   1.00
_cell.length_c   1.00
_cell.angle_alpha   90.00
_cell.angle_beta   90.00
_cell.angle_gamma   90.00
#
_symmetry.space_group_name_H-M   'P 1'
#
loop_
_entity.id
_entity.type
_entity.pdbx_description
1 polymer Nanosota-5
2 polymer 'Spike glycoprotein'
3 branched 2-acetamido-2-deoxy-beta-D-glucopyranose-(1-4)-2-acetamido-2-deoxy-beta-D-glucopyranose
4 non-polymer 2-acetamido-2-deoxy-beta-D-glucopyranose
#
loop_
_entity_poly.entity_id
_entity_poly.type
_entity_poly.pdbx_seq_one_letter_code
_entity_poly.pdbx_strand_id
1 'polypeptide(L)'
;QVQLQESGGGLVQAGGSLRLSCAASESIFRMELMEWYHQAPGKQRELVATINRCGSTNYSDSVKGRFIISSDNAKNSVYL
QMNSLKDEDTAVYSCHARTWTSYWGRGTQVTVSSGGQHHHHHHGAYPYDVPDYAS
;
M,N,O
2 'polypeptide(L)'
;QCVNLITRTQSYTNSFTRGVYYPDKVFRSSVLHSTQDLFLPFFSNVTWFHAIHVSGTNGTKRFDNPALPFNDGVYFASTE
KSNIIRGWIFGTTLDSKTQSLLIVNNATNVVIKVCEFQFCNDPFLDVYQKNNKSWMESEFRVYSSANNCTFEYVSQPFLM
DLEGKEGNFKNLREFVFKNIDGYFKIYSKHTPINLERDLPQGFSALEPLVDLPIGINITRFQTLLALHRSYLTPGDSSSG
WTAGAAAYYVGYLQPRTFLLKYNENGTITDAVDCALDPLSETKCTLKSFTVEKGIYQTSNFRVQPTESIVRFPNITNLCP
FHEVFNATTFASVYAWNRKRISNCVADYSVIYNFAPFFAFKCYGVSPTKLNDLCFTNVYADSFVIRGNEVSQIAPGQTGN
IADYNYKLPDDFTGCVIAWNSNKLDSKPSGNYNYLYRLFRKSKLKPFERDISTEIYQAGNKPCNGVAGPNCYSPLQSYGF
RPTYGVGHQPYRVVVLSFELLHAPATVCGPKKSTNLVKNKCVNFNFNGLTGTGVLTESNKKFLPFQQFGRDIADTTDAVR
DPQTLEILDITPCSFGGVSVITPGTNTSNQVAVLYQGVNCTEVPVAIHADQLTPTWRVYSTGSNVFQTRAGCLIGAEYVN
NSYECDIPIGAGICASYQTQTKSHAGARSVASQSIIAYTMSLGAENSVAYSNNSIAIPTNFTISVTTEILPVSMTKTSVD
CTMYICGDSTECSNLLLQYGSFCTQLKRALTGIAVEQDKNTQEVFAQVKQIYKTPPIKYFGGFNFSQILPDPSKPSKRSP
IEDLLFNKVTLADAGFIKQYGDCLGDIAARDLICAQKFNGLTVLPPLLTDEMIAQYTSALLAGTITSGWTFGAGPALQIP
FPMQMAYRFNGIGVTQNVLYENQKLIANQFNSAIGKIQDSLSSTPSALGKLQDVVNHNAQALNTLVKQLSSKFGAISSVL
NDILSRLDPPEAEVQIDRLITGRLQSLQTYVTQQLIRAAEIRASANLAATKMSECVLGQSKRVDFCGKGYHLMSFPQSAP
HGVVFLHVTYVPAQEKNFTTAPAICHDGKAHFPREGVFVSNGTHWFVTQRNFYEPQIITTDNTFVSGNCDVVIGIVNNTV
YDPLQPELDSFKEELDKYFKNHTSPDVDLGDISGINASVVNIQKEIDRLNEVAKNLNESLIDLQELGKYEQYIKGSGYIP
EAPRDGQAYVRKDGEWVLLSTFLGHHHHHH
;
A,B,C
#
# COMPACT_ATOMS: atom_id res chain seq x y z
N GLN A 1 -19.47 -35.10 30.73
CA GLN A 1 -19.28 -36.19 31.67
C GLN A 1 -17.88 -36.16 32.28
N VAL A 2 -17.78 -36.58 33.53
CA VAL A 2 -16.48 -36.63 34.21
C VAL A 2 -15.58 -37.65 33.51
N GLN A 3 -14.28 -37.37 33.51
CA GLN A 3 -13.33 -38.19 32.78
C GLN A 3 -12.82 -39.38 33.60
N LEU A 4 -12.35 -39.13 34.81
CA LEU A 4 -11.75 -40.17 35.65
C LEU A 4 -12.76 -40.60 36.70
N GLN A 5 -13.11 -41.89 36.69
CA GLN A 5 -14.06 -42.45 37.64
C GLN A 5 -13.41 -43.62 38.37
N GLU A 6 -13.54 -43.64 39.69
CA GLU A 6 -12.85 -44.58 40.55
C GLU A 6 -13.82 -45.56 41.19
N SER A 7 -13.30 -46.72 41.57
CA SER A 7 -14.10 -47.74 42.23
C SER A 7 -13.19 -48.70 42.99
N GLY A 8 -13.77 -49.36 43.99
CA GLY A 8 -13.06 -50.37 44.75
C GLY A 8 -13.03 -50.15 46.25
N GLY A 9 -13.75 -49.13 46.74
CA GLY A 9 -13.73 -48.83 48.15
C GLY A 9 -14.63 -49.72 48.98
N GLY A 10 -14.41 -49.69 50.29
CA GLY A 10 -15.22 -50.45 51.22
C GLY A 10 -14.46 -50.76 52.49
N LEU A 11 -15.05 -51.65 53.29
CA LEU A 11 -14.47 -52.10 54.55
C LEU A 11 -13.85 -53.48 54.34
N VAL A 12 -12.60 -53.64 54.74
CA VAL A 12 -11.88 -54.91 54.57
C VAL A 12 -11.02 -55.14 55.79
N GLN A 13 -11.10 -56.34 56.37
CA GLN A 13 -10.31 -56.66 57.54
C GLN A 13 -8.83 -56.79 57.19
N ALA A 14 -7.99 -56.70 58.21
CA ALA A 14 -6.55 -56.75 58.01
C ALA A 14 -6.13 -58.08 57.42
N GLY A 15 -5.15 -58.04 56.53
CA GLY A 15 -4.64 -59.24 55.88
C GLY A 15 -5.41 -59.69 54.66
N GLY A 16 -6.43 -58.94 54.24
CA GLY A 16 -7.23 -59.32 53.10
C GLY A 16 -6.62 -58.86 51.79
N SER A 17 -7.47 -58.81 50.76
CA SER A 17 -7.06 -58.36 49.44
C SER A 17 -8.18 -57.52 48.83
N LEU A 18 -7.79 -56.59 47.97
CA LEU A 18 -8.75 -55.67 47.34
C LEU A 18 -8.20 -55.21 46.00
N ARG A 19 -9.08 -54.61 45.20
CA ARG A 19 -8.70 -54.13 43.88
C ARG A 19 -9.29 -52.75 43.67
N LEU A 20 -8.43 -51.75 43.48
CA LEU A 20 -8.84 -50.40 43.15
C LEU A 20 -8.71 -50.20 41.65
N SER A 21 -9.66 -49.49 41.05
CA SER A 21 -9.66 -49.31 39.60
C SER A 21 -10.18 -47.92 39.27
N CYS A 22 -9.42 -47.16 38.48
CA CYS A 22 -9.89 -45.88 37.97
C CYS A 22 -9.82 -45.87 36.46
N ALA A 23 -10.93 -45.51 35.83
CA ALA A 23 -11.08 -45.56 34.38
C ALA A 23 -11.24 -44.16 33.82
N ALA A 24 -10.64 -43.93 32.66
CA ALA A 24 -10.63 -42.63 32.01
C ALA A 24 -11.38 -42.69 30.69
N SER A 25 -12.20 -41.66 30.44
CA SER A 25 -12.96 -41.61 29.19
C SER A 25 -12.03 -41.47 27.99
N GLU A 26 -10.99 -40.65 28.11
CA GLU A 26 -9.98 -40.55 27.06
C GLU A 26 -9.09 -41.78 27.07
N SER A 27 -8.40 -41.99 25.95
CA SER A 27 -7.47 -43.12 25.84
C SER A 27 -6.35 -42.97 26.86
N ILE A 28 -6.01 -44.08 27.52
CA ILE A 28 -4.93 -44.07 28.50
C ILE A 28 -3.55 -44.00 27.85
N PHE A 29 -3.47 -43.96 26.52
CA PHE A 29 -2.17 -43.89 25.87
C PHE A 29 -1.57 -42.50 25.98
N ARG A 30 -2.34 -41.47 25.63
CA ARG A 30 -1.84 -40.11 25.59
C ARG A 30 -1.69 -39.48 26.98
N MET A 31 -2.30 -40.07 28.01
CA MET A 31 -2.26 -39.45 29.33
C MET A 31 -0.85 -39.35 29.88
N GLU A 32 0.08 -40.17 29.39
CA GLU A 32 1.51 -39.96 29.58
C GLU A 32 1.97 -40.24 31.01
N LEU A 33 1.03 -40.40 31.94
CA LEU A 33 1.35 -40.66 33.33
C LEU A 33 0.06 -40.94 34.09
N MET A 34 0.12 -41.90 35.01
CA MET A 34 -1.00 -42.15 35.93
C MET A 34 -0.44 -42.43 37.31
N GLU A 35 -0.94 -41.69 38.30
CA GLU A 35 -0.47 -41.85 39.67
C GLU A 35 -1.65 -42.10 40.60
N TRP A 36 -1.36 -42.71 41.74
CA TRP A 36 -2.33 -42.93 42.81
C TRP A 36 -1.86 -42.20 44.05
N TYR A 37 -2.67 -41.27 44.55
CA TYR A 37 -2.42 -40.56 45.79
C TYR A 37 -3.39 -41.05 46.85
N HIS A 38 -2.96 -41.03 48.11
CA HIS A 38 -3.88 -41.30 49.20
C HIS A 38 -3.62 -40.30 50.33
N GLN A 39 -4.65 -40.06 51.13
CA GLN A 39 -4.52 -39.21 52.29
C GLN A 39 -5.34 -39.77 53.44
N ALA A 40 -4.77 -39.72 54.63
CA ALA A 40 -5.41 -40.16 55.86
C ALA A 40 -6.03 -38.97 56.58
N PRO A 41 -7.06 -39.20 57.42
CA PRO A 41 -7.67 -38.10 58.17
C PRO A 41 -6.64 -37.29 58.97
N GLY A 42 -6.55 -36.00 58.68
CA GLY A 42 -5.64 -35.12 59.38
C GLY A 42 -4.21 -35.12 58.90
N LYS A 43 -3.89 -35.88 57.85
CA LYS A 43 -2.54 -35.96 57.31
C LYS A 43 -2.49 -35.38 55.90
N GLN A 44 -1.27 -35.23 55.40
CA GLN A 44 -1.06 -34.66 54.07
C GLN A 44 -1.02 -35.74 53.00
N ARG A 45 -1.19 -35.31 51.75
CA ARG A 45 -1.20 -36.24 50.63
C ARG A 45 0.21 -36.75 50.35
N GLU A 46 0.32 -38.04 50.03
CA GLU A 46 1.56 -38.64 49.62
C GLU A 46 1.30 -39.60 48.46
N LEU A 47 2.28 -39.74 47.59
CA LEU A 47 2.12 -40.60 46.42
C LEU A 47 2.30 -42.05 46.80
N VAL A 48 1.45 -42.90 46.22
CA VAL A 48 1.49 -44.34 46.48
C VAL A 48 2.27 -45.03 45.35
N ALA A 49 1.80 -44.86 44.12
CA ALA A 49 2.45 -45.49 42.98
C ALA A 49 2.27 -44.61 41.75
N THR A 50 3.15 -44.81 40.77
CA THR A 50 3.11 -44.05 39.53
C THR A 50 3.59 -44.93 38.38
N ILE A 51 2.92 -44.77 37.23
CA ILE A 51 3.29 -45.49 36.02
C ILE A 51 3.27 -44.51 34.86
N ASN A 52 4.37 -44.47 34.10
CA ASN A 52 4.49 -43.56 32.97
C ASN A 52 4.04 -44.25 31.68
N ARG A 53 4.11 -43.51 30.58
CA ARG A 53 3.65 -44.03 29.29
C ARG A 53 4.53 -45.17 28.80
N CYS A 54 5.85 -45.05 28.95
CA CYS A 54 6.76 -46.06 28.42
C CYS A 54 6.56 -47.40 29.12
N GLY A 55 6.39 -47.39 30.43
CA GLY A 55 6.22 -48.63 31.18
C GLY A 55 6.96 -48.63 32.50
N SER A 56 7.79 -47.61 32.72
CA SER A 56 8.49 -47.50 33.99
C SER A 56 7.51 -47.31 35.13
N THR A 57 7.74 -48.01 36.23
CA THR A 57 6.84 -48.00 37.38
C THR A 57 7.62 -47.69 38.64
N ASN A 58 7.04 -46.86 39.51
CA ASN A 58 7.69 -46.50 40.76
C ASN A 58 6.67 -46.51 41.89
N TYR A 59 7.15 -46.85 43.09
CA TYR A 59 6.27 -46.88 44.26
C TYR A 59 6.88 -46.06 45.39
N SER A 60 6.27 -46.13 46.57
CA SER A 60 6.78 -45.47 47.76
C SER A 60 7.51 -46.47 48.66
N ASP A 61 8.13 -45.95 49.71
CA ASP A 61 8.92 -46.80 50.61
C ASP A 61 8.03 -47.81 51.33
N SER A 62 6.88 -47.38 51.84
CA SER A 62 5.96 -48.25 52.57
C SER A 62 4.95 -48.93 51.66
N VAL A 63 5.29 -49.11 50.38
CA VAL A 63 4.35 -49.65 49.40
C VAL A 63 4.97 -50.88 48.73
N LYS A 64 6.30 -50.94 48.70
CA LYS A 64 6.98 -52.01 47.99
C LYS A 64 6.69 -53.37 48.60
N GLY A 65 6.53 -54.37 47.74
CA GLY A 65 6.34 -55.73 48.16
C GLY A 65 4.90 -56.12 48.47
N ARG A 66 3.96 -55.17 48.41
CA ARG A 66 2.58 -55.47 48.75
C ARG A 66 1.60 -54.98 47.69
N PHE A 67 1.98 -53.97 46.92
CA PHE A 67 1.06 -53.34 45.98
C PHE A 67 1.61 -53.45 44.57
N ILE A 68 0.72 -53.64 43.60
CA ILE A 68 1.07 -53.73 42.20
C ILE A 68 0.11 -52.87 41.40
N ILE A 69 0.65 -52.02 40.52
CA ILE A 69 -0.15 -51.11 39.71
C ILE A 69 0.07 -51.47 38.25
N SER A 70 -1.02 -51.68 37.52
CA SER A 70 -0.92 -52.09 36.12
C SER A 70 -2.18 -51.69 35.37
N SER A 71 -2.07 -51.60 34.05
CA SER A 71 -3.19 -51.23 33.21
C SER A 71 -3.28 -52.17 32.02
N ASP A 72 -4.50 -52.44 31.59
CA ASP A 72 -4.74 -53.24 30.39
C ASP A 72 -5.23 -52.37 29.24
N ASN A 73 -4.85 -52.74 28.03
CA ASN A 73 -5.28 -52.01 26.83
C ASN A 73 -6.51 -52.65 26.20
N ALA A 74 -7.52 -52.96 27.01
CA ALA A 74 -8.81 -53.41 26.51
C ALA A 74 -9.93 -52.50 26.95
N LYS A 75 -10.05 -52.25 28.25
CA LYS A 75 -10.86 -51.18 28.80
C LYS A 75 -9.91 -50.19 29.45
N ASN A 76 -9.97 -48.93 29.03
CA ASN A 76 -8.96 -47.95 29.43
C ASN A 76 -9.12 -47.66 30.92
N SER A 77 -8.32 -48.33 31.73
CA SER A 77 -8.39 -48.20 33.19
C SER A 77 -7.03 -48.56 33.77
N VAL A 78 -6.83 -48.16 35.02
CA VAL A 78 -5.62 -48.48 35.78
C VAL A 78 -6.05 -49.15 37.07
N TYR A 79 -5.41 -50.28 37.39
CA TYR A 79 -5.74 -51.12 38.53
C TYR A 79 -4.59 -51.11 39.53
N LEU A 80 -4.94 -51.09 40.81
CA LEU A 80 -3.99 -51.19 41.91
C LEU A 80 -4.43 -52.34 42.82
N GLN A 81 -3.49 -53.20 43.19
CA GLN A 81 -3.79 -54.39 43.96
C GLN A 81 -3.46 -54.14 45.43
N MET A 82 -4.49 -54.20 46.28
CA MET A 82 -4.36 -53.95 47.71
C MET A 82 -4.07 -55.31 48.36
N ASN A 83 -2.82 -55.51 48.80
CA ASN A 83 -2.45 -56.75 49.47
C ASN A 83 -1.73 -56.44 50.78
N SER A 84 -1.97 -57.30 51.78
CA SER A 84 -1.34 -57.20 53.10
C SER A 84 -1.60 -55.83 53.73
N LEU A 85 -2.89 -55.51 53.84
CA LEU A 85 -3.29 -54.24 54.43
C LEU A 85 -3.04 -54.24 55.94
N LYS A 86 -2.73 -53.06 56.46
CA LYS A 86 -2.59 -52.87 57.91
C LYS A 86 -3.47 -51.72 58.36
N ASP A 87 -3.37 -51.33 59.63
CA ASP A 87 -4.22 -50.27 60.15
C ASP A 87 -3.92 -48.93 59.49
N GLU A 88 -2.65 -48.62 59.26
CA GLU A 88 -2.28 -47.32 58.70
C GLU A 88 -2.66 -47.17 57.24
N ASP A 89 -2.98 -48.26 56.55
CA ASP A 89 -3.42 -48.18 55.16
C ASP A 89 -4.79 -47.55 55.00
N THR A 90 -5.55 -47.39 56.09
CA THR A 90 -6.87 -46.78 56.02
C THR A 90 -6.74 -45.31 55.63
N ALA A 91 -7.27 -44.97 54.46
CA ALA A 91 -7.17 -43.62 53.91
C ALA A 91 -8.14 -43.51 52.75
N VAL A 92 -8.15 -42.35 52.10
CA VAL A 92 -8.94 -42.11 50.91
C VAL A 92 -8.00 -41.97 49.73
N TYR A 93 -8.31 -42.66 48.63
CA TYR A 93 -7.44 -42.78 47.47
C TYR A 93 -8.06 -42.06 46.28
N SER A 94 -7.18 -41.48 45.44
CA SER A 94 -7.60 -40.79 44.24
C SER A 94 -6.49 -40.91 43.19
N CYS A 95 -6.89 -41.16 41.94
CA CYS A 95 -5.94 -41.31 40.85
C CYS A 95 -5.89 -40.04 40.00
N HIS A 96 -4.70 -39.75 39.47
CA HIS A 96 -4.39 -38.50 38.80
C HIS A 96 -3.72 -38.78 37.47
N ALA A 97 -4.06 -37.99 36.45
CA ALA A 97 -3.52 -38.20 35.10
C ALA A 97 -3.32 -36.87 34.41
N ARG A 98 -2.17 -36.69 33.76
CA ARG A 98 -1.81 -35.39 33.17
C ARG A 98 -1.34 -35.55 31.73
N THR A 99 -2.19 -35.20 30.77
CA THR A 99 -1.77 -35.15 29.38
C THR A 99 -1.07 -33.84 29.07
N TRP A 100 -1.81 -32.73 29.17
CA TRP A 100 -1.21 -31.40 29.24
C TRP A 100 -1.79 -30.57 30.37
N THR A 101 -2.87 -31.03 31.00
CA THR A 101 -3.36 -30.48 32.27
C THR A 101 -3.75 -31.66 33.15
N SER A 102 -3.74 -31.42 34.46
CA SER A 102 -3.98 -32.48 35.42
C SER A 102 -5.47 -32.74 35.59
N TYR A 103 -5.84 -34.02 35.61
CA TYR A 103 -7.19 -34.49 35.85
C TYR A 103 -7.19 -35.36 37.10
N TRP A 104 -8.18 -35.12 37.96
CA TRP A 104 -8.30 -35.78 39.26
C TRP A 104 -9.63 -36.50 39.38
N GLY A 105 -9.68 -37.44 40.33
CA GLY A 105 -10.91 -38.13 40.68
C GLY A 105 -11.10 -38.14 42.18
N ARG A 106 -12.25 -38.69 42.59
CA ARG A 106 -12.62 -38.75 44.00
C ARG A 106 -13.08 -40.16 44.36
N GLY A 107 -13.48 -40.35 45.60
CA GLY A 107 -14.09 -41.59 46.05
C GLY A 107 -13.09 -42.59 46.61
N THR A 108 -13.54 -43.83 46.68
CA THR A 108 -12.75 -44.98 47.12
C THR A 108 -12.20 -44.77 48.54
N GLN A 109 -13.13 -44.68 49.48
CA GLN A 109 -12.80 -44.63 50.90
C GLN A 109 -12.67 -46.07 51.40
N VAL A 110 -11.44 -46.53 51.56
CA VAL A 110 -11.15 -47.89 52.00
C VAL A 110 -10.78 -47.86 53.48
N THR A 111 -11.32 -48.79 54.24
CA THR A 111 -11.07 -48.87 55.68
C THR A 111 -10.61 -50.27 56.05
N VAL A 112 -9.68 -50.33 57.00
CA VAL A 112 -9.13 -51.57 57.51
C VAL A 112 -9.35 -51.62 59.01
N SER A 113 -9.90 -52.74 59.49
CA SER A 113 -10.19 -52.92 60.90
C SER A 113 -9.15 -53.85 61.53
N SER A 114 -8.73 -53.50 62.74
CA SER A 114 -7.74 -54.30 63.46
C SER A 114 -8.10 -54.40 64.94
N GLN B 1 -31.80 37.03 -14.10
CA GLN B 1 -30.68 37.74 -13.50
C GLN B 1 -31.16 39.07 -12.91
N VAL B 2 -32.31 39.53 -13.39
CA VAL B 2 -32.85 40.81 -12.95
C VAL B 2 -33.18 40.77 -11.46
N GLN B 3 -33.74 39.65 -10.99
CA GLN B 3 -33.87 39.38 -9.56
C GLN B 3 -34.68 40.41 -8.79
N LEU B 4 -36.01 40.37 -8.95
CA LEU B 4 -36.95 41.14 -8.16
C LEU B 4 -36.93 42.64 -8.40
N GLN B 5 -37.31 43.07 -9.60
CA GLN B 5 -37.66 44.48 -9.82
C GLN B 5 -38.88 44.85 -8.99
N GLU B 6 -39.19 46.15 -8.97
CA GLU B 6 -40.41 46.65 -8.38
C GLU B 6 -41.01 47.72 -9.30
N SER B 7 -42.32 47.91 -9.19
CA SER B 7 -43.00 48.90 -9.99
C SER B 7 -44.30 49.30 -9.31
N GLY B 8 -44.70 50.55 -9.51
CA GLY B 8 -45.96 51.04 -8.96
C GLY B 8 -45.81 52.29 -8.12
N GLY B 9 -44.61 52.87 -8.09
CA GLY B 9 -44.37 54.05 -7.30
C GLY B 9 -44.78 55.33 -8.00
N GLY B 10 -44.93 56.39 -7.21
CA GLY B 10 -45.30 57.69 -7.74
C GLY B 10 -46.03 58.50 -6.69
N LEU B 11 -46.76 59.50 -7.17
CA LEU B 11 -47.52 60.41 -6.33
C LEU B 11 -48.98 59.96 -6.26
N VAL B 12 -49.52 59.87 -5.05
CA VAL B 12 -50.90 59.45 -4.85
C VAL B 12 -51.51 60.34 -3.77
N GLN B 13 -52.71 60.87 -4.05
CA GLN B 13 -53.41 61.70 -3.08
C GLN B 13 -53.82 60.88 -1.87
N ALA B 14 -53.92 61.55 -0.72
CA ALA B 14 -54.25 60.87 0.51
C ALA B 14 -55.64 60.24 0.44
N GLY B 15 -55.78 59.05 1.02
CA GLY B 15 -57.03 58.34 0.99
C GLY B 15 -57.28 57.50 -0.24
N GLY B 16 -56.30 57.39 -1.14
CA GLY B 16 -56.45 56.64 -2.37
C GLY B 16 -56.02 55.20 -2.24
N SER B 17 -55.58 54.62 -3.37
CA SER B 17 -55.14 53.24 -3.40
C SER B 17 -54.06 53.08 -4.46
N LEU B 18 -53.25 52.04 -4.30
CA LEU B 18 -52.11 51.81 -5.18
C LEU B 18 -51.74 50.33 -5.12
N ARG B 19 -50.92 49.89 -6.08
CA ARG B 19 -50.52 48.50 -6.16
C ARG B 19 -49.07 48.39 -6.58
N LEU B 20 -48.29 47.60 -5.82
CA LEU B 20 -46.89 47.34 -6.14
C LEU B 20 -46.70 45.85 -6.38
N SER B 21 -45.86 45.52 -7.35
CA SER B 21 -45.86 44.21 -7.99
C SER B 21 -44.44 43.65 -8.15
N CYS B 22 -43.67 43.61 -7.06
CA CYS B 22 -42.34 43.01 -7.09
C CYS B 22 -42.39 41.59 -7.65
N ALA B 23 -41.69 41.37 -8.75
CA ALA B 23 -41.72 40.10 -9.48
C ALA B 23 -40.32 39.53 -9.60
N ALA B 24 -40.18 38.23 -9.32
CA ALA B 24 -38.89 37.56 -9.24
C ALA B 24 -38.71 36.60 -10.41
N SER B 25 -37.47 36.48 -10.89
CA SER B 25 -37.13 35.61 -12.00
C SER B 25 -36.86 34.17 -11.57
N GLU B 26 -36.72 33.92 -10.27
CA GLU B 26 -36.65 32.56 -9.74
C GLU B 26 -38.06 32.05 -9.48
N SER B 27 -38.19 30.73 -9.36
CA SER B 27 -39.48 30.14 -9.08
C SER B 27 -40.09 30.71 -7.81
N ILE B 28 -41.39 31.03 -7.87
CA ILE B 28 -42.09 31.66 -6.75
C ILE B 28 -42.06 30.79 -5.51
N PHE B 29 -41.86 29.49 -5.66
CA PHE B 29 -42.04 28.52 -4.58
C PHE B 29 -40.78 28.28 -3.77
N ARG B 30 -39.63 28.13 -4.43
CA ARG B 30 -38.40 27.80 -3.72
C ARG B 30 -37.97 28.91 -2.78
N MET B 31 -38.46 30.13 -2.97
CA MET B 31 -37.97 31.27 -2.21
C MET B 31 -38.26 31.13 -0.72
N GLU B 32 -39.43 30.61 -0.37
CA GLU B 32 -39.83 30.20 0.97
C GLU B 32 -40.14 31.41 1.89
N LEU B 33 -39.83 32.64 1.48
CA LEU B 33 -40.11 33.81 2.30
C LEU B 33 -40.00 35.06 1.46
N MET B 34 -41.02 35.92 1.51
CA MET B 34 -40.96 37.22 0.86
C MET B 34 -41.52 38.29 1.78
N GLU B 35 -40.76 39.37 1.94
CA GLU B 35 -41.07 40.44 2.87
C GLU B 35 -40.98 41.78 2.16
N TRP B 36 -41.64 42.77 2.76
CA TRP B 36 -41.60 44.14 2.26
C TRP B 36 -41.03 45.07 3.33
N TYR B 37 -40.13 45.96 2.92
CA TYR B 37 -39.54 46.95 3.80
C TYR B 37 -39.74 48.33 3.22
N HIS B 38 -39.82 49.32 4.09
CA HIS B 38 -39.97 50.71 3.67
C HIS B 38 -39.00 51.60 4.42
N GLN B 39 -38.39 52.53 3.69
CA GLN B 39 -37.45 53.50 4.26
C GLN B 39 -38.03 54.90 4.08
N ALA B 40 -38.24 55.58 5.20
CA ALA B 40 -38.62 56.99 5.19
C ALA B 40 -37.38 57.85 5.04
N PRO B 41 -37.52 59.08 4.53
CA PRO B 41 -36.33 59.94 4.37
C PRO B 41 -35.70 60.30 5.70
N GLY B 42 -34.48 59.80 5.93
CA GLY B 42 -33.75 60.06 7.15
C GLY B 42 -34.06 59.14 8.31
N LYS B 43 -34.95 58.17 8.14
CA LYS B 43 -35.32 57.25 9.20
C LYS B 43 -34.97 55.82 8.80
N GLN B 44 -34.74 54.98 9.81
CA GLN B 44 -34.36 53.60 9.58
C GLN B 44 -35.54 52.79 9.05
N ARG B 45 -35.22 51.72 8.33
CA ARG B 45 -36.23 50.88 7.70
C ARG B 45 -36.95 50.02 8.75
N GLU B 46 -38.20 49.70 8.45
CA GLU B 46 -39.05 48.91 9.33
C GLU B 46 -39.81 47.88 8.51
N LEU B 47 -39.94 46.67 9.06
CA LEU B 47 -40.68 45.61 8.39
C LEU B 47 -42.13 46.05 8.15
N VAL B 48 -42.64 45.77 6.96
CA VAL B 48 -44.00 46.15 6.60
C VAL B 48 -44.90 44.92 6.67
N ALA B 49 -44.61 43.91 5.85
CA ALA B 49 -45.42 42.70 5.81
C ALA B 49 -44.54 41.54 5.39
N THR B 50 -44.96 40.33 5.75
CA THR B 50 -44.23 39.12 5.38
C THR B 50 -45.21 38.04 4.94
N ILE B 51 -44.70 37.13 4.11
CA ILE B 51 -45.46 35.95 3.69
C ILE B 51 -44.49 34.81 3.46
N ASN B 52 -44.76 33.67 4.09
CA ASN B 52 -43.92 32.50 3.97
C ASN B 52 -44.52 31.52 2.96
N ARG B 53 -43.82 30.39 2.76
CA ARG B 53 -44.22 29.43 1.74
C ARG B 53 -45.58 28.81 2.07
N CYS B 54 -45.81 28.48 3.34
CA CYS B 54 -47.06 27.81 3.72
C CYS B 54 -48.25 28.73 3.54
N GLY B 55 -48.15 29.97 4.02
CA GLY B 55 -49.24 30.91 3.88
C GLY B 55 -49.47 31.81 5.08
N SER B 56 -48.77 31.54 6.18
CA SER B 56 -48.90 32.39 7.37
C SER B 56 -48.38 33.79 7.06
N THR B 57 -49.09 34.79 7.56
CA THR B 57 -48.83 36.18 7.21
C THR B 57 -48.75 37.04 8.48
N ASN B 58 -47.80 37.97 8.51
CA ASN B 58 -47.66 38.89 9.62
C ASN B 58 -47.39 40.30 9.10
N TYR B 59 -47.78 41.28 9.91
CA TYR B 59 -47.62 42.69 9.59
C TYR B 59 -46.97 43.46 10.74
N SER B 60 -46.93 44.79 10.64
CA SER B 60 -46.37 45.66 11.67
C SER B 60 -47.49 46.46 12.34
N ASP B 61 -47.08 47.41 13.19
CA ASP B 61 -48.04 48.11 14.03
C ASP B 61 -49.04 48.92 13.21
N SER B 62 -48.57 49.61 12.17
CA SER B 62 -49.41 50.49 11.36
C SER B 62 -49.76 49.88 10.00
N VAL B 63 -50.02 48.57 9.96
CA VAL B 63 -50.26 47.86 8.71
C VAL B 63 -51.63 47.19 8.68
N LYS B 64 -51.96 46.41 9.72
CA LYS B 64 -53.17 45.61 9.67
C LYS B 64 -54.40 46.48 9.56
N GLY B 65 -55.37 46.01 8.78
CA GLY B 65 -56.58 46.76 8.52
C GLY B 65 -56.47 47.81 7.45
N ARG B 66 -55.28 48.00 6.88
CA ARG B 66 -55.06 49.00 5.83
C ARG B 66 -54.71 48.35 4.51
N PHE B 67 -53.67 47.52 4.46
CA PHE B 67 -53.28 46.87 3.22
C PHE B 67 -52.76 45.48 3.53
N ILE B 68 -53.04 44.55 2.60
CA ILE B 68 -52.76 43.13 2.79
C ILE B 68 -51.79 42.67 1.70
N ILE B 69 -51.23 41.47 1.91
CA ILE B 69 -50.28 40.89 0.99
C ILE B 69 -50.96 39.82 0.16
N SER B 70 -50.45 39.59 -1.05
CA SER B 70 -50.98 38.58 -1.94
C SER B 70 -49.92 38.22 -2.96
N SER B 71 -50.02 37.01 -3.50
CA SER B 71 -49.04 36.52 -4.47
C SER B 71 -49.69 35.40 -5.29
N ASP B 72 -49.88 35.64 -6.58
CA ASP B 72 -50.43 34.61 -7.46
C ASP B 72 -49.32 33.69 -7.98
N ASN B 73 -49.72 32.49 -8.37
CA ASN B 73 -48.77 31.47 -8.82
C ASN B 73 -48.56 31.46 -10.32
N ALA B 74 -49.47 32.04 -11.10
CA ALA B 74 -49.34 32.00 -12.55
C ALA B 74 -48.14 32.81 -13.03
N LYS B 75 -47.94 34.00 -12.47
CA LYS B 75 -46.79 34.84 -12.77
C LYS B 75 -46.03 35.08 -11.48
N ASN B 76 -44.72 34.84 -11.49
CA ASN B 76 -43.94 34.97 -10.27
C ASN B 76 -43.91 36.41 -9.80
N SER B 77 -44.68 36.72 -8.76
CA SER B 77 -44.75 38.08 -8.23
C SER B 77 -45.36 38.02 -6.83
N VAL B 78 -45.13 39.09 -6.07
CA VAL B 78 -45.79 39.30 -4.79
C VAL B 78 -46.43 40.68 -4.83
N TYR B 79 -47.72 40.74 -4.53
CA TYR B 79 -48.52 41.94 -4.75
C TYR B 79 -48.84 42.60 -3.41
N LEU B 80 -48.61 43.91 -3.33
CA LEU B 80 -49.02 44.72 -2.20
C LEU B 80 -50.07 45.73 -2.67
N GLN B 81 -51.22 45.73 -2.02
CA GLN B 81 -52.35 46.58 -2.40
C GLN B 81 -52.50 47.68 -1.35
N MET B 82 -51.77 48.77 -1.55
CA MET B 82 -51.83 49.91 -0.64
C MET B 82 -53.22 50.52 -0.64
N ASN B 83 -53.80 50.66 0.55
CA ASN B 83 -55.11 51.29 0.71
C ASN B 83 -55.08 52.21 1.92
N SER B 84 -55.79 53.33 1.81
CA SER B 84 -55.91 54.32 2.88
C SER B 84 -54.54 54.84 3.32
N LEU B 85 -53.84 55.46 2.36
CA LEU B 85 -52.54 56.04 2.64
C LEU B 85 -52.68 57.34 3.43
N LYS B 86 -51.64 57.66 4.20
CA LYS B 86 -51.60 58.89 4.97
C LYS B 86 -50.30 59.63 4.74
N ASP B 87 -50.05 60.69 5.52
CA ASP B 87 -48.86 61.51 5.31
C ASP B 87 -47.57 60.77 5.69
N GLU B 88 -47.66 59.79 6.57
CA GLU B 88 -46.48 59.09 7.05
C GLU B 88 -46.11 57.87 6.20
N ASP B 89 -46.89 57.58 5.16
CA ASP B 89 -46.59 56.46 4.27
C ASP B 89 -45.64 56.82 3.15
N THR B 90 -45.23 58.08 3.05
CA THR B 90 -44.31 58.50 2.00
C THR B 90 -42.94 57.90 2.26
N ALA B 91 -42.55 56.93 1.43
CA ALA B 91 -41.30 56.19 1.69
C ALA B 91 -40.92 55.44 0.42
N VAL B 92 -39.73 54.83 0.46
CA VAL B 92 -39.26 53.98 -0.62
C VAL B 92 -39.42 52.52 -0.20
N TYR B 93 -40.07 51.72 -1.03
CA TYR B 93 -40.44 50.35 -0.70
C TYR B 93 -39.58 49.36 -1.48
N SER B 94 -39.09 48.34 -0.78
CA SER B 94 -38.25 47.32 -1.39
C SER B 94 -38.70 45.94 -0.94
N CYS B 95 -38.69 44.99 -1.87
CA CYS B 95 -39.07 43.61 -1.59
C CYS B 95 -37.82 42.76 -1.39
N HIS B 96 -37.95 41.76 -0.50
CA HIS B 96 -36.83 40.91 -0.11
C HIS B 96 -37.25 39.45 -0.15
N ALA B 97 -36.38 38.60 -0.68
CA ALA B 97 -36.64 37.17 -0.81
C ALA B 97 -35.52 36.38 -0.13
N ARG B 98 -35.89 35.27 0.53
CA ARG B 98 -34.97 34.56 1.41
C ARG B 98 -34.97 33.06 1.12
N THR B 99 -34.17 32.64 0.14
CA THR B 99 -33.80 31.25 -0.02
C THR B 99 -32.49 31.04 0.72
N TRP B 100 -31.75 29.95 0.42
CA TRP B 100 -30.49 29.68 1.13
C TRP B 100 -29.56 30.89 1.17
N THR B 101 -29.77 31.88 0.29
CA THR B 101 -29.17 33.20 0.42
C THR B 101 -30.27 34.24 0.29
N SER B 102 -29.93 35.50 0.59
CA SER B 102 -30.90 36.58 0.63
C SER B 102 -30.74 37.48 -0.59
N TYR B 103 -31.85 37.73 -1.29
CA TYR B 103 -31.89 38.61 -2.45
C TYR B 103 -32.73 39.84 -2.14
N TRP B 104 -32.27 40.99 -2.61
CA TRP B 104 -32.92 42.26 -2.39
C TRP B 104 -33.26 42.92 -3.72
N GLY B 105 -34.34 43.68 -3.73
CA GLY B 105 -34.74 44.45 -4.89
C GLY B 105 -34.06 45.81 -4.92
N ARG B 106 -34.67 46.73 -5.67
CA ARG B 106 -34.14 48.08 -5.80
C ARG B 106 -34.99 49.14 -5.12
N GLY B 107 -36.29 48.92 -5.01
CA GLY B 107 -37.17 49.85 -4.33
C GLY B 107 -37.77 50.88 -5.27
N THR B 108 -38.93 51.39 -4.86
CA THR B 108 -39.64 52.42 -5.61
C THR B 108 -40.19 53.46 -4.64
N GLN B 109 -40.21 54.71 -5.09
CA GLN B 109 -40.68 55.81 -4.26
C GLN B 109 -42.20 55.89 -4.27
N VAL B 110 -42.79 56.16 -3.12
CA VAL B 110 -44.23 56.37 -2.99
C VAL B 110 -44.43 57.62 -2.16
N THR B 111 -45.11 58.62 -2.72
CA THR B 111 -45.35 59.89 -2.06
C THR B 111 -46.84 60.14 -1.92
N VAL B 112 -47.23 60.70 -0.78
CA VAL B 112 -48.61 61.03 -0.47
C VAL B 112 -48.66 62.49 -0.05
N SER B 113 -49.59 63.24 -0.63
CA SER B 113 -49.73 64.66 -0.36
C SER B 113 -51.06 64.94 0.32
N SER B 114 -51.07 65.94 1.21
CA SER B 114 -52.27 66.33 1.92
C SER B 114 -52.35 67.84 2.06
N GLN C 1 47.20 -5.53 -22.09
CA GLN C 1 46.21 -4.94 -21.20
C GLN C 1 46.65 -3.53 -20.77
N VAL C 2 47.96 -3.34 -20.65
CA VAL C 2 48.49 -2.04 -20.25
C VAL C 2 48.11 -1.00 -21.29
N GLN C 3 47.72 0.19 -20.80
CA GLN C 3 47.23 1.24 -21.69
C GLN C 3 48.30 1.69 -22.67
N LEU C 4 49.39 2.25 -22.17
CA LEU C 4 50.40 2.89 -23.00
C LEU C 4 51.76 2.25 -22.78
N GLN C 5 52.48 2.04 -23.87
CA GLN C 5 53.86 1.58 -23.83
C GLN C 5 54.70 2.45 -24.77
N GLU C 6 55.86 2.89 -24.29
CA GLU C 6 56.75 3.73 -25.07
C GLU C 6 57.98 2.94 -25.51
N SER C 7 58.54 3.34 -26.65
CA SER C 7 59.74 2.71 -27.17
C SER C 7 60.46 3.70 -28.08
N GLY C 8 61.78 3.70 -28.01
CA GLY C 8 62.58 4.60 -28.83
C GLY C 8 63.77 5.19 -28.11
N GLY C 9 63.86 4.97 -26.80
CA GLY C 9 64.97 5.50 -26.03
C GLY C 9 66.27 4.78 -26.32
N GLY C 10 67.37 5.50 -26.05
CA GLY C 10 68.69 4.94 -26.29
C GLY C 10 69.75 6.00 -26.19
N LEU C 11 70.93 5.68 -26.74
CA LEU C 11 72.07 6.58 -26.72
C LEU C 11 72.18 7.30 -28.06
N VAL C 12 72.17 8.62 -28.02
CA VAL C 12 72.24 9.44 -29.23
C VAL C 12 73.17 10.61 -28.96
N GLN C 13 74.06 10.90 -29.91
CA GLN C 13 74.98 12.01 -29.77
C GLN C 13 74.25 13.35 -29.86
N ALA C 14 74.92 14.40 -29.39
CA ALA C 14 74.31 15.72 -29.40
C ALA C 14 74.08 16.21 -30.83
N GLY C 15 72.98 16.93 -31.02
CA GLY C 15 72.62 17.44 -32.34
C GLY C 15 71.94 16.45 -33.24
N GLY C 16 71.56 15.28 -32.74
CA GLY C 16 70.92 14.24 -33.53
C GLY C 16 69.42 14.35 -33.55
N SER C 17 68.77 13.19 -33.77
CA SER C 17 67.32 13.14 -33.82
C SER C 17 66.86 11.78 -33.30
N LEU C 18 65.61 11.74 -32.83
CA LEU C 18 65.04 10.53 -32.25
C LEU C 18 63.53 10.58 -32.38
N ARG C 19 62.90 9.41 -32.22
CA ARG C 19 61.46 9.29 -32.36
C ARG C 19 60.90 8.49 -31.20
N LEU C 20 59.85 9.02 -30.56
CA LEU C 20 59.16 8.34 -29.47
C LEU C 20 57.73 8.03 -29.91
N SER C 21 57.23 6.85 -29.53
CA SER C 21 56.10 6.21 -30.20
C SER C 21 55.09 5.68 -29.19
N CYS C 22 54.61 6.53 -28.28
CA CYS C 22 53.71 6.05 -27.23
C CYS C 22 52.42 5.50 -27.82
N ALA C 23 52.23 4.18 -27.75
CA ALA C 23 51.12 3.50 -28.41
C ALA C 23 50.07 3.08 -27.38
N ALA C 24 48.81 3.41 -27.66
CA ALA C 24 47.70 3.11 -26.78
C ALA C 24 46.90 1.91 -27.27
N SER C 25 46.28 1.21 -26.33
CA SER C 25 45.48 0.03 -26.64
C SER C 25 43.98 0.33 -26.73
N GLU C 26 43.60 1.60 -26.65
CA GLU C 26 42.22 2.03 -26.81
C GLU C 26 42.18 3.12 -27.88
N SER C 27 41.06 3.19 -28.60
CA SER C 27 40.90 4.18 -29.67
C SER C 27 41.24 5.57 -29.18
N ILE C 28 42.21 6.20 -29.83
CA ILE C 28 42.74 7.49 -29.40
C ILE C 28 41.75 8.60 -29.71
N PHE C 29 40.66 8.27 -30.39
CA PHE C 29 39.68 9.28 -30.76
C PHE C 29 38.77 9.68 -29.61
N ARG C 30 38.88 9.02 -28.45
CA ARG C 30 38.11 9.39 -27.28
C ARG C 30 38.99 9.73 -26.08
N MET C 31 40.32 9.73 -26.24
CA MET C 31 41.20 9.98 -25.11
C MET C 31 41.20 11.45 -24.71
N GLU C 32 40.92 12.36 -25.66
CA GLU C 32 40.70 13.77 -25.39
C GLU C 32 41.99 14.51 -25.02
N LEU C 33 43.06 13.75 -24.76
CA LEU C 33 44.32 14.37 -24.35
C LEU C 33 45.50 13.39 -24.40
N MET C 34 46.60 13.81 -25.03
CA MET C 34 47.85 13.08 -24.97
C MET C 34 48.94 14.06 -24.55
N GLU C 35 49.64 13.72 -23.46
CA GLU C 35 50.62 14.60 -22.85
C GLU C 35 51.96 13.88 -22.75
N TRP C 36 53.04 14.63 -22.92
CA TRP C 36 54.38 14.10 -22.74
C TRP C 36 55.05 14.80 -21.57
N TYR C 37 55.58 14.02 -20.64
CA TYR C 37 56.31 14.53 -19.48
C TYR C 37 57.72 13.97 -19.51
N HIS C 38 58.69 14.76 -19.03
CA HIS C 38 60.06 14.29 -18.93
C HIS C 38 60.58 14.61 -17.54
N GLN C 39 61.26 13.65 -16.93
CA GLN C 39 61.86 13.82 -15.61
C GLN C 39 63.35 13.56 -15.71
N ALA C 40 64.13 14.56 -15.39
CA ALA C 40 65.57 14.39 -15.33
C ALA C 40 66.01 14.14 -13.89
N PRO C 41 67.09 13.41 -13.67
CA PRO C 41 67.52 13.12 -12.30
C PRO C 41 67.80 14.40 -11.52
N GLY C 42 67.39 14.41 -10.26
CA GLY C 42 67.61 15.54 -9.38
C GLY C 42 66.48 16.53 -9.31
N LYS C 43 65.55 16.51 -10.26
CA LYS C 43 64.42 17.44 -10.29
C LYS C 43 63.13 16.67 -10.53
N GLN C 44 62.02 17.39 -10.47
CA GLN C 44 60.69 16.82 -10.67
C GLN C 44 60.33 16.84 -12.16
N ARG C 45 59.17 16.27 -12.47
CA ARG C 45 58.71 16.20 -13.86
C ARG C 45 58.23 17.56 -14.34
N GLU C 46 58.39 17.81 -15.64
CA GLU C 46 57.98 19.05 -16.25
C GLU C 46 57.24 18.75 -17.55
N LEU C 47 56.20 19.53 -17.84
CA LEU C 47 55.41 19.34 -19.05
C LEU C 47 56.25 19.61 -20.29
N VAL C 48 56.06 18.77 -21.31
CA VAL C 48 56.80 18.88 -22.57
C VAL C 48 55.88 19.33 -23.69
N ALA C 49 54.89 18.52 -24.05
CA ALA C 49 54.00 18.79 -25.17
C ALA C 49 52.62 18.24 -24.86
N THR C 50 51.61 18.86 -25.46
CA THR C 50 50.22 18.53 -25.21
C THR C 50 49.45 18.56 -26.53
N ILE C 51 48.67 17.52 -26.80
CA ILE C 51 47.78 17.49 -27.96
C ILE C 51 46.40 17.08 -27.49
N ASN C 52 45.38 17.83 -27.89
CA ASN C 52 44.01 17.57 -27.49
C ASN C 52 43.23 16.97 -28.66
N ARG C 53 41.98 16.60 -28.38
CA ARG C 53 41.17 15.88 -29.37
C ARG C 53 40.90 16.73 -30.60
N CYS C 54 40.61 18.03 -30.41
CA CYS C 54 40.28 18.89 -31.54
C CYS C 54 41.44 19.01 -32.51
N GLY C 55 42.65 19.18 -32.01
CA GLY C 55 43.81 19.29 -32.86
C GLY C 55 44.80 20.36 -32.42
N SER C 56 44.40 21.19 -31.46
CA SER C 56 45.29 22.22 -30.95
C SER C 56 46.49 21.58 -30.25
N THR C 57 47.67 22.11 -30.52
CA THR C 57 48.91 21.57 -30.00
C THR C 57 49.65 22.66 -29.21
N ASN C 58 50.18 22.29 -28.04
CA ASN C 58 50.85 23.24 -27.18
C ASN C 58 52.19 22.69 -26.71
N TYR C 59 53.16 23.59 -26.58
CA TYR C 59 54.49 23.26 -26.08
C TYR C 59 54.89 24.27 -25.02
N SER C 60 55.85 23.88 -24.18
CA SER C 60 56.39 24.81 -23.19
C SER C 60 57.52 25.62 -23.82
N ASP C 61 58.17 26.44 -22.99
CA ASP C 61 59.17 27.38 -23.51
C ASP C 61 60.37 26.66 -24.12
N SER C 62 60.84 25.60 -23.47
CA SER C 62 62.03 24.88 -23.91
C SER C 62 61.73 23.83 -24.98
N VAL C 63 60.61 23.97 -25.69
CA VAL C 63 60.17 23.01 -26.70
C VAL C 63 60.07 23.65 -28.08
N LYS C 64 59.44 24.83 -28.16
CA LYS C 64 59.10 25.41 -29.45
C LYS C 64 60.34 25.64 -30.30
N GLY C 65 60.25 25.25 -31.57
CA GLY C 65 61.36 25.36 -32.50
C GLY C 65 62.36 24.23 -32.45
N ARG C 66 62.18 23.25 -31.56
CA ARG C 66 63.13 22.15 -31.41
C ARG C 66 62.51 20.82 -31.81
N PHE C 67 61.38 20.43 -31.21
CA PHE C 67 60.78 19.14 -31.52
C PHE C 67 59.26 19.28 -31.43
N ILE C 68 58.57 18.42 -32.19
CA ILE C 68 57.12 18.51 -32.36
C ILE C 68 56.48 17.17 -32.01
N ILE C 69 55.16 17.21 -31.86
CA ILE C 69 54.35 16.06 -31.48
C ILE C 69 53.22 15.92 -32.49
N SER C 70 53.01 14.69 -32.99
CA SER C 70 51.96 14.40 -33.95
C SER C 70 51.34 13.06 -33.60
N SER C 71 50.36 12.65 -34.41
CA SER C 71 49.71 11.37 -34.21
C SER C 71 49.05 10.94 -35.52
N ASP C 72 49.12 9.65 -35.82
CA ASP C 72 48.45 9.09 -36.98
C ASP C 72 47.26 8.23 -36.54
N ASN C 73 46.35 8.00 -37.49
CA ASN C 73 45.12 7.28 -37.21
C ASN C 73 45.12 5.85 -37.74
N ALA C 74 46.16 5.44 -38.47
CA ALA C 74 46.23 4.05 -38.91
C ALA C 74 46.49 3.12 -37.73
N LYS C 75 47.39 3.51 -36.84
CA LYS C 75 47.71 2.77 -35.63
C LYS C 75 47.60 3.70 -34.44
N ASN C 76 47.05 3.19 -33.34
CA ASN C 76 46.86 4.02 -32.15
C ASN C 76 48.23 4.34 -31.56
N SER C 77 48.71 5.55 -31.82
CA SER C 77 50.03 5.95 -31.37
C SER C 77 50.15 7.47 -31.39
N VAL C 78 51.04 7.98 -30.55
CA VAL C 78 51.41 9.39 -30.53
C VAL C 78 52.92 9.48 -30.65
N TYR C 79 53.39 10.27 -31.61
CA TYR C 79 54.81 10.35 -31.95
C TYR C 79 55.37 11.71 -31.54
N LEU C 80 56.55 11.68 -30.94
CA LEU C 80 57.31 12.88 -30.62
C LEU C 80 58.64 12.80 -31.37
N GLN C 81 58.95 13.84 -32.15
CA GLN C 81 60.12 13.82 -33.02
C GLN C 81 61.20 14.72 -32.40
N MET C 82 62.02 14.13 -31.54
CA MET C 82 63.12 14.84 -30.89
C MET C 82 64.12 15.30 -31.93
N ASN C 83 64.38 16.61 -31.96
CA ASN C 83 65.39 17.20 -32.84
C ASN C 83 66.18 18.24 -32.07
N SER C 84 67.42 18.46 -32.49
CA SER C 84 68.32 19.45 -31.89
C SER C 84 68.53 19.16 -30.39
N LEU C 85 69.08 17.98 -30.12
CA LEU C 85 69.30 17.56 -28.74
C LEU C 85 70.45 18.33 -28.11
N LYS C 86 70.31 18.63 -26.82
CA LYS C 86 71.36 19.23 -26.01
C LYS C 86 71.45 18.48 -24.69
N ASP C 87 72.37 18.93 -23.83
CA ASP C 87 72.79 18.12 -22.69
C ASP C 87 71.64 17.84 -21.73
N GLU C 88 70.83 18.85 -21.42
CA GLU C 88 69.82 18.69 -20.38
C GLU C 88 68.58 17.95 -20.84
N ASP C 89 68.54 17.49 -22.10
CA ASP C 89 67.42 16.70 -22.56
C ASP C 89 67.47 15.26 -22.06
N THR C 90 68.57 14.83 -21.44
CA THR C 90 68.64 13.50 -20.86
C THR C 90 67.63 13.36 -19.74
N ALA C 91 66.67 12.45 -19.92
CA ALA C 91 65.58 12.31 -18.95
C ALA C 91 64.80 11.03 -19.27
N VAL C 92 63.94 10.64 -18.34
CA VAL C 92 62.98 9.57 -18.57
C VAL C 92 61.67 10.20 -19.02
N TYR C 93 61.12 9.69 -20.12
CA TYR C 93 59.95 10.27 -20.76
C TYR C 93 58.75 9.37 -20.54
N SER C 94 57.63 9.97 -20.16
CA SER C 94 56.37 9.26 -19.95
C SER C 94 55.28 9.93 -20.77
N CYS C 95 54.30 9.14 -21.19
CA CYS C 95 53.12 9.64 -21.89
C CYS C 95 51.88 9.40 -21.04
N HIS C 96 50.96 10.36 -21.10
CA HIS C 96 49.79 10.38 -20.23
C HIS C 96 48.54 10.65 -21.06
N ALA C 97 47.44 10.00 -20.69
CA ALA C 97 46.19 10.17 -21.43
C ALA C 97 45.00 10.03 -20.48
N ARG C 98 44.09 10.99 -20.51
CA ARG C 98 42.96 11.01 -19.57
C ARG C 98 41.64 11.12 -20.33
N THR C 99 40.83 10.07 -20.28
CA THR C 99 39.48 10.12 -20.83
C THR C 99 38.47 10.48 -19.75
N TRP C 100 38.36 9.64 -18.72
CA TRP C 100 37.71 9.99 -17.47
C TRP C 100 38.57 9.57 -16.27
N THR C 101 39.78 9.07 -16.51
CA THR C 101 40.73 8.69 -15.48
C THR C 101 42.10 8.64 -16.13
N SER C 102 43.08 9.27 -15.49
CA SER C 102 44.41 9.39 -16.10
C SER C 102 45.09 8.02 -16.17
N TYR C 103 45.64 7.71 -17.35
CA TYR C 103 46.45 6.53 -17.59
C TYR C 103 47.87 6.99 -17.87
N TRP C 104 48.83 6.36 -17.18
CA TRP C 104 50.24 6.72 -17.28
C TRP C 104 51.03 5.58 -17.88
N GLY C 105 52.01 5.92 -18.72
CA GLY C 105 52.90 4.94 -19.28
C GLY C 105 54.06 4.62 -18.36
N ARG C 106 54.86 3.63 -18.77
CA ARG C 106 55.99 3.20 -17.96
C ARG C 106 57.15 4.19 -18.06
N GLY C 107 57.37 4.77 -19.22
CA GLY C 107 58.48 5.69 -19.42
C GLY C 107 59.70 4.99 -19.98
N THR C 108 60.51 5.76 -20.71
CA THR C 108 61.73 5.24 -21.31
C THR C 108 62.86 6.24 -21.14
N GLN C 109 64.08 5.72 -21.06
CA GLN C 109 65.26 6.54 -20.80
C GLN C 109 65.80 7.13 -22.10
N VAL C 110 66.19 8.40 -22.06
CA VAL C 110 66.81 9.08 -23.18
C VAL C 110 68.06 9.77 -22.67
N THR C 111 69.22 9.42 -23.23
CA THR C 111 70.51 9.95 -22.80
C THR C 111 71.25 10.52 -24.00
N VAL C 112 71.77 11.73 -23.85
CA VAL C 112 72.53 12.40 -24.88
C VAL C 112 73.95 12.65 -24.37
N SER C 113 74.93 12.34 -25.21
CA SER C 113 76.33 12.48 -24.85
C SER C 113 76.85 13.81 -25.38
N SER C 114 77.55 14.55 -24.53
CA SER C 114 78.10 15.86 -24.90
C SER C 114 79.57 15.95 -24.51
N VAL D 3 -11.71 -73.62 2.09
CA VAL D 3 -11.82 -74.34 3.35
C VAL D 3 -11.44 -73.44 4.53
N ASN D 4 -12.32 -73.35 5.52
CA ASN D 4 -12.13 -72.45 6.65
C ASN D 4 -11.25 -73.14 7.69
N LEU D 5 -10.01 -72.66 7.83
CA LEU D 5 -9.07 -73.23 8.79
C LEU D 5 -8.25 -72.16 9.51
N ILE D 6 -8.68 -70.91 9.49
CA ILE D 6 -7.93 -69.80 10.05
C ILE D 6 -8.75 -69.16 11.17
N THR D 7 -8.12 -68.98 12.33
CA THR D 7 -8.74 -68.28 13.45
C THR D 7 -7.90 -67.05 13.79
N ARG D 8 -8.54 -66.06 14.41
CA ARG D 8 -7.89 -64.77 14.62
C ARG D 8 -8.32 -64.17 15.95
N THR D 9 -7.37 -63.52 16.62
CA THR D 9 -7.63 -62.73 17.82
C THR D 9 -7.04 -61.34 17.63
N GLN D 10 -7.57 -60.38 18.39
CA GLN D 10 -7.14 -58.99 18.31
C GLN D 10 -6.72 -58.49 19.69
N SER D 11 -5.56 -57.85 19.75
CA SER D 11 -5.14 -57.10 20.93
C SER D 11 -4.94 -55.64 20.53
N TYR D 12 -4.83 -54.77 21.52
CA TYR D 12 -4.67 -53.34 21.27
C TYR D 12 -3.36 -52.83 21.85
N THR D 13 -2.72 -51.93 21.12
CA THR D 13 -1.51 -51.27 21.57
C THR D 13 -1.40 -49.94 20.83
N ASN D 14 -0.30 -49.23 21.05
CA ASN D 14 -0.12 -47.87 20.54
C ASN D 14 0.94 -47.85 19.46
N SER D 15 0.92 -46.77 18.67
CA SER D 15 1.88 -46.57 17.59
C SER D 15 3.02 -45.63 17.94
N PHE D 16 2.96 -44.98 19.11
CA PHE D 16 4.00 -44.05 19.56
C PHE D 16 4.27 -42.97 18.53
N THR D 17 5.53 -42.85 18.10
CA THR D 17 5.95 -41.86 17.11
C THR D 17 6.44 -42.62 15.88
N ARG D 18 5.50 -43.04 15.03
CA ARG D 18 5.85 -43.82 13.85
C ARG D 18 4.90 -43.46 12.72
N GLY D 19 5.34 -43.73 11.49
CA GLY D 19 4.53 -43.53 10.31
C GLY D 19 4.76 -42.25 9.55
N VAL D 20 5.98 -41.73 9.54
CA VAL D 20 6.34 -40.52 8.79
C VAL D 20 7.07 -40.94 7.53
N TYR D 21 6.72 -40.33 6.40
CA TYR D 21 7.35 -40.64 5.12
C TYR D 21 7.68 -39.35 4.38
N TYR D 22 8.66 -39.44 3.50
CA TYR D 22 9.03 -38.29 2.68
C TYR D 22 7.88 -37.95 1.74
N PRO D 23 7.31 -36.74 1.82
CA PRO D 23 6.14 -36.44 0.98
C PRO D 23 6.46 -36.24 -0.48
N ASP D 24 7.69 -35.85 -0.82
CA ASP D 24 8.04 -35.58 -2.21
C ASP D 24 9.49 -35.93 -2.45
N LYS D 25 9.84 -36.12 -3.73
CA LYS D 25 11.18 -36.54 -4.12
C LYS D 25 12.05 -35.32 -4.47
N VAL D 26 12.19 -34.43 -3.49
CA VAL D 26 13.01 -33.23 -3.62
C VAL D 26 13.94 -33.13 -2.42
N PHE D 27 15.23 -32.98 -2.68
CA PHE D 27 16.21 -32.91 -1.61
C PHE D 27 16.07 -31.61 -0.81
N ARG D 28 16.14 -31.73 0.51
CA ARG D 28 16.12 -30.58 1.40
C ARG D 28 17.09 -30.84 2.54
N SER D 29 17.64 -29.76 3.11
CA SER D 29 18.65 -29.88 4.14
C SER D 29 18.58 -28.70 5.08
N SER D 30 18.62 -28.99 6.39
CA SER D 30 18.69 -27.96 7.44
C SER D 30 17.54 -26.98 7.36
N VAL D 31 16.35 -27.47 7.02
CA VAL D 31 15.14 -26.67 6.99
C VAL D 31 14.02 -27.44 7.67
N LEU D 32 13.03 -26.68 8.15
CA LEU D 32 11.82 -27.24 8.74
C LEU D 32 10.68 -27.04 7.74
N HIS D 33 10.04 -28.13 7.34
CA HIS D 33 9.05 -28.10 6.28
C HIS D 33 7.69 -28.49 6.82
N SER D 34 6.66 -27.71 6.47
CA SER D 34 5.29 -27.97 6.89
C SER D 34 4.55 -28.64 5.73
N THR D 35 3.99 -29.82 5.98
CA THR D 35 3.28 -30.57 4.94
C THR D 35 1.89 -30.94 5.45
N GLN D 36 1.01 -31.24 4.51
CA GLN D 36 -0.37 -31.61 4.81
C GLN D 36 -0.75 -32.76 3.90
N ASP D 37 -0.96 -33.94 4.48
CA ASP D 37 -1.24 -35.14 3.69
C ASP D 37 -1.78 -36.23 4.62
N LEU D 38 -1.92 -37.44 4.09
CA LEU D 38 -2.42 -38.57 4.86
C LEU D 38 -1.28 -39.12 5.71
N PHE D 39 -1.37 -38.92 7.02
CA PHE D 39 -0.37 -39.40 7.97
C PHE D 39 -1.05 -40.21 9.07
N LEU D 40 -0.25 -41.05 9.73
CA LEU D 40 -0.73 -41.78 10.90
C LEU D 40 -0.55 -40.92 12.13
N PRO D 41 -1.62 -40.57 12.84
CA PRO D 41 -1.48 -39.66 13.98
C PRO D 41 -0.69 -40.28 15.11
N PHE D 42 -0.03 -39.40 15.89
CA PHE D 42 0.76 -39.86 17.02
C PHE D 42 -0.16 -40.44 18.10
N PHE D 43 0.35 -41.48 18.78
CA PHE D 43 -0.34 -42.08 19.93
C PHE D 43 -1.75 -42.53 19.56
N SER D 44 -1.82 -43.49 18.65
CA SER D 44 -3.09 -44.01 18.18
C SER D 44 -3.16 -45.51 18.39
N ASN D 45 -4.40 -46.00 18.46
CA ASN D 45 -4.67 -47.42 18.41
C ASN D 45 -3.98 -48.07 17.20
N VAL D 46 -3.46 -49.27 17.41
CA VAL D 46 -3.06 -50.16 16.32
C VAL D 46 -3.51 -51.56 16.68
N THR D 47 -4.50 -52.06 15.95
CA THR D 47 -5.15 -53.33 16.28
C THR D 47 -4.25 -54.51 15.95
N TRP D 48 -3.41 -54.92 16.90
CA TRP D 48 -2.48 -56.01 16.70
C TRP D 48 -3.26 -57.29 16.44
N PHE D 49 -3.18 -57.81 15.22
CA PHE D 49 -3.90 -59.01 14.82
C PHE D 49 -2.99 -60.22 14.97
N HIS D 50 -3.55 -61.31 15.48
CA HIS D 50 -2.86 -62.59 15.59
C HIS D 50 -3.71 -63.63 14.87
N ALA D 51 -3.10 -64.33 13.91
CA ALA D 51 -3.77 -65.36 13.14
C ALA D 51 -3.11 -66.70 13.46
N ILE D 52 -3.93 -67.70 13.78
CA ILE D 52 -3.46 -69.02 14.17
C ILE D 52 -4.24 -70.08 13.41
N HIS D 53 -3.57 -71.16 13.06
CA HIS D 53 -4.20 -72.31 12.44
C HIS D 53 -3.57 -73.60 12.95
N ASP D 64 -13.46 -66.34 10.99
CA ASP D 64 -12.52 -65.31 10.55
C ASP D 64 -13.15 -64.44 9.47
N ASN D 65 -13.14 -63.12 9.70
CA ASN D 65 -13.67 -62.15 8.74
C ASN D 65 -12.55 -61.15 8.50
N PRO D 66 -11.57 -61.51 7.66
CA PRO D 66 -10.40 -60.64 7.47
C PRO D 66 -10.62 -59.54 6.46
N ALA D 67 -11.89 -59.29 6.10
CA ALA D 67 -12.24 -58.20 5.19
C ALA D 67 -12.18 -56.88 5.97
N LEU D 68 -10.96 -56.47 6.27
CA LEU D 68 -10.73 -55.25 7.03
C LEU D 68 -11.02 -54.03 6.16
N PRO D 69 -11.79 -53.07 6.63
CA PRO D 69 -12.07 -51.87 5.82
C PRO D 69 -10.80 -51.09 5.50
N PHE D 70 -10.78 -50.46 4.34
CA PHE D 70 -9.61 -49.74 3.85
C PHE D 70 -9.62 -48.27 4.28
N ASN D 71 -10.74 -47.60 4.13
CA ASN D 71 -10.91 -46.17 4.47
C ASN D 71 -9.90 -45.37 3.63
N ASP D 72 -9.29 -44.33 4.20
CA ASP D 72 -8.43 -43.45 3.40
C ASP D 72 -7.12 -44.12 3.01
N GLY D 73 -6.47 -44.79 3.96
CA GLY D 73 -5.21 -45.45 3.70
C GLY D 73 -4.95 -46.46 4.79
N VAL D 74 -3.82 -47.18 4.65
CA VAL D 74 -3.48 -48.22 5.60
C VAL D 74 -1.98 -48.20 5.86
N TYR D 75 -1.61 -48.24 7.15
CA TYR D 75 -0.24 -48.48 7.58
C TYR D 75 -0.16 -49.91 8.08
N PHE D 76 0.72 -50.71 7.47
CA PHE D 76 0.88 -52.12 7.80
C PHE D 76 2.27 -52.33 8.40
N ALA D 77 2.36 -53.16 9.44
CA ALA D 77 3.64 -53.39 10.07
C ALA D 77 3.76 -54.86 10.43
N SER D 78 4.97 -55.40 10.26
CA SER D 78 5.21 -56.80 10.62
C SER D 78 6.62 -56.95 11.17
N THR D 79 6.76 -57.80 12.19
CA THR D 79 8.04 -57.99 12.85
C THR D 79 8.58 -59.41 12.72
N GLU D 80 7.85 -60.31 12.07
CA GLU D 80 8.30 -61.69 11.94
C GLU D 80 9.47 -61.80 10.96
N LYS D 81 10.17 -62.93 11.02
CA LYS D 81 11.31 -63.20 10.15
C LYS D 81 11.11 -64.40 9.24
N SER D 82 10.20 -65.31 9.57
CA SER D 82 9.98 -66.51 8.78
C SER D 82 9.33 -66.23 7.43
N ASN D 83 8.85 -64.99 7.20
CA ASN D 83 8.26 -64.59 5.92
C ASN D 83 7.05 -65.46 5.57
N ILE D 84 6.25 -65.80 6.57
CA ILE D 84 5.00 -66.51 6.32
C ILE D 84 3.94 -65.62 5.69
N ILE D 85 4.15 -64.31 5.71
CA ILE D 85 3.20 -63.35 5.15
C ILE D 85 3.64 -63.00 3.74
N ARG D 86 2.66 -62.81 2.85
CA ARG D 86 2.95 -62.45 1.47
C ARG D 86 1.72 -61.93 0.74
N GLY D 87 1.84 -60.77 0.13
CA GLY D 87 0.81 -60.27 -0.76
C GLY D 87 -0.39 -59.68 -0.04
N TRP D 88 -1.28 -59.11 -0.84
CA TRP D 88 -2.49 -58.46 -0.34
C TRP D 88 -3.56 -58.52 -1.40
N ILE D 89 -4.79 -58.27 -0.98
CA ILE D 89 -5.96 -58.25 -1.86
C ILE D 89 -6.73 -56.98 -1.60
N PHE D 90 -7.26 -56.36 -2.66
CA PHE D 90 -8.01 -55.12 -2.51
C PHE D 90 -9.27 -55.20 -3.37
N GLY D 91 -10.33 -54.57 -2.89
CA GLY D 91 -11.57 -54.56 -3.66
C GLY D 91 -12.65 -53.79 -2.93
N THR D 92 -13.85 -53.82 -3.50
CA THR D 92 -15.02 -53.22 -2.88
C THR D 92 -16.09 -54.24 -2.49
N THR D 93 -16.18 -55.35 -3.20
CA THR D 93 -17.10 -56.43 -2.85
C THR D 93 -16.43 -57.80 -2.89
N LEU D 94 -15.17 -57.86 -3.32
CA LEU D 94 -14.39 -59.10 -3.32
C LEU D 94 -15.07 -60.19 -4.13
N ASP D 95 -15.76 -59.82 -5.19
CA ASP D 95 -16.53 -60.75 -6.02
C ASP D 95 -16.15 -60.55 -7.48
N SER D 96 -16.70 -61.41 -8.34
CA SER D 96 -16.45 -61.34 -9.77
C SER D 96 -17.24 -60.24 -10.46
N LYS D 97 -18.14 -59.57 -9.75
CA LYS D 97 -18.91 -58.48 -10.33
C LYS D 97 -18.15 -57.16 -10.34
N THR D 98 -16.99 -57.09 -9.70
CA THR D 98 -16.20 -55.87 -9.66
C THR D 98 -14.72 -56.22 -9.69
N GLN D 99 -13.92 -55.31 -10.25
CA GLN D 99 -12.49 -55.54 -10.39
C GLN D 99 -11.79 -55.51 -9.04
N SER D 100 -10.66 -56.21 -8.95
CA SER D 100 -9.94 -56.34 -7.69
C SER D 100 -8.45 -56.50 -7.96
N LEU D 101 -7.65 -56.19 -6.94
CA LEU D 101 -6.20 -56.31 -7.00
C LEU D 101 -5.75 -57.70 -6.54
N LEU D 102 -4.56 -58.09 -6.99
CA LEU D 102 -3.96 -59.36 -6.58
C LEU D 102 -2.46 -59.20 -6.34
N ILE D 103 -2.08 -58.16 -5.60
CA ILE D 103 -0.67 -57.98 -5.28
C ILE D 103 -0.18 -59.20 -4.50
N VAL D 104 0.75 -59.94 -5.09
CA VAL D 104 1.26 -61.19 -4.52
C VAL D 104 2.76 -61.23 -4.69
N ASN D 105 3.47 -61.60 -3.62
CA ASN D 105 4.93 -61.63 -3.62
C ASN D 105 5.43 -63.05 -3.39
N ASN D 106 6.58 -63.35 -3.98
CA ASN D 106 7.33 -64.57 -3.68
C ASN D 106 8.82 -64.21 -3.70
N ALA D 107 9.67 -65.23 -3.74
CA ALA D 107 11.11 -65.03 -3.60
C ALA D 107 11.78 -64.43 -4.83
N THR D 108 11.07 -64.32 -5.96
CA THR D 108 11.74 -63.87 -7.18
C THR D 108 11.05 -62.70 -7.86
N ASN D 109 9.72 -62.61 -7.78
CA ASN D 109 9.01 -61.58 -8.51
C ASN D 109 7.71 -61.25 -7.80
N VAL D 110 7.17 -60.08 -8.13
CA VAL D 110 5.86 -59.64 -7.67
C VAL D 110 4.99 -59.38 -8.90
N VAL D 111 3.78 -59.94 -8.91
CA VAL D 111 2.83 -59.76 -9.99
C VAL D 111 1.63 -59.00 -9.43
N ILE D 112 1.11 -58.06 -10.23
CA ILE D 112 0.00 -57.21 -9.85
C ILE D 112 -1.00 -57.22 -10.99
N LYS D 113 -2.22 -57.67 -10.71
CA LYS D 113 -3.27 -57.76 -11.71
C LYS D 113 -4.53 -57.08 -11.21
N VAL D 114 -5.19 -56.35 -12.10
CA VAL D 114 -6.51 -55.79 -11.85
C VAL D 114 -7.50 -56.54 -12.74
N CYS D 115 -8.40 -57.28 -12.12
CA CYS D 115 -9.32 -58.15 -12.86
C CYS D 115 -10.51 -58.46 -11.98
N GLU D 116 -11.51 -59.11 -12.59
CA GLU D 116 -12.74 -59.46 -11.88
C GLU D 116 -12.59 -60.88 -11.32
N PHE D 117 -11.85 -60.98 -10.23
CA PHE D 117 -11.62 -62.26 -9.58
C PHE D 117 -12.84 -62.68 -8.76
N GLN D 118 -13.07 -64.00 -8.71
CA GLN D 118 -14.09 -64.58 -7.85
C GLN D 118 -13.38 -65.11 -6.60
N PHE D 119 -13.25 -64.24 -5.61
CA PHE D 119 -12.46 -64.57 -4.43
C PHE D 119 -13.22 -65.53 -3.52
N CYS D 120 -12.50 -66.46 -2.92
CA CYS D 120 -13.09 -67.39 -1.97
C CYS D 120 -13.21 -66.73 -0.60
N ASN D 121 -13.83 -67.46 0.34
CA ASN D 121 -14.01 -66.93 1.68
C ASN D 121 -12.67 -66.68 2.36
N ASP D 122 -11.72 -67.61 2.21
CA ASP D 122 -10.37 -67.45 2.75
C ASP D 122 -9.36 -67.77 1.67
N PRO D 123 -8.56 -66.81 1.22
CA PRO D 123 -7.56 -67.09 0.18
C PRO D 123 -6.20 -67.43 0.77
N PHE D 124 -5.49 -68.34 0.11
CA PHE D 124 -4.16 -68.72 0.55
C PHE D 124 -3.43 -69.37 -0.62
N LEU D 125 -2.17 -69.73 -0.38
CA LEU D 125 -1.33 -70.40 -1.36
C LEU D 125 -0.95 -71.77 -0.82
N ASP D 126 -1.11 -72.80 -1.67
CA ASP D 126 -0.86 -74.17 -1.22
C ASP D 126 0.62 -74.41 -0.93
N VAL D 127 1.50 -73.71 -1.63
CA VAL D 127 2.96 -73.84 -1.52
C VAL D 127 3.43 -75.26 -1.24
N GLU D 137 2.64 -74.08 -4.81
CA GLU D 137 2.64 -72.64 -4.96
C GLU D 137 1.54 -72.20 -5.92
N SER D 138 0.38 -72.84 -5.80
CA SER D 138 -0.75 -72.61 -6.69
C SER D 138 -1.78 -71.74 -5.98
N GLU D 139 -2.24 -70.70 -6.67
CA GLU D 139 -3.23 -69.77 -6.13
C GLU D 139 -4.66 -70.16 -6.48
N PHE D 140 -4.92 -71.46 -6.69
CA PHE D 140 -6.26 -71.89 -7.06
C PHE D 140 -7.27 -71.60 -5.96
N ARG D 141 -6.81 -71.52 -4.71
CA ARG D 141 -7.69 -71.23 -3.59
C ARG D 141 -7.90 -69.74 -3.36
N VAL D 142 -7.24 -68.89 -4.14
CA VAL D 142 -7.44 -67.45 -4.01
C VAL D 142 -8.67 -67.01 -4.80
N TYR D 143 -8.77 -67.44 -6.06
CA TYR D 143 -9.91 -67.09 -6.90
C TYR D 143 -10.31 -68.30 -7.72
N SER D 144 -11.55 -68.30 -8.20
CA SER D 144 -12.01 -69.36 -9.08
C SER D 144 -11.57 -69.12 -10.51
N SER D 145 -12.00 -68.01 -11.10
CA SER D 145 -11.63 -67.68 -12.48
C SER D 145 -11.88 -66.20 -12.71
N ALA D 146 -10.93 -65.54 -13.37
CA ALA D 146 -11.06 -64.14 -13.76
C ALA D 146 -11.22 -64.04 -15.27
N ASN D 147 -12.06 -63.11 -15.72
CA ASN D 147 -12.43 -63.02 -17.14
C ASN D 147 -11.92 -61.76 -17.81
N ASN D 148 -12.27 -60.58 -17.29
CA ASN D 148 -12.02 -59.31 -17.97
C ASN D 148 -10.93 -58.56 -17.20
N CYS D 149 -9.68 -58.80 -17.56
CA CYS D 149 -8.54 -58.14 -16.94
C CYS D 149 -8.14 -56.91 -17.72
N THR D 150 -7.87 -55.81 -17.00
CA THR D 150 -7.55 -54.54 -17.66
C THR D 150 -6.21 -53.97 -17.19
N PHE D 151 -5.41 -54.73 -16.43
CA PHE D 151 -4.12 -54.24 -15.96
C PHE D 151 -3.24 -55.37 -15.45
N GLU D 152 -2.01 -55.44 -15.95
CA GLU D 152 -1.02 -56.42 -15.52
C GLU D 152 0.32 -55.74 -15.31
N TYR D 153 1.08 -56.24 -14.35
CA TYR D 153 2.36 -55.63 -13.99
C TYR D 153 3.24 -56.67 -13.31
N VAL D 154 4.53 -56.65 -13.61
CA VAL D 154 5.50 -57.56 -13.01
C VAL D 154 6.73 -56.75 -12.61
N SER D 155 7.27 -57.03 -11.43
CA SER D 155 8.45 -56.31 -10.97
C SER D 155 9.20 -57.15 -9.95
N GLN D 156 10.26 -56.57 -9.39
CA GLN D 156 11.03 -57.23 -8.33
C GLN D 156 10.23 -57.17 -7.02
N PRO D 157 10.23 -58.25 -6.23
CA PRO D 157 9.40 -58.29 -5.03
C PRO D 157 9.78 -57.21 -4.02
N PHE D 158 8.76 -56.70 -3.32
CA PHE D 158 9.00 -55.65 -2.34
C PHE D 158 9.71 -56.20 -1.11
N LEU D 159 9.20 -57.31 -0.55
CA LEU D 159 9.70 -57.82 0.72
C LEU D 159 11.11 -58.39 0.55
N MET D 160 12.02 -57.96 1.41
CA MET D 160 13.40 -58.41 1.35
C MET D 160 13.92 -58.80 2.74
N LYS D 170 13.74 -59.94 14.34
CA LYS D 170 14.73 -58.95 14.73
C LYS D 170 14.67 -57.72 13.83
N ASN D 171 13.75 -57.76 12.86
CA ASN D 171 13.57 -56.66 11.92
C ASN D 171 12.09 -56.32 11.81
N LEU D 172 11.81 -55.04 11.59
CA LEU D 172 10.45 -54.54 11.43
C LEU D 172 10.29 -53.98 10.03
N ARG D 173 9.25 -54.42 9.33
CA ARG D 173 8.92 -53.96 7.99
C ARG D 173 7.64 -53.15 8.06
N GLU D 174 7.69 -51.93 7.51
CA GLU D 174 6.57 -51.00 7.55
C GLU D 174 6.17 -50.62 6.13
N PHE D 175 4.87 -50.57 5.89
CA PHE D 175 4.31 -50.28 4.58
C PHE D 175 3.19 -49.26 4.73
N VAL D 176 3.03 -48.43 3.70
CA VAL D 176 1.93 -47.47 3.62
C VAL D 176 1.27 -47.61 2.26
N PHE D 177 -0.03 -47.88 2.25
CA PHE D 177 -0.81 -47.98 1.03
C PHE D 177 -1.87 -46.89 1.02
N LYS D 178 -1.99 -46.20 -0.12
CA LYS D 178 -3.09 -45.26 -0.29
C LYS D 178 -3.40 -45.12 -1.78
N ASN D 179 -4.52 -44.45 -2.07
CA ASN D 179 -4.91 -44.18 -3.44
C ASN D 179 -5.54 -42.79 -3.54
N ILE D 180 -5.06 -42.02 -4.51
CA ILE D 180 -5.56 -40.67 -4.77
C ILE D 180 -5.69 -40.48 -6.28
N ASP D 181 -6.87 -40.03 -6.71
CA ASP D 181 -7.12 -39.69 -8.12
C ASP D 181 -6.77 -40.85 -9.05
N GLY D 182 -7.17 -42.06 -8.65
CA GLY D 182 -6.89 -43.22 -9.47
C GLY D 182 -5.46 -43.71 -9.44
N TYR D 183 -4.64 -43.21 -8.51
CA TYR D 183 -3.25 -43.60 -8.39
C TYR D 183 -3.04 -44.34 -7.08
N PHE D 184 -2.53 -45.57 -7.16
CA PHE D 184 -2.21 -46.38 -6.00
C PHE D 184 -0.74 -46.18 -5.66
N LYS D 185 -0.46 -45.72 -4.44
CA LYS D 185 0.88 -45.41 -3.99
C LYS D 185 1.24 -46.30 -2.80
N ILE D 186 2.42 -46.92 -2.89
CA ILE D 186 2.94 -47.83 -1.88
C ILE D 186 4.33 -47.36 -1.47
N TYR D 187 4.47 -47.03 -0.19
CA TYR D 187 5.73 -46.71 0.47
C TYR D 187 6.13 -47.86 1.38
N SER D 188 7.43 -47.97 1.65
CA SER D 188 7.91 -49.05 2.51
C SER D 188 9.19 -48.63 3.22
N LYS D 189 9.54 -49.37 4.26
CA LYS D 189 10.75 -49.15 5.02
C LYS D 189 11.09 -50.41 5.83
N HIS D 190 12.40 -50.61 6.04
CA HIS D 190 12.93 -51.73 6.78
C HIS D 190 13.82 -51.18 7.90
N THR D 191 13.58 -51.63 9.14
CA THR D 191 14.31 -51.10 10.28
C THR D 191 14.75 -52.25 11.18
N PRO D 192 15.89 -52.11 11.87
CA PRO D 192 16.27 -53.13 12.85
C PRO D 192 15.75 -52.85 14.25
N ILE D 193 15.09 -53.83 14.85
CA ILE D 193 14.45 -53.67 16.15
C ILE D 193 15.02 -54.73 17.10
N ASN D 194 15.41 -54.29 18.29
CA ASN D 194 15.96 -55.19 19.30
C ASN D 194 14.82 -55.94 20.00
N LEU D 195 15.13 -56.64 21.08
CA LEU D 195 14.13 -57.42 21.79
C LEU D 195 13.17 -56.51 22.55
N GLU D 196 12.07 -56.14 21.91
CA GLU D 196 11.06 -55.27 22.51
C GLU D 196 9.68 -55.80 22.15
N ARG D 197 8.81 -55.90 23.14
CA ARG D 197 7.46 -56.43 22.90
C ARG D 197 6.56 -55.43 22.20
N ASP D 198 6.86 -54.14 22.27
CA ASP D 198 6.03 -53.11 21.66
C ASP D 198 6.83 -52.37 20.59
N LEU D 199 6.11 -51.55 19.82
CA LEU D 199 6.76 -50.78 18.77
C LEU D 199 7.77 -49.81 19.39
N PRO D 200 8.99 -49.74 18.83
CA PRO D 200 10.05 -48.94 19.46
C PRO D 200 9.83 -47.45 19.31
N GLN D 201 10.47 -46.70 20.20
CA GLN D 201 10.47 -45.25 20.13
C GLN D 201 11.39 -44.78 19.01
N GLY D 202 11.31 -43.50 18.71
CA GLY D 202 12.16 -42.87 17.72
C GLY D 202 11.47 -42.72 16.38
N PHE D 203 12.21 -42.16 15.43
CA PHE D 203 11.71 -41.86 14.10
C PHE D 203 12.49 -42.63 13.04
N SER D 204 11.78 -43.07 12.00
CA SER D 204 12.42 -43.72 10.86
C SER D 204 11.50 -43.49 9.66
N ALA D 205 11.89 -42.57 8.78
CA ALA D 205 11.04 -42.16 7.69
C ALA D 205 10.87 -43.28 6.67
N LEU D 206 9.82 -43.17 5.86
CA LEU D 206 9.45 -44.17 4.88
C LEU D 206 9.65 -43.62 3.47
N GLU D 207 10.13 -44.47 2.56
CA GLU D 207 10.51 -44.02 1.23
C GLU D 207 9.63 -44.67 0.17
N PRO D 208 9.16 -43.90 -0.81
CA PRO D 208 8.21 -44.45 -1.80
C PRO D 208 8.83 -45.54 -2.64
N LEU D 209 7.98 -46.52 -3.01
CA LEU D 209 8.39 -47.57 -3.91
C LEU D 209 7.60 -47.60 -5.21
N VAL D 210 6.27 -47.65 -5.16
CA VAL D 210 5.50 -47.97 -6.37
C VAL D 210 4.29 -47.06 -6.49
N ASP D 211 4.05 -46.58 -7.72
CA ASP D 211 2.84 -45.84 -8.06
C ASP D 211 2.23 -46.46 -9.31
N LEU D 212 0.93 -46.74 -9.28
CA LEU D 212 0.25 -47.41 -10.38
C LEU D 212 -1.08 -46.73 -10.71
N PRO D 213 -1.46 -46.68 -11.99
CA PRO D 213 -2.81 -46.18 -12.39
C PRO D 213 -3.92 -47.21 -12.23
N ILE D 214 -4.49 -47.31 -11.02
CA ILE D 214 -5.52 -48.31 -10.76
C ILE D 214 -6.89 -47.80 -11.19
N GLY D 215 -7.39 -46.74 -10.54
CA GLY D 215 -8.62 -46.07 -10.96
C GLY D 215 -9.95 -46.68 -10.56
N ILE D 216 -10.09 -47.12 -9.31
CA ILE D 216 -11.34 -47.65 -8.77
C ILE D 216 -11.41 -47.34 -7.28
N ASN D 217 -12.58 -47.54 -6.66
CA ASN D 217 -12.60 -47.73 -5.22
C ASN D 217 -11.72 -48.90 -4.79
N ILE D 218 -11.16 -48.75 -3.58
CA ILE D 218 -10.71 -49.86 -2.76
C ILE D 218 -11.33 -49.62 -1.39
N THR D 219 -12.47 -50.24 -1.12
CA THR D 219 -13.16 -50.06 0.15
C THR D 219 -12.69 -51.03 1.22
N ARG D 220 -12.35 -52.26 0.83
CA ARG D 220 -11.90 -53.29 1.75
C ARG D 220 -10.64 -53.94 1.20
N PHE D 221 -9.81 -54.46 2.11
CA PHE D 221 -8.61 -55.18 1.73
C PHE D 221 -8.52 -56.48 2.53
N GLN D 222 -7.46 -57.22 2.26
CA GLN D 222 -7.34 -58.61 2.68
C GLN D 222 -5.86 -58.98 2.69
N THR D 223 -5.49 -59.88 3.60
CA THR D 223 -4.11 -60.30 3.75
C THR D 223 -4.00 -61.80 3.50
N LEU D 224 -3.02 -62.19 2.69
CA LEU D 224 -2.82 -63.56 2.29
C LEU D 224 -1.75 -64.24 3.14
N LEU D 225 -1.92 -65.55 3.36
CA LEU D 225 -0.95 -66.33 4.12
C LEU D 225 -0.61 -67.60 3.35
N ALA D 226 0.64 -68.04 3.49
CA ALA D 226 1.16 -69.22 2.83
C ALA D 226 1.23 -70.37 3.82
N LEU D 227 0.63 -71.51 3.45
CA LEU D 227 0.49 -72.66 4.34
C LEU D 227 0.89 -73.95 3.63
N HIS D 228 1.88 -74.65 4.21
CA HIS D 228 2.54 -75.80 3.61
C HIS D 228 1.75 -77.09 3.80
N ARG D 229 2.07 -78.08 2.97
CA ARG D 229 1.48 -79.42 3.02
C ARG D 229 2.41 -80.48 2.44
N TRP D 241 -2.87 -80.04 6.21
CA TRP D 241 -1.76 -79.12 6.05
C TRP D 241 -0.89 -79.08 7.31
N THR D 242 -0.33 -77.92 7.62
CA THR D 242 0.53 -77.75 8.78
C THR D 242 0.13 -76.50 9.56
N ALA D 243 0.26 -76.60 10.89
CA ALA D 243 -0.12 -75.50 11.77
C ALA D 243 0.81 -74.30 11.59
N GLY D 244 0.28 -73.12 11.89
CA GLY D 244 1.07 -71.90 11.74
C GLY D 244 0.49 -70.76 12.53
N ALA D 245 1.31 -69.71 12.68
CA ALA D 245 0.92 -68.50 13.39
C ALA D 245 1.54 -67.29 12.72
N ALA D 246 0.87 -66.15 12.82
CA ALA D 246 1.35 -64.90 12.26
C ALA D 246 0.78 -63.75 13.07
N ALA D 247 1.45 -62.60 12.99
CA ALA D 247 1.03 -61.41 13.72
C ALA D 247 1.32 -60.18 12.87
N TYR D 248 0.41 -59.22 12.89
CA TYR D 248 0.63 -57.99 12.11
C TYR D 248 -0.14 -56.83 12.71
N TYR D 249 0.42 -55.63 12.54
CA TYR D 249 -0.14 -54.40 13.06
C TYR D 249 -0.78 -53.61 11.93
N VAL D 250 -1.99 -53.10 12.16
CA VAL D 250 -2.74 -52.36 11.17
C VAL D 250 -3.18 -51.03 11.78
N GLY D 251 -2.87 -49.92 11.09
CA GLY D 251 -3.33 -48.62 11.51
C GLY D 251 -3.93 -47.86 10.34
N TYR D 252 -4.74 -46.88 10.66
CA TYR D 252 -5.47 -46.10 9.65
C TYR D 252 -4.92 -44.69 9.59
N LEU D 253 -4.63 -44.22 8.38
CA LEU D 253 -4.14 -42.87 8.18
C LEU D 253 -5.30 -41.88 8.14
N GLN D 254 -4.98 -40.62 8.43
CA GLN D 254 -5.94 -39.53 8.41
C GLN D 254 -5.28 -38.29 7.83
N PRO D 255 -6.08 -37.38 7.27
CA PRO D 255 -5.50 -36.13 6.76
C PRO D 255 -5.01 -35.25 7.91
N ARG D 256 -3.71 -35.00 7.94
CA ARG D 256 -3.08 -34.26 9.02
C ARG D 256 -2.00 -33.35 8.46
N THR D 257 -1.66 -32.34 9.25
CA THR D 257 -0.58 -31.41 8.97
C THR D 257 0.57 -31.69 9.92
N PHE D 258 1.76 -31.87 9.37
CA PHE D 258 2.96 -32.18 10.14
C PHE D 258 4.03 -31.14 9.88
N LEU D 259 4.94 -30.99 10.84
CA LEU D 259 6.13 -30.17 10.69
C LEU D 259 7.34 -31.08 10.82
N LEU D 260 8.05 -31.30 9.73
CA LEU D 260 9.17 -32.23 9.68
C LEU D 260 10.49 -31.47 9.69
N LYS D 261 11.50 -32.07 10.32
CA LYS D 261 12.81 -31.47 10.48
C LYS D 261 13.84 -32.28 9.70
N TYR D 262 14.60 -31.59 8.85
CA TYR D 262 15.68 -32.21 8.10
C TYR D 262 17.01 -31.80 8.70
N ASN D 263 17.88 -32.78 8.94
CA ASN D 263 19.23 -32.48 9.42
C ASN D 263 20.11 -32.14 8.21
N GLU D 264 21.40 -31.96 8.45
CA GLU D 264 22.29 -31.52 7.39
C GLU D 264 22.51 -32.57 6.30
N ASN D 265 22.19 -33.83 6.58
CA ASN D 265 22.41 -34.91 5.62
C ASN D 265 21.16 -35.27 4.83
N GLY D 266 20.09 -34.49 4.96
CA GLY D 266 18.90 -34.72 4.17
C GLY D 266 17.94 -35.75 4.73
N THR D 267 18.17 -36.25 5.94
CA THR D 267 17.30 -37.24 6.55
C THR D 267 16.34 -36.58 7.53
N ILE D 268 15.17 -37.18 7.68
CA ILE D 268 14.14 -36.68 8.59
C ILE D 268 14.40 -37.29 9.96
N THR D 269 14.70 -36.43 10.94
CA THR D 269 15.04 -36.89 12.29
C THR D 269 14.02 -36.48 13.35
N ASP D 270 13.03 -35.67 13.00
CA ASP D 270 12.03 -35.25 13.98
C ASP D 270 10.80 -34.74 13.25
N ALA D 271 9.65 -34.83 13.93
CA ALA D 271 8.40 -34.35 13.39
C ALA D 271 7.48 -33.95 14.53
N VAL D 272 6.64 -32.95 14.26
CA VAL D 272 5.68 -32.44 15.23
C VAL D 272 4.29 -32.47 14.60
N ASP D 273 3.34 -33.08 15.30
CA ASP D 273 1.96 -33.10 14.85
C ASP D 273 1.26 -31.82 15.31
N CYS D 274 0.66 -31.12 14.36
CA CYS D 274 0.10 -29.80 14.62
C CYS D 274 -1.32 -29.86 15.18
N ALA D 275 -1.79 -31.04 15.61
CA ALA D 275 -3.18 -31.17 16.06
C ALA D 275 -3.31 -32.08 17.27
N LEU D 276 -2.29 -32.11 18.13
CA LEU D 276 -2.31 -33.01 19.28
C LEU D 276 -2.61 -32.30 20.59
N ASP D 277 -2.02 -31.13 20.83
CA ASP D 277 -2.23 -30.38 22.05
C ASP D 277 -1.88 -28.92 21.77
N PRO D 278 -2.29 -27.99 22.63
CA PRO D 278 -2.02 -26.58 22.36
C PRO D 278 -0.55 -26.24 22.18
N LEU D 279 0.36 -26.92 22.90
CA LEU D 279 1.78 -26.64 22.74
C LEU D 279 2.26 -26.99 21.33
N SER D 280 1.81 -28.12 20.80
CA SER D 280 2.18 -28.50 19.44
C SER D 280 1.64 -27.51 18.42
N GLU D 281 0.40 -27.03 18.63
CA GLU D 281 -0.15 -26.01 17.74
C GLU D 281 0.66 -24.73 17.80
N THR D 282 1.09 -24.34 19.01
CA THR D 282 1.94 -23.15 19.13
C THR D 282 3.27 -23.34 18.41
N LYS D 283 3.87 -24.52 18.55
CA LYS D 283 5.14 -24.80 17.87
C LYS D 283 4.97 -24.74 16.36
N CYS D 284 3.87 -25.28 15.85
CA CYS D 284 3.62 -25.24 14.41
C CYS D 284 3.38 -23.81 13.93
N THR D 285 2.66 -23.01 14.72
CA THR D 285 2.41 -21.62 14.34
C THR D 285 3.70 -20.82 14.31
N LEU D 286 4.57 -21.02 15.30
CA LEU D 286 5.83 -20.28 15.36
C LEU D 286 6.89 -20.82 14.40
N LYS D 287 6.64 -21.97 13.76
CA LYS D 287 7.62 -22.61 12.90
C LYS D 287 8.95 -22.85 13.63
N SER D 288 8.85 -23.28 14.88
CA SER D 288 10.03 -23.56 15.69
C SER D 288 9.74 -24.71 16.63
N PHE D 289 10.80 -25.37 17.08
CA PHE D 289 10.69 -26.47 18.03
C PHE D 289 10.89 -26.02 19.47
N THR D 290 11.12 -24.74 19.71
CA THR D 290 11.28 -24.20 21.06
C THR D 290 10.35 -23.01 21.23
N VAL D 291 9.73 -22.94 22.41
CA VAL D 291 8.78 -21.88 22.73
C VAL D 291 9.22 -21.20 24.02
N GLU D 292 9.33 -19.88 24.01
CA GLU D 292 9.74 -19.10 25.16
C GLU D 292 8.53 -18.61 25.95
N LYS D 293 8.79 -18.18 27.18
CA LYS D 293 7.72 -17.79 28.10
C LYS D 293 6.91 -16.64 27.52
N GLY D 294 5.59 -16.77 27.60
CA GLY D 294 4.70 -15.73 27.11
C GLY D 294 3.33 -16.30 26.81
N ILE D 295 2.49 -15.46 26.24
CA ILE D 295 1.14 -15.84 25.83
C ILE D 295 1.02 -15.59 24.33
N TYR D 296 0.63 -16.63 23.59
CA TYR D 296 0.56 -16.59 22.14
C TYR D 296 -0.88 -16.82 21.68
N GLN D 297 -1.17 -16.38 20.46
CA GLN D 297 -2.44 -16.65 19.80
C GLN D 297 -2.21 -17.72 18.75
N THR D 298 -2.98 -18.81 18.83
CA THR D 298 -2.77 -19.96 17.96
C THR D 298 -3.84 -20.09 16.89
N SER D 299 -5.11 -20.15 17.26
CA SER D 299 -6.15 -20.45 16.28
C SER D 299 -7.50 -19.95 16.80
N ASN D 300 -8.55 -20.26 16.04
CA ASN D 300 -9.92 -19.93 16.38
C ASN D 300 -10.72 -21.21 16.57
N PHE D 301 -11.86 -21.07 17.24
CA PHE D 301 -12.80 -22.17 17.42
C PHE D 301 -14.15 -21.78 16.85
N ARG D 302 -14.77 -22.73 16.14
CA ARG D 302 -16.09 -22.56 15.53
C ARG D 302 -16.93 -23.79 15.80
N VAL D 303 -18.24 -23.63 15.70
CA VAL D 303 -19.18 -24.73 15.89
C VAL D 303 -19.65 -25.19 14.52
N GLN D 304 -19.42 -26.46 14.21
CA GLN D 304 -19.79 -27.03 12.93
C GLN D 304 -21.29 -27.29 12.87
N PRO D 305 -21.89 -27.25 11.68
CA PRO D 305 -23.31 -27.55 11.55
C PRO D 305 -23.59 -29.04 11.65
N THR D 306 -24.88 -29.37 11.72
CA THR D 306 -25.32 -30.74 11.93
C THR D 306 -25.99 -31.37 10.72
N GLU D 307 -26.93 -30.66 10.08
CA GLU D 307 -27.66 -31.22 8.95
C GLU D 307 -27.84 -30.13 7.89
N SER D 308 -28.68 -30.40 6.90
CA SER D 308 -28.94 -29.49 5.80
C SER D 308 -30.44 -29.25 5.67
N ILE D 309 -30.79 -28.04 5.23
CA ILE D 309 -32.19 -27.64 5.08
C ILE D 309 -32.38 -27.06 3.69
N VAL D 310 -33.41 -27.54 2.98
CA VAL D 310 -33.76 -27.05 1.65
C VAL D 310 -35.25 -26.69 1.66
N ARG D 311 -35.57 -25.48 1.19
CA ARG D 311 -36.94 -25.00 1.14
C ARG D 311 -37.24 -24.45 -0.25
N PHE D 312 -38.18 -25.08 -0.95
CA PHE D 312 -38.58 -24.72 -2.29
C PHE D 312 -40.09 -24.60 -2.37
N PRO D 313 -40.61 -23.79 -3.30
CA PRO D 313 -42.07 -23.56 -3.35
C PRO D 313 -42.87 -24.78 -3.80
N ASN D 314 -44.20 -24.64 -3.78
CA ASN D 314 -45.11 -25.71 -4.21
C ASN D 314 -45.33 -25.61 -5.71
N ILE D 315 -44.37 -26.13 -6.47
CA ILE D 315 -44.41 -26.11 -7.93
C ILE D 315 -44.42 -27.55 -8.42
N THR D 316 -45.41 -27.89 -9.24
CA THR D 316 -45.60 -29.25 -9.73
C THR D 316 -45.57 -29.36 -11.25
N ASN D 317 -45.93 -28.31 -11.98
CA ASN D 317 -46.00 -28.39 -13.43
C ASN D 317 -44.61 -28.49 -14.05
N LEU D 318 -44.57 -28.88 -15.32
CA LEU D 318 -43.34 -28.98 -16.08
C LEU D 318 -43.29 -27.86 -17.11
N CYS D 319 -42.12 -27.23 -17.22
CA CYS D 319 -41.99 -26.07 -18.10
C CYS D 319 -42.14 -26.49 -19.56
N PRO D 320 -42.78 -25.67 -20.39
CA PRO D 320 -43.03 -26.02 -21.80
C PRO D 320 -41.88 -25.63 -22.73
N PHE D 321 -40.78 -26.37 -22.64
CA PHE D 321 -39.65 -26.14 -23.53
C PHE D 321 -39.78 -26.87 -24.87
N HIS D 322 -40.75 -27.78 -25.00
CA HIS D 322 -40.94 -28.50 -26.25
C HIS D 322 -41.64 -27.65 -27.30
N GLU D 323 -42.55 -26.76 -26.88
CA GLU D 323 -43.31 -25.94 -27.81
C GLU D 323 -42.56 -24.70 -28.27
N VAL D 324 -41.27 -24.58 -27.94
CA VAL D 324 -40.46 -23.44 -28.34
C VAL D 324 -39.32 -23.85 -29.27
N PHE D 325 -38.66 -24.98 -29.00
CA PHE D 325 -37.46 -25.34 -29.74
C PHE D 325 -37.74 -26.02 -31.06
N ASN D 326 -38.98 -26.39 -31.36
CA ASN D 326 -39.35 -26.76 -32.72
C ASN D 326 -40.85 -26.60 -32.89
N ALA D 327 -41.26 -25.73 -33.80
CA ALA D 327 -42.66 -25.51 -34.14
C ALA D 327 -42.90 -25.48 -35.64
N THR D 328 -41.93 -25.93 -36.44
CA THR D 328 -41.95 -25.99 -37.89
C THR D 328 -41.96 -24.62 -38.56
N THR D 329 -41.97 -23.53 -37.79
CA THR D 329 -41.90 -22.19 -38.36
C THR D 329 -41.34 -21.24 -37.31
N PHE D 330 -40.56 -20.28 -37.77
CA PHE D 330 -39.93 -19.29 -36.89
C PHE D 330 -40.24 -17.90 -37.42
N ALA D 331 -40.52 -16.97 -36.51
CA ALA D 331 -40.88 -15.62 -36.90
C ALA D 331 -39.67 -14.86 -37.45
N SER D 332 -39.96 -13.86 -38.26
CA SER D 332 -38.90 -13.05 -38.86
C SER D 332 -38.16 -12.26 -37.79
N VAL D 333 -36.94 -11.84 -38.13
CA VAL D 333 -36.11 -11.14 -37.16
C VAL D 333 -36.68 -9.76 -36.82
N TYR D 334 -37.35 -9.11 -37.78
CA TYR D 334 -37.86 -7.77 -37.52
C TYR D 334 -39.08 -7.79 -36.62
N ALA D 335 -39.85 -8.89 -36.61
CA ALA D 335 -40.97 -9.09 -35.70
C ALA D 335 -40.80 -10.46 -35.05
N TRP D 336 -40.03 -10.51 -33.97
CA TRP D 336 -39.71 -11.75 -33.29
C TRP D 336 -40.74 -12.05 -32.21
N ASN D 337 -40.99 -13.35 -32.01
CA ASN D 337 -41.92 -13.78 -30.98
C ASN D 337 -41.29 -13.63 -29.60
N ARG D 338 -42.10 -13.85 -28.56
CA ARG D 338 -41.61 -13.82 -27.18
C ARG D 338 -42.60 -14.59 -26.33
N LYS D 339 -42.11 -15.60 -25.63
CA LYS D 339 -42.93 -16.44 -24.76
C LYS D 339 -42.47 -16.30 -23.32
N ARG D 340 -43.43 -16.15 -22.42
CA ARG D 340 -43.17 -16.00 -20.99
C ARG D 340 -43.40 -17.34 -20.29
N ILE D 341 -42.41 -17.75 -19.49
CA ILE D 341 -42.44 -19.01 -18.76
C ILE D 341 -42.40 -18.70 -17.28
N SER D 342 -43.38 -19.23 -16.54
CA SER D 342 -43.48 -19.07 -15.10
C SER D 342 -44.31 -20.21 -14.54
N ASN D 343 -44.13 -20.45 -13.23
CA ASN D 343 -44.90 -21.45 -12.48
C ASN D 343 -44.72 -22.85 -13.07
N CYS D 344 -43.47 -23.31 -13.10
CA CYS D 344 -43.18 -24.66 -13.58
C CYS D 344 -41.80 -25.07 -13.09
N VAL D 345 -41.56 -26.39 -13.11
CA VAL D 345 -40.26 -26.94 -12.80
C VAL D 345 -39.45 -26.99 -14.09
N ALA D 346 -38.28 -26.37 -14.07
CA ALA D 346 -37.46 -26.22 -15.26
C ALA D 346 -36.40 -27.32 -15.29
N ASP D 347 -36.38 -28.09 -16.37
CA ASP D 347 -35.37 -29.13 -16.60
C ASP D 347 -34.61 -28.75 -17.86
N TYR D 348 -33.40 -28.22 -17.69
CA TYR D 348 -32.60 -27.75 -18.80
C TYR D 348 -31.73 -28.84 -19.42
N SER D 349 -31.82 -30.07 -18.92
CA SER D 349 -31.08 -31.18 -19.49
C SER D 349 -31.80 -31.86 -20.63
N VAL D 350 -33.05 -31.48 -20.91
CA VAL D 350 -33.79 -32.05 -22.04
C VAL D 350 -33.71 -31.19 -23.28
N ILE D 351 -33.23 -29.95 -23.18
CA ILE D 351 -33.13 -29.06 -24.33
C ILE D 351 -32.24 -29.68 -25.40
N TYR D 352 -31.24 -30.46 -25.00
CA TYR D 352 -30.34 -31.09 -25.96
C TYR D 352 -31.04 -32.14 -26.83
N ASN D 353 -32.23 -32.59 -26.42
CA ASN D 353 -32.96 -33.60 -27.18
C ASN D 353 -33.93 -32.99 -28.19
N PHE D 354 -34.01 -31.67 -28.29
CA PHE D 354 -34.97 -31.01 -29.17
C PHE D 354 -34.35 -30.36 -30.40
N ALA D 355 -33.15 -29.82 -30.30
CA ALA D 355 -32.53 -29.15 -31.42
C ALA D 355 -31.10 -29.66 -31.61
N PRO D 356 -30.62 -29.68 -32.87
CA PRO D 356 -29.28 -30.21 -33.16
C PRO D 356 -28.16 -29.16 -33.06
N PHE D 357 -28.13 -28.44 -31.95
CA PHE D 357 -27.09 -27.44 -31.74
C PHE D 357 -25.88 -28.07 -31.06
N PHE D 358 -24.80 -27.29 -30.98
CA PHE D 358 -23.54 -27.79 -30.42
C PHE D 358 -23.44 -27.54 -28.92
N ALA D 359 -23.54 -26.29 -28.50
CA ALA D 359 -23.41 -25.95 -27.09
C ALA D 359 -24.13 -24.64 -26.82
N PHE D 360 -24.38 -24.39 -25.54
CA PHE D 360 -25.01 -23.15 -25.10
C PHE D 360 -24.02 -22.00 -25.24
N LYS D 361 -24.50 -20.79 -24.92
CA LYS D 361 -23.63 -19.64 -24.77
C LYS D 361 -24.31 -18.73 -23.75
N CYS D 362 -23.87 -18.82 -22.50
CA CYS D 362 -24.48 -18.09 -21.40
C CYS D 362 -23.51 -17.06 -20.86
N TYR D 363 -24.06 -15.94 -20.39
CA TYR D 363 -23.26 -14.77 -20.02
C TYR D 363 -23.22 -14.53 -18.52
N GLY D 364 -24.37 -14.55 -17.84
CA GLY D 364 -24.39 -14.28 -16.42
C GLY D 364 -24.25 -15.51 -15.54
N VAL D 365 -24.48 -16.68 -16.12
CA VAL D 365 -24.45 -17.95 -15.40
C VAL D 365 -23.67 -18.96 -16.22
N SER D 366 -23.64 -20.21 -15.72
CA SER D 366 -23.00 -21.30 -16.43
C SER D 366 -24.05 -22.34 -16.84
N PRO D 367 -23.88 -22.97 -18.01
CA PRO D 367 -24.92 -23.91 -18.48
C PRO D 367 -25.14 -25.09 -17.55
N THR D 368 -24.11 -25.56 -16.86
CA THR D 368 -24.24 -26.73 -15.99
C THR D 368 -24.88 -26.41 -14.65
N LYS D 369 -24.99 -25.13 -14.28
CA LYS D 369 -25.53 -24.74 -12.98
C LYS D 369 -26.95 -24.21 -13.08
N LEU D 370 -27.66 -24.50 -14.16
CA LEU D 370 -29.01 -23.99 -14.36
C LEU D 370 -30.08 -24.83 -13.68
N ASN D 371 -29.72 -25.96 -13.09
CA ASN D 371 -30.69 -26.82 -12.43
C ASN D 371 -30.86 -26.50 -10.95
N ASP D 372 -30.05 -25.60 -10.40
CA ASP D 372 -30.08 -25.29 -8.98
C ASP D 372 -30.71 -23.94 -8.65
N LEU D 373 -30.49 -22.93 -9.48
CA LEU D 373 -31.01 -21.59 -9.20
C LEU D 373 -32.52 -21.54 -9.43
N CYS D 374 -33.18 -20.61 -8.76
CA CYS D 374 -34.61 -20.42 -8.90
C CYS D 374 -34.88 -18.95 -9.24
N PHE D 375 -35.49 -18.73 -10.41
CA PHE D 375 -35.70 -17.39 -10.94
C PHE D 375 -37.15 -16.94 -10.68
N THR D 376 -37.47 -15.75 -11.18
CA THR D 376 -38.80 -15.17 -11.08
C THR D 376 -39.61 -15.35 -12.36
N ASN D 377 -39.01 -15.08 -13.51
CA ASN D 377 -39.68 -15.25 -14.80
C ASN D 377 -38.62 -15.57 -15.85
N VAL D 378 -39.02 -16.35 -16.86
CA VAL D 378 -38.13 -16.68 -17.96
C VAL D 378 -38.76 -16.20 -19.25
N TYR D 379 -37.95 -15.71 -20.18
CA TYR D 379 -38.46 -15.25 -21.46
C TYR D 379 -37.69 -15.92 -22.60
N ALA D 380 -38.41 -16.30 -23.65
CA ALA D 380 -37.82 -16.97 -24.79
C ALA D 380 -38.15 -16.20 -26.07
N ASP D 381 -37.12 -15.82 -26.81
CA ASP D 381 -37.27 -15.10 -28.08
C ASP D 381 -36.69 -15.94 -29.21
N SER D 382 -37.44 -16.08 -30.29
CA SER D 382 -37.04 -16.95 -31.39
C SER D 382 -37.09 -16.21 -32.71
N PHE D 383 -36.09 -16.44 -33.56
CA PHE D 383 -36.08 -15.86 -34.90
C PHE D 383 -35.09 -16.61 -35.78
N VAL D 384 -34.96 -16.14 -37.02
CA VAL D 384 -34.08 -16.73 -38.02
C VAL D 384 -33.24 -15.60 -38.63
N ILE D 385 -31.93 -15.80 -38.66
CA ILE D 385 -30.99 -14.79 -39.17
C ILE D 385 -30.02 -15.46 -40.14
N ARG D 386 -29.07 -14.66 -40.62
CA ARG D 386 -28.05 -15.17 -41.53
C ARG D 386 -26.90 -15.78 -40.75
N GLY D 387 -25.98 -16.42 -41.49
CA GLY D 387 -24.90 -17.14 -40.84
C GLY D 387 -23.92 -16.25 -40.10
N ASN D 388 -23.51 -15.15 -40.73
CA ASN D 388 -22.48 -14.28 -40.17
C ASN D 388 -23.03 -13.19 -39.26
N GLU D 389 -24.35 -13.13 -39.08
CA GLU D 389 -24.97 -12.17 -38.17
C GLU D 389 -25.27 -12.77 -36.80
N VAL D 390 -24.87 -14.02 -36.57
CA VAL D 390 -25.08 -14.64 -35.27
C VAL D 390 -24.23 -13.95 -34.20
N SER D 391 -23.02 -13.53 -34.57
CA SER D 391 -22.12 -12.86 -33.62
C SER D 391 -22.63 -11.50 -33.19
N GLN D 392 -23.64 -10.95 -33.85
CA GLN D 392 -24.19 -9.66 -33.45
C GLN D 392 -25.19 -9.77 -32.30
N ILE D 393 -25.68 -10.96 -31.99
CA ILE D 393 -26.58 -11.16 -30.86
C ILE D 393 -25.69 -11.38 -29.64
N ALA D 394 -25.35 -10.27 -28.98
CA ALA D 394 -24.46 -10.25 -27.83
C ALA D 394 -24.45 -8.84 -27.27
N PRO D 395 -24.13 -8.68 -25.99
CA PRO D 395 -24.06 -7.33 -25.41
C PRO D 395 -23.00 -6.49 -26.10
N GLY D 396 -23.30 -5.21 -26.28
CA GLY D 396 -22.35 -4.26 -26.85
C GLY D 396 -21.92 -4.56 -28.27
N GLN D 397 -22.88 -4.86 -29.16
CA GLN D 397 -22.59 -5.13 -30.55
C GLN D 397 -23.29 -4.11 -31.44
N THR D 398 -22.67 -3.81 -32.57
CA THR D 398 -23.19 -2.82 -33.52
C THR D 398 -23.24 -3.45 -34.90
N GLY D 399 -24.35 -3.25 -35.59
CA GLY D 399 -24.53 -3.82 -36.91
C GLY D 399 -25.97 -3.64 -37.35
N ASN D 400 -26.27 -4.20 -38.53
CA ASN D 400 -27.61 -4.10 -39.08
C ASN D 400 -28.63 -4.82 -38.20
N ILE D 401 -28.28 -6.01 -37.70
CA ILE D 401 -29.18 -6.74 -36.83
C ILE D 401 -29.27 -6.08 -35.45
N ALA D 402 -28.14 -5.61 -34.93
CA ALA D 402 -28.07 -5.21 -33.53
C ALA D 402 -28.91 -3.97 -33.25
N ASP D 403 -28.75 -2.92 -34.05
CA ASP D 403 -29.34 -1.63 -33.71
C ASP D 403 -30.62 -1.31 -34.49
N TYR D 404 -31.00 -2.14 -35.45
CA TYR D 404 -32.21 -1.91 -36.22
C TYR D 404 -33.26 -3.02 -36.09
N ASN D 405 -32.87 -4.24 -35.74
CA ASN D 405 -33.82 -5.35 -35.64
C ASN D 405 -33.95 -5.88 -34.22
N TYR D 406 -32.85 -6.24 -33.57
CA TYR D 406 -32.89 -6.87 -32.26
C TYR D 406 -31.69 -6.38 -31.44
N LYS D 407 -31.96 -5.72 -30.32
CA LYS D 407 -30.93 -5.12 -29.49
C LYS D 407 -30.97 -5.75 -28.10
N LEU D 408 -29.80 -6.16 -27.61
CA LEU D 408 -29.61 -6.75 -26.30
C LEU D 408 -29.02 -5.73 -25.33
N PRO D 409 -29.40 -5.77 -24.06
CA PRO D 409 -28.83 -4.83 -23.09
C PRO D 409 -27.39 -5.15 -22.76
N ASP D 410 -26.72 -4.18 -22.14
CA ASP D 410 -25.31 -4.33 -21.79
C ASP D 410 -25.08 -5.21 -20.58
N ASP D 411 -26.13 -5.50 -19.81
CA ASP D 411 -26.03 -6.28 -18.58
C ASP D 411 -26.77 -7.62 -18.70
N PHE D 412 -26.77 -8.18 -19.91
CA PHE D 412 -27.56 -9.37 -20.21
C PHE D 412 -27.17 -10.53 -19.30
N THR D 413 -28.19 -11.27 -18.85
CA THR D 413 -28.02 -12.45 -18.00
C THR D 413 -28.92 -13.53 -18.59
N GLY D 414 -28.35 -14.36 -19.45
CA GLY D 414 -29.13 -15.38 -20.13
C GLY D 414 -28.27 -16.20 -21.05
N CYS D 415 -28.92 -16.92 -21.96
CA CYS D 415 -28.23 -17.84 -22.85
C CYS D 415 -28.74 -17.67 -24.28
N VAL D 416 -27.87 -17.99 -25.23
CA VAL D 416 -28.17 -17.91 -26.66
C VAL D 416 -27.93 -19.27 -27.28
N ILE D 417 -28.90 -19.75 -28.06
CA ILE D 417 -28.84 -21.06 -28.68
C ILE D 417 -29.10 -20.88 -30.17
N ALA D 418 -28.07 -21.09 -30.99
CA ALA D 418 -28.18 -20.92 -32.44
C ALA D 418 -27.75 -22.21 -33.13
N TRP D 419 -28.53 -22.62 -34.12
CA TRP D 419 -28.18 -23.83 -34.87
C TRP D 419 -28.60 -23.69 -36.32
N ASN D 420 -27.87 -24.39 -37.19
CA ASN D 420 -28.11 -24.33 -38.62
C ASN D 420 -29.43 -25.01 -38.97
N SER D 421 -30.17 -24.42 -39.91
CA SER D 421 -31.44 -24.95 -40.37
C SER D 421 -31.52 -24.90 -41.89
N ASN D 422 -30.44 -25.33 -42.55
CA ASN D 422 -30.38 -25.27 -44.01
C ASN D 422 -31.33 -26.24 -44.68
N LYS D 423 -31.74 -27.30 -43.98
CA LYS D 423 -32.59 -28.32 -44.57
C LYS D 423 -34.09 -28.01 -44.46
N LEU D 424 -34.46 -26.94 -43.76
CA LEU D 424 -35.85 -26.57 -43.61
C LEU D 424 -36.19 -25.17 -44.12
N ASP D 425 -35.21 -24.26 -44.13
CA ASP D 425 -35.45 -22.87 -44.49
C ASP D 425 -34.85 -22.49 -45.84
N SER D 426 -34.57 -23.48 -46.69
CA SER D 426 -33.97 -23.22 -47.99
C SER D 426 -34.78 -23.92 -49.07
N LYS D 427 -34.91 -23.25 -50.22
CA LYS D 427 -35.61 -23.78 -51.37
C LYS D 427 -34.76 -23.59 -52.62
N PRO D 428 -34.88 -24.48 -53.61
CA PRO D 428 -34.09 -24.31 -54.84
C PRO D 428 -34.38 -23.01 -55.56
N SER D 429 -35.63 -22.55 -55.54
CA SER D 429 -35.97 -21.26 -56.16
C SER D 429 -35.53 -20.09 -55.29
N GLY D 430 -35.51 -20.26 -53.98
CA GLY D 430 -35.11 -19.20 -53.08
C GLY D 430 -36.19 -18.77 -52.12
N ASN D 431 -35.95 -18.99 -50.82
CA ASN D 431 -36.92 -18.59 -49.80
C ASN D 431 -36.97 -17.08 -49.69
N TYR D 432 -38.19 -16.53 -49.70
CA TYR D 432 -38.39 -15.08 -49.61
C TYR D 432 -39.36 -14.72 -48.49
N ASN D 433 -39.60 -15.62 -47.54
CA ASN D 433 -40.55 -15.40 -46.47
C ASN D 433 -39.92 -14.82 -45.21
N TYR D 434 -38.60 -14.58 -45.22
CA TYR D 434 -37.89 -14.02 -44.08
C TYR D 434 -37.35 -12.65 -44.48
N LEU D 435 -37.72 -11.63 -43.70
CA LEU D 435 -37.39 -10.24 -44.01
C LEU D 435 -36.62 -9.62 -42.86
N TYR D 436 -36.00 -8.48 -43.14
CA TYR D 436 -35.29 -7.73 -42.12
C TYR D 436 -35.29 -6.25 -42.48
N ARG D 437 -35.28 -5.42 -41.44
CA ARG D 437 -35.28 -3.97 -41.62
C ARG D 437 -33.89 -3.50 -42.06
N LEU D 438 -33.87 -2.48 -42.91
CA LEU D 438 -32.62 -1.93 -43.42
C LEU D 438 -32.42 -0.45 -43.08
N PHE D 439 -33.48 0.35 -43.11
CA PHE D 439 -33.39 1.78 -42.86
C PHE D 439 -34.16 2.12 -41.59
N ARG D 440 -33.58 2.98 -40.76
CA ARG D 440 -34.28 3.49 -39.59
C ARG D 440 -33.65 4.81 -39.16
N LYS D 441 -34.48 5.68 -38.60
CA LYS D 441 -34.02 7.01 -38.22
C LYS D 441 -33.09 6.97 -37.01
N SER D 442 -33.29 6.03 -36.09
CA SER D 442 -32.49 5.96 -34.88
C SER D 442 -32.37 4.50 -34.43
N LYS D 443 -31.35 4.24 -33.62
CA LYS D 443 -31.09 2.90 -33.14
C LYS D 443 -32.15 2.47 -32.12
N LEU D 444 -32.26 1.17 -31.90
CA LEU D 444 -33.24 0.62 -30.99
C LEU D 444 -32.74 0.61 -29.56
N LYS D 445 -33.66 0.79 -28.63
CA LYS D 445 -33.39 0.54 -27.21
C LYS D 445 -33.45 -0.96 -26.96
N PRO D 446 -32.82 -1.43 -25.87
CA PRO D 446 -32.80 -2.87 -25.61
C PRO D 446 -34.20 -3.47 -25.50
N PHE D 447 -34.34 -4.65 -26.09
CA PHE D 447 -35.60 -5.41 -26.07
C PHE D 447 -36.77 -4.57 -26.61
N GLU D 448 -36.56 -3.99 -27.80
CA GLU D 448 -37.58 -3.20 -28.46
C GLU D 448 -37.78 -3.73 -29.88
N ARG D 449 -39.03 -3.79 -30.31
CA ARG D 449 -39.38 -4.31 -31.63
C ARG D 449 -40.00 -3.20 -32.48
N ASP D 450 -39.99 -3.42 -33.80
CA ASP D 450 -40.62 -2.52 -34.75
C ASP D 450 -41.36 -3.36 -35.78
N ILE D 451 -42.62 -3.00 -36.04
CA ILE D 451 -43.47 -3.79 -36.93
C ILE D 451 -43.97 -2.89 -38.06
N SER D 452 -44.06 -1.59 -37.79
CA SER D 452 -44.63 -0.65 -38.75
C SER D 452 -43.90 -0.70 -40.09
N THR D 453 -44.67 -0.78 -41.17
CA THR D 453 -44.14 -0.79 -42.51
C THR D 453 -44.57 0.50 -43.23
N GLU D 454 -43.60 1.19 -43.81
CA GLU D 454 -43.84 2.45 -44.49
C GLU D 454 -42.76 2.63 -45.55
N ILE D 455 -42.79 3.78 -46.22
CA ILE D 455 -41.82 4.09 -47.27
C ILE D 455 -40.81 5.06 -46.68
N TYR D 456 -39.60 4.58 -46.44
CA TYR D 456 -38.54 5.42 -45.88
C TYR D 456 -38.12 6.49 -46.87
N GLN D 457 -37.91 7.70 -46.35
CA GLN D 457 -37.57 8.87 -47.16
C GLN D 457 -36.12 9.26 -46.89
N ALA D 458 -35.32 9.33 -47.95
CA ALA D 458 -33.93 9.76 -47.86
C ALA D 458 -33.70 11.10 -48.53
N GLY D 459 -34.76 11.92 -48.68
CA GLY D 459 -34.65 13.21 -49.32
C GLY D 459 -35.50 14.23 -48.59
N ASN D 460 -35.41 15.47 -49.08
CA ASN D 460 -36.19 16.56 -48.48
C ASN D 460 -37.67 16.46 -48.84
N LYS D 461 -37.96 16.12 -50.09
CA LYS D 461 -39.35 16.06 -50.53
C LYS D 461 -40.06 14.86 -49.89
N PRO D 462 -41.35 14.99 -49.55
CA PRO D 462 -42.07 13.86 -48.98
C PRO D 462 -42.24 12.74 -49.97
N CYS D 463 -42.28 11.50 -49.45
CA CYS D 463 -42.42 10.33 -50.31
C CYS D 463 -43.80 10.27 -50.94
N ASN D 464 -44.83 10.68 -50.20
CA ASN D 464 -46.22 10.70 -50.68
C ASN D 464 -46.70 9.31 -51.09
N GLY D 465 -46.18 8.27 -50.43
CA GLY D 465 -46.68 6.93 -50.63
C GLY D 465 -46.20 6.22 -51.88
N VAL D 466 -45.15 6.73 -52.53
CA VAL D 466 -44.58 6.09 -53.71
C VAL D 466 -43.07 5.95 -53.52
N ALA D 467 -42.54 4.77 -53.85
CA ALA D 467 -41.12 4.49 -53.71
C ALA D 467 -40.40 4.94 -54.98
N GLY D 468 -40.18 6.25 -55.07
CA GLY D 468 -39.48 6.83 -56.18
C GLY D 468 -38.07 7.24 -55.83
N PRO D 469 -37.70 8.48 -56.18
CA PRO D 469 -36.36 8.98 -55.82
C PRO D 469 -36.29 9.33 -54.34
N ASN D 470 -35.24 8.85 -53.68
CA ASN D 470 -35.06 9.02 -52.24
C ASN D 470 -36.28 8.49 -51.48
N CYS D 471 -36.82 7.37 -51.95
CA CYS D 471 -37.97 6.73 -51.33
C CYS D 471 -37.82 5.23 -51.52
N TYR D 472 -37.64 4.50 -50.42
CA TYR D 472 -37.36 3.07 -50.47
C TYR D 472 -38.26 2.32 -49.49
N SER D 473 -38.20 0.99 -49.56
CA SER D 473 -38.93 0.13 -48.65
C SER D 473 -37.94 -0.52 -47.69
N PRO D 474 -38.01 -0.23 -46.39
CA PRO D 474 -37.03 -0.74 -45.42
C PRO D 474 -37.35 -2.14 -44.90
N LEU D 475 -37.67 -3.05 -45.83
CA LEU D 475 -37.93 -4.45 -45.49
C LEU D 475 -37.34 -5.29 -46.63
N GLN D 476 -36.08 -5.70 -46.46
CA GLN D 476 -35.41 -6.49 -47.47
C GLN D 476 -35.54 -7.97 -47.15
N SER D 477 -35.74 -8.78 -48.19
CA SER D 477 -35.97 -10.21 -48.03
C SER D 477 -34.65 -10.96 -48.16
N TYR D 478 -34.40 -11.88 -47.22
CA TYR D 478 -33.26 -12.76 -47.33
C TYR D 478 -33.42 -13.66 -48.56
N GLY D 479 -32.31 -13.91 -49.25
CA GLY D 479 -32.31 -14.89 -50.31
C GLY D 479 -31.58 -16.14 -49.89
N PHE D 480 -32.32 -17.19 -49.55
CA PHE D 480 -31.76 -18.42 -49.05
C PHE D 480 -31.76 -19.48 -50.14
N ARG D 481 -30.58 -20.05 -50.42
CA ARG D 481 -30.39 -21.09 -51.41
C ARG D 481 -29.55 -22.20 -50.81
N PRO D 482 -29.71 -23.44 -51.28
CA PRO D 482 -28.95 -24.56 -50.70
C PRO D 482 -27.53 -24.67 -51.21
N THR D 483 -27.13 -23.90 -52.22
CA THR D 483 -25.79 -23.95 -52.77
C THR D 483 -24.90 -22.84 -52.24
N TYR D 484 -25.36 -22.10 -51.22
CA TYR D 484 -24.60 -21.00 -50.67
C TYR D 484 -23.50 -21.51 -49.75
N GLY D 485 -22.65 -20.59 -49.29
CA GLY D 485 -21.62 -20.92 -48.34
C GLY D 485 -22.17 -21.06 -46.93
N VAL D 486 -21.27 -21.40 -46.02
CA VAL D 486 -21.67 -21.58 -44.62
C VAL D 486 -22.07 -20.25 -44.00
N GLY D 487 -21.37 -19.18 -44.35
CA GLY D 487 -21.65 -17.88 -43.77
C GLY D 487 -22.92 -17.21 -44.26
N HIS D 488 -23.55 -17.74 -45.31
CA HIS D 488 -24.77 -17.18 -45.84
C HIS D 488 -25.99 -18.05 -45.58
N GLN D 489 -25.83 -19.22 -44.97
CA GLN D 489 -26.93 -20.14 -44.75
C GLN D 489 -27.78 -19.68 -43.56
N PRO D 490 -29.08 -19.96 -43.58
CA PRO D 490 -29.95 -19.53 -42.49
C PRO D 490 -29.62 -20.23 -41.18
N TYR D 491 -29.81 -19.50 -40.08
CA TYR D 491 -29.57 -20.01 -38.74
C TYR D 491 -30.76 -19.66 -37.85
N ARG D 492 -31.22 -20.64 -37.07
CA ARG D 492 -32.30 -20.42 -36.13
C ARG D 492 -31.72 -20.08 -34.77
N VAL D 493 -32.24 -19.02 -34.14
CA VAL D 493 -31.71 -18.49 -32.90
C VAL D 493 -32.83 -18.39 -31.88
N VAL D 494 -32.56 -18.87 -30.66
CA VAL D 494 -33.46 -18.75 -29.53
C VAL D 494 -32.66 -18.18 -28.35
N VAL D 495 -33.17 -17.11 -27.75
CA VAL D 495 -32.53 -16.44 -26.64
C VAL D 495 -33.39 -16.66 -25.40
N LEU D 496 -32.77 -17.17 -24.33
CA LEU D 496 -33.42 -17.33 -23.04
C LEU D 496 -32.92 -16.24 -22.10
N SER D 497 -33.85 -15.49 -21.52
CA SER D 497 -33.54 -14.41 -20.60
C SER D 497 -34.09 -14.75 -19.22
N PHE D 498 -33.23 -14.68 -18.22
CA PHE D 498 -33.57 -14.99 -16.85
C PHE D 498 -33.75 -13.70 -16.04
N GLU D 499 -34.70 -13.73 -15.12
CA GLU D 499 -34.92 -12.64 -14.18
C GLU D 499 -34.47 -13.09 -12.79
N LEU D 500 -33.63 -12.30 -12.14
CA LEU D 500 -33.08 -12.69 -10.85
C LEU D 500 -34.15 -12.60 -9.76
N LEU D 501 -33.75 -12.92 -8.53
CA LEU D 501 -34.68 -13.07 -7.42
C LEU D 501 -34.92 -11.71 -6.76
N HIS D 502 -36.10 -11.13 -7.02
CA HIS D 502 -36.53 -9.91 -6.35
C HIS D 502 -37.94 -10.10 -5.82
N ALA D 503 -38.72 -10.94 -6.51
CA ALA D 503 -40.13 -11.20 -6.28
C ALA D 503 -40.24 -12.70 -5.98
N PRO D 504 -41.40 -13.25 -5.59
CA PRO D 504 -41.41 -14.67 -5.22
C PRO D 504 -41.11 -15.55 -6.43
N ALA D 505 -40.20 -16.50 -6.22
CA ALA D 505 -39.69 -17.33 -7.30
C ALA D 505 -40.75 -18.26 -7.84
N THR D 506 -40.65 -18.56 -9.13
CA THR D 506 -41.63 -19.41 -9.81
C THR D 506 -41.04 -20.48 -10.71
N VAL D 507 -39.75 -20.40 -11.06
CA VAL D 507 -39.14 -21.34 -12.00
C VAL D 507 -37.81 -21.80 -11.41
N CYS D 508 -37.66 -23.12 -11.24
CA CYS D 508 -36.39 -23.74 -10.85
C CYS D 508 -36.46 -25.25 -11.03
N GLY D 509 -35.31 -25.89 -10.87
CA GLY D 509 -35.17 -27.30 -11.15
C GLY D 509 -35.74 -28.17 -10.05
N PRO D 510 -35.68 -29.48 -10.28
CA PRO D 510 -36.30 -30.48 -9.37
C PRO D 510 -35.45 -30.79 -8.13
N LYS D 511 -35.59 -29.94 -7.12
CA LYS D 511 -34.93 -30.13 -5.83
C LYS D 511 -35.97 -30.40 -4.75
N LYS D 512 -35.78 -31.50 -4.03
CA LYS D 512 -36.71 -31.86 -2.95
C LYS D 512 -36.59 -30.88 -1.79
N SER D 513 -37.73 -30.63 -1.14
CA SER D 513 -37.79 -29.74 0.01
C SER D 513 -37.95 -30.57 1.28
N THR D 514 -37.10 -30.32 2.26
CA THR D 514 -37.04 -31.09 3.49
C THR D 514 -37.73 -30.33 4.63
N ASN D 515 -37.61 -30.87 5.83
CA ASN D 515 -38.23 -30.30 7.02
C ASN D 515 -37.49 -29.02 7.41
N LEU D 516 -38.09 -28.27 8.34
CA LEU D 516 -37.51 -27.03 8.86
C LEU D 516 -37.16 -27.20 10.33
N VAL D 517 -35.91 -26.88 10.68
CA VAL D 517 -35.44 -26.96 12.05
C VAL D 517 -35.05 -25.56 12.50
N LYS D 518 -35.05 -25.36 13.82
CA LYS D 518 -34.78 -24.06 14.40
C LYS D 518 -33.88 -24.22 15.63
N ASN D 519 -33.21 -23.12 15.98
CA ASN D 519 -32.31 -23.05 17.14
C ASN D 519 -31.20 -24.10 17.05
N LYS D 520 -30.71 -24.33 15.84
CA LYS D 520 -29.59 -25.25 15.62
C LYS D 520 -28.68 -24.69 14.54
N CYS D 521 -27.37 -24.81 14.76
CA CYS D 521 -26.40 -24.42 13.73
C CYS D 521 -26.53 -25.39 12.56
N VAL D 522 -27.13 -24.92 11.47
CA VAL D 522 -27.52 -25.77 10.36
C VAL D 522 -27.24 -25.03 9.05
N ASN D 523 -27.06 -25.80 7.98
CA ASN D 523 -26.99 -25.24 6.64
C ASN D 523 -28.39 -25.05 6.08
N PHE D 524 -28.57 -23.99 5.30
CA PHE D 524 -29.86 -23.66 4.72
C PHE D 524 -29.69 -23.30 3.25
N ASN D 525 -30.76 -23.53 2.48
CA ASN D 525 -30.80 -23.23 1.05
C ASN D 525 -32.21 -22.75 0.74
N PHE D 526 -32.39 -21.43 0.71
CA PHE D 526 -33.68 -20.79 0.42
C PHE D 526 -33.64 -20.24 -0.99
N ASN D 527 -34.29 -20.94 -1.92
CA ASN D 527 -34.43 -20.49 -3.31
C ASN D 527 -33.07 -20.15 -3.93
N GLY D 528 -32.08 -21.02 -3.71
CA GLY D 528 -30.76 -20.81 -4.24
C GLY D 528 -29.83 -19.99 -3.37
N LEU D 529 -30.35 -19.39 -2.30
CA LEU D 529 -29.52 -18.67 -1.33
C LEU D 529 -29.03 -19.69 -0.31
N THR D 530 -27.74 -20.01 -0.35
CA THR D 530 -27.16 -21.04 0.49
C THR D 530 -26.28 -20.42 1.55
N GLY D 531 -26.29 -21.02 2.74
CA GLY D 531 -25.46 -20.51 3.82
C GLY D 531 -25.53 -21.42 5.02
N THR D 532 -24.84 -21.00 6.08
CA THR D 532 -24.85 -21.70 7.36
C THR D 532 -25.17 -20.71 8.47
N GLY D 533 -25.95 -21.16 9.45
CA GLY D 533 -26.30 -20.29 10.55
C GLY D 533 -27.36 -20.95 11.42
N VAL D 534 -27.87 -20.18 12.37
CA VAL D 534 -28.96 -20.61 13.23
C VAL D 534 -30.16 -19.71 12.96
N LEU D 535 -31.31 -20.34 12.74
CA LEU D 535 -32.54 -19.66 12.36
C LEU D 535 -33.49 -19.61 13.55
N THR D 536 -34.01 -18.43 13.84
CA THR D 536 -34.93 -18.23 14.95
C THR D 536 -36.16 -17.47 14.46
N GLU D 537 -37.16 -17.39 15.32
CA GLU D 537 -38.39 -16.67 14.99
C GLU D 537 -38.11 -15.17 14.87
N SER D 538 -38.87 -14.53 13.99
CA SER D 538 -38.64 -13.14 13.62
C SER D 538 -39.72 -12.23 14.19
N ASN D 539 -39.28 -11.12 14.79
CA ASN D 539 -40.18 -10.04 15.16
C ASN D 539 -40.25 -8.96 14.10
N LYS D 540 -39.52 -9.12 13.00
CA LYS D 540 -39.52 -8.12 11.94
C LYS D 540 -40.85 -8.11 11.21
N LYS D 541 -41.23 -6.94 10.72
CA LYS D 541 -42.53 -6.71 10.08
C LYS D 541 -42.29 -6.47 8.59
N PHE D 542 -42.23 -7.56 7.83
CA PHE D 542 -42.03 -7.45 6.39
C PHE D 542 -43.28 -6.91 5.71
N LEU D 543 -43.07 -6.05 4.71
CA LEU D 543 -44.16 -5.62 3.87
C LEU D 543 -44.53 -6.73 2.89
N PRO D 544 -45.77 -6.76 2.40
CA PRO D 544 -46.21 -7.89 1.56
C PRO D 544 -45.35 -8.11 0.34
N PHE D 545 -44.75 -7.07 -0.23
CA PHE D 545 -43.95 -7.21 -1.44
C PHE D 545 -42.48 -7.53 -1.15
N GLN D 546 -42.06 -7.54 0.12
CA GLN D 546 -40.67 -7.78 0.46
C GLN D 546 -40.43 -9.26 0.68
N GLN D 547 -39.23 -9.72 0.34
CA GLN D 547 -38.88 -11.13 0.47
C GLN D 547 -37.53 -11.38 1.12
N PHE D 548 -36.68 -10.37 1.27
CA PHE D 548 -35.36 -10.50 1.85
C PHE D 548 -35.11 -9.43 2.90
N GLY D 549 -33.97 -9.53 3.56
CA GLY D 549 -33.53 -8.52 4.50
C GLY D 549 -32.02 -8.35 4.42
N ARG D 550 -31.58 -7.12 4.67
CA ARG D 550 -30.18 -6.77 4.51
C ARG D 550 -29.69 -5.95 5.70
N ASP D 551 -28.37 -5.94 5.89
CA ASP D 551 -27.75 -5.27 7.03
C ASP D 551 -26.67 -4.28 6.55
N ILE D 552 -25.85 -3.81 7.49
CA ILE D 552 -24.84 -2.81 7.17
C ILE D 552 -23.85 -3.35 6.15
N ALA D 553 -23.39 -4.59 6.34
CA ALA D 553 -22.39 -5.19 5.47
C ALA D 553 -22.99 -5.80 4.21
N ASP D 554 -24.28 -5.62 3.97
CA ASP D 554 -24.97 -6.12 2.78
C ASP D 554 -24.89 -7.65 2.71
N THR D 555 -25.45 -8.30 3.74
CA THR D 555 -25.63 -9.74 3.75
C THR D 555 -26.99 -10.05 4.36
N THR D 556 -27.57 -11.16 3.94
CA THR D 556 -28.93 -11.50 4.35
C THR D 556 -28.97 -11.89 5.82
N ASP D 557 -29.95 -11.35 6.55
CA ASP D 557 -30.15 -11.73 7.94
C ASP D 557 -31.61 -11.95 8.30
N ALA D 558 -32.52 -11.94 7.32
CA ALA D 558 -33.93 -12.23 7.54
C ALA D 558 -34.54 -12.72 6.24
N VAL D 559 -35.17 -13.90 6.29
CA VAL D 559 -35.66 -14.56 5.09
C VAL D 559 -37.12 -14.95 5.28
N ARG D 560 -37.78 -15.26 4.16
CA ARG D 560 -39.18 -15.66 4.15
C ARG D 560 -39.27 -17.08 3.59
N ASP D 561 -39.93 -17.96 4.34
CA ASP D 561 -40.02 -19.37 3.92
C ASP D 561 -40.91 -19.49 2.70
N PRO D 562 -40.44 -20.15 1.62
CA PRO D 562 -41.26 -20.22 0.40
C PRO D 562 -42.60 -20.93 0.57
N GLN D 563 -42.67 -21.95 1.44
CA GLN D 563 -43.89 -22.74 1.54
C GLN D 563 -44.90 -22.07 2.46
N THR D 564 -44.51 -21.77 3.69
CA THR D 564 -45.34 -21.03 4.63
C THR D 564 -44.79 -19.62 4.76
N LEU D 565 -45.67 -18.62 4.61
CA LEU D 565 -45.25 -17.22 4.57
C LEU D 565 -44.86 -16.79 5.99
N GLU D 566 -43.65 -17.18 6.39
CA GLU D 566 -43.12 -16.90 7.72
C GLU D 566 -41.72 -16.34 7.59
N ILE D 567 -41.36 -15.45 8.51
CA ILE D 567 -40.08 -14.77 8.50
C ILE D 567 -39.17 -15.40 9.55
N LEU D 568 -37.92 -15.66 9.16
CA LEU D 568 -36.92 -16.24 10.03
C LEU D 568 -35.70 -15.33 10.09
N ASP D 569 -35.07 -15.28 11.27
CA ASP D 569 -33.86 -14.51 11.50
C ASP D 569 -32.66 -15.43 11.49
N ILE D 570 -31.63 -15.05 10.74
CA ILE D 570 -30.42 -15.85 10.57
C ILE D 570 -29.30 -15.20 11.36
N THR D 571 -28.61 -15.98 12.19
CA THR D 571 -27.43 -15.46 12.85
C THR D 571 -26.28 -16.45 12.74
N PRO D 572 -25.05 -15.97 12.60
CA PRO D 572 -23.91 -16.89 12.50
C PRO D 572 -23.70 -17.68 13.77
N CYS D 573 -23.18 -18.90 13.61
CA CYS D 573 -22.91 -19.76 14.75
C CYS D 573 -21.73 -19.23 15.56
N SER D 574 -21.63 -19.71 16.80
CA SER D 574 -20.65 -19.18 17.73
C SER D 574 -19.22 -19.45 17.26
N PHE D 575 -18.34 -18.48 17.50
CA PHE D 575 -16.94 -18.59 17.15
C PHE D 575 -16.13 -17.66 18.06
N GLY D 576 -14.83 -17.91 18.11
CA GLY D 576 -13.96 -17.09 18.94
C GLY D 576 -12.51 -17.45 18.74
N GLY D 577 -11.66 -16.80 19.53
CA GLY D 577 -10.21 -16.98 19.44
C GLY D 577 -9.66 -17.68 20.66
N VAL D 578 -8.52 -18.35 20.47
CA VAL D 578 -7.88 -19.15 21.52
C VAL D 578 -6.45 -18.66 21.70
N SER D 579 -6.04 -18.48 22.95
CA SER D 579 -4.66 -18.14 23.28
C SER D 579 -4.07 -19.22 24.17
N VAL D 580 -2.75 -19.40 24.07
CA VAL D 580 -2.05 -20.44 24.82
C VAL D 580 -1.03 -19.75 25.73
N ILE D 581 -1.14 -20.01 27.03
CA ILE D 581 -0.27 -19.45 28.04
C ILE D 581 0.67 -20.56 28.51
N THR D 582 1.96 -20.35 28.35
CA THR D 582 2.94 -21.37 28.67
C THR D 582 4.23 -20.74 29.15
N PRO D 583 4.91 -21.36 30.10
CA PRO D 583 6.31 -21.01 30.38
C PRO D 583 7.18 -21.60 29.28
N GLY D 584 8.48 -21.30 29.35
CA GLY D 584 9.39 -21.79 28.35
C GLY D 584 9.45 -23.30 28.31
N THR D 585 9.68 -23.84 27.12
CA THR D 585 9.77 -25.29 26.96
C THR D 585 10.94 -25.87 27.74
N ASN D 586 11.94 -25.06 28.08
CA ASN D 586 13.04 -25.50 28.93
C ASN D 586 12.60 -25.78 30.36
N THR D 587 11.39 -25.38 30.74
CA THR D 587 10.89 -25.55 32.09
C THR D 587 9.85 -26.64 32.22
N SER D 588 8.77 -26.59 31.42
CA SER D 588 7.72 -27.59 31.51
C SER D 588 6.94 -27.60 30.20
N ASN D 589 6.17 -28.66 30.02
CA ASN D 589 5.34 -28.85 28.82
C ASN D 589 3.87 -28.60 29.07
N GLN D 590 3.50 -28.05 30.22
CA GLN D 590 2.11 -27.79 30.55
C GLN D 590 1.71 -26.40 30.08
N VAL D 591 0.46 -26.27 29.61
CA VAL D 591 -0.07 -25.02 29.09
C VAL D 591 -1.46 -24.78 29.66
N ALA D 592 -1.88 -23.52 29.59
CA ALA D 592 -3.26 -23.13 29.89
C ALA D 592 -3.86 -22.51 28.63
N VAL D 593 -5.18 -22.67 28.47
CA VAL D 593 -5.86 -22.24 27.26
C VAL D 593 -6.91 -21.20 27.62
N LEU D 594 -6.83 -20.04 26.97
CA LEU D 594 -7.75 -18.93 27.22
C LEU D 594 -8.65 -18.76 26.01
N TYR D 595 -9.95 -18.96 26.21
CA TYR D 595 -10.95 -18.67 25.18
C TYR D 595 -11.37 -17.21 25.34
N GLN D 596 -11.11 -16.40 24.30
CA GLN D 596 -11.23 -14.95 24.43
C GLN D 596 -12.66 -14.50 24.18
N GLY D 597 -13.22 -13.74 25.12
CA GLY D 597 -14.58 -13.20 24.95
C GLY D 597 -15.61 -14.28 24.76
N VAL D 598 -15.49 -15.38 25.50
CA VAL D 598 -16.47 -16.49 25.39
C VAL D 598 -16.90 -16.89 26.80
N ASN D 599 -18.11 -16.50 27.21
CA ASN D 599 -18.62 -16.90 28.54
C ASN D 599 -18.38 -18.40 28.70
N CYS D 600 -17.82 -18.84 29.83
CA CYS D 600 -17.47 -20.27 29.95
C CYS D 600 -18.73 -21.10 30.18
N THR D 601 -19.68 -21.04 29.24
CA THR D 601 -20.91 -21.88 29.31
C THR D 601 -21.04 -22.53 27.92
N GLU D 602 -20.17 -22.13 27.00
CA GLU D 602 -20.13 -22.70 25.65
C GLU D 602 -18.71 -23.14 25.34
N VAL D 603 -18.42 -24.41 25.62
CA VAL D 603 -17.12 -25.01 25.33
C VAL D 603 -15.98 -24.24 25.97
N GLN D 611 -19.20 -30.03 17.65
CA GLN D 611 -18.12 -30.29 16.71
C GLN D 611 -17.22 -29.06 16.58
N LEU D 612 -16.27 -28.92 17.51
CA LEU D 612 -15.38 -27.78 17.50
C LEU D 612 -14.31 -27.92 16.42
N THR D 613 -13.84 -26.78 15.92
CA THR D 613 -12.77 -26.80 14.92
C THR D 613 -11.48 -27.42 15.45
N PRO D 614 -10.96 -27.08 16.63
CA PRO D 614 -9.77 -27.78 17.11
C PRO D 614 -10.09 -29.22 17.46
N THR D 615 -9.32 -30.14 16.88
CA THR D 615 -9.60 -31.56 17.07
C THR D 615 -9.34 -32.00 18.51
N TRP D 616 -8.28 -31.49 19.13
CA TRP D 616 -8.04 -31.78 20.53
C TRP D 616 -9.17 -31.20 21.38
N ARG D 617 -9.66 -31.98 22.33
CA ARG D 617 -10.80 -31.58 23.13
C ARG D 617 -10.39 -31.40 24.59
N VAL D 618 -11.07 -30.49 25.26
CA VAL D 618 -10.81 -30.19 26.67
C VAL D 618 -11.90 -30.85 27.50
N TYR D 619 -11.52 -31.35 28.66
CA TYR D 619 -12.45 -31.93 29.63
C TYR D 619 -12.40 -31.11 30.91
N SER D 620 -13.57 -30.69 31.37
CA SER D 620 -13.66 -29.74 32.48
C SER D 620 -13.79 -30.51 33.79
N THR D 621 -12.82 -30.31 34.68
CA THR D 621 -12.89 -30.82 36.04
C THR D 621 -13.41 -29.71 36.95
N GLY D 622 -13.39 -29.95 38.26
CA GLY D 622 -14.02 -29.02 39.19
C GLY D 622 -13.38 -27.65 39.22
N SER D 623 -12.05 -27.61 39.30
CA SER D 623 -11.34 -26.38 39.60
C SER D 623 -10.48 -25.86 38.45
N ASN D 624 -10.44 -26.54 37.31
CA ASN D 624 -9.59 -26.08 36.21
C ASN D 624 -10.21 -24.88 35.48
N VAL D 625 -11.53 -24.85 35.35
CA VAL D 625 -12.21 -23.82 34.58
C VAL D 625 -12.41 -22.59 35.45
N PHE D 626 -11.96 -21.44 34.94
CA PHE D 626 -12.09 -20.15 35.62
C PHE D 626 -12.64 -19.15 34.62
N GLN D 627 -13.36 -18.15 35.11
CA GLN D 627 -13.95 -17.14 34.26
C GLN D 627 -13.39 -15.77 34.64
N THR D 628 -12.81 -15.07 33.66
CA THR D 628 -12.30 -13.73 33.85
C THR D 628 -13.12 -12.75 33.03
N ARG D 629 -12.73 -11.47 33.08
CA ARG D 629 -13.40 -10.46 32.28
C ARG D 629 -12.84 -10.39 30.86
N ALA D 630 -11.79 -11.14 30.55
CA ALA D 630 -11.22 -11.20 29.21
C ALA D 630 -11.55 -12.52 28.51
N GLY D 631 -12.42 -13.33 29.09
CA GLY D 631 -12.75 -14.63 28.54
C GLY D 631 -12.81 -15.69 29.62
N CYS D 632 -12.46 -16.93 29.29
CA CYS D 632 -12.37 -17.94 30.33
C CYS D 632 -11.15 -18.83 30.14
N LEU D 633 -10.55 -19.20 31.26
CA LEU D 633 -9.27 -19.86 31.33
C LEU D 633 -9.45 -21.33 31.72
N ILE D 634 -8.73 -22.21 31.05
CA ILE D 634 -8.78 -23.64 31.29
C ILE D 634 -7.36 -24.11 31.61
N GLY D 635 -7.21 -24.83 32.71
CA GLY D 635 -5.93 -25.36 33.11
C GLY D 635 -5.15 -24.54 34.12
N ALA D 636 -5.77 -23.54 34.75
CA ALA D 636 -5.10 -22.69 35.72
C ALA D 636 -5.91 -22.62 37.00
N GLU D 637 -5.20 -22.52 38.13
CA GLU D 637 -5.80 -22.48 39.45
C GLU D 637 -5.74 -21.06 40.00
N TYR D 638 -6.81 -20.64 40.66
CA TYR D 638 -6.93 -19.30 41.21
C TYR D 638 -6.59 -19.28 42.69
N VAL D 639 -5.77 -18.30 43.08
CA VAL D 639 -5.37 -18.11 44.47
C VAL D 639 -5.49 -16.63 44.81
N ASN D 640 -5.72 -16.34 46.10
CA ASN D 640 -5.73 -14.96 46.55
C ASN D 640 -4.34 -14.35 46.73
N ASN D 641 -3.29 -15.16 46.81
CA ASN D 641 -1.96 -14.59 46.95
C ASN D 641 -1.64 -13.69 45.76
N SER D 642 -1.13 -12.49 46.05
CA SER D 642 -0.87 -11.47 45.05
C SER D 642 0.64 -11.25 44.94
N TYR D 643 1.15 -11.33 43.71
CA TYR D 643 2.56 -11.09 43.43
C TYR D 643 2.68 -10.12 42.25
N GLU D 644 3.91 -9.89 41.83
CA GLU D 644 4.16 -9.11 40.63
C GLU D 644 3.71 -9.89 39.39
N CYS D 645 3.36 -9.15 38.34
CA CYS D 645 2.86 -9.79 37.13
C CYS D 645 3.98 -10.57 36.43
N ASP D 646 3.64 -11.76 35.94
CA ASP D 646 4.58 -12.60 35.21
C ASP D 646 4.17 -12.78 33.76
N ILE D 647 2.96 -13.27 33.50
CA ILE D 647 2.43 -13.41 32.15
C ILE D 647 1.08 -12.70 32.09
N PRO D 648 1.00 -11.50 31.51
CA PRO D 648 -0.28 -10.78 31.49
C PRO D 648 -1.35 -11.55 30.73
N ILE D 649 -2.58 -11.43 31.21
CA ILE D 649 -3.71 -12.13 30.61
C ILE D 649 -4.79 -11.14 30.19
N GLY D 650 -5.36 -10.41 31.14
CA GLY D 650 -6.50 -9.55 30.89
C GLY D 650 -6.61 -8.43 31.87
N ALA D 651 -7.83 -8.13 32.30
CA ALA D 651 -8.12 -6.98 33.14
C ALA D 651 -7.66 -7.26 34.56
N GLY D 652 -6.43 -6.86 34.87
CA GLY D 652 -5.89 -6.99 36.21
C GLY D 652 -5.70 -8.41 36.69
N ILE D 653 -5.29 -9.32 35.81
CA ILE D 653 -5.02 -10.71 36.16
C ILE D 653 -3.75 -11.15 35.45
N CYS D 654 -2.90 -11.88 36.17
CA CYS D 654 -1.68 -12.42 35.61
C CYS D 654 -1.61 -13.92 35.93
N ALA D 655 -0.63 -14.59 35.31
CA ALA D 655 -0.45 -16.02 35.52
C ALA D 655 1.03 -16.31 35.69
N SER D 656 1.33 -17.42 36.36
CA SER D 656 2.71 -17.81 36.62
C SER D 656 2.76 -19.32 36.84
N TYR D 657 3.99 -19.83 36.89
CA TYR D 657 4.23 -21.26 37.01
C TYR D 657 4.65 -21.60 38.44
N GLN D 658 3.93 -22.54 39.05
CA GLN D 658 4.24 -22.97 40.41
C GLN D 658 5.36 -24.02 40.39
N THR D 659 5.85 -24.35 41.59
CA THR D 659 6.94 -25.31 41.71
C THR D 659 6.48 -26.72 41.30
N GLN D 660 5.24 -27.08 41.63
CA GLN D 660 4.73 -28.42 41.34
C GLN D 660 4.66 -28.66 39.84
N SER D 672 -4.58 -28.74 43.04
CA SER D 672 -3.32 -28.23 42.54
C SER D 672 -3.16 -28.56 41.05
N GLN D 673 -2.96 -27.52 40.23
CA GLN D 673 -2.92 -27.68 38.78
C GLN D 673 -1.76 -26.87 38.19
N SER D 674 -0.61 -26.91 38.85
CA SER D 674 0.61 -26.28 38.34
C SER D 674 0.44 -24.79 38.09
N ILE D 675 0.14 -24.41 36.85
CA ILE D 675 0.04 -23.00 36.49
C ILE D 675 -1.06 -22.34 37.31
N ILE D 676 -0.72 -21.20 37.92
CA ILE D 676 -1.64 -20.47 38.78
C ILE D 676 -1.95 -19.13 38.13
N ALA D 677 -3.16 -18.63 38.41
CA ALA D 677 -3.61 -17.33 37.94
C ALA D 677 -4.05 -16.50 39.14
N TYR D 678 -3.53 -15.28 39.23
CA TYR D 678 -3.76 -14.42 40.38
C TYR D 678 -4.02 -13.00 39.92
N THR D 679 -4.19 -12.11 40.89
CA THR D 679 -4.39 -10.68 40.63
C THR D 679 -3.09 -9.94 40.90
N MET D 680 -2.69 -9.08 39.97
CA MET D 680 -1.42 -8.38 40.09
C MET D 680 -1.45 -7.39 41.25
N SER D 681 -0.28 -7.16 41.84
CA SER D 681 -0.13 -6.30 43.00
C SER D 681 0.55 -5.01 42.58
N LEU D 682 -0.04 -3.88 42.98
CA LEU D 682 0.48 -2.58 42.56
C LEU D 682 1.81 -2.26 43.25
N GLY D 683 1.87 -2.44 44.56
CA GLY D 683 3.09 -2.15 45.28
C GLY D 683 2.91 -2.41 46.76
N ALA D 684 4.03 -2.30 47.49
CA ALA D 684 4.01 -2.51 48.93
C ALA D 684 3.27 -1.39 49.64
N GLU D 685 2.52 -1.76 50.67
CA GLU D 685 1.74 -0.77 51.42
C GLU D 685 2.65 0.09 52.28
N ASN D 686 2.26 1.35 52.43
CA ASN D 686 3.03 2.30 53.23
C ASN D 686 2.10 3.40 53.70
N SER D 687 2.53 4.11 54.75
CA SER D 687 1.77 5.23 55.27
C SER D 687 2.72 6.11 56.06
N VAL D 688 2.93 7.34 55.59
CA VAL D 688 3.86 8.26 56.25
C VAL D 688 3.12 8.99 57.35
N ALA D 689 3.71 9.01 58.54
CA ALA D 689 3.10 9.67 59.68
C ALA D 689 3.24 11.18 59.48
N TYR D 690 2.14 11.85 59.20
CA TYR D 690 2.17 13.30 58.99
C TYR D 690 1.71 14.01 60.26
N SER D 691 2.57 14.88 60.80
CA SER D 691 2.10 15.83 61.81
C SER D 691 2.60 17.24 61.47
N ASN D 692 1.95 18.20 62.12
CA ASN D 692 2.02 19.63 61.83
C ASN D 692 2.89 20.39 62.84
N ASN D 693 3.75 19.68 63.57
CA ASN D 693 4.90 20.26 64.25
C ASN D 693 6.08 19.29 64.26
N SER D 694 6.18 18.45 63.23
CA SER D 694 7.19 17.40 63.15
C SER D 694 7.81 17.36 61.77
N ILE D 695 9.11 17.09 61.73
CA ILE D 695 9.86 16.95 60.48
C ILE D 695 10.76 15.73 60.59
N ALA D 696 11.22 15.25 59.43
CA ALA D 696 12.16 14.15 59.35
C ALA D 696 13.35 14.61 58.52
N ILE D 697 14.54 14.55 59.11
CA ILE D 697 15.76 15.06 58.49
C ILE D 697 16.72 13.90 58.31
N PRO D 698 17.27 13.66 57.12
CA PRO D 698 18.24 12.59 56.95
C PRO D 698 19.53 12.91 57.66
N THR D 699 20.24 11.85 58.09
CA THR D 699 21.51 12.05 58.77
C THR D 699 22.68 11.39 58.03
N ASN D 700 22.45 10.75 56.87
CA ASN D 700 23.54 10.03 56.21
C ASN D 700 23.19 9.77 54.75
N PHE D 701 24.19 9.41 53.94
CA PHE D 701 23.95 9.42 52.50
C PHE D 701 24.45 8.13 51.83
N THR D 702 24.10 8.02 50.54
CA THR D 702 24.52 6.88 49.72
C THR D 702 24.71 7.31 48.28
N ILE D 703 25.86 6.96 47.69
CA ILE D 703 26.14 7.23 46.29
C ILE D 703 25.77 6.00 45.47
N SER D 704 24.94 6.20 44.45
CA SER D 704 24.43 5.11 43.64
C SER D 704 24.78 5.32 42.18
N VAL D 705 25.00 4.22 41.46
CA VAL D 705 25.34 4.26 40.04
C VAL D 705 24.34 3.39 39.29
N THR D 706 23.69 3.96 38.28
CA THR D 706 22.68 3.26 37.49
C THR D 706 23.04 3.33 36.02
N THR D 707 22.45 2.42 35.24
CA THR D 707 22.72 2.33 33.81
C THR D 707 21.44 2.59 33.01
N GLU D 708 21.63 3.18 31.83
CA GLU D 708 20.52 3.47 30.92
C GLU D 708 20.97 3.21 29.49
N ILE D 709 20.16 2.48 28.73
CA ILE D 709 20.54 2.00 27.40
C ILE D 709 19.64 2.67 26.38
N LEU D 710 20.24 3.17 25.28
CA LEU D 710 19.47 3.84 24.24
C LEU D 710 19.96 3.43 22.85
N PRO D 711 19.07 2.97 21.98
CA PRO D 711 19.44 2.74 20.58
C PRO D 711 19.71 4.04 19.85
N VAL D 712 20.56 3.97 18.84
CA VAL D 712 20.92 5.17 18.08
C VAL D 712 20.67 4.96 16.59
N SER D 713 21.20 3.88 16.02
CA SER D 713 21.12 3.66 14.59
C SER D 713 20.74 2.20 14.32
N MET D 714 20.35 1.94 13.07
CA MET D 714 20.01 0.57 12.65
C MET D 714 20.70 0.22 11.34
N THR D 715 20.37 -0.95 10.80
CA THR D 715 21.07 -1.46 9.63
C THR D 715 20.68 -0.68 8.38
N LYS D 716 21.66 -0.43 7.51
CA LYS D 716 21.45 0.24 6.23
C LYS D 716 21.43 -0.79 5.12
N THR D 717 20.30 -0.89 4.42
CA THR D 717 20.12 -1.88 3.37
C THR D 717 19.86 -1.21 2.04
N SER D 718 20.07 -1.98 0.97
CA SER D 718 19.80 -1.55 -0.39
C SER D 718 19.16 -2.69 -1.16
N VAL D 719 18.18 -2.35 -1.99
CA VAL D 719 17.36 -3.33 -2.72
C VAL D 719 17.45 -3.03 -4.21
N ASP D 720 17.58 -4.08 -5.02
CA ASP D 720 17.60 -3.97 -6.46
C ASP D 720 16.26 -4.47 -7.01
N CYS D 721 15.64 -3.65 -7.87
CA CYS D 721 14.32 -3.98 -8.39
C CYS D 721 14.37 -5.12 -9.41
N THR D 722 15.13 -4.92 -10.48
CA THR D 722 15.07 -5.83 -11.63
C THR D 722 15.48 -7.24 -11.23
N MET D 723 16.52 -7.35 -10.40
CA MET D 723 17.01 -8.67 -10.01
C MET D 723 16.04 -9.35 -9.04
N TYR D 724 15.44 -8.59 -8.13
CA TYR D 724 14.50 -9.19 -7.19
C TYR D 724 13.22 -9.65 -7.89
N ILE D 725 12.69 -8.83 -8.78
CA ILE D 725 11.40 -9.12 -9.39
C ILE D 725 11.55 -10.09 -10.55
N CYS D 726 12.51 -9.83 -11.44
CA CYS D 726 12.64 -10.58 -12.68
C CYS D 726 13.87 -11.48 -12.74
N GLY D 727 15.01 -11.03 -12.20
CA GLY D 727 16.22 -11.81 -12.30
C GLY D 727 16.98 -11.55 -13.59
N ASP D 728 17.43 -12.61 -14.24
CA ASP D 728 18.13 -12.48 -15.52
C ASP D 728 17.18 -12.52 -16.71
N SER D 729 15.88 -12.67 -16.49
CA SER D 729 14.92 -12.71 -17.58
C SER D 729 14.82 -11.34 -18.25
N THR D 730 14.61 -11.36 -19.57
CA THR D 730 14.49 -10.15 -20.36
C THR D 730 13.05 -9.76 -20.64
N GLU D 731 12.16 -10.73 -20.87
CA GLU D 731 10.76 -10.41 -21.09
C GLU D 731 10.12 -9.81 -19.85
N CYS D 732 10.47 -10.32 -18.67
CA CYS D 732 9.93 -9.77 -17.43
C CYS D 732 10.35 -8.32 -17.23
N SER D 733 11.61 -8.01 -17.53
CA SER D 733 12.08 -6.63 -17.39
C SER D 733 11.36 -5.71 -18.37
N ASN D 734 11.12 -6.17 -19.59
CA ASN D 734 10.39 -5.36 -20.56
C ASN D 734 8.96 -5.12 -20.09
N LEU D 735 8.32 -6.15 -19.53
CA LEU D 735 6.96 -5.95 -19.00
C LEU D 735 6.97 -4.99 -17.82
N LEU D 736 7.98 -5.09 -16.95
CA LEU D 736 8.06 -4.21 -15.78
C LEU D 736 8.39 -2.77 -16.15
N LEU D 737 9.02 -2.56 -17.31
CA LEU D 737 9.41 -1.22 -17.72
C LEU D 737 8.22 -0.29 -17.90
N GLN D 738 7.03 -0.83 -18.15
CA GLN D 738 5.85 0.00 -18.42
C GLN D 738 4.94 0.15 -17.21
N TYR D 739 5.41 -0.20 -16.01
CA TYR D 739 4.62 -0.05 -14.80
C TYR D 739 4.84 1.29 -14.11
N GLY D 740 5.64 2.17 -14.67
CA GLY D 740 5.85 3.48 -14.09
C GLY D 740 7.24 3.70 -13.54
N SER D 741 7.33 4.43 -12.43
CA SER D 741 8.62 4.75 -11.79
C SER D 741 8.54 4.48 -10.30
N PHE D 742 7.99 3.32 -9.92
CA PHE D 742 7.94 2.94 -8.52
C PHE D 742 9.33 2.68 -7.97
N CYS D 743 10.21 2.10 -8.80
CA CYS D 743 11.52 1.66 -8.31
C CYS D 743 12.41 2.84 -7.96
N THR D 744 12.32 3.93 -8.72
CA THR D 744 13.07 5.13 -8.36
C THR D 744 12.64 5.65 -7.00
N GLN D 745 11.33 5.63 -6.72
CA GLN D 745 10.84 6.04 -5.42
C GLN D 745 11.36 5.15 -4.30
N LEU D 746 11.35 3.83 -4.52
CA LEU D 746 11.85 2.91 -3.51
C LEU D 746 13.33 3.14 -3.24
N LYS D 747 14.13 3.30 -4.29
CA LYS D 747 15.55 3.57 -4.13
C LYS D 747 15.78 4.88 -3.38
N ARG D 748 15.01 5.92 -3.71
CA ARG D 748 15.17 7.20 -3.02
C ARG D 748 14.86 7.07 -1.54
N ALA D 749 13.79 6.35 -1.19
CA ALA D 749 13.43 6.18 0.22
C ALA D 749 14.53 5.44 0.97
N LEU D 750 15.05 4.36 0.39
CA LEU D 750 16.08 3.59 1.06
C LEU D 750 17.37 4.40 1.22
N THR D 751 17.73 5.18 0.20
CA THR D 751 18.92 6.03 0.29
C THR D 751 18.74 7.08 1.39
N GLY D 752 17.55 7.67 1.48
CA GLY D 752 17.30 8.63 2.54
C GLY D 752 17.47 8.03 3.93
N ILE D 753 16.92 6.83 4.13
CA ILE D 753 17.09 6.15 5.43
C ILE D 753 18.57 5.89 5.70
N ALA D 754 19.29 5.42 4.69
CA ALA D 754 20.71 5.09 4.87
C ALA D 754 21.52 6.32 5.28
N VAL D 755 21.22 7.48 4.67
CA VAL D 755 21.92 8.70 5.06
C VAL D 755 21.50 9.13 6.47
N GLU D 756 20.22 8.98 6.80
CA GLU D 756 19.74 9.40 8.11
C GLU D 756 20.43 8.64 9.23
N GLN D 757 20.75 7.36 9.03
CA GLN D 757 21.41 6.61 10.10
C GLN D 757 22.78 7.22 10.45
N ASP D 758 23.57 7.52 9.42
CA ASP D 758 24.87 8.15 9.65
C ASP D 758 24.71 9.52 10.30
N LYS D 759 23.69 10.27 9.88
CA LYS D 759 23.43 11.56 10.51
C LYS D 759 23.15 11.39 12.00
N ASN D 760 22.35 10.38 12.35
CA ASN D 760 22.04 10.12 13.75
C ASN D 760 23.29 9.84 14.56
N THR D 761 24.13 8.92 14.08
CA THR D 761 25.33 8.58 14.84
C THR D 761 26.26 9.78 14.98
N GLN D 762 26.47 10.53 13.89
CA GLN D 762 27.35 11.68 13.94
C GLN D 762 26.82 12.74 14.90
N GLU D 763 25.51 12.98 14.89
CA GLU D 763 24.94 13.97 15.80
C GLU D 763 25.10 13.54 17.25
N VAL D 764 24.89 12.25 17.54
CA VAL D 764 24.92 11.80 18.93
C VAL D 764 26.33 11.83 19.49
N PHE D 765 27.31 11.31 18.75
CA PHE D 765 28.60 10.97 19.34
C PHE D 765 29.69 12.03 19.15
N ALA D 766 29.40 13.15 18.50
CA ALA D 766 30.46 14.08 18.08
C ALA D 766 30.19 15.49 18.60
N GLN D 767 29.91 15.61 19.90
CA GLN D 767 29.64 16.92 20.48
C GLN D 767 30.88 17.81 20.51
N VAL D 768 32.02 17.25 20.91
CA VAL D 768 33.25 18.02 21.06
C VAL D 768 34.15 17.80 19.85
N LYS D 769 34.90 18.83 19.48
CA LYS D 769 35.79 18.80 18.32
C LYS D 769 37.26 18.79 18.70
N GLN D 770 37.58 18.53 19.96
CA GLN D 770 38.95 18.36 20.41
C GLN D 770 39.08 17.03 21.14
N ILE D 771 40.15 16.31 20.86
CA ILE D 771 40.40 15.00 21.44
C ILE D 771 41.36 15.17 22.61
N TYR D 772 40.84 15.00 23.83
CA TYR D 772 41.64 15.18 25.04
C TYR D 772 42.30 13.87 25.45
N LYS D 773 43.40 13.99 26.19
CA LYS D 773 44.14 12.84 26.70
C LYS D 773 44.15 12.87 28.23
N THR D 774 43.91 11.71 28.83
CA THR D 774 44.01 11.59 30.27
C THR D 774 45.47 11.65 30.71
N PRO D 775 45.74 12.19 31.90
CA PRO D 775 47.13 12.30 32.34
C PRO D 775 47.75 10.92 32.54
N PRO D 776 49.07 10.81 32.35
CA PRO D 776 49.71 9.49 32.54
C PRO D 776 49.56 8.93 33.94
N ILE D 777 49.57 9.78 34.97
CA ILE D 777 49.46 9.33 36.34
C ILE D 777 47.97 9.35 36.73
N LYS D 778 47.46 8.19 37.13
CA LYS D 778 46.04 8.04 37.48
C LYS D 778 45.92 8.09 38.99
N TYR D 779 45.59 9.27 39.52
CA TYR D 779 45.27 9.42 40.93
C TYR D 779 44.35 10.63 41.07
N PHE D 780 43.07 10.37 41.35
CA PHE D 780 42.07 11.43 41.37
C PHE D 780 41.44 11.55 42.75
N GLY D 781 42.27 11.55 43.80
CA GLY D 781 41.78 11.66 45.16
C GLY D 781 41.26 10.38 45.76
N GLY D 782 41.43 9.25 45.09
CA GLY D 782 40.93 7.97 45.56
C GLY D 782 39.84 7.36 44.71
N PHE D 783 39.38 8.06 43.67
CA PHE D 783 38.35 7.54 42.79
C PHE D 783 38.99 6.66 41.73
N ASN D 784 38.45 5.47 41.54
CA ASN D 784 39.03 4.48 40.64
C ASN D 784 38.26 4.48 39.33
N PHE D 785 38.87 5.05 38.29
CA PHE D 785 38.26 5.15 36.97
C PHE D 785 38.81 4.12 35.98
N SER D 786 39.47 3.07 36.48
CA SER D 786 40.08 2.08 35.59
C SER D 786 39.04 1.22 34.89
N GLN D 787 37.82 1.15 35.41
CA GLN D 787 36.78 0.33 34.82
C GLN D 787 36.06 0.99 33.66
N ILE D 788 36.35 2.26 33.36
CA ILE D 788 35.73 2.94 32.24
C ILE D 788 36.73 3.56 31.29
N LEU D 789 37.97 3.82 31.71
CA LEU D 789 38.97 4.38 30.80
C LEU D 789 39.48 3.31 29.85
N PRO D 790 40.00 3.71 28.69
CA PRO D 790 40.42 2.72 27.69
C PRO D 790 41.59 1.87 28.20
N ASP D 791 41.65 0.63 27.69
CA ASP D 791 42.70 -0.31 28.06
C ASP D 791 43.73 -0.35 26.94
N PRO D 792 44.95 0.15 27.15
CA PRO D 792 45.93 0.17 26.05
C PRO D 792 46.50 -1.18 25.71
N SER D 793 46.42 -2.17 26.61
CA SER D 793 46.99 -3.48 26.33
C SER D 793 46.29 -4.17 25.17
N LYS D 794 44.96 -4.10 25.14
CA LYS D 794 44.21 -4.74 24.07
C LYS D 794 44.38 -3.96 22.77
N PRO D 795 44.43 -4.64 21.62
CA PRO D 795 44.54 -3.93 20.34
C PRO D 795 43.36 -3.02 20.05
N SER D 796 42.16 -3.37 20.53
CA SER D 796 40.97 -2.60 20.20
C SER D 796 40.89 -1.28 20.96
N LYS D 797 41.62 -1.15 22.06
CA LYS D 797 41.61 0.06 22.89
C LYS D 797 40.20 0.38 23.38
N ARG D 798 39.62 -0.55 24.13
CA ARG D 798 38.28 -0.40 24.67
C ARG D 798 38.28 -0.74 26.15
N SER D 799 37.45 -0.04 26.92
CA SER D 799 37.35 -0.27 28.35
C SER D 799 36.69 -1.63 28.63
N PRO D 800 36.92 -2.19 29.82
CA PRO D 800 36.32 -3.51 30.11
C PRO D 800 34.81 -3.55 29.98
N ILE D 801 34.12 -2.49 30.40
CA ILE D 801 32.67 -2.47 30.27
C ILE D 801 32.26 -2.40 28.80
N GLU D 802 33.01 -1.65 28.00
CA GLU D 802 32.76 -1.63 26.56
C GLU D 802 32.96 -3.01 25.95
N ASP D 803 33.99 -3.73 26.40
CA ASP D 803 34.22 -5.09 25.92
C ASP D 803 33.05 -6.00 26.29
N LEU D 804 32.57 -5.90 27.53
CA LEU D 804 31.44 -6.72 27.95
C LEU D 804 30.20 -6.41 27.12
N LEU D 805 29.94 -5.11 26.88
CA LEU D 805 28.78 -4.74 26.08
C LEU D 805 28.90 -5.26 24.65
N PHE D 806 30.10 -5.16 24.06
CA PHE D 806 30.28 -5.63 22.69
C PHE D 806 30.13 -7.14 22.58
N ASN D 807 30.64 -7.88 23.57
CA ASN D 807 30.48 -9.33 23.54
C ASN D 807 29.06 -9.77 23.86
N LYS D 808 28.29 -8.96 24.59
CA LYS D 808 26.95 -9.36 24.99
C LYS D 808 25.95 -9.30 23.85
N VAL D 809 26.14 -8.39 22.90
CA VAL D 809 25.21 -8.21 21.78
C VAL D 809 25.82 -8.87 20.55
N THR D 810 25.09 -9.83 19.98
CA THR D 810 25.52 -10.49 18.76
C THR D 810 25.04 -9.72 17.54
N LEU D 811 25.76 -9.88 16.43
CA LEU D 811 25.49 -9.14 15.21
C LEU D 811 25.29 -10.13 14.07
N ALA D 812 24.31 -9.84 13.21
CA ALA D 812 23.98 -10.72 12.08
C ALA D 812 24.87 -10.44 10.88
N ASP D 813 24.83 -9.22 10.36
CA ASP D 813 25.68 -8.82 9.25
C ASP D 813 26.33 -7.48 9.60
N ALA D 814 27.64 -7.42 9.48
CA ALA D 814 28.39 -6.22 9.83
C ALA D 814 28.64 -5.30 8.64
N GLY D 815 28.14 -5.64 7.46
CA GLY D 815 28.36 -4.83 6.28
C GLY D 815 29.73 -4.93 5.68
N PHE D 816 30.54 -5.90 6.10
CA PHE D 816 31.90 -6.06 5.59
C PHE D 816 31.89 -6.76 4.25
N ILE D 817 33.05 -7.22 3.79
CA ILE D 817 33.16 -7.85 2.48
C ILE D 817 32.65 -9.29 2.56
N LYS D 818 31.35 -9.46 2.27
CA LYS D 818 30.77 -10.79 2.08
C LYS D 818 31.07 -11.22 0.66
N GLN D 819 32.30 -11.68 0.46
CA GLN D 819 32.80 -11.97 -0.88
C GLN D 819 32.03 -13.12 -1.51
N TYR D 820 31.80 -13.02 -2.83
CA TYR D 820 31.10 -14.07 -3.56
C TYR D 820 31.85 -15.40 -3.50
N GLY D 821 33.17 -15.35 -3.29
CA GLY D 821 33.92 -16.59 -3.14
C GLY D 821 33.48 -17.39 -1.93
N ASP D 822 33.11 -16.70 -0.85
CA ASP D 822 32.62 -17.40 0.34
C ASP D 822 31.30 -18.13 0.05
N CYS D 823 30.40 -17.47 -0.68
CA CYS D 823 29.13 -18.11 -1.03
C CYS D 823 29.33 -19.26 -2.00
N LEU D 824 30.26 -19.11 -2.96
CA LEU D 824 30.56 -20.16 -3.91
C LEU D 824 31.42 -21.28 -3.32
N GLY D 825 31.98 -21.08 -2.12
CA GLY D 825 32.85 -22.09 -1.53
C GLY D 825 32.17 -23.43 -1.37
N ASP D 826 30.85 -23.45 -1.27
CA ASP D 826 30.06 -24.68 -1.26
C ASP D 826 30.47 -25.59 -0.11
N ILE D 827 30.27 -25.08 1.11
CA ILE D 827 30.61 -25.81 2.33
C ILE D 827 29.45 -26.70 2.72
N ALA D 828 28.46 -26.83 1.82
CA ALA D 828 27.23 -27.59 2.02
C ALA D 828 26.39 -27.03 3.16
N ALA D 829 26.66 -25.81 3.61
CA ALA D 829 25.89 -25.14 4.66
C ALA D 829 25.53 -23.76 4.12
N ARG D 830 24.41 -23.67 3.41
CA ARG D 830 23.98 -22.43 2.76
C ARG D 830 23.18 -21.63 3.78
N ASP D 831 23.81 -20.60 4.34
CA ASP D 831 23.16 -19.73 5.31
C ASP D 831 22.21 -18.77 4.59
N LEU D 832 21.52 -17.93 5.38
CA LEU D 832 20.55 -17.00 4.82
C LEU D 832 21.21 -15.82 4.11
N ILE D 833 22.44 -15.47 4.49
CA ILE D 833 23.09 -14.29 3.93
C ILE D 833 23.34 -14.47 2.43
N CYS D 834 23.79 -15.66 2.02
CA CYS D 834 24.00 -15.92 0.60
C CYS D 834 22.68 -15.85 -0.17
N ALA D 835 21.61 -16.40 0.41
CA ALA D 835 20.30 -16.35 -0.26
C ALA D 835 19.83 -14.92 -0.42
N GLN D 836 20.01 -14.08 0.61
CA GLN D 836 19.65 -12.67 0.48
C GLN D 836 20.50 -11.98 -0.57
N LYS D 837 21.81 -12.27 -0.59
CA LYS D 837 22.72 -11.62 -1.53
C LYS D 837 22.37 -11.97 -2.98
N PHE D 838 22.03 -13.23 -3.24
CA PHE D 838 21.77 -13.68 -4.59
C PHE D 838 20.50 -13.07 -5.20
N ASN D 839 19.65 -12.43 -4.39
CA ASN D 839 18.38 -11.91 -4.88
C ASN D 839 18.35 -10.39 -4.94
N GLY D 840 19.48 -9.72 -4.75
CA GLY D 840 19.54 -8.28 -4.92
C GLY D 840 19.39 -7.45 -3.67
N LEU D 841 19.51 -8.04 -2.49
CA LEU D 841 19.43 -7.32 -1.23
C LEU D 841 20.81 -7.28 -0.60
N THR D 842 21.31 -6.08 -0.29
CA THR D 842 22.63 -5.91 0.27
C THR D 842 22.57 -5.04 1.52
N VAL D 843 23.60 -5.15 2.35
CA VAL D 843 23.74 -4.35 3.56
C VAL D 843 25.03 -3.54 3.45
N LEU D 844 24.92 -2.21 3.63
CA LEU D 844 26.05 -1.30 3.50
C LEU D 844 26.73 -1.09 4.86
N PRO D 845 28.02 -0.75 4.87
CA PRO D 845 28.72 -0.56 6.14
C PRO D 845 28.58 0.87 6.64
N PRO D 846 28.65 1.08 7.94
CA PRO D 846 28.54 2.43 8.49
C PRO D 846 29.78 3.27 8.17
N LEU D 847 29.59 4.59 8.22
CA LEU D 847 30.69 5.50 7.91
C LEU D 847 31.71 5.56 9.04
N LEU D 848 31.25 5.45 10.29
CA LEU D 848 32.12 5.55 11.45
C LEU D 848 32.40 4.16 11.99
N THR D 849 33.66 3.74 11.91
CA THR D 849 34.06 2.46 12.48
C THR D 849 34.03 2.53 14.00
N ASP D 850 34.03 1.34 14.62
CA ASP D 850 33.92 1.27 16.07
C ASP D 850 35.10 1.92 16.77
N GLU D 851 36.27 1.92 16.13
CA GLU D 851 37.43 2.58 16.72
C GLU D 851 37.22 4.08 16.86
N MET D 852 36.60 4.71 15.86
CA MET D 852 36.34 6.14 15.92
C MET D 852 35.35 6.48 17.04
N ILE D 853 34.32 5.65 17.20
CA ILE D 853 33.35 5.86 18.28
C ILE D 853 34.02 5.69 19.63
N ALA D 854 34.90 4.69 19.75
CA ALA D 854 35.63 4.50 21.00
C ALA D 854 36.52 5.70 21.29
N GLN D 855 37.18 6.26 20.27
CA GLN D 855 38.00 7.45 20.46
C GLN D 855 37.16 8.63 20.92
N TYR D 856 35.97 8.80 20.33
CA TYR D 856 35.08 9.89 20.75
C TYR D 856 34.67 9.74 22.21
N THR D 857 34.28 8.52 22.60
CA THR D 857 33.87 8.29 23.98
C THR D 857 35.01 8.52 24.95
N SER D 858 36.22 8.06 24.61
CA SER D 858 37.38 8.27 25.48
C SER D 858 37.71 9.75 25.60
N ALA D 859 37.59 10.51 24.50
CA ALA D 859 37.83 11.95 24.56
C ALA D 859 36.83 12.62 25.49
N LEU D 860 35.56 12.25 25.39
CA LEU D 860 34.55 12.83 26.28
C LEU D 860 34.83 12.50 27.73
N LEU D 861 35.21 11.25 28.01
CA LEU D 861 35.49 10.85 29.39
C LEU D 861 36.68 11.61 29.96
N ALA D 862 37.77 11.73 29.17
CA ALA D 862 38.94 12.46 29.65
C ALA D 862 38.62 13.93 29.88
N GLY D 863 37.85 14.53 28.96
CA GLY D 863 37.48 15.92 29.13
C GLY D 863 36.62 16.16 30.37
N THR D 864 35.65 15.28 30.62
CA THR D 864 34.81 15.46 31.79
C THR D 864 35.49 15.07 33.09
N ILE D 865 36.60 14.33 33.03
CA ILE D 865 37.34 14.01 34.24
C ILE D 865 38.34 15.09 34.60
N THR D 866 39.06 15.64 33.63
CA THR D 866 40.11 16.61 33.93
C THR D 866 39.65 18.05 33.88
N SER D 867 38.43 18.35 33.44
CA SER D 867 37.98 19.72 33.28
C SER D 867 36.65 20.03 33.96
N GLY D 868 35.85 19.05 34.30
CA GLY D 868 34.53 19.30 34.89
C GLY D 868 33.48 19.47 33.80
N TRP D 869 32.82 20.62 33.78
CA TRP D 869 31.84 20.93 32.74
C TRP D 869 32.23 22.14 31.90
N THR D 870 33.42 22.70 32.11
CA THR D 870 33.84 23.88 31.37
C THR D 870 34.20 23.55 29.93
N PHE D 871 34.60 22.32 29.64
CA PHE D 871 34.98 21.96 28.28
C PHE D 871 33.80 21.91 27.31
N GLY D 872 32.58 21.97 27.81
CA GLY D 872 31.40 22.04 26.98
C GLY D 872 30.85 23.43 26.77
N ALA D 873 31.56 24.47 27.23
CA ALA D 873 31.09 25.85 27.06
C ALA D 873 32.22 26.79 26.69
N GLY D 874 33.43 26.30 26.45
CA GLY D 874 34.55 27.14 26.13
C GLY D 874 35.85 26.38 26.24
N PRO D 875 36.95 27.09 26.50
CA PRO D 875 38.23 26.40 26.70
C PRO D 875 38.19 25.53 27.94
N ALA D 876 38.91 24.41 27.87
CA ALA D 876 38.95 23.50 29.01
C ALA D 876 39.84 24.07 30.11
N LEU D 877 39.29 24.16 31.32
CA LEU D 877 39.99 24.71 32.47
C LEU D 877 40.20 23.61 33.50
N GLN D 878 41.45 23.38 33.87
CA GLN D 878 41.80 22.33 34.80
C GLN D 878 41.23 22.60 36.19
N ILE D 879 41.04 21.53 36.95
CA ILE D 879 40.58 21.61 38.33
C ILE D 879 40.81 20.26 39.00
N PRO D 880 41.30 20.23 40.25
CA PRO D 880 41.43 18.95 40.97
C PRO D 880 40.07 18.29 41.15
N PHE D 881 40.07 16.96 41.11
CA PHE D 881 38.81 16.23 41.19
C PHE D 881 38.07 16.41 42.51
N PRO D 882 38.70 16.36 43.69
CA PRO D 882 37.93 16.59 44.92
C PRO D 882 37.24 17.95 44.96
N MET D 883 37.85 18.99 44.40
CA MET D 883 37.20 20.29 44.34
C MET D 883 35.99 20.25 43.40
N GLN D 884 36.11 19.54 42.27
CA GLN D 884 34.98 19.40 41.37
C GLN D 884 33.82 18.65 42.05
N MET D 885 34.15 17.61 42.82
CA MET D 885 33.12 16.90 43.57
C MET D 885 32.50 17.82 44.63
N ALA D 886 33.31 18.66 45.27
CA ALA D 886 32.77 19.60 46.26
C ALA D 886 31.78 20.55 45.62
N TYR D 887 32.10 21.06 44.43
CA TYR D 887 31.20 21.98 43.75
C TYR D 887 29.95 21.28 43.24
N ARG D 888 30.07 20.03 42.79
CA ARG D 888 28.87 19.28 42.41
C ARG D 888 28.00 18.98 43.62
N PHE D 889 28.60 18.75 44.79
CA PHE D 889 27.83 18.64 46.02
C PHE D 889 27.12 19.95 46.35
N ASN D 890 27.83 21.07 46.22
CA ASN D 890 27.22 22.37 46.49
C ASN D 890 26.09 22.69 45.53
N GLY D 891 26.12 22.09 44.34
CA GLY D 891 25.07 22.34 43.37
C GLY D 891 23.69 21.85 43.82
N ILE D 892 23.65 20.77 44.60
CA ILE D 892 22.38 20.15 44.99
C ILE D 892 21.90 20.61 46.36
N GLY D 893 22.57 21.60 46.96
CA GLY D 893 22.12 22.16 48.22
C GLY D 893 22.81 21.65 49.46
N VAL D 894 23.87 20.85 49.33
CA VAL D 894 24.65 20.36 50.46
C VAL D 894 25.98 21.10 50.46
N THR D 895 26.36 21.65 51.61
CA THR D 895 27.54 22.49 51.71
C THR D 895 28.81 21.69 51.37
N GLN D 896 29.91 22.43 51.18
CA GLN D 896 31.16 21.81 50.74
C GLN D 896 31.78 20.95 51.84
N ASN D 897 31.68 21.40 53.10
CA ASN D 897 32.37 20.71 54.18
C ASN D 897 31.86 19.30 54.41
N VAL D 898 30.72 18.94 53.85
CA VAL D 898 30.23 17.57 53.93
C VAL D 898 31.16 16.62 53.19
N LEU D 899 31.72 17.07 52.06
CA LEU D 899 32.59 16.20 51.28
C LEU D 899 34.00 16.12 51.87
N TYR D 900 34.61 17.28 52.13
CA TYR D 900 36.01 17.30 52.56
C TYR D 900 36.24 16.54 53.85
N GLU D 901 35.22 16.40 54.69
CA GLU D 901 35.31 15.61 55.91
C GLU D 901 34.88 14.17 55.72
N ASN D 902 34.41 13.80 54.53
CA ASN D 902 33.95 12.44 54.25
C ASN D 902 34.44 12.00 52.88
N GLN D 903 35.70 12.30 52.56
CA GLN D 903 36.22 11.99 51.23
C GLN D 903 36.46 10.50 51.04
N LYS D 904 37.05 9.84 52.04
CA LYS D 904 37.39 8.43 51.91
C LYS D 904 36.15 7.56 51.79
N LEU D 905 35.13 7.83 52.61
CA LEU D 905 33.90 7.04 52.56
C LEU D 905 33.20 7.19 51.21
N ILE D 906 33.14 8.41 50.69
CA ILE D 906 32.50 8.64 49.40
C ILE D 906 33.29 7.97 48.29
N ALA D 907 34.62 8.02 48.35
CA ALA D 907 35.43 7.35 47.35
C ALA D 907 35.21 5.84 47.36
N ASN D 908 35.17 5.24 48.56
CA ASN D 908 34.93 3.81 48.68
C ASN D 908 33.55 3.44 48.14
N GLN D 909 32.54 4.23 48.48
CA GLN D 909 31.18 3.96 47.99
C GLN D 909 31.12 4.04 46.47
N PHE D 910 31.77 5.06 45.89
CA PHE D 910 31.79 5.18 44.43
C PHE D 910 32.50 4.00 43.78
N ASN D 911 33.62 3.57 44.36
CA ASN D 911 34.36 2.43 43.80
C ASN D 911 33.52 1.17 43.84
N SER D 912 32.85 0.91 44.97
CA SER D 912 32.01 -0.29 45.08
C SER D 912 30.83 -0.23 44.12
N ALA D 913 30.21 0.94 43.99
CA ALA D 913 29.08 1.08 43.07
C ALA D 913 29.51 0.85 41.63
N ILE D 914 30.68 1.35 41.24
CA ILE D 914 31.19 1.08 39.90
C ILE D 914 31.49 -0.40 39.72
N GLY D 915 32.08 -1.03 40.75
CA GLY D 915 32.45 -2.43 40.63
C GLY D 915 31.26 -3.35 40.46
N LYS D 916 30.15 -3.07 41.15
CA LYS D 916 28.98 -3.93 41.06
C LYS D 916 28.34 -3.91 39.67
N ILE D 917 28.61 -2.88 38.87
CA ILE D 917 27.93 -2.70 37.58
C ILE D 917 28.29 -3.83 36.62
N GLN D 918 29.56 -4.23 36.58
CA GLN D 918 29.98 -5.28 35.64
C GLN D 918 29.29 -6.60 35.96
N ASP D 919 29.24 -6.97 37.24
CA ASP D 919 28.58 -8.21 37.62
C ASP D 919 27.08 -8.13 37.38
N SER D 920 26.46 -6.96 37.61
CA SER D 920 25.05 -6.81 37.32
C SER D 920 24.77 -6.98 35.84
N LEU D 921 25.62 -6.41 34.98
CA LEU D 921 25.45 -6.56 33.54
C LEU D 921 25.63 -8.00 33.10
N SER D 922 26.64 -8.69 33.64
CA SER D 922 26.93 -10.05 33.19
C SER D 922 25.85 -11.03 33.66
N SER D 923 25.45 -10.94 34.93
CA SER D 923 24.52 -11.92 35.48
C SER D 923 23.14 -11.85 34.82
N THR D 924 22.65 -10.64 34.58
CA THR D 924 21.32 -10.49 34.00
C THR D 924 21.33 -10.97 32.54
N PRO D 925 20.41 -11.85 32.15
CA PRO D 925 20.45 -12.40 30.79
C PRO D 925 19.90 -11.46 29.73
N SER D 926 18.89 -10.67 30.07
CA SER D 926 18.19 -9.81 29.12
C SER D 926 18.48 -8.32 29.39
N ALA D 927 19.72 -8.01 29.74
CA ALA D 927 20.08 -6.62 30.02
C ALA D 927 20.02 -5.77 28.75
N LEU D 928 20.65 -6.23 27.67
CA LEU D 928 20.70 -5.48 26.42
C LEU D 928 19.67 -6.02 25.43
N GLY D 929 18.40 -5.82 25.80
CA GLY D 929 17.31 -6.25 24.91
C GLY D 929 16.97 -5.23 23.84
N LYS D 930 17.05 -3.94 24.18
CA LYS D 930 16.71 -2.90 23.22
C LYS D 930 17.64 -2.93 22.01
N LEU D 931 18.93 -3.15 22.23
CA LEU D 931 19.89 -3.17 21.13
C LEU D 931 19.77 -4.45 20.31
N GLN D 932 19.33 -5.55 20.93
CA GLN D 932 19.16 -6.81 20.20
C GLN D 932 17.89 -6.82 19.36
N ASP D 933 16.84 -6.14 19.82
CA ASP D 933 15.58 -6.14 19.09
C ASP D 933 15.73 -5.53 17.70
N VAL D 934 16.60 -4.52 17.56
CA VAL D 934 16.81 -3.89 16.25
C VAL D 934 17.35 -4.91 15.26
N VAL D 935 18.40 -5.63 15.64
CA VAL D 935 18.98 -6.63 14.76
C VAL D 935 17.98 -7.72 14.45
N ASN D 936 17.25 -8.19 15.46
CA ASN D 936 16.28 -9.26 15.23
C ASN D 936 15.20 -8.82 14.26
N HIS D 937 14.67 -7.60 14.42
CA HIS D 937 13.61 -7.13 13.55
C HIS D 937 14.09 -6.96 12.12
N ASN D 938 15.28 -6.37 11.93
CA ASN D 938 15.80 -6.21 10.57
C ASN D 938 16.03 -7.55 9.90
N ALA D 939 16.61 -8.51 10.63
CA ALA D 939 16.84 -9.84 10.06
C ALA D 939 15.53 -10.52 9.70
N GLN D 940 14.51 -10.40 10.57
CA GLN D 940 13.21 -10.99 10.28
C GLN D 940 12.59 -10.39 9.03
N ALA D 941 12.67 -9.06 8.89
CA ALA D 941 12.10 -8.42 7.70
C ALA D 941 12.80 -8.90 6.43
N LEU D 942 14.13 -8.97 6.45
CA LEU D 942 14.84 -9.42 5.26
C LEU D 942 14.53 -10.88 4.93
N ASN D 943 14.45 -11.74 5.95
CA ASN D 943 14.15 -13.14 5.71
C ASN D 943 12.75 -13.32 5.16
N THR D 944 11.77 -12.57 5.68
CA THR D 944 10.42 -12.63 5.14
C THR D 944 10.38 -12.17 3.68
N LEU D 945 11.12 -11.10 3.37
CA LEU D 945 11.17 -10.63 1.98
C LEU D 945 11.76 -11.69 1.07
N VAL D 946 12.80 -12.38 1.51
CA VAL D 946 13.39 -13.43 0.69
C VAL D 946 12.43 -14.60 0.51
N LYS D 947 11.77 -15.01 1.60
CA LYS D 947 10.85 -16.15 1.54
C LYS D 947 9.60 -15.85 0.72
N GLN D 948 9.26 -14.57 0.52
CA GLN D 948 8.08 -14.23 -0.27
C GLN D 948 8.20 -14.66 -1.72
N LEU D 949 9.40 -14.99 -2.19
CA LEU D 949 9.61 -15.30 -3.61
C LEU D 949 9.05 -16.65 -4.03
N SER D 950 8.60 -17.49 -3.09
CA SER D 950 8.16 -18.84 -3.40
C SER D 950 6.65 -18.97 -3.52
N SER D 951 5.92 -17.85 -3.59
CA SER D 951 4.48 -17.87 -3.69
C SER D 951 4.03 -17.74 -5.14
N LYS D 952 2.89 -18.34 -5.45
CA LYS D 952 2.38 -18.37 -6.81
C LYS D 952 1.62 -17.11 -7.20
N PHE D 953 0.93 -16.47 -6.25
CA PHE D 953 0.12 -15.28 -6.50
C PHE D 953 -0.96 -15.54 -7.54
N GLY D 954 -1.41 -16.79 -7.66
CA GLY D 954 -2.42 -17.16 -8.61
C GLY D 954 -1.92 -17.68 -9.94
N ALA D 955 -0.62 -17.56 -10.21
CA ALA D 955 -0.06 -18.04 -11.46
C ALA D 955 0.08 -19.57 -11.41
N ILE D 956 0.59 -20.14 -12.50
CA ILE D 956 0.75 -21.59 -12.57
C ILE D 956 2.08 -22.07 -12.00
N SER D 957 3.07 -21.18 -11.88
CA SER D 957 4.35 -21.56 -11.31
C SER D 957 5.03 -20.32 -10.77
N SER D 958 5.89 -20.52 -9.77
CA SER D 958 6.60 -19.43 -9.12
C SER D 958 7.99 -19.19 -9.71
N VAL D 959 8.36 -19.91 -10.76
CA VAL D 959 9.64 -19.73 -11.43
C VAL D 959 9.38 -19.22 -12.84
N LEU D 960 10.01 -18.10 -13.19
CA LEU D 960 9.73 -17.46 -14.47
C LEU D 960 10.18 -18.31 -15.65
N ASN D 961 11.25 -19.09 -15.49
CA ASN D 961 11.73 -19.92 -16.58
C ASN D 961 10.71 -21.00 -16.97
N ASP D 962 10.05 -21.59 -15.97
CA ASP D 962 9.01 -22.57 -16.27
C ASP D 962 7.85 -21.95 -17.04
N ILE D 963 7.41 -20.77 -16.63
CA ILE D 963 6.32 -20.08 -17.34
C ILE D 963 6.75 -19.74 -18.75
N LEU D 964 8.01 -19.33 -18.93
CA LEU D 964 8.47 -18.96 -20.26
C LEU D 964 8.64 -20.17 -21.17
N SER D 965 8.98 -21.33 -20.61
CA SER D 965 9.23 -22.52 -21.39
C SER D 965 8.02 -23.43 -21.55
N ARG D 966 6.93 -23.18 -20.82
CA ARG D 966 5.76 -24.05 -20.87
C ARG D 966 4.54 -23.41 -21.53
N LEU D 967 4.61 -22.14 -21.91
CA LEU D 967 3.45 -21.44 -22.42
C LEU D 967 3.81 -20.66 -23.68
N ASP D 968 2.77 -20.27 -24.42
CA ASP D 968 2.94 -19.52 -25.65
C ASP D 968 3.47 -18.11 -25.36
N PRO D 969 4.11 -17.48 -26.34
CA PRO D 969 4.63 -16.11 -26.14
C PRO D 969 3.55 -15.13 -25.70
N PRO D 970 2.35 -15.12 -26.32
CA PRO D 970 1.35 -14.14 -25.90
C PRO D 970 0.48 -14.60 -24.73
N GLU D 971 0.59 -15.85 -24.31
CA GLU D 971 -0.16 -16.36 -23.16
C GLU D 971 0.65 -16.35 -21.87
N ALA D 972 1.91 -15.90 -21.92
CA ALA D 972 2.75 -15.84 -20.73
C ALA D 972 2.67 -14.51 -20.02
N GLU D 973 2.28 -13.43 -20.71
CA GLU D 973 2.18 -12.13 -20.07
C GLU D 973 1.11 -12.12 -18.99
N VAL D 974 -0.03 -12.76 -19.25
CA VAL D 974 -1.12 -12.78 -18.28
C VAL D 974 -0.72 -13.52 -17.01
N GLN D 975 0.30 -14.38 -17.07
CA GLN D 975 0.82 -15.04 -15.89
C GLN D 975 1.93 -14.25 -15.22
N ILE D 976 2.82 -13.63 -16.01
CA ILE D 976 3.92 -12.87 -15.45
C ILE D 976 3.41 -11.62 -14.73
N ASP D 977 2.28 -11.07 -15.18
CA ASP D 977 1.74 -9.86 -14.56
C ASP D 977 1.38 -10.09 -13.10
N ARG D 978 0.82 -11.25 -12.79
CA ARG D 978 0.46 -11.55 -11.40
C ARG D 978 1.69 -11.58 -10.51
N LEU D 979 2.76 -12.23 -10.96
CA LEU D 979 3.99 -12.27 -10.19
C LEU D 979 4.56 -10.87 -10.00
N ILE D 980 4.55 -10.05 -11.06
CA ILE D 980 5.09 -8.70 -10.97
C ILE D 980 4.32 -7.88 -9.95
N THR D 981 2.98 -7.95 -10.01
CA THR D 981 2.16 -7.19 -9.07
C THR D 981 2.39 -7.65 -7.63
N GLY D 982 2.45 -8.96 -7.40
CA GLY D 982 2.67 -9.46 -6.06
C GLY D 982 4.00 -9.03 -5.49
N ARG D 983 5.06 -9.15 -6.29
CA ARG D 983 6.38 -8.77 -5.79
C ARG D 983 6.50 -7.27 -5.57
N LEU D 984 5.85 -6.45 -6.42
CA LEU D 984 5.82 -5.02 -6.17
C LEU D 984 5.10 -4.70 -4.87
N GLN D 985 3.99 -5.39 -4.59
CA GLN D 985 3.29 -5.18 -3.32
C GLN D 985 4.17 -5.53 -2.14
N SER D 986 4.89 -6.66 -2.21
CA SER D 986 5.79 -7.04 -1.13
C SER D 986 6.87 -5.99 -0.90
N LEU D 987 7.47 -5.50 -1.99
CA LEU D 987 8.52 -4.49 -1.85
C LEU D 987 7.97 -3.20 -1.22
N GLN D 988 6.78 -2.78 -1.64
CA GLN D 988 6.20 -1.57 -1.08
C GLN D 988 5.93 -1.73 0.41
N THR D 989 5.41 -2.90 0.82
CA THR D 989 5.18 -3.14 2.24
C THR D 989 6.48 -3.06 3.04
N TYR D 990 7.54 -3.69 2.52
CA TYR D 990 8.82 -3.66 3.22
C TYR D 990 9.34 -2.24 3.37
N VAL D 991 9.24 -1.44 2.30
CA VAL D 991 9.75 -0.08 2.33
C VAL D 991 8.99 0.76 3.35
N THR D 992 7.66 0.63 3.38
CA THR D 992 6.87 1.40 4.33
C THR D 992 7.22 1.03 5.77
N GLN D 993 7.38 -0.27 6.04
CA GLN D 993 7.75 -0.69 7.39
C GLN D 993 9.10 -0.12 7.79
N GLN D 994 10.06 -0.14 6.87
CA GLN D 994 11.38 0.42 7.16
C GLN D 994 11.29 1.91 7.45
N LEU D 995 10.45 2.63 6.72
CA LEU D 995 10.30 4.06 6.97
C LEU D 995 9.79 4.33 8.37
N ILE D 996 8.76 3.59 8.81
CA ILE D 996 8.22 3.81 10.15
C ILE D 996 9.25 3.50 11.22
N ARG D 997 9.96 2.37 11.07
CA ARG D 997 10.98 2.01 12.05
C ARG D 997 12.09 3.06 12.10
N ALA D 998 12.49 3.58 10.95
CA ALA D 998 13.52 4.61 10.92
C ALA D 998 13.08 5.87 11.65
N ALA D 999 11.81 6.25 11.49
CA ALA D 999 11.31 7.42 12.23
C ALA D 999 11.41 7.21 13.73
N GLU D 1000 10.99 6.03 14.20
CA GLU D 1000 11.06 5.76 15.64
C GLU D 1000 12.51 5.80 16.14
N ILE D 1001 13.42 5.21 15.37
CA ILE D 1001 14.83 5.19 15.78
C ILE D 1001 15.41 6.60 15.79
N ARG D 1002 14.97 7.45 14.86
CA ARG D 1002 15.41 8.84 14.86
C ARG D 1002 14.96 9.56 16.11
N ALA D 1003 13.71 9.33 16.54
CA ALA D 1003 13.26 9.93 17.80
C ALA D 1003 14.12 9.48 18.97
N SER D 1004 14.43 8.19 19.03
CA SER D 1004 15.28 7.69 20.11
C SER D 1004 16.67 8.33 20.07
N ALA D 1005 17.23 8.49 18.87
CA ALA D 1005 18.55 9.09 18.74
C ALA D 1005 18.55 10.55 19.19
N ASN D 1006 17.49 11.29 18.86
CA ASN D 1006 17.39 12.67 19.34
C ASN D 1006 17.34 12.73 20.86
N LEU D 1007 16.57 11.83 21.48
CA LEU D 1007 16.54 11.80 22.94
C LEU D 1007 17.91 11.49 23.52
N ALA D 1008 18.64 10.54 22.91
CA ALA D 1008 19.97 10.21 23.39
C ALA D 1008 20.93 11.39 23.28
N ALA D 1009 20.86 12.12 22.16
CA ALA D 1009 21.71 13.30 22.00
C ALA D 1009 21.41 14.36 23.04
N THR D 1010 20.12 14.59 23.32
CA THR D 1010 19.75 15.55 24.36
C THR D 1010 20.29 15.12 25.72
N LYS D 1011 20.16 13.84 26.05
CA LYS D 1011 20.70 13.34 27.32
C LYS D 1011 22.21 13.54 27.39
N MET D 1012 22.91 13.27 26.30
CA MET D 1012 24.36 13.44 26.29
C MET D 1012 24.73 14.91 26.50
N SER D 1013 24.00 15.82 25.86
CA SER D 1013 24.33 17.24 25.98
C SER D 1013 24.01 17.78 27.36
N GLU D 1014 22.98 17.25 28.03
CA GLU D 1014 22.53 17.86 29.28
C GLU D 1014 23.05 17.18 30.54
N CYS D 1015 23.22 15.86 30.55
CA CYS D 1015 23.67 15.19 31.76
C CYS D 1015 25.17 14.97 31.81
N VAL D 1016 25.84 14.89 30.67
CA VAL D 1016 27.28 14.62 30.64
C VAL D 1016 28.09 15.91 30.67
N LEU D 1017 27.80 16.84 29.77
CA LEU D 1017 28.55 18.09 29.70
C LEU D 1017 28.17 19.07 30.80
N GLY D 1018 27.21 18.72 31.65
CA GLY D 1018 26.82 19.58 32.75
C GLY D 1018 26.05 18.81 33.78
N GLN D 1019 25.52 19.55 34.76
CA GLN D 1019 24.71 18.97 35.82
C GLN D 1019 23.25 19.36 35.60
N SER D 1020 22.34 18.45 35.91
CA SER D 1020 20.93 18.60 35.61
C SER D 1020 20.11 18.69 36.89
N LYS D 1021 19.22 19.66 36.96
CA LYS D 1021 18.26 19.78 38.05
C LYS D 1021 16.89 19.20 37.69
N ARG D 1022 16.75 18.62 36.49
CA ARG D 1022 15.49 18.01 36.10
C ARG D 1022 15.31 16.68 36.84
N VAL D 1023 14.09 16.45 37.33
CA VAL D 1023 13.81 15.29 38.15
C VAL D 1023 13.69 14.06 37.27
N ASP D 1024 14.40 13.00 37.65
CA ASP D 1024 14.31 11.69 37.01
C ASP D 1024 14.63 11.74 35.52
N PHE D 1025 15.47 12.70 35.10
CA PHE D 1025 15.96 12.77 33.74
C PHE D 1025 17.31 12.10 33.56
N CYS D 1026 18.24 12.30 34.50
CA CYS D 1026 19.56 11.69 34.42
C CYS D 1026 19.79 10.76 35.61
N GLY D 1027 18.79 9.95 35.92
CA GLY D 1027 18.87 9.00 37.01
C GLY D 1027 17.81 9.26 38.07
N LYS D 1028 17.77 8.35 39.03
CA LYS D 1028 16.87 8.46 40.17
C LYS D 1028 17.64 8.96 41.38
N GLY D 1029 17.17 10.06 41.97
CA GLY D 1029 17.87 10.70 43.06
C GLY D 1029 18.36 12.08 42.66
N TYR D 1030 19.38 12.58 43.35
CA TYR D 1030 19.97 13.87 43.04
C TYR D 1030 21.21 13.66 42.17
N HIS D 1031 21.22 14.28 41.01
CA HIS D 1031 22.23 13.99 39.99
C HIS D 1031 23.57 14.64 40.35
N LEU D 1032 24.65 13.88 40.11
CA LEU D 1032 26.00 14.40 40.29
C LEU D 1032 26.77 14.46 38.96
N MET D 1033 26.90 13.33 38.25
CA MET D 1033 27.54 13.32 36.94
C MET D 1033 27.28 11.97 36.27
N SER D 1034 27.53 11.92 34.97
CA SER D 1034 27.31 10.72 34.19
C SER D 1034 28.52 10.42 33.32
N PHE D 1035 28.68 9.14 33.00
CA PHE D 1035 29.77 8.67 32.14
C PHE D 1035 29.19 7.88 30.98
N PRO D 1036 29.58 8.19 29.74
CA PRO D 1036 29.05 7.45 28.59
C PRO D 1036 29.93 6.28 28.17
N GLN D 1037 29.27 5.29 27.58
CA GLN D 1037 29.94 4.14 26.97
C GLN D 1037 29.21 3.78 25.68
N SER D 1038 29.95 3.19 24.75
CA SER D 1038 29.37 2.80 23.47
C SER D 1038 28.92 1.34 23.51
N ALA D 1039 28.10 0.98 22.52
CA ALA D 1039 27.63 -0.39 22.38
C ALA D 1039 27.15 -0.57 20.95
N PRO D 1040 27.11 -1.81 20.45
CA PRO D 1040 26.64 -2.04 19.07
C PRO D 1040 25.26 -1.45 18.84
N HIS D 1041 25.20 -0.43 17.98
CA HIS D 1041 23.96 0.27 17.65
C HIS D 1041 23.32 0.91 18.88
N GLY D 1042 24.14 1.50 19.76
CA GLY D 1042 23.55 2.18 20.90
C GLY D 1042 24.57 2.75 21.85
N VAL D 1043 24.06 3.44 22.86
CA VAL D 1043 24.86 4.09 23.88
C VAL D 1043 24.34 3.68 25.26
N VAL D 1044 25.23 3.69 26.24
CA VAL D 1044 24.91 3.30 27.61
C VAL D 1044 25.44 4.37 28.55
N PHE D 1045 24.55 4.99 29.30
CA PHE D 1045 24.92 6.02 30.28
C PHE D 1045 25.02 5.42 31.67
N LEU D 1046 26.02 5.86 32.41
CA LEU D 1046 26.22 5.49 33.81
C LEU D 1046 25.99 6.75 34.63
N HIS D 1047 24.84 6.84 35.27
CA HIS D 1047 24.47 7.99 36.08
C HIS D 1047 24.90 7.77 37.52
N VAL D 1048 25.39 8.83 38.16
CA VAL D 1048 25.78 8.82 39.56
C VAL D 1048 24.85 9.75 40.32
N THR D 1049 24.26 9.27 41.41
CA THR D 1049 23.26 10.02 42.14
C THR D 1049 23.52 9.92 43.64
N TYR D 1050 23.01 10.91 44.36
CA TYR D 1050 23.15 11.04 45.80
C TYR D 1050 21.78 10.84 46.43
N VAL D 1051 21.66 9.87 47.33
CA VAL D 1051 20.39 9.46 47.90
C VAL D 1051 20.48 9.58 49.42
N PRO D 1052 19.58 10.29 50.08
CA PRO D 1052 19.61 10.37 51.53
C PRO D 1052 19.13 9.08 52.19
N ALA D 1053 19.51 8.92 53.46
CA ALA D 1053 19.18 7.73 54.22
C ALA D 1053 19.42 7.99 55.70
N GLN D 1054 18.80 7.13 56.51
CA GLN D 1054 18.88 7.17 57.98
C GLN D 1054 18.34 8.49 58.53
N GLU D 1055 17.05 8.72 58.27
CA GLU D 1055 16.38 9.92 58.72
C GLU D 1055 16.07 9.83 60.22
N LYS D 1056 15.77 10.99 60.80
CA LYS D 1056 15.40 11.09 62.21
C LYS D 1056 14.28 12.10 62.37
N ASN D 1057 13.45 11.88 63.39
CA ASN D 1057 12.31 12.73 63.70
C ASN D 1057 12.73 13.91 64.57
N PHE D 1058 12.04 15.04 64.38
CA PHE D 1058 12.38 16.27 65.10
C PHE D 1058 11.13 17.14 65.22
N THR D 1059 11.16 18.04 66.20
CA THR D 1059 10.11 19.04 66.41
C THR D 1059 10.60 20.39 65.91
N THR D 1060 9.74 21.08 65.15
CA THR D 1060 10.13 22.29 64.43
C THR D 1060 9.10 23.39 64.62
N ALA D 1061 9.54 24.62 64.36
CA ALA D 1061 8.71 25.82 64.39
C ALA D 1061 9.07 26.68 63.19
N PRO D 1062 8.12 27.50 62.70
CA PRO D 1062 8.42 28.34 61.52
C PRO D 1062 9.25 29.57 61.82
N ALA D 1063 9.23 30.09 63.05
CA ALA D 1063 9.97 31.30 63.38
C ALA D 1063 10.30 31.28 64.86
N ILE D 1064 11.26 32.11 65.24
CA ILE D 1064 11.72 32.20 66.63
C ILE D 1064 11.48 33.62 67.12
N CYS D 1065 10.73 33.76 68.21
CA CYS D 1065 10.42 35.07 68.75
C CYS D 1065 11.44 35.43 69.83
N HIS D 1066 11.89 36.68 69.82
CA HIS D 1066 12.87 37.15 70.79
C HIS D 1066 12.81 38.66 70.85
N ASP D 1067 12.68 39.21 72.06
CA ASP D 1067 12.66 40.66 72.29
C ASP D 1067 11.54 41.32 71.48
N GLY D 1068 10.44 40.61 71.27
CA GLY D 1068 9.34 41.16 70.51
C GLY D 1068 9.56 41.20 69.01
N LYS D 1069 10.51 40.43 68.49
CA LYS D 1069 10.77 40.36 67.07
C LYS D 1069 10.82 38.91 66.62
N ALA D 1070 10.43 38.68 65.36
CA ALA D 1070 10.36 37.33 64.81
C ALA D 1070 11.55 37.12 63.88
N HIS D 1071 12.31 36.04 64.12
CA HIS D 1071 13.47 35.68 63.31
C HIS D 1071 13.13 34.46 62.47
N PHE D 1072 13.43 34.56 61.17
CA PHE D 1072 13.29 33.50 60.19
C PHE D 1072 14.67 33.01 59.74
N PRO D 1073 14.82 31.74 59.37
CA PRO D 1073 16.12 31.25 58.92
C PRO D 1073 16.45 31.71 57.52
N ARG D 1074 17.75 31.91 57.28
CA ARG D 1074 18.20 32.29 55.95
C ARG D 1074 18.26 31.09 55.02
N GLU D 1075 19.07 30.09 55.36
CA GLU D 1075 19.13 28.83 54.63
C GLU D 1075 19.10 27.69 55.65
N GLY D 1076 17.97 27.00 55.73
CA GLY D 1076 17.84 25.90 56.66
C GLY D 1076 16.53 25.90 57.42
N VAL D 1077 16.34 24.91 58.28
CA VAL D 1077 15.13 24.77 59.07
C VAL D 1077 15.49 24.85 60.55
N PHE D 1078 14.53 25.31 61.35
CA PHE D 1078 14.65 25.23 62.79
C PHE D 1078 14.34 23.81 63.25
N VAL D 1079 14.97 23.40 64.35
CA VAL D 1079 14.93 22.02 64.79
C VAL D 1079 15.11 21.99 66.30
N SER D 1080 14.65 20.90 66.92
CA SER D 1080 14.75 20.75 68.37
C SER D 1080 14.93 19.29 68.72
N ASN D 1081 15.85 19.03 69.65
CA ASN D 1081 16.11 17.68 70.12
C ASN D 1081 15.47 17.39 71.48
N GLY D 1082 14.54 18.23 71.92
CA GLY D 1082 13.83 18.00 73.15
C GLY D 1082 13.92 19.13 74.16
N THR D 1083 15.10 19.74 74.26
CA THR D 1083 15.35 20.79 75.23
C THR D 1083 15.71 22.12 74.58
N HIS D 1084 16.67 22.13 73.66
CA HIS D 1084 17.17 23.34 73.04
C HIS D 1084 16.69 23.44 71.59
N TRP D 1085 17.06 24.54 70.95
CA TRP D 1085 16.70 24.81 69.57
C TRP D 1085 17.95 25.04 68.74
N PHE D 1086 17.93 24.57 67.49
CA PHE D 1086 19.04 24.69 66.57
C PHE D 1086 18.51 25.05 65.20
N VAL D 1087 19.42 25.44 64.31
CA VAL D 1087 19.12 25.65 62.90
C VAL D 1087 20.06 24.78 62.08
N THR D 1088 19.50 24.02 61.15
CA THR D 1088 20.27 23.04 60.40
C THR D 1088 19.92 23.09 58.92
N GLN D 1089 20.81 22.55 58.09
CA GLN D 1089 20.55 22.52 56.66
C GLN D 1089 19.48 21.47 56.35
N ARG D 1090 19.17 21.32 55.06
CA ARG D 1090 18.02 20.54 54.63
C ARG D 1090 18.35 19.04 54.51
N ASN D 1091 19.31 18.70 53.66
CA ASN D 1091 19.59 17.32 53.30
C ASN D 1091 20.67 16.69 54.18
N PHE D 1092 20.96 17.29 55.33
CA PHE D 1092 21.94 16.74 56.25
C PHE D 1092 21.66 17.32 57.63
N TYR D 1093 21.93 16.53 58.67
CA TYR D 1093 21.72 16.97 60.05
C TYR D 1093 23.02 17.56 60.57
N GLU D 1094 23.09 18.89 60.63
CA GLU D 1094 24.24 19.59 61.18
C GLU D 1094 23.72 20.73 62.03
N PRO D 1095 23.45 20.48 63.31
CA PRO D 1095 22.85 21.53 64.16
C PRO D 1095 23.85 22.61 64.51
N GLN D 1096 23.37 23.85 64.52
CA GLN D 1096 24.18 25.00 64.88
C GLN D 1096 23.39 25.90 65.83
N ILE D 1097 24.13 26.63 66.67
CA ILE D 1097 23.49 27.59 67.56
C ILE D 1097 22.82 28.69 66.76
N ILE D 1098 21.65 29.14 67.21
CA ILE D 1098 20.93 30.21 66.55
C ILE D 1098 21.57 31.54 66.93
N THR D 1099 22.00 32.30 65.92
CA THR D 1099 22.55 33.63 66.10
C THR D 1099 21.82 34.58 65.16
N THR D 1100 22.26 35.83 65.15
CA THR D 1100 21.73 36.82 64.21
C THR D 1100 22.48 36.84 62.88
N ASP D 1101 23.49 35.99 62.72
CA ASP D 1101 24.22 35.91 61.46
C ASP D 1101 23.46 35.10 60.41
N ASN D 1102 22.67 34.10 60.83
CA ASN D 1102 21.95 33.25 59.91
C ASN D 1102 20.43 33.42 60.03
N THR D 1103 19.97 34.57 60.53
CA THR D 1103 18.55 34.87 60.60
C THR D 1103 18.31 36.32 60.18
N PHE D 1104 17.14 36.56 59.60
CA PHE D 1104 16.67 37.91 59.28
C PHE D 1104 15.33 38.12 59.96
N VAL D 1105 15.12 39.32 60.51
CA VAL D 1105 13.96 39.54 61.37
C VAL D 1105 12.70 39.86 60.57
N SER D 1106 12.67 41.00 59.89
CA SER D 1106 11.63 41.37 58.94
C SER D 1106 10.22 41.00 59.41
N GLY D 1107 9.79 41.60 60.52
CA GLY D 1107 8.41 41.44 60.93
C GLY D 1107 8.21 41.71 62.41
N ASN D 1108 7.08 41.23 62.91
CA ASN D 1108 6.67 41.36 64.30
C ASN D 1108 6.31 39.97 64.84
N CYS D 1109 5.86 39.91 66.08
CA CYS D 1109 5.60 38.65 66.76
C CYS D 1109 4.15 38.51 67.19
N ASP D 1110 3.21 38.88 66.32
CA ASP D 1110 1.80 38.65 66.60
C ASP D 1110 1.01 38.20 65.38
N VAL D 1111 1.65 37.94 64.25
CA VAL D 1111 0.94 37.61 63.02
C VAL D 1111 1.29 36.24 62.47
N VAL D 1112 2.46 35.68 62.79
CA VAL D 1112 2.82 34.35 62.32
C VAL D 1112 2.12 33.30 63.18
N ILE D 1113 1.68 32.23 62.55
CA ILE D 1113 0.98 31.15 63.24
C ILE D 1113 1.99 30.09 63.65
N GLY D 1114 1.99 29.73 64.93
CA GLY D 1114 2.85 28.66 65.41
C GLY D 1114 4.24 29.10 65.82
N ILE D 1115 4.42 30.37 66.16
CA ILE D 1115 5.74 30.85 66.58
C ILE D 1115 6.06 30.35 67.98
N VAL D 1116 7.36 30.17 68.24
CA VAL D 1116 7.87 29.66 69.51
C VAL D 1116 9.01 30.56 69.93
N ASN D 1117 8.92 31.18 71.09
CA ASN D 1117 10.00 32.08 71.47
C ASN D 1117 11.08 31.36 72.28
N ASN D 1118 12.32 31.81 72.07
CA ASN D 1118 13.55 31.27 72.63
C ASN D 1118 14.65 32.27 72.30
N THR D 1119 15.69 32.27 73.12
CA THR D 1119 16.70 33.30 73.01
C THR D 1119 17.51 33.18 71.72
N VAL D 1120 18.05 34.30 71.27
CA VAL D 1120 18.89 34.37 70.09
C VAL D 1120 20.16 35.12 70.46
N TYR D 1121 21.31 34.47 70.30
CA TYR D 1121 22.59 35.02 70.72
C TYR D 1121 23.10 36.02 69.68
N ASP D 1122 24.28 36.59 69.95
CA ASP D 1122 24.85 37.59 69.06
C ASP D 1122 26.36 37.43 68.95
N VAL E 3 -66.68 12.59 -30.81
CA VAL E 3 -67.30 13.91 -30.76
C VAL E 3 -66.61 14.77 -29.70
N ASN E 4 -66.17 15.95 -30.12
CA ASN E 4 -65.43 16.86 -29.24
C ASN E 4 -66.40 17.56 -28.31
N LEU E 5 -66.36 17.20 -27.02
CA LEU E 5 -67.24 17.81 -26.03
C LEU E 5 -66.53 18.08 -24.71
N ILE E 6 -65.20 18.12 -24.70
CA ILE E 6 -64.41 18.27 -23.48
C ILE E 6 -63.59 19.55 -23.59
N THR E 7 -63.62 20.36 -22.53
CA THR E 7 -62.79 21.55 -22.45
C THR E 7 -61.87 21.44 -21.23
N ARG E 8 -60.73 22.13 -21.29
CA ARG E 8 -59.71 21.98 -20.27
C ARG E 8 -59.10 23.32 -19.90
N THR E 9 -58.65 23.42 -18.66
CA THR E 9 -57.93 24.59 -18.15
C THR E 9 -56.76 24.11 -17.30
N GLN E 10 -55.74 24.95 -17.21
CA GLN E 10 -54.53 24.64 -16.46
C GLN E 10 -54.28 25.68 -15.38
N SER E 11 -53.99 25.21 -14.18
CA SER E 11 -53.54 26.04 -13.08
C SER E 11 -52.28 25.40 -12.49
N TYR E 12 -51.49 26.22 -11.81
CA TYR E 12 -50.18 25.78 -11.32
C TYR E 12 -50.12 25.83 -9.81
N THR E 13 -49.30 24.94 -9.24
CA THR E 13 -49.05 24.87 -7.81
C THR E 13 -47.75 24.10 -7.60
N ASN E 14 -47.39 23.91 -6.34
CA ASN E 14 -46.14 23.26 -5.99
C ASN E 14 -46.38 21.84 -5.48
N SER E 15 -45.37 20.99 -5.66
CA SER E 15 -45.45 19.60 -5.24
C SER E 15 -44.98 19.38 -3.80
N PHE E 16 -44.41 20.39 -3.17
CA PHE E 16 -43.88 20.29 -1.79
C PHE E 16 -42.87 19.14 -1.77
N THR E 17 -42.96 18.21 -0.83
CA THR E 17 -42.08 17.05 -0.75
C THR E 17 -42.93 15.80 -0.89
N ARG E 18 -43.20 15.40 -2.14
CA ARG E 18 -44.01 14.24 -2.44
C ARG E 18 -43.40 13.49 -3.61
N GLY E 19 -43.74 12.20 -3.70
CA GLY E 19 -43.28 11.39 -4.80
C GLY E 19 -42.05 10.57 -4.50
N VAL E 20 -41.96 10.03 -3.28
CA VAL E 20 -40.88 9.16 -2.87
C VAL E 20 -41.43 7.73 -2.80
N TYR E 21 -40.70 6.79 -3.39
CA TYR E 21 -41.13 5.40 -3.42
C TYR E 21 -39.98 4.48 -3.05
N TYR E 22 -40.32 3.30 -2.55
CA TYR E 22 -39.31 2.32 -2.21
C TYR E 22 -38.60 1.86 -3.48
N PRO E 23 -37.29 2.07 -3.62
CA PRO E 23 -36.62 1.73 -4.87
C PRO E 23 -36.48 0.24 -5.13
N ASP E 24 -36.47 -0.59 -4.09
CA ASP E 24 -36.29 -2.02 -4.26
C ASP E 24 -37.03 -2.77 -3.16
N LYS E 25 -37.29 -4.05 -3.43
CA LYS E 25 -38.09 -4.89 -2.53
C LYS E 25 -37.18 -5.64 -1.56
N VAL E 26 -36.47 -4.86 -0.74
CA VAL E 26 -35.56 -5.41 0.27
C VAL E 26 -35.80 -4.66 1.58
N PHE E 27 -36.00 -5.41 2.65
CA PHE E 27 -36.25 -4.81 3.96
C PHE E 27 -34.99 -4.17 4.51
N ARG E 28 -35.15 -2.97 5.06
CA ARG E 28 -34.06 -2.26 5.73
C ARG E 28 -34.63 -1.54 6.95
N SER E 29 -33.78 -1.34 7.96
CA SER E 29 -34.23 -0.74 9.21
C SER E 29 -33.11 0.07 9.84
N SER E 30 -33.44 1.28 10.29
CA SER E 30 -32.52 2.14 11.04
C SER E 30 -31.22 2.41 10.27
N VAL E 31 -31.34 2.60 8.95
CA VAL E 31 -30.20 2.94 8.12
C VAL E 31 -30.60 4.05 7.16
N LEU E 32 -29.61 4.83 6.73
CA LEU E 32 -29.80 5.89 5.74
C LEU E 32 -29.23 5.39 4.42
N HIS E 33 -30.07 5.36 3.40
CA HIS E 33 -29.71 4.75 2.12
C HIS E 33 -29.68 5.82 1.03
N SER E 34 -28.62 5.81 0.22
CA SER E 34 -28.47 6.74 -0.89
C SER E 34 -28.83 6.01 -2.18
N THR E 35 -29.83 6.54 -2.89
CA THR E 35 -30.30 5.94 -4.13
C THR E 35 -30.22 6.94 -5.27
N GLN E 36 -30.19 6.42 -6.49
CA GLN E 36 -30.13 7.22 -7.70
C GLN E 36 -31.10 6.64 -8.71
N ASP E 37 -32.17 7.35 -9.02
CA ASP E 37 -33.22 6.83 -9.90
C ASP E 37 -34.11 7.98 -10.33
N LEU E 38 -35.20 7.67 -11.02
CA LEU E 38 -36.15 8.66 -11.49
C LEU E 38 -37.05 9.08 -10.34
N PHE E 39 -36.88 10.30 -9.85
CA PHE E 39 -37.67 10.84 -8.75
C PHE E 39 -38.27 12.18 -9.16
N LEU E 40 -39.34 12.55 -8.47
CA LEU E 40 -39.95 13.86 -8.66
C LEU E 40 -39.22 14.87 -7.79
N PRO E 41 -38.62 15.92 -8.37
CA PRO E 41 -37.84 16.86 -7.55
C PRO E 41 -38.72 17.63 -6.58
N PHE E 42 -38.11 18.04 -5.47
CA PHE E 42 -38.81 18.86 -4.50
C PHE E 42 -39.14 20.22 -5.09
N PHE E 43 -40.33 20.74 -4.74
CA PHE E 43 -40.73 22.11 -5.07
C PHE E 43 -40.70 22.36 -6.58
N SER E 44 -41.56 21.64 -7.29
CA SER E 44 -41.64 21.75 -8.74
C SER E 44 -43.07 22.07 -9.16
N ASN E 45 -43.20 22.48 -10.42
CA ASN E 45 -44.50 22.68 -11.03
C ASN E 45 -45.29 21.36 -11.07
N VAL E 46 -46.59 21.45 -10.82
CA VAL E 46 -47.51 20.33 -11.00
C VAL E 46 -48.79 20.89 -11.61
N THR E 47 -49.03 20.60 -12.88
CA THR E 47 -50.10 21.26 -13.62
C THR E 47 -51.45 20.75 -13.15
N TRP E 48 -52.18 21.58 -12.40
CA TRP E 48 -53.48 21.20 -11.84
C TRP E 48 -54.50 21.26 -12.97
N PHE E 49 -54.52 20.19 -13.78
CA PHE E 49 -55.43 20.14 -14.91
C PHE E 49 -56.88 20.04 -14.43
N HIS E 50 -57.77 20.77 -15.11
CA HIS E 50 -59.20 20.76 -14.81
C HIS E 50 -59.97 20.56 -16.10
N ALA E 51 -60.70 19.46 -16.19
CA ALA E 51 -61.49 19.14 -17.38
C ALA E 51 -62.97 19.32 -17.04
N ILE E 52 -63.69 20.00 -17.92
CA ILE E 52 -65.10 20.31 -17.74
C ILE E 52 -65.85 20.01 -19.03
N HIS E 53 -67.08 19.51 -18.89
CA HIS E 53 -67.96 19.31 -20.03
C HIS E 53 -69.40 19.65 -19.65
N ASP E 64 -59.49 21.08 -27.10
CA ASP E 64 -58.82 20.26 -26.10
C ASP E 64 -57.76 19.39 -26.77
N ASN E 65 -56.52 19.52 -26.30
CA ASN E 65 -55.39 18.74 -26.79
C ASN E 65 -54.76 18.06 -25.59
N PRO E 66 -55.36 16.99 -25.09
CA PRO E 66 -54.89 16.37 -23.85
C PRO E 66 -53.77 15.37 -24.08
N ALA E 67 -53.15 15.39 -25.26
CA ALA E 67 -52.02 14.53 -25.57
C ALA E 67 -50.78 15.08 -24.85
N LEU E 68 -50.73 14.81 -23.55
CA LEU E 68 -49.63 15.30 -22.74
C LEU E 68 -48.36 14.50 -23.03
N PRO E 69 -47.22 15.15 -23.23
CA PRO E 69 -45.98 14.40 -23.46
C PRO E 69 -45.60 13.56 -22.25
N PHE E 70 -44.93 12.43 -22.52
CA PHE E 70 -44.58 11.48 -21.48
C PHE E 70 -43.21 11.75 -20.88
N ASN E 71 -42.22 11.99 -21.72
CA ASN E 71 -40.82 12.25 -21.31
C ASN E 71 -40.33 11.04 -20.53
N ASP E 72 -39.55 11.23 -19.46
CA ASP E 72 -38.93 10.10 -18.77
C ASP E 72 -39.94 9.30 -17.98
N GLY E 73 -40.81 9.97 -17.24
CA GLY E 73 -41.81 9.31 -16.43
C GLY E 73 -42.90 10.29 -16.06
N VAL E 74 -43.91 9.81 -15.35
CA VAL E 74 -45.05 10.64 -14.98
C VAL E 74 -45.48 10.34 -13.55
N TYR E 75 -45.70 11.40 -12.77
CA TYR E 75 -46.36 11.31 -11.47
C TYR E 75 -47.77 11.86 -11.63
N PHE E 76 -48.77 11.04 -11.34
CA PHE E 76 -50.17 11.39 -11.48
C PHE E 76 -50.81 11.39 -10.10
N ALA E 77 -51.72 12.33 -9.86
CA ALA E 77 -52.37 12.41 -8.56
C ALA E 77 -53.81 12.85 -8.73
N SER E 78 -54.69 12.33 -7.87
CA SER E 78 -56.09 12.71 -7.90
C SER E 78 -56.67 12.66 -6.51
N THR E 79 -57.54 13.63 -6.19
CA THR E 79 -58.15 13.74 -4.87
C THR E 79 -59.66 13.64 -4.92
N GLU E 80 -60.22 13.17 -6.04
CA GLU E 80 -61.67 13.08 -6.16
C GLU E 80 -62.18 11.78 -5.56
N LYS E 81 -63.50 11.72 -5.34
CA LYS E 81 -64.15 10.55 -4.78
C LYS E 81 -65.20 9.93 -5.70
N SER E 82 -65.69 10.67 -6.69
CA SER E 82 -66.72 10.15 -7.59
C SER E 82 -66.19 9.06 -8.53
N ASN E 83 -64.88 8.87 -8.60
CA ASN E 83 -64.26 7.87 -9.47
C ASN E 83 -64.64 8.07 -10.93
N ILE E 84 -64.76 9.34 -11.33
CA ILE E 84 -65.05 9.65 -12.72
C ILE E 84 -63.87 9.26 -13.62
N ILE E 85 -62.65 9.45 -13.13
CA ILE E 85 -61.47 9.13 -13.91
C ILE E 85 -61.22 7.63 -13.90
N ARG E 86 -60.72 7.12 -15.01
CA ARG E 86 -60.42 5.69 -15.13
C ARG E 86 -59.54 5.41 -16.34
N GLY E 87 -58.47 4.66 -16.15
CA GLY E 87 -57.66 4.18 -17.24
C GLY E 87 -56.73 5.23 -17.83
N TRP E 88 -55.89 4.78 -18.76
CA TRP E 88 -54.90 5.63 -19.39
C TRP E 88 -54.58 5.07 -20.77
N ILE E 89 -53.95 5.90 -21.59
CA ILE E 89 -53.54 5.53 -22.95
C ILE E 89 -52.09 5.96 -23.13
N PHE E 90 -51.30 5.14 -23.80
CA PHE E 90 -49.91 5.46 -24.07
C PHE E 90 -49.57 5.13 -25.51
N GLY E 91 -48.70 5.93 -26.10
CA GLY E 91 -48.29 5.67 -27.47
C GLY E 91 -47.31 6.73 -27.94
N THR E 92 -46.92 6.61 -29.21
CA THR E 92 -46.04 7.58 -29.84
C THR E 92 -46.69 8.33 -30.99
N THR E 93 -47.71 7.76 -31.63
CA THR E 93 -48.49 8.45 -32.64
C THR E 93 -49.99 8.39 -32.39
N LEU E 94 -50.46 7.51 -31.51
CA LEU E 94 -51.88 7.36 -31.19
C LEU E 94 -52.70 7.01 -32.42
N ASP E 95 -52.07 6.33 -33.39
CA ASP E 95 -52.71 5.93 -34.63
C ASP E 95 -52.60 4.42 -34.79
N SER E 96 -53.17 3.92 -35.88
CA SER E 96 -53.12 2.49 -36.18
C SER E 96 -51.82 2.06 -36.83
N LYS E 97 -50.90 3.01 -37.08
CA LYS E 97 -49.61 2.69 -37.65
C LYS E 97 -48.57 2.29 -36.61
N THR E 98 -48.88 2.43 -35.32
CA THR E 98 -47.97 2.07 -34.26
C THR E 98 -48.74 1.50 -33.08
N GLN E 99 -48.08 0.62 -32.32
CA GLN E 99 -48.73 -0.04 -31.20
C GLN E 99 -48.97 0.93 -30.04
N SER E 100 -50.00 0.62 -29.24
CA SER E 100 -50.38 1.47 -28.13
C SER E 100 -51.02 0.64 -27.03
N LEU E 101 -50.98 1.17 -25.80
CA LEU E 101 -51.55 0.51 -24.65
C LEU E 101 -52.96 1.03 -24.37
N LEU E 102 -53.75 0.23 -23.65
CA LEU E 102 -55.12 0.59 -23.33
C LEU E 102 -55.45 0.20 -21.88
N ILE E 103 -54.59 0.58 -20.94
CA ILE E 103 -54.89 0.31 -19.53
C ILE E 103 -56.22 0.97 -19.18
N VAL E 104 -57.20 0.13 -18.81
CA VAL E 104 -58.56 0.58 -18.54
C VAL E 104 -59.06 -0.11 -17.29
N ASN E 105 -59.66 0.64 -16.37
CA ASN E 105 -60.14 0.12 -15.10
C ASN E 105 -61.65 0.24 -14.99
N ASN E 106 -62.25 -0.74 -14.32
CA ASN E 106 -63.66 -0.65 -13.92
C ASN E 106 -63.76 -1.25 -12.52
N ALA E 107 -64.99 -1.53 -12.08
CA ALA E 107 -65.23 -1.95 -10.70
C ALA E 107 -64.78 -3.38 -10.42
N THR E 108 -64.41 -4.17 -11.42
CA THR E 108 -64.12 -5.57 -11.16
C THR E 108 -62.77 -6.04 -11.71
N ASN E 109 -62.31 -5.45 -12.82
CA ASN E 109 -61.10 -5.96 -13.45
C ASN E 109 -60.40 -4.83 -14.20
N VAL E 110 -59.12 -5.06 -14.47
CA VAL E 110 -58.31 -4.18 -15.31
C VAL E 110 -57.77 -5.00 -16.46
N VAL E 111 -57.94 -4.50 -17.69
CA VAL E 111 -57.47 -5.16 -18.89
C VAL E 111 -56.42 -4.27 -19.54
N ILE E 112 -55.34 -4.89 -20.03
CA ILE E 112 -54.22 -4.20 -20.64
C ILE E 112 -53.93 -4.88 -21.97
N LYS E 113 -54.01 -4.12 -23.07
CA LYS E 113 -53.75 -4.65 -24.39
C LYS E 113 -52.76 -3.74 -25.11
N VAL E 114 -51.86 -4.35 -25.88
CA VAL E 114 -50.89 -3.63 -26.69
C VAL E 114 -51.18 -3.98 -28.14
N CYS E 115 -51.88 -3.09 -28.83
CA CYS E 115 -52.30 -3.32 -30.21
C CYS E 115 -52.15 -2.02 -31.00
N GLU E 116 -52.47 -2.08 -32.29
CA GLU E 116 -52.40 -0.92 -33.17
C GLU E 116 -53.78 -0.25 -33.25
N PHE E 117 -54.17 0.34 -32.12
CA PHE E 117 -55.49 0.96 -32.03
C PHE E 117 -55.57 2.21 -32.91
N GLN E 118 -56.74 2.45 -33.48
CA GLN E 118 -57.02 3.67 -34.23
C GLN E 118 -57.78 4.61 -33.28
N PHE E 119 -57.02 5.42 -32.54
CA PHE E 119 -57.61 6.25 -31.51
C PHE E 119 -58.31 7.46 -32.12
N CYS E 120 -59.44 7.84 -31.54
CA CYS E 120 -60.18 9.01 -31.98
C CYS E 120 -59.55 10.27 -31.39
N ASN E 121 -60.11 11.43 -31.76
CA ASN E 121 -59.59 12.70 -31.25
C ASN E 121 -59.76 12.79 -29.74
N ASP E 122 -60.91 12.35 -29.22
CA ASP E 122 -61.16 12.32 -27.78
C ASP E 122 -61.74 10.95 -27.42
N PRO E 123 -61.07 10.18 -26.57
CA PRO E 123 -61.62 8.89 -26.14
C PRO E 123 -62.38 8.98 -24.83
N PHE E 124 -63.43 8.19 -24.74
CA PHE E 124 -64.24 8.11 -23.53
C PHE E 124 -65.04 6.82 -23.56
N LEU E 125 -65.76 6.56 -22.47
CA LEU E 125 -66.61 5.39 -22.34
C LEU E 125 -68.06 5.83 -22.21
N ASP E 126 -68.95 5.19 -22.99
CA ASP E 126 -70.35 5.60 -22.99
C ASP E 126 -71.03 5.34 -21.65
N VAL E 127 -70.60 4.30 -20.93
CA VAL E 127 -71.17 3.87 -19.63
C VAL E 127 -72.67 4.09 -19.54
N GLU E 137 -71.19 0.99 -21.30
CA GLU E 137 -69.81 0.70 -20.94
C GLU E 137 -69.04 0.18 -22.15
N SER E 138 -69.27 0.81 -23.30
CA SER E 138 -68.66 0.40 -24.55
C SER E 138 -67.55 1.37 -24.92
N GLU E 139 -66.38 0.83 -25.27
CA GLU E 139 -65.22 1.62 -25.64
C GLU E 139 -65.14 1.89 -27.13
N PHE E 140 -66.28 1.88 -27.84
CA PHE E 140 -66.26 2.12 -29.28
C PHE E 140 -65.76 3.51 -29.62
N ARG E 141 -65.85 4.47 -28.71
CA ARG E 141 -65.37 5.83 -28.94
C ARG E 141 -63.90 6.00 -28.60
N VAL E 142 -63.23 4.96 -28.13
CA VAL E 142 -61.80 5.01 -27.81
C VAL E 142 -61.01 4.68 -29.07
N TYR E 143 -61.23 3.50 -29.62
CA TYR E 143 -60.53 3.05 -30.82
C TYR E 143 -61.54 2.46 -31.80
N SER E 144 -61.24 2.60 -33.09
CA SER E 144 -62.11 2.04 -34.11
C SER E 144 -61.92 0.52 -34.20
N SER E 145 -60.70 0.09 -34.47
CA SER E 145 -60.40 -1.34 -34.58
C SER E 145 -58.90 -1.54 -34.47
N ALA E 146 -58.49 -2.57 -33.75
CA ALA E 146 -57.08 -2.93 -33.61
C ALA E 146 -56.86 -4.29 -34.25
N ASN E 147 -56.00 -4.35 -35.26
CA ASN E 147 -55.81 -5.57 -36.03
C ASN E 147 -54.83 -6.53 -35.36
N ASN E 148 -53.58 -6.10 -35.21
CA ASN E 148 -52.51 -6.96 -34.74
C ASN E 148 -52.20 -6.66 -33.27
N CYS E 149 -52.17 -7.71 -32.44
CA CYS E 149 -51.97 -7.58 -31.01
C CYS E 149 -50.83 -8.48 -30.58
N THR E 150 -50.00 -7.99 -29.65
CA THR E 150 -48.86 -8.74 -29.15
C THR E 150 -48.84 -8.91 -27.64
N PHE E 151 -49.83 -8.40 -26.92
CA PHE E 151 -49.80 -8.45 -25.46
C PHE E 151 -51.20 -8.24 -24.92
N GLU E 152 -51.70 -9.21 -24.14
CA GLU E 152 -52.96 -9.11 -23.43
C GLU E 152 -52.75 -9.49 -21.97
N TYR E 153 -53.47 -8.82 -21.08
CA TYR E 153 -53.28 -9.03 -19.65
C TYR E 153 -54.56 -8.64 -18.92
N VAL E 154 -54.91 -9.41 -17.89
CA VAL E 154 -56.09 -9.14 -17.07
C VAL E 154 -55.71 -9.32 -15.61
N SER E 155 -56.17 -8.40 -14.75
CA SER E 155 -55.87 -8.51 -13.33
C SER E 155 -56.96 -7.77 -12.54
N GLN E 156 -56.75 -7.67 -11.22
CA GLN E 156 -57.60 -6.91 -10.32
C GLN E 156 -57.33 -5.41 -10.47
N PRO E 157 -58.38 -4.58 -10.50
CA PRO E 157 -58.17 -3.15 -10.78
C PRO E 157 -57.33 -2.47 -9.72
N PHE E 158 -56.56 -1.47 -10.17
CA PHE E 158 -55.68 -0.74 -9.25
C PHE E 158 -56.48 0.18 -8.33
N LEU E 159 -57.37 0.99 -8.91
CA LEU E 159 -58.07 2.01 -8.14
C LEU E 159 -59.03 1.37 -7.14
N MET E 160 -58.96 1.82 -5.89
CA MET E 160 -59.80 1.29 -4.84
C MET E 160 -60.39 2.40 -3.98
N LYS E 170 -61.69 13.13 0.05
CA LYS E 170 -61.04 13.03 1.34
C LYS E 170 -59.85 12.07 1.28
N ASN E 171 -59.60 11.53 0.08
CA ASN E 171 -58.50 10.61 -0.14
C ASN E 171 -57.70 11.05 -1.36
N LEU E 172 -56.39 10.92 -1.28
CA LEU E 172 -55.48 11.25 -2.37
C LEU E 172 -54.82 9.99 -2.89
N ARG E 173 -54.91 9.77 -4.20
CA ARG E 173 -54.31 8.63 -4.87
C ARG E 173 -53.16 9.12 -5.74
N GLU E 174 -51.99 8.52 -5.55
CA GLU E 174 -50.79 8.87 -6.28
C GLU E 174 -50.31 7.67 -7.08
N PHE E 175 -49.87 7.93 -8.31
CA PHE E 175 -49.36 6.90 -9.21
C PHE E 175 -48.06 7.38 -9.84
N VAL E 176 -47.16 6.43 -10.10
CA VAL E 176 -45.90 6.70 -10.79
C VAL E 176 -45.79 5.72 -11.94
N PHE E 177 -45.64 6.24 -13.16
CA PHE E 177 -45.47 5.42 -14.35
C PHE E 177 -44.10 5.68 -14.96
N LYS E 178 -43.38 4.62 -15.30
CA LYS E 178 -42.14 4.77 -16.03
C LYS E 178 -41.88 3.51 -16.86
N ASN E 179 -40.91 3.61 -17.78
CA ASN E 179 -40.51 2.48 -18.59
C ASN E 179 -38.99 2.48 -18.76
N ILE E 180 -38.37 1.34 -18.48
CA ILE E 180 -36.93 1.16 -18.62
C ILE E 180 -36.67 -0.20 -19.26
N ASP E 181 -35.87 -0.21 -20.32
CA ASP E 181 -35.42 -1.44 -20.98
C ASP E 181 -36.61 -2.31 -21.40
N GLY E 182 -37.63 -1.69 -21.94
CA GLY E 182 -38.81 -2.41 -22.36
C GLY E 182 -39.70 -2.91 -21.24
N TYR E 183 -39.52 -2.40 -20.03
CA TYR E 183 -40.32 -2.78 -18.87
C TYR E 183 -41.13 -1.59 -18.41
N PHE E 184 -42.44 -1.76 -18.30
CA PHE E 184 -43.35 -0.75 -17.79
C PHE E 184 -43.58 -1.01 -16.31
N LYS E 185 -43.27 -0.01 -15.49
CA LYS E 185 -43.40 -0.10 -14.04
C LYS E 185 -44.40 0.93 -13.56
N ILE E 186 -45.34 0.47 -12.73
CA ILE E 186 -46.42 1.28 -12.17
C ILE E 186 -46.40 1.11 -10.67
N TYR E 187 -46.15 2.21 -9.96
CA TYR E 187 -46.24 2.29 -8.50
C TYR E 187 -47.50 3.06 -8.12
N SER E 188 -48.06 2.75 -6.95
CA SER E 188 -49.27 3.42 -6.51
C SER E 188 -49.26 3.58 -5.00
N LYS E 189 -50.09 4.52 -4.53
CA LYS E 189 -50.26 4.74 -3.10
C LYS E 189 -51.58 5.47 -2.86
N HIS E 190 -52.19 5.16 -1.72
CA HIS E 190 -53.45 5.75 -1.28
C HIS E 190 -53.23 6.35 0.09
N THR E 191 -53.65 7.60 0.28
CA THR E 191 -53.47 8.27 1.55
C THR E 191 -54.74 9.03 1.92
N PRO E 192 -55.01 9.20 3.22
CA PRO E 192 -56.13 10.06 3.61
C PRO E 192 -55.67 11.50 3.79
N ILE E 193 -56.45 12.44 3.25
CA ILE E 193 -56.08 13.86 3.24
C ILE E 193 -57.23 14.66 3.82
N ASN E 194 -56.91 15.56 4.75
CA ASN E 194 -57.92 16.41 5.39
C ASN E 194 -58.25 17.58 4.46
N LEU E 195 -58.97 18.57 4.98
CA LEU E 195 -59.36 19.71 4.16
C LEU E 195 -58.14 20.54 3.81
N GLU E 196 -57.86 20.65 2.50
CA GLU E 196 -56.71 21.39 2.01
C GLU E 196 -56.84 21.63 0.52
N ARG E 197 -56.65 22.87 0.07
CA ARG E 197 -56.76 23.21 -1.34
C ARG E 197 -55.54 22.80 -2.15
N ASP E 198 -54.42 22.50 -1.49
CA ASP E 198 -53.18 22.16 -2.17
C ASP E 198 -52.66 20.82 -1.66
N LEU E 199 -51.58 20.35 -2.26
CA LEU E 199 -50.99 19.09 -1.84
C LEU E 199 -50.46 19.23 -0.42
N PRO E 200 -50.73 18.26 0.45
CA PRO E 200 -50.37 18.41 1.87
C PRO E 200 -48.89 18.21 2.12
N GLN E 201 -48.43 18.78 3.24
CA GLN E 201 -47.06 18.60 3.69
C GLN E 201 -46.87 17.21 4.25
N GLY E 202 -45.63 16.75 4.25
CA GLY E 202 -45.28 15.48 4.87
C GLY E 202 -44.72 14.50 3.87
N PHE E 203 -44.53 13.27 4.34
CA PHE E 203 -43.97 12.20 3.53
C PHE E 203 -44.89 10.98 3.55
N SER E 204 -44.98 10.30 2.41
CA SER E 204 -45.72 9.05 2.31
C SER E 204 -45.14 8.27 1.14
N ALA E 205 -44.42 7.20 1.44
CA ALA E 205 -43.73 6.46 0.40
C ALA E 205 -44.72 5.71 -0.49
N LEU E 206 -44.28 5.40 -1.70
CA LEU E 206 -45.10 4.72 -2.69
C LEU E 206 -44.58 3.30 -2.90
N GLU E 207 -45.51 2.36 -3.08
CA GLU E 207 -45.14 0.97 -3.13
C GLU E 207 -45.42 0.36 -4.52
N PRO E 208 -44.49 -0.41 -5.06
CA PRO E 208 -44.65 -0.93 -6.42
C PRO E 208 -45.88 -1.81 -6.55
N LEU E 209 -46.55 -1.72 -7.70
CA LEU E 209 -47.74 -2.53 -7.97
C LEU E 209 -47.57 -3.46 -9.16
N VAL E 210 -47.18 -2.95 -10.33
CA VAL E 210 -47.23 -3.75 -11.55
C VAL E 210 -45.99 -3.54 -12.38
N ASP E 211 -45.45 -4.64 -12.94
CA ASP E 211 -44.36 -4.59 -13.90
C ASP E 211 -44.72 -5.48 -15.09
N LEU E 212 -44.57 -4.93 -16.30
CA LEU E 212 -44.94 -5.66 -17.51
C LEU E 212 -43.86 -5.54 -18.58
N PRO E 213 -43.62 -6.61 -19.35
CA PRO E 213 -42.73 -6.50 -20.53
C PRO E 213 -43.42 -5.86 -21.74
N ILE E 214 -43.42 -4.52 -21.77
CA ILE E 214 -44.11 -3.81 -22.84
C ILE E 214 -43.28 -3.82 -24.12
N GLY E 215 -42.08 -3.24 -24.08
CA GLY E 215 -41.19 -3.28 -25.23
C GLY E 215 -41.66 -2.52 -26.44
N ILE E 216 -42.29 -1.36 -26.25
CA ILE E 216 -42.65 -0.45 -27.33
C ILE E 216 -42.03 0.91 -27.03
N ASN E 217 -42.21 1.86 -27.95
CA ASN E 217 -41.60 3.17 -27.85
C ASN E 217 -42.69 4.20 -27.59
N ILE E 218 -42.63 4.85 -26.42
CA ILE E 218 -43.71 5.69 -25.92
C ILE E 218 -43.21 7.13 -25.82
N THR E 219 -44.01 8.07 -26.32
CA THR E 219 -43.61 9.47 -26.27
C THR E 219 -44.70 10.33 -25.62
N ARG E 220 -45.96 9.91 -25.75
CA ARG E 220 -47.10 10.67 -25.25
C ARG E 220 -48.08 9.72 -24.57
N PHE E 221 -48.91 10.31 -23.70
CA PHE E 221 -49.93 9.55 -22.99
C PHE E 221 -51.22 10.37 -22.99
N GLN E 222 -52.25 9.81 -22.35
CA GLN E 222 -53.62 10.29 -22.47
C GLN E 222 -54.41 9.75 -21.29
N THR E 223 -55.41 10.52 -20.87
CA THR E 223 -56.25 10.14 -19.74
C THR E 223 -57.70 10.04 -20.20
N LEU E 224 -58.36 8.96 -19.79
CA LEU E 224 -59.72 8.66 -20.19
C LEU E 224 -60.73 9.14 -19.14
N LEU E 225 -61.93 9.45 -19.61
CA LEU E 225 -63.02 9.88 -18.75
C LEU E 225 -64.30 9.15 -19.15
N ALA E 226 -65.17 8.92 -18.18
CA ALA E 226 -66.43 8.23 -18.39
C ALA E 226 -67.57 9.23 -18.31
N LEU E 227 -68.41 9.25 -19.35
CA LEU E 227 -69.52 10.19 -19.45
C LEU E 227 -70.83 9.41 -19.54
N HIS E 228 -71.71 9.63 -18.57
CA HIS E 228 -72.99 8.96 -18.56
C HIS E 228 -73.94 9.58 -19.57
N ARG E 229 -74.94 8.80 -19.97
CA ARG E 229 -75.96 9.26 -20.91
C ARG E 229 -77.28 8.53 -20.68
N TRP E 241 -75.57 13.20 -23.45
CA TRP E 241 -74.76 12.89 -22.27
C TRP E 241 -75.11 13.81 -21.10
N THR E 242 -74.25 13.82 -20.09
CA THR E 242 -74.47 14.63 -18.90
C THR E 242 -73.20 15.41 -18.57
N ALA E 243 -73.38 16.59 -17.98
CA ALA E 243 -72.26 17.45 -17.63
C ALA E 243 -71.39 16.81 -16.55
N GLY E 244 -70.10 17.15 -16.57
CA GLY E 244 -69.17 16.61 -15.61
C GLY E 244 -67.94 17.46 -15.45
N ALA E 245 -67.22 17.20 -14.37
CA ALA E 245 -65.98 17.92 -14.07
C ALA E 245 -65.01 16.98 -13.37
N ALA E 246 -63.73 17.12 -13.71
CA ALA E 246 -62.67 16.32 -13.12
C ALA E 246 -61.43 17.17 -12.96
N ALA E 247 -60.58 16.80 -12.00
CA ALA E 247 -59.34 17.51 -11.74
C ALA E 247 -58.25 16.51 -11.45
N TYR E 248 -57.04 16.78 -11.97
CA TYR E 248 -55.94 15.87 -11.72
C TYR E 248 -54.61 16.63 -11.78
N TYR E 249 -53.66 16.17 -10.97
CA TYR E 249 -52.34 16.78 -10.88
C TYR E 249 -51.35 15.94 -11.68
N VAL E 250 -50.54 16.60 -12.51
CA VAL E 250 -49.56 15.94 -13.34
C VAL E 250 -48.20 16.58 -13.10
N GLY E 251 -47.19 15.73 -12.87
CA GLY E 251 -45.82 16.20 -12.76
C GLY E 251 -44.89 15.24 -13.46
N TYR E 252 -43.68 15.72 -13.75
CA TYR E 252 -42.69 14.96 -14.49
C TYR E 252 -41.52 14.59 -13.59
N LEU E 253 -41.03 13.36 -13.75
CA LEU E 253 -39.89 12.87 -12.99
C LEU E 253 -38.59 13.17 -13.72
N GLN E 254 -37.50 13.17 -12.97
CA GLN E 254 -36.18 13.41 -13.50
C GLN E 254 -35.19 12.50 -12.79
N PRO E 255 -34.06 12.17 -13.42
CA PRO E 255 -33.03 11.37 -12.75
C PRO E 255 -32.37 12.17 -11.63
N ARG E 256 -32.49 11.68 -10.41
CA ARG E 256 -32.00 12.37 -9.23
C ARG E 256 -31.38 11.38 -8.26
N THR E 257 -30.62 11.93 -7.32
CA THR E 257 -30.05 11.17 -6.21
C THR E 257 -30.69 11.64 -4.91
N PHE E 258 -31.21 10.69 -4.14
CA PHE E 258 -31.90 10.96 -2.88
C PHE E 258 -31.22 10.23 -1.74
N LEU E 259 -31.39 10.78 -0.53
CA LEU E 259 -30.96 10.12 0.69
C LEU E 259 -32.19 9.87 1.54
N LEU E 260 -32.56 8.59 1.68
CA LEU E 260 -33.78 8.21 2.36
C LEU E 260 -33.46 7.66 3.74
N LYS E 261 -34.36 7.89 4.69
CA LYS E 261 -34.19 7.49 6.07
C LYS E 261 -35.26 6.46 6.44
N TYR E 262 -34.83 5.33 6.98
CA TYR E 262 -35.71 4.28 7.44
C TYR E 262 -35.75 4.29 8.97
N ASN E 263 -36.94 4.22 9.54
CA ASN E 263 -37.07 4.10 10.99
C ASN E 263 -37.02 2.62 11.38
N GLU E 264 -37.21 2.35 12.67
CA GLU E 264 -37.00 1.00 13.19
C GLU E 264 -38.03 -0.01 12.67
N ASN E 265 -39.17 0.46 12.18
CA ASN E 265 -40.24 -0.36 11.63
C ASN E 265 -40.14 -0.61 10.13
N GLY E 266 -39.12 -0.07 9.47
CA GLY E 266 -38.89 -0.31 8.05
C GLY E 266 -39.61 0.61 7.09
N THR E 267 -40.23 1.69 7.57
CA THR E 267 -40.92 2.63 6.71
C THR E 267 -40.04 3.86 6.47
N ILE E 268 -40.26 4.50 5.32
CA ILE E 268 -39.52 5.70 4.96
C ILE E 268 -40.23 6.90 5.57
N THR E 269 -39.53 7.62 6.45
CA THR E 269 -40.10 8.77 7.14
C THR E 269 -39.43 10.07 6.81
N ASP E 270 -38.38 10.07 6.00
CA ASP E 270 -37.68 11.31 5.66
C ASP E 270 -36.81 11.07 4.44
N ALA E 271 -36.58 12.15 3.68
CA ALA E 271 -35.72 12.08 2.50
C ALA E 271 -35.10 13.46 2.27
N VAL E 272 -33.90 13.45 1.69
CA VAL E 272 -33.17 14.67 1.39
C VAL E 272 -32.75 14.62 -0.08
N ASP E 273 -33.07 15.68 -0.82
CA ASP E 273 -32.69 15.80 -2.21
C ASP E 273 -31.28 16.38 -2.29
N CYS E 274 -30.36 15.65 -2.92
CA CYS E 274 -28.95 16.01 -2.94
C CYS E 274 -28.61 17.06 -3.99
N ALA E 275 -29.61 17.74 -4.57
CA ALA E 275 -29.33 18.69 -5.64
C ALA E 275 -30.20 19.93 -5.54
N LEU E 276 -30.58 20.33 -4.33
CA LEU E 276 -31.48 21.47 -4.14
C LEU E 276 -30.75 22.74 -3.71
N ASP E 277 -29.81 22.64 -2.79
CA ASP E 277 -29.06 23.79 -2.30
C ASP E 277 -27.77 23.28 -1.68
N PRO E 278 -26.78 24.16 -1.43
CA PRO E 278 -25.50 23.68 -0.88
C PRO E 278 -25.64 22.92 0.43
N LEU E 279 -26.59 23.30 1.30
CA LEU E 279 -26.75 22.60 2.56
C LEU E 279 -27.15 21.14 2.34
N SER E 280 -28.07 20.90 1.40
CA SER E 280 -28.48 19.53 1.12
C SER E 280 -27.34 18.72 0.53
N GLU E 281 -26.53 19.33 -0.33
CA GLU E 281 -25.36 18.65 -0.87
C GLU E 281 -24.38 18.30 0.24
N THR E 282 -24.17 19.22 1.18
CA THR E 282 -23.31 18.93 2.32
C THR E 282 -23.85 17.78 3.16
N LYS E 283 -25.17 17.77 3.39
CA LYS E 283 -25.77 16.69 4.17
C LYS E 283 -25.61 15.35 3.47
N CYS E 284 -25.79 15.33 2.14
CA CYS E 284 -25.61 14.08 1.40
C CYS E 284 -24.16 13.63 1.40
N THR E 285 -23.22 14.57 1.28
CA THR E 285 -21.81 14.20 1.32
C THR E 285 -21.41 13.63 2.68
N LEU E 286 -21.88 14.24 3.77
CA LEU E 286 -21.58 13.75 5.10
C LEU E 286 -22.37 12.51 5.47
N LYS E 287 -23.38 12.14 4.68
CA LYS E 287 -24.26 11.01 4.99
C LYS E 287 -24.90 11.15 6.37
N SER E 288 -25.38 12.36 6.64
CA SER E 288 -26.03 12.64 7.93
C SER E 288 -27.07 13.73 7.72
N PHE E 289 -28.02 13.80 8.65
CA PHE E 289 -29.08 14.79 8.62
C PHE E 289 -28.78 16.00 9.48
N THR E 290 -27.61 16.06 10.11
CA THR E 290 -27.21 17.20 10.93
C THR E 290 -25.80 17.61 10.54
N VAL E 291 -25.56 18.92 10.49
CA VAL E 291 -24.28 19.49 10.10
C VAL E 291 -23.81 20.43 11.19
N GLU E 292 -22.60 20.24 11.67
CA GLU E 292 -22.03 21.08 12.71
C GLU E 292 -21.26 22.25 12.08
N LYS E 293 -20.95 23.24 12.92
CA LYS E 293 -20.30 24.45 12.44
C LYS E 293 -18.94 24.16 11.83
N GLY E 294 -18.69 24.74 10.67
CA GLY E 294 -17.41 24.57 10.01
C GLY E 294 -17.54 24.82 8.52
N ILE E 295 -16.42 24.58 7.83
CA ILE E 295 -16.34 24.70 6.38
C ILE E 295 -16.04 23.32 5.80
N TYR E 296 -16.87 22.89 4.85
CA TYR E 296 -16.74 21.59 4.23
C TYR E 296 -16.54 21.74 2.73
N GLN E 297 -15.96 20.70 2.13
CA GLN E 297 -15.83 20.60 0.68
C GLN E 297 -16.87 19.63 0.16
N THR E 298 -17.69 20.07 -0.79
CA THR E 298 -18.81 19.29 -1.27
C THR E 298 -18.58 18.71 -2.66
N SER E 299 -18.26 19.54 -3.65
CA SER E 299 -18.19 19.05 -5.03
C SER E 299 -17.34 19.99 -5.85
N ASN E 300 -17.32 19.74 -7.16
CA ASN E 300 -16.59 20.55 -8.13
C ASN E 300 -17.57 21.14 -9.13
N PHE E 301 -17.11 22.16 -9.85
CA PHE E 301 -17.88 22.78 -10.91
C PHE E 301 -17.07 22.76 -12.20
N ARG E 302 -17.75 22.43 -13.30
CA ARG E 302 -17.16 22.35 -14.62
C ARG E 302 -18.09 23.02 -15.63
N VAL E 303 -17.52 23.40 -16.77
CA VAL E 303 -18.28 24.02 -17.85
C VAL E 303 -18.54 22.96 -18.91
N GLN E 304 -19.81 22.72 -19.21
CA GLN E 304 -20.18 21.70 -20.18
C GLN E 304 -19.98 22.21 -21.61
N PRO E 305 -19.72 21.30 -22.56
CA PRO E 305 -19.56 21.73 -23.96
C PRO E 305 -20.90 22.11 -24.57
N THR E 306 -20.83 22.68 -25.78
CA THR E 306 -22.00 23.19 -26.48
C THR E 306 -22.31 22.40 -27.74
N GLU E 307 -21.33 22.10 -28.58
CA GLU E 307 -21.56 21.40 -29.83
C GLU E 307 -20.39 20.48 -30.14
N SER E 308 -20.48 19.78 -31.27
CA SER E 308 -19.48 18.80 -31.67
C SER E 308 -18.80 19.24 -32.96
N ILE E 309 -17.52 18.90 -33.07
CA ILE E 309 -16.70 19.26 -34.23
C ILE E 309 -16.05 18.00 -34.79
N VAL E 310 -16.20 17.78 -36.09
CA VAL E 310 -15.60 16.65 -36.79
C VAL E 310 -14.82 17.18 -37.97
N ARG E 311 -13.56 16.75 -38.12
CA ARG E 311 -12.69 17.19 -39.20
C ARG E 311 -12.02 15.97 -39.83
N PHE E 312 -12.34 15.72 -41.10
CA PHE E 312 -11.82 14.60 -41.86
C PHE E 312 -11.25 15.11 -43.18
N PRO E 313 -10.28 14.38 -43.78
CA PRO E 313 -9.60 14.90 -44.96
C PRO E 313 -10.44 14.88 -46.23
N ASN E 314 -9.83 15.33 -47.34
CA ASN E 314 -10.49 15.39 -48.65
C ASN E 314 -10.34 14.03 -49.34
N ILE E 315 -11.17 13.08 -48.93
CA ILE E 315 -11.16 11.73 -49.47
C ILE E 315 -12.51 11.46 -50.10
N THR E 316 -12.50 11.08 -51.38
CA THR E 316 -13.72 10.81 -52.13
C THR E 316 -13.77 9.42 -52.76
N ASN E 317 -12.63 8.79 -53.02
CA ASN E 317 -12.61 7.50 -53.68
C ASN E 317 -13.13 6.40 -52.74
N LEU E 318 -13.43 5.25 -53.33
CA LEU E 318 -13.89 4.07 -52.60
C LEU E 318 -12.79 3.01 -52.62
N CYS E 319 -12.53 2.41 -51.47
CA CYS E 319 -11.45 1.45 -51.37
C CYS E 319 -11.78 0.20 -52.19
N PRO E 320 -10.79 -0.39 -52.86
CA PRO E 320 -11.04 -1.56 -53.72
C PRO E 320 -10.97 -2.88 -52.95
N PHE E 321 -11.92 -3.08 -52.03
CA PHE E 321 -12.00 -4.35 -51.32
C PHE E 321 -12.59 -5.45 -52.19
N HIS E 322 -13.18 -5.11 -53.34
CA HIS E 322 -13.76 -6.12 -54.20
C HIS E 322 -12.68 -6.93 -54.92
N GLU E 323 -11.60 -6.27 -55.33
CA GLU E 323 -10.55 -6.95 -56.09
C GLU E 323 -9.70 -7.86 -55.22
N VAL E 324 -9.75 -7.73 -53.91
CA VAL E 324 -8.95 -8.55 -53.01
C VAL E 324 -9.69 -9.82 -52.61
N PHE E 325 -10.97 -9.71 -52.29
CA PHE E 325 -11.76 -10.83 -51.81
C PHE E 325 -12.43 -11.62 -52.93
N ASN E 326 -12.12 -11.30 -54.20
CA ASN E 326 -12.82 -11.91 -55.32
C ASN E 326 -11.80 -12.17 -56.42
N ALA E 327 -11.29 -13.41 -56.47
CA ALA E 327 -10.33 -13.80 -57.50
C ALA E 327 -10.50 -15.28 -57.78
N THR E 328 -10.20 -15.67 -59.02
CA THR E 328 -10.30 -17.07 -59.39
C THR E 328 -9.15 -17.89 -58.83
N THR E 329 -7.99 -17.26 -58.61
CA THR E 329 -6.82 -17.95 -58.09
C THR E 329 -6.21 -17.14 -56.96
N PHE E 330 -5.66 -17.85 -55.98
CA PHE E 330 -4.94 -17.26 -54.87
C PHE E 330 -3.49 -17.72 -54.90
N ALA E 331 -2.59 -16.83 -54.48
CA ALA E 331 -1.17 -17.13 -54.53
C ALA E 331 -0.80 -18.18 -53.49
N SER E 332 0.28 -18.90 -53.77
CA SER E 332 0.76 -19.92 -52.86
C SER E 332 1.26 -19.28 -51.56
N VAL E 333 1.31 -20.09 -50.50
CA VAL E 333 1.69 -19.58 -49.19
C VAL E 333 3.17 -19.19 -49.16
N TYR E 334 4.01 -19.86 -49.95
CA TYR E 334 5.44 -19.55 -49.91
C TYR E 334 5.75 -18.24 -50.63
N ALA E 335 4.94 -17.87 -51.62
CA ALA E 335 5.04 -16.57 -52.29
C ALA E 335 3.66 -15.93 -52.28
N TRP E 336 3.35 -15.23 -51.19
CA TRP E 336 2.04 -14.64 -51.00
C TRP E 336 1.98 -13.24 -51.57
N ASN E 337 0.83 -12.87 -52.10
CA ASN E 337 0.64 -11.53 -52.65
C ASN E 337 0.54 -10.51 -51.51
N ARG E 338 0.60 -9.24 -51.91
CA ARG E 338 0.41 -8.14 -50.95
C ARG E 338 -0.05 -6.92 -51.71
N LYS E 339 -1.18 -6.36 -51.30
CA LYS E 339 -1.76 -5.18 -51.94
C LYS E 339 -1.82 -4.03 -50.94
N ARG E 340 -1.46 -2.84 -51.40
CA ARG E 340 -1.43 -1.64 -50.57
C ARG E 340 -2.64 -0.78 -50.89
N ILE E 341 -3.38 -0.39 -49.84
CA ILE E 341 -4.59 0.39 -49.96
C ILE E 341 -4.37 1.72 -49.26
N SER E 342 -4.59 2.81 -49.99
CA SER E 342 -4.43 4.17 -49.47
C SER E 342 -5.31 5.10 -50.29
N ASN E 343 -5.63 6.26 -49.70
CA ASN E 343 -6.38 7.33 -50.36
C ASN E 343 -7.74 6.85 -50.85
N CYS E 344 -8.56 6.39 -49.91
CA CYS E 344 -9.91 5.96 -50.24
C CYS E 344 -10.75 5.93 -48.96
N VAL E 345 -12.06 5.92 -49.15
CA VAL E 345 -13.01 5.78 -48.05
C VAL E 345 -13.29 4.30 -47.85
N ALA E 346 -13.04 3.81 -46.64
CA ALA E 346 -13.12 2.39 -46.34
C ALA E 346 -14.48 2.06 -45.73
N ASP E 347 -15.19 1.13 -46.35
CA ASP E 347 -16.48 0.63 -45.86
C ASP E 347 -16.31 -0.85 -45.57
N TYR E 348 -16.18 -1.20 -44.30
CA TYR E 348 -15.94 -2.58 -43.88
C TYR E 348 -17.22 -3.37 -43.68
N SER E 349 -18.38 -2.78 -43.93
CA SER E 349 -19.65 -3.48 -43.81
C SER E 349 -20.04 -4.23 -45.09
N VAL E 350 -19.28 -4.06 -46.17
CA VAL E 350 -19.55 -4.76 -47.42
C VAL E 350 -18.70 -6.00 -47.60
N ILE E 351 -17.66 -6.19 -46.78
CA ILE E 351 -16.80 -7.36 -46.90
C ILE E 351 -17.59 -8.64 -46.70
N TYR E 352 -18.66 -8.58 -45.90
CA TYR E 352 -19.48 -9.77 -45.66
C TYR E 352 -20.23 -10.22 -46.91
N ASN E 353 -20.34 -9.36 -47.92
CA ASN E 353 -21.06 -9.71 -49.14
C ASN E 353 -20.16 -10.32 -50.21
N PHE E 354 -18.86 -10.45 -49.95
CA PHE E 354 -17.92 -10.96 -50.94
C PHE E 354 -17.45 -12.38 -50.68
N ALA E 355 -17.31 -12.78 -49.42
CA ALA E 355 -16.81 -14.12 -49.11
C ALA E 355 -17.71 -14.78 -48.07
N PRO E 356 -17.87 -16.11 -48.14
CA PRO E 356 -18.75 -16.84 -47.23
C PRO E 356 -18.08 -17.26 -45.92
N PHE E 357 -17.43 -16.32 -45.25
CA PHE E 357 -16.80 -16.61 -43.98
C PHE E 357 -17.79 -16.38 -42.83
N PHE E 358 -17.39 -16.80 -41.63
CA PHE E 358 -18.26 -16.72 -40.47
C PHE E 358 -18.10 -15.39 -39.73
N ALA E 359 -16.89 -15.07 -39.31
CA ALA E 359 -16.67 -13.84 -38.56
C ALA E 359 -15.21 -13.43 -38.69
N PHE E 360 -14.94 -12.17 -38.33
CA PHE E 360 -13.58 -11.66 -38.32
C PHE E 360 -12.80 -12.24 -37.14
N LYS E 361 -11.50 -11.97 -37.13
CA LYS E 361 -10.65 -12.26 -35.97
C LYS E 361 -9.64 -11.12 -35.90
N CYS E 362 -9.97 -10.09 -35.14
CA CYS E 362 -9.13 -8.90 -35.02
C CYS E 362 -8.45 -8.87 -33.67
N TYR E 363 -7.22 -8.36 -33.63
CA TYR E 363 -6.38 -8.42 -32.45
C TYR E 363 -6.21 -7.09 -31.75
N GLY E 364 -5.84 -6.04 -32.47
CA GLY E 364 -5.61 -4.75 -31.86
C GLY E 364 -6.85 -3.87 -31.76
N VAL E 365 -7.87 -4.17 -32.55
CA VAL E 365 -9.08 -3.40 -32.63
C VAL E 365 -10.28 -4.35 -32.56
N SER E 366 -11.47 -3.78 -32.69
CA SER E 366 -12.71 -4.55 -32.71
C SER E 366 -13.36 -4.47 -34.09
N PRO E 367 -13.98 -5.55 -34.55
CA PRO E 367 -14.56 -5.55 -35.90
C PRO E 367 -15.65 -4.51 -36.09
N THR E 368 -16.44 -4.22 -35.05
CA THR E 368 -17.55 -3.29 -35.19
C THR E 368 -17.12 -1.82 -35.13
N LYS E 369 -15.90 -1.53 -34.68
CA LYS E 369 -15.41 -0.17 -34.54
C LYS E 369 -14.49 0.25 -35.67
N LEU E 370 -14.46 -0.51 -36.78
CA LEU E 370 -13.56 -0.22 -37.87
C LEU E 370 -14.08 0.89 -38.80
N ASN E 371 -15.28 1.39 -38.57
CA ASN E 371 -15.86 2.43 -39.42
C ASN E 371 -15.59 3.84 -38.89
N ASP E 372 -14.88 3.99 -37.78
CA ASP E 372 -14.64 5.28 -37.18
C ASP E 372 -13.18 5.69 -37.16
N LEU E 373 -12.26 4.76 -36.93
CA LEU E 373 -10.85 5.08 -36.88
C LEU E 373 -10.33 5.43 -38.28
N CYS E 374 -9.28 6.25 -38.32
CA CYS E 374 -8.67 6.67 -39.57
C CYS E 374 -7.19 6.33 -39.54
N PHE E 375 -6.77 5.46 -40.45
CA PHE E 375 -5.41 4.94 -40.49
C PHE E 375 -4.57 5.68 -41.52
N THR E 376 -3.31 5.26 -41.66
CA THR E 376 -2.38 5.81 -42.63
C THR E 376 -2.26 4.96 -43.89
N ASN E 377 -2.14 3.63 -43.74
CA ASN E 377 -2.06 2.72 -44.86
C ASN E 377 -2.65 1.39 -44.45
N VAL E 378 -3.19 0.66 -45.42
CA VAL E 378 -3.74 -0.67 -45.18
C VAL E 378 -3.02 -1.66 -46.09
N TYR E 379 -2.78 -2.87 -45.60
CA TYR E 379 -2.14 -3.90 -46.39
C TYR E 379 -2.96 -5.18 -46.36
N ALA E 380 -3.07 -5.85 -47.50
CA ALA E 380 -3.85 -7.08 -47.62
C ALA E 380 -2.97 -8.18 -48.18
N ASP E 381 -2.87 -9.29 -47.45
CA ASP E 381 -2.09 -10.46 -47.86
C ASP E 381 -3.03 -11.64 -48.04
N SER E 382 -2.92 -12.34 -49.16
CA SER E 382 -3.84 -13.42 -49.48
C SER E 382 -3.08 -14.69 -49.84
N PHE E 383 -3.57 -15.83 -49.36
CA PHE E 383 -2.97 -17.12 -49.72
C PHE E 383 -3.96 -18.24 -49.40
N VAL E 384 -3.51 -19.47 -49.62
CA VAL E 384 -4.31 -20.68 -49.38
C VAL E 384 -3.46 -21.65 -48.57
N ILE E 385 -4.02 -22.14 -47.46
CA ILE E 385 -3.30 -23.04 -46.57
C ILE E 385 -4.19 -24.24 -46.26
N ARG E 386 -3.68 -25.15 -45.44
CA ARG E 386 -4.42 -26.33 -45.03
C ARG E 386 -5.41 -25.97 -43.92
N GLY E 387 -6.29 -26.93 -43.61
CA GLY E 387 -7.33 -26.67 -42.64
C GLY E 387 -6.82 -26.44 -41.23
N ASN E 388 -5.88 -27.27 -40.78
CA ASN E 388 -5.40 -27.23 -39.41
C ASN E 388 -4.22 -26.28 -39.22
N GLU E 389 -3.76 -25.62 -40.29
CA GLU E 389 -2.69 -24.63 -40.18
C GLU E 389 -3.23 -23.21 -40.07
N VAL E 390 -4.54 -23.03 -40.00
CA VAL E 390 -5.11 -21.69 -39.84
C VAL E 390 -4.75 -21.13 -38.47
N SER E 391 -4.70 -21.98 -37.45
CA SER E 391 -4.37 -21.54 -36.10
C SER E 391 -2.94 -21.04 -35.98
N GLN E 392 -2.09 -21.33 -36.96
CA GLN E 392 -0.71 -20.83 -36.96
C GLN E 392 -0.61 -19.38 -37.44
N ILE E 393 -1.66 -18.84 -38.05
CA ILE E 393 -1.64 -17.44 -38.52
C ILE E 393 -2.11 -16.60 -37.34
N ALA E 394 -1.16 -16.30 -36.45
CA ALA E 394 -1.42 -15.56 -35.23
C ALA E 394 -0.10 -15.15 -34.60
N PRO E 395 -0.06 -14.08 -33.80
CA PRO E 395 1.20 -13.69 -33.16
C PRO E 395 1.68 -14.76 -32.18
N GLY E 396 3.00 -14.93 -32.13
CA GLY E 396 3.60 -15.86 -31.19
C GLY E 396 3.24 -17.32 -31.42
N GLN E 397 3.29 -17.77 -32.67
CA GLN E 397 2.99 -19.16 -33.01
C GLN E 397 4.21 -19.81 -33.66
N THR E 398 4.34 -21.12 -33.47
CA THR E 398 5.46 -21.87 -34.00
C THR E 398 4.95 -23.07 -34.78
N GLY E 399 5.59 -23.32 -35.91
CA GLY E 399 5.18 -24.40 -36.80
C GLY E 399 5.81 -24.18 -38.16
N ASN E 400 5.46 -25.08 -39.08
CA ASN E 400 6.00 -24.98 -40.43
C ASN E 400 5.60 -23.68 -41.10
N ILE E 401 4.30 -23.38 -41.11
CA ILE E 401 3.80 -22.17 -41.75
C ILE E 401 4.34 -20.94 -41.04
N ALA E 402 4.39 -20.98 -39.70
CA ALA E 402 4.70 -19.79 -38.92
C ALA E 402 6.12 -19.32 -39.15
N ASP E 403 7.09 -20.23 -39.18
CA ASP E 403 8.48 -19.82 -39.22
C ASP E 403 9.20 -20.13 -40.54
N TYR E 404 8.56 -20.83 -41.47
CA TYR E 404 9.19 -21.09 -42.77
C TYR E 404 8.49 -20.46 -43.96
N ASN E 405 7.19 -20.16 -43.87
CA ASN E 405 6.46 -19.57 -44.99
C ASN E 405 5.95 -18.17 -44.67
N TYR E 406 5.20 -17.98 -43.58
CA TYR E 406 4.59 -16.70 -43.28
C TYR E 406 4.68 -16.44 -41.79
N LYS E 407 5.33 -15.34 -41.40
CA LYS E 407 5.55 -14.99 -40.00
C LYS E 407 4.91 -13.65 -39.69
N LEU E 408 4.15 -13.60 -38.60
CA LEU E 408 3.46 -12.43 -38.08
C LEU E 408 4.22 -11.85 -36.88
N PRO E 409 4.22 -10.53 -36.72
CA PRO E 409 4.90 -9.93 -35.58
C PRO E 409 4.13 -10.16 -34.27
N ASP E 410 4.82 -9.92 -33.16
CA ASP E 410 4.23 -10.13 -31.84
C ASP E 410 3.31 -9.01 -31.42
N ASP E 411 3.37 -7.86 -32.08
CA ASP E 411 2.54 -6.70 -31.76
C ASP E 411 1.48 -6.44 -32.83
N PHE E 412 1.05 -7.50 -33.51
CA PHE E 412 0.17 -7.37 -34.68
C PHE E 412 -1.10 -6.59 -34.34
N THR E 413 -1.48 -5.69 -35.24
CA THR E 413 -2.70 -4.91 -35.13
C THR E 413 -3.45 -5.03 -36.45
N GLY E 414 -4.40 -5.96 -36.51
CA GLY E 414 -5.10 -6.20 -37.75
C GLY E 414 -6.12 -7.30 -37.59
N CYS E 415 -6.58 -7.83 -38.72
CA CYS E 415 -7.62 -8.84 -38.72
C CYS E 415 -7.26 -9.97 -39.67
N VAL E 416 -7.79 -11.16 -39.39
CA VAL E 416 -7.57 -12.36 -40.18
C VAL E 416 -8.92 -12.90 -40.61
N ILE E 417 -9.06 -13.21 -41.91
CA ILE E 417 -10.31 -13.71 -42.47
C ILE E 417 -10.00 -15.00 -43.21
N ALA E 418 -10.52 -16.11 -42.71
CA ALA E 418 -10.29 -17.42 -43.30
C ALA E 418 -11.62 -18.09 -43.59
N TRP E 419 -11.72 -18.71 -44.78
CA TRP E 419 -12.95 -19.40 -45.14
C TRP E 419 -12.64 -20.61 -46.01
N ASN E 420 -13.49 -21.62 -45.90
CA ASN E 420 -13.30 -22.86 -46.65
C ASN E 420 -13.53 -22.62 -48.13
N SER E 421 -12.71 -23.27 -48.96
CA SER E 421 -12.81 -23.15 -50.42
C SER E 421 -12.67 -24.51 -51.07
N ASN E 422 -13.37 -25.52 -50.52
CA ASN E 422 -13.24 -26.88 -51.05
C ASN E 422 -13.86 -27.01 -52.43
N LYS E 423 -14.86 -26.19 -52.76
CA LYS E 423 -15.55 -26.31 -54.03
C LYS E 423 -14.80 -25.66 -55.18
N LEU E 424 -13.69 -24.97 -54.92
CA LEU E 424 -12.92 -24.31 -55.97
C LEU E 424 -11.48 -24.79 -56.07
N ASP E 425 -10.88 -25.25 -54.97
CA ASP E 425 -9.46 -25.60 -54.95
C ASP E 425 -9.23 -27.10 -54.84
N SER E 426 -10.23 -27.92 -55.19
CA SER E 426 -10.11 -29.36 -55.09
C SER E 426 -10.50 -30.01 -56.41
N LYS E 427 -9.81 -31.08 -56.76
CA LYS E 427 -10.07 -31.84 -57.98
C LYS E 427 -10.10 -33.33 -57.65
N PRO E 428 -10.88 -34.12 -58.41
CA PRO E 428 -10.91 -35.56 -58.15
C PRO E 428 -9.54 -36.23 -58.27
N SER E 429 -8.72 -35.79 -59.22
CA SER E 429 -7.38 -36.34 -59.35
C SER E 429 -6.44 -35.79 -58.30
N GLY E 430 -6.64 -34.56 -57.86
CA GLY E 430 -5.79 -33.95 -56.84
C GLY E 430 -5.11 -32.69 -57.30
N ASN E 431 -5.41 -31.57 -56.63
CA ASN E 431 -4.78 -30.31 -56.98
C ASN E 431 -3.32 -30.31 -56.53
N TYR E 432 -2.42 -29.94 -57.45
CA TYR E 432 -0.99 -29.91 -57.18
C TYR E 432 -0.39 -28.54 -57.49
N ASN E 433 -1.21 -27.50 -57.61
CA ASN E 433 -0.74 -26.17 -57.95
C ASN E 433 -0.42 -25.31 -56.74
N TYR E 434 -0.58 -25.83 -55.53
CA TYR E 434 -0.29 -25.09 -54.31
C TYR E 434 0.88 -25.75 -53.60
N LEU E 435 1.92 -24.97 -53.32
CA LEU E 435 3.16 -25.48 -52.75
C LEU E 435 3.48 -24.76 -51.45
N TYR E 436 4.33 -25.38 -50.66
CA TYR E 436 4.80 -24.78 -49.42
C TYR E 436 6.23 -25.23 -49.14
N ARG E 437 6.97 -24.39 -48.42
CA ARG E 437 8.35 -24.67 -48.08
C ARG E 437 8.43 -25.62 -46.89
N LEU E 438 9.38 -26.55 -46.94
CA LEU E 438 9.56 -27.55 -45.88
C LEU E 438 10.88 -27.41 -45.15
N PHE E 439 11.97 -27.13 -45.85
CA PHE E 439 13.29 -27.03 -45.26
C PHE E 439 13.80 -25.60 -45.33
N ARG E 440 14.45 -25.15 -44.27
CA ARG E 440 15.09 -23.83 -44.28
C ARG E 440 16.15 -23.79 -43.20
N LYS E 441 17.23 -23.05 -43.48
CA LYS E 441 18.35 -22.99 -42.55
C LYS E 441 17.96 -22.28 -41.25
N SER E 442 17.18 -21.21 -41.33
CA SER E 442 16.82 -20.42 -40.16
C SER E 442 15.39 -19.91 -40.30
N LYS E 443 14.81 -19.56 -39.16
CA LYS E 443 13.43 -19.10 -39.13
C LYS E 443 13.28 -17.74 -39.80
N LEU E 444 12.05 -17.41 -40.17
CA LEU E 444 11.74 -16.20 -40.89
C LEU E 444 11.54 -15.02 -39.94
N LYS E 445 12.02 -13.85 -40.36
CA LYS E 445 11.69 -12.61 -39.68
C LYS E 445 10.27 -12.19 -40.03
N PRO E 446 9.62 -11.38 -39.19
CA PRO E 446 8.23 -11.00 -39.46
C PRO E 446 8.06 -10.31 -40.81
N PHE E 447 6.98 -10.68 -41.49
CA PHE E 447 6.62 -10.10 -42.80
C PHE E 447 7.77 -10.23 -43.80
N GLU E 448 8.28 -11.45 -43.93
CA GLU E 448 9.36 -11.75 -44.87
C GLU E 448 8.95 -12.94 -45.73
N ARG E 449 9.30 -12.88 -47.02
CA ARG E 449 8.94 -13.91 -47.98
C ARG E 449 10.20 -14.56 -48.55
N ASP E 450 10.00 -15.74 -49.16
CA ASP E 450 11.07 -16.47 -49.81
C ASP E 450 10.55 -17.03 -51.13
N ILE E 451 11.34 -16.90 -52.18
CA ILE E 451 10.92 -17.34 -53.52
C ILE E 451 11.96 -18.29 -54.10
N SER E 452 13.21 -18.16 -53.64
CA SER E 452 14.31 -18.90 -54.24
C SER E 452 14.08 -20.40 -54.19
N THR E 453 14.33 -21.07 -55.31
CA THR E 453 14.23 -22.51 -55.43
C THR E 453 15.63 -23.09 -55.55
N GLU E 454 16.00 -23.96 -54.60
CA GLU E 454 17.33 -24.54 -54.56
C GLU E 454 17.24 -25.91 -53.92
N ILE E 455 18.26 -26.73 -54.13
CA ILE E 455 18.30 -28.09 -53.62
C ILE E 455 18.87 -28.06 -52.21
N TYR E 456 18.01 -28.26 -51.21
CA TYR E 456 18.45 -28.22 -49.82
C TYR E 456 19.35 -29.40 -49.52
N GLN E 457 20.40 -29.13 -48.74
CA GLN E 457 21.42 -30.11 -48.40
C GLN E 457 21.32 -30.47 -46.92
N ALA E 458 21.20 -31.76 -46.63
CA ALA E 458 21.15 -32.26 -45.27
C ALA E 458 22.38 -33.11 -44.92
N GLY E 459 23.49 -32.90 -45.62
CA GLY E 459 24.71 -33.64 -45.38
C GLY E 459 25.92 -32.75 -45.52
N ASN E 460 27.09 -33.34 -45.26
CA ASN E 460 28.34 -32.59 -45.38
C ASN E 460 28.73 -32.38 -46.84
N LYS E 461 28.52 -33.39 -47.68
CA LYS E 461 28.91 -33.29 -49.08
C LYS E 461 27.99 -32.33 -49.81
N PRO E 462 28.50 -31.56 -50.77
CA PRO E 462 27.64 -30.64 -51.52
C PRO E 462 26.63 -31.38 -52.38
N CYS E 463 25.48 -30.76 -52.57
CA CYS E 463 24.43 -31.37 -53.38
C CYS E 463 24.81 -31.44 -54.85
N ASN E 464 25.50 -30.41 -55.35
CA ASN E 464 25.96 -30.34 -56.74
C ASN E 464 24.79 -30.40 -57.72
N GLY E 465 23.64 -29.88 -57.32
CA GLY E 465 22.52 -29.75 -58.24
C GLY E 465 21.72 -31.01 -58.49
N VAL E 466 21.91 -32.05 -57.70
CA VAL E 466 21.16 -33.30 -57.85
C VAL E 466 20.57 -33.68 -56.50
N ALA E 467 19.29 -34.07 -56.50
CA ALA E 467 18.59 -34.46 -55.28
C ALA E 467 18.82 -35.94 -55.02
N GLY E 468 20.01 -36.24 -54.50
CA GLY E 468 20.37 -37.60 -54.17
C GLY E 468 20.32 -37.86 -52.68
N PRO E 469 21.40 -38.40 -52.12
CA PRO E 469 21.46 -38.64 -50.67
C PRO E 469 21.69 -37.33 -49.92
N ASN E 470 20.87 -37.08 -48.91
CA ASN E 470 20.92 -35.84 -48.13
C ASN E 470 20.77 -34.62 -49.04
N CYS E 471 19.90 -34.73 -50.04
CA CYS E 471 19.64 -33.64 -50.97
C CYS E 471 18.18 -33.71 -51.37
N TYR E 472 17.42 -32.67 -51.04
CA TYR E 472 15.98 -32.68 -51.24
C TYR E 472 15.52 -31.37 -51.87
N SER E 473 14.25 -31.33 -52.25
CA SER E 473 13.63 -30.13 -52.80
C SER E 473 12.66 -29.56 -51.77
N PRO E 474 12.90 -28.36 -51.24
CA PRO E 474 12.07 -27.81 -50.16
C PRO E 474 10.81 -27.10 -50.66
N LEU E 475 10.09 -27.75 -51.58
CA LEU E 475 8.82 -27.22 -52.09
C LEU E 475 7.88 -28.40 -52.26
N GLN E 476 7.09 -28.67 -51.23
CA GLN E 476 6.16 -29.79 -51.23
C GLN E 476 4.78 -29.30 -51.65
N SER E 477 4.10 -30.10 -52.47
CA SER E 477 2.80 -29.73 -53.02
C SER E 477 1.69 -30.27 -52.12
N TYR E 478 0.73 -29.40 -51.81
CA TYR E 478 -0.47 -29.85 -51.12
C TYR E 478 -1.23 -30.84 -51.98
N GLY E 479 -1.75 -31.89 -51.35
CA GLY E 479 -2.63 -32.80 -52.05
C GLY E 479 -4.07 -32.60 -51.62
N PHE E 480 -4.86 -31.94 -52.46
CA PHE E 480 -6.23 -31.58 -52.12
C PHE E 480 -7.19 -32.50 -52.85
N ARG E 481 -8.08 -33.14 -52.10
CA ARG E 481 -9.10 -34.03 -52.62
C ARG E 481 -10.43 -33.70 -51.98
N PRO E 482 -11.56 -33.96 -52.66
CA PRO E 482 -12.86 -33.60 -52.08
C PRO E 482 -13.39 -34.60 -51.06
N THR E 483 -12.71 -35.74 -50.87
CA THR E 483 -13.15 -36.75 -49.91
C THR E 483 -12.36 -36.70 -48.61
N TYR E 484 -11.58 -35.66 -48.39
CA TYR E 484 -10.76 -35.55 -47.20
C TYR E 484 -11.59 -35.05 -46.02
N GLY E 485 -11.02 -35.17 -44.83
CA GLY E 485 -11.65 -34.63 -43.64
C GLY E 485 -11.51 -33.12 -43.58
N VAL E 486 -12.26 -32.54 -42.64
CA VAL E 486 -12.33 -31.08 -42.54
C VAL E 486 -10.94 -30.50 -42.26
N GLY E 487 -10.15 -31.18 -41.44
CA GLY E 487 -8.83 -30.68 -41.08
C GLY E 487 -7.83 -30.63 -42.22
N HIS E 488 -8.14 -31.25 -43.37
CA HIS E 488 -7.23 -31.28 -44.49
C HIS E 488 -7.72 -30.51 -45.71
N GLN E 489 -8.94 -29.97 -45.66
CA GLN E 489 -9.48 -29.25 -46.81
C GLN E 489 -8.82 -27.89 -46.95
N PRO E 490 -8.67 -27.39 -48.17
CA PRO E 490 -8.03 -26.09 -48.38
C PRO E 490 -8.85 -24.95 -47.78
N TYR E 491 -8.14 -23.95 -47.25
CA TYR E 491 -8.74 -22.77 -46.65
C TYR E 491 -8.08 -21.53 -47.23
N ARG E 492 -8.90 -20.57 -47.67
CA ARG E 492 -8.40 -19.31 -48.19
C ARG E 492 -8.30 -18.30 -47.06
N VAL E 493 -7.15 -17.63 -46.97
CA VAL E 493 -6.86 -16.71 -45.88
C VAL E 493 -6.48 -15.35 -46.44
N VAL E 494 -7.03 -14.30 -45.86
CA VAL E 494 -6.69 -12.92 -46.18
C VAL E 494 -6.46 -12.18 -44.87
N VAL E 495 -5.30 -11.54 -44.75
CA VAL E 495 -4.90 -10.80 -43.56
C VAL E 495 -4.88 -9.32 -43.89
N LEU E 496 -5.59 -8.53 -43.09
CA LEU E 496 -5.59 -7.08 -43.20
C LEU E 496 -4.74 -6.49 -42.09
N SER E 497 -3.76 -5.69 -42.45
CA SER E 497 -2.86 -5.05 -41.52
C SER E 497 -3.07 -3.54 -41.57
N PHE E 498 -3.31 -2.95 -40.40
CA PHE E 498 -3.55 -1.53 -40.26
C PHE E 498 -2.30 -0.83 -39.76
N GLU E 499 -2.09 0.40 -40.23
CA GLU E 499 -1.02 1.26 -39.75
C GLU E 499 -1.62 2.40 -38.96
N LEU E 500 -1.14 2.61 -37.74
CA LEU E 500 -1.72 3.62 -36.85
C LEU E 500 -1.35 5.01 -37.33
N LEU E 501 -1.80 6.01 -36.58
CA LEU E 501 -1.70 7.41 -36.99
C LEU E 501 -0.34 7.97 -36.55
N HIS E 502 0.56 8.14 -37.51
CA HIS E 502 1.83 8.81 -37.28
C HIS E 502 2.08 9.84 -38.39
N ALA E 503 1.49 9.59 -39.54
CA ALA E 503 1.64 10.36 -40.77
C ALA E 503 0.23 10.80 -41.18
N PRO E 504 0.04 11.64 -42.19
CA PRO E 504 -1.33 12.09 -42.48
C PRO E 504 -2.21 10.94 -42.94
N ALA E 505 -3.41 10.88 -42.37
CA ALA E 505 -4.30 9.75 -42.60
C ALA E 505 -4.85 9.75 -44.01
N THR E 506 -5.09 8.54 -44.52
CA THR E 506 -5.57 8.36 -45.89
C THR E 506 -6.75 7.40 -46.03
N VAL E 507 -7.00 6.52 -45.07
CA VAL E 507 -8.04 5.49 -45.19
C VAL E 507 -8.90 5.54 -43.94
N CYS E 508 -10.20 5.80 -44.12
CA CYS E 508 -11.18 5.70 -43.04
C CYS E 508 -12.59 5.81 -43.61
N GLY E 509 -13.56 5.57 -42.72
CA GLY E 509 -14.94 5.40 -43.12
C GLY E 509 -15.63 6.72 -43.41
N PRO E 510 -16.90 6.61 -43.82
CA PRO E 510 -17.70 7.76 -44.27
C PRO E 510 -18.30 8.59 -43.13
N LYS E 511 -17.50 9.50 -42.60
CA LYS E 511 -17.95 10.44 -41.58
C LYS E 511 -17.95 11.85 -42.16
N LYS E 512 -19.07 12.55 -42.01
CA LYS E 512 -19.19 13.90 -42.54
C LYS E 512 -18.29 14.87 -41.79
N SER E 513 -17.79 15.87 -42.51
CA SER E 513 -16.94 16.89 -41.95
C SER E 513 -17.75 18.17 -41.74
N THR E 514 -17.70 18.71 -40.53
CA THR E 514 -18.51 19.85 -40.14
C THR E 514 -17.64 21.09 -39.99
N ASN E 515 -18.28 22.21 -39.63
CA ASN E 515 -17.61 23.50 -39.53
C ASN E 515 -16.67 23.50 -38.33
N LEU E 516 -15.75 24.47 -38.33
CA LEU E 516 -14.76 24.64 -37.27
C LEU E 516 -15.09 25.88 -36.46
N VAL E 517 -15.11 25.75 -35.14
CA VAL E 517 -15.37 26.86 -34.23
C VAL E 517 -14.19 27.00 -33.27
N LYS E 518 -14.03 28.21 -32.74
CA LYS E 518 -12.90 28.53 -31.88
C LYS E 518 -13.36 29.33 -30.67
N ASN E 519 -12.54 29.30 -29.63
CA ASN E 519 -12.78 30.03 -28.38
C ASN E 519 -14.11 29.61 -27.73
N LYS E 520 -14.44 28.33 -27.84
CA LYS E 520 -15.63 27.78 -27.21
C LYS E 520 -15.31 26.39 -26.69
N CYS E 521 -15.88 26.05 -25.54
CA CYS E 521 -15.74 24.72 -24.97
C CYS E 521 -16.57 23.75 -25.81
N VAL E 522 -15.91 23.04 -26.72
CA VAL E 522 -16.58 22.17 -27.68
C VAL E 522 -15.92 20.80 -27.68
N ASN E 523 -16.64 19.83 -28.23
CA ASN E 523 -16.11 18.50 -28.47
C ASN E 523 -15.50 18.42 -29.87
N PHE E 524 -14.33 17.81 -29.96
CA PHE E 524 -13.60 17.72 -31.22
C PHE E 524 -13.28 16.26 -31.53
N ASN E 525 -13.20 15.97 -32.83
CA ASN E 525 -12.86 14.63 -33.33
C ASN E 525 -11.96 14.84 -34.55
N PHE E 526 -10.64 14.81 -34.31
CA PHE E 526 -9.64 14.98 -35.36
C PHE E 526 -9.06 13.61 -35.71
N ASN E 527 -9.49 13.06 -36.84
CA ASN E 527 -8.94 11.81 -37.38
C ASN E 527 -8.99 10.68 -36.35
N GLY E 528 -10.12 10.57 -35.66
CA GLY E 528 -10.32 9.54 -34.67
C GLY E 528 -9.87 9.91 -33.27
N LEU E 529 -9.21 11.04 -33.10
CA LEU E 529 -8.82 11.53 -31.78
C LEU E 529 -9.96 12.38 -31.26
N THR E 530 -10.64 11.91 -30.22
CA THR E 530 -11.83 12.56 -29.70
C THR E 530 -11.55 13.16 -28.33
N GLY E 531 -12.14 14.32 -28.07
CA GLY E 531 -11.95 14.97 -26.78
C GLY E 531 -12.84 16.17 -26.63
N THR E 532 -12.71 16.84 -25.49
CA THR E 532 -13.44 18.06 -25.20
C THR E 532 -12.44 19.13 -24.76
N GLY E 533 -12.64 20.36 -25.22
CA GLY E 533 -11.74 21.43 -24.84
C GLY E 533 -12.04 22.70 -25.61
N VAL E 534 -11.14 23.67 -25.46
CA VAL E 534 -11.22 24.96 -26.13
C VAL E 534 -10.08 25.01 -27.13
N LEU E 535 -10.41 25.28 -28.39
CA LEU E 535 -9.44 25.33 -29.48
C LEU E 535 -9.15 26.78 -29.83
N THR E 536 -7.87 27.14 -29.81
CA THR E 536 -7.43 28.49 -30.14
C THR E 536 -6.31 28.44 -31.16
N GLU E 537 -5.92 29.62 -31.64
CA GLU E 537 -4.80 29.71 -32.57
C GLU E 537 -3.50 29.34 -31.87
N SER E 538 -2.51 28.95 -32.66
CA SER E 538 -1.26 28.44 -32.14
C SER E 538 -0.08 29.21 -32.72
N ASN E 539 0.91 29.47 -31.88
CA ASN E 539 2.18 30.03 -32.30
C ASN E 539 3.27 28.97 -32.45
N LYS E 540 2.93 27.70 -32.27
CA LYS E 540 3.92 26.63 -32.36
C LYS E 540 4.38 26.44 -33.80
N LYS E 541 5.67 26.14 -33.96
CA LYS E 541 6.27 26.00 -35.29
C LYS E 541 6.43 24.51 -35.58
N PHE E 542 5.35 23.92 -36.09
CA PHE E 542 5.37 22.50 -36.45
C PHE E 542 6.26 22.26 -37.66
N LEU E 543 7.04 21.19 -37.61
CA LEU E 543 7.79 20.78 -38.77
C LEU E 543 6.87 20.10 -39.78
N PRO E 544 7.25 20.08 -41.06
CA PRO E 544 6.34 19.54 -42.09
C PRO E 544 5.90 18.11 -41.84
N PHE E 545 6.73 17.28 -41.22
CA PHE E 545 6.39 15.88 -41.01
C PHE E 545 5.65 15.61 -39.71
N GLN E 546 5.39 16.65 -38.90
CA GLN E 546 4.75 16.49 -37.62
C GLN E 546 3.26 16.76 -37.73
N GLN E 547 2.48 16.08 -36.88
CA GLN E 547 1.03 16.25 -36.89
C GLN E 547 0.47 16.54 -35.51
N PHE E 548 1.08 16.00 -34.47
CA PHE E 548 0.57 16.09 -33.11
C PHE E 548 1.55 16.84 -32.21
N GLY E 549 1.12 17.09 -30.98
CA GLY E 549 1.95 17.71 -29.98
C GLY E 549 1.60 17.23 -28.59
N ARG E 550 2.60 16.78 -27.83
CA ARG E 550 2.37 16.17 -26.54
C ARG E 550 2.98 17.03 -25.42
N ASP E 551 2.62 16.67 -24.19
CA ASP E 551 3.04 17.42 -23.01
C ASP E 551 3.69 16.49 -22.00
N ILE E 552 3.89 16.99 -20.77
CA ILE E 552 4.55 16.20 -19.73
C ILE E 552 3.76 14.93 -19.43
N ALA E 553 2.44 15.04 -19.32
CA ALA E 553 1.59 13.88 -19.05
C ALA E 553 1.32 13.02 -20.27
N ASP E 554 1.91 13.37 -21.41
CA ASP E 554 1.74 12.61 -22.67
C ASP E 554 0.28 12.59 -23.10
N THR E 555 -0.29 13.78 -23.27
CA THR E 555 -1.61 13.94 -23.85
C THR E 555 -1.56 15.03 -24.91
N THR E 556 -2.40 14.89 -25.92
CA THR E 556 -2.36 15.82 -27.05
C THR E 556 -2.81 17.21 -26.62
N ASP E 557 -2.07 18.23 -27.06
CA ASP E 557 -2.44 19.60 -26.79
C ASP E 557 -2.28 20.53 -27.99
N ALA E 558 -1.75 20.06 -29.11
CA ALA E 558 -1.67 20.85 -30.33
C ALA E 558 -1.88 19.92 -31.52
N VAL E 559 -2.84 20.27 -32.38
CA VAL E 559 -3.27 19.42 -33.48
C VAL E 559 -3.16 20.18 -34.79
N ARG E 560 -3.17 19.44 -35.90
CA ARG E 560 -3.15 20.00 -37.23
C ARG E 560 -4.45 19.66 -37.94
N ASP E 561 -5.12 20.67 -38.48
CA ASP E 561 -6.40 20.47 -39.14
C ASP E 561 -6.20 19.69 -40.43
N PRO E 562 -6.84 18.54 -40.63
CA PRO E 562 -6.61 17.76 -41.85
C PRO E 562 -6.96 18.47 -43.14
N GLN E 563 -7.98 19.32 -43.15
CA GLN E 563 -8.41 19.95 -44.39
C GLN E 563 -7.51 21.12 -44.75
N THR E 564 -7.38 22.10 -43.86
CA THR E 564 -6.47 23.23 -44.03
C THR E 564 -5.31 23.04 -43.07
N LEU E 565 -4.08 23.09 -43.60
CA LEU E 565 -2.88 22.77 -42.82
C LEU E 565 -2.62 23.90 -41.84
N GLU E 566 -3.38 23.90 -40.74
CA GLU E 566 -3.30 24.91 -39.69
C GLU E 566 -3.22 24.22 -38.34
N ILE E 567 -2.47 24.82 -37.43
CA ILE E 567 -2.22 24.26 -36.11
C ILE E 567 -3.11 24.94 -35.09
N LEU E 568 -3.77 24.14 -34.25
CA LEU E 568 -4.65 24.61 -33.20
C LEU E 568 -4.16 24.12 -31.85
N ASP E 569 -4.39 24.92 -30.82
CA ASP E 569 -4.02 24.61 -29.46
C ASP E 569 -5.25 24.28 -28.63
N ILE E 570 -5.15 23.22 -27.82
CA ILE E 570 -6.26 22.70 -27.03
C ILE E 570 -6.01 23.02 -25.56
N THR E 571 -7.03 23.54 -24.89
CA THR E 571 -6.95 23.81 -23.45
C THR E 571 -8.21 23.28 -22.79
N PRO E 572 -8.10 22.51 -21.70
CA PRO E 572 -9.31 22.02 -21.03
C PRO E 572 -10.18 23.16 -20.52
N CYS E 573 -11.49 22.92 -20.55
CA CYS E 573 -12.44 23.93 -20.12
C CYS E 573 -12.32 24.16 -18.61
N SER E 574 -12.86 25.30 -18.17
CA SER E 574 -12.68 25.74 -16.79
C SER E 574 -13.32 24.77 -15.80
N PHE E 575 -12.68 24.63 -14.64
CA PHE E 575 -13.19 23.79 -13.57
C PHE E 575 -12.64 24.31 -12.24
N GLY E 576 -13.23 23.83 -11.16
CA GLY E 576 -12.77 24.23 -9.84
C GLY E 576 -13.53 23.50 -8.76
N GLY E 577 -13.18 23.83 -7.51
CA GLY E 577 -13.82 23.21 -6.36
C GLY E 577 -14.71 24.17 -5.58
N VAL E 578 -15.67 23.62 -4.84
CA VAL E 578 -16.66 24.42 -4.13
C VAL E 578 -16.66 24.00 -2.66
N SER E 579 -16.65 25.00 -1.78
CA SER E 579 -16.73 24.77 -0.34
C SER E 579 -17.95 25.47 0.22
N VAL E 580 -18.55 24.87 1.25
CA VAL E 580 -19.77 25.39 1.86
C VAL E 580 -19.43 25.78 3.29
N ILE E 581 -19.68 27.05 3.63
CA ILE E 581 -19.44 27.61 4.95
C ILE E 581 -20.80 27.75 5.62
N THR E 582 -20.99 27.04 6.74
CA THR E 582 -22.26 27.05 7.43
C THR E 582 -22.06 27.03 8.94
N PRO E 583 -22.91 27.72 9.68
CA PRO E 583 -23.04 27.46 11.12
C PRO E 583 -23.82 26.17 11.32
N GLY E 584 -23.93 25.74 12.57
CA GLY E 584 -24.62 24.50 12.86
C GLY E 584 -26.08 24.56 12.44
N THR E 585 -26.59 23.41 12.01
CA THR E 585 -27.98 23.32 11.58
C THR E 585 -28.95 23.69 12.70
N ASN E 586 -28.52 23.50 13.96
CA ASN E 586 -29.33 23.91 15.10
C ASN E 586 -29.49 25.42 15.18
N THR E 587 -28.70 26.19 14.44
CA THR E 587 -28.73 27.65 14.50
C THR E 587 -29.48 28.27 13.32
N SER E 588 -29.09 27.94 12.09
CA SER E 588 -29.72 28.54 10.93
C SER E 588 -29.50 27.63 9.73
N ASN E 589 -30.27 27.88 8.67
CA ASN E 589 -30.22 27.10 7.44
C ASN E 589 -29.47 27.81 6.32
N GLN E 590 -28.80 28.92 6.60
CA GLN E 590 -28.12 29.69 5.58
C GLN E 590 -26.67 29.24 5.43
N VAL E 591 -26.16 29.32 4.20
CA VAL E 591 -24.79 28.93 3.88
C VAL E 591 -24.17 29.98 2.98
N ALA E 592 -22.84 29.97 2.94
CA ALA E 592 -22.06 30.75 1.98
C ALA E 592 -21.24 29.79 1.13
N VAL E 593 -21.01 30.16 -0.13
CA VAL E 593 -20.37 29.26 -1.09
C VAL E 593 -19.06 29.89 -1.55
N LEU E 594 -17.96 29.16 -1.39
CA LEU E 594 -16.64 29.64 -1.78
C LEU E 594 -16.16 28.82 -2.96
N TYR E 595 -16.00 29.47 -4.12
CA TYR E 595 -15.39 28.85 -5.28
C TYR E 595 -13.88 29.03 -5.16
N GLN E 596 -13.15 27.92 -5.02
CA GLN E 596 -11.76 27.97 -4.64
C GLN E 596 -10.87 28.26 -5.84
N GLY E 597 -10.00 29.26 -5.70
CA GLY E 597 -9.01 29.59 -6.71
C GLY E 597 -9.60 30.02 -8.04
N VAL E 598 -10.58 30.91 -8.00
CA VAL E 598 -11.23 31.40 -9.22
C VAL E 598 -11.40 32.91 -9.11
N ASN E 599 -10.89 33.63 -10.11
CA ASN E 599 -11.28 35.02 -10.33
C ASN E 599 -12.74 35.01 -10.76
N CYS E 600 -13.64 35.48 -9.89
CA CYS E 600 -15.06 35.18 -10.03
C CYS E 600 -15.81 36.21 -10.86
N THR E 601 -15.15 36.85 -11.80
CA THR E 601 -15.84 37.34 -12.98
C THR E 601 -16.03 36.24 -14.03
N GLU E 602 -15.72 35.00 -13.64
CA GLU E 602 -15.73 33.84 -14.52
C GLU E 602 -16.78 32.80 -14.14
N VAL E 603 -17.14 32.71 -12.86
CA VAL E 603 -18.11 31.73 -12.38
C VAL E 603 -19.42 31.78 -13.17
N GLN E 611 -23.39 26.14 -18.75
CA GLN E 611 -23.94 24.89 -18.23
C GLN E 611 -23.06 24.32 -17.12
N LEU E 612 -23.24 24.84 -15.91
CA LEU E 612 -22.44 24.40 -14.78
C LEU E 612 -22.87 23.02 -14.32
N THR E 613 -21.91 22.28 -13.76
CA THR E 613 -22.22 20.95 -13.24
C THR E 613 -23.23 20.98 -12.09
N PRO E 614 -23.10 21.83 -11.07
CA PRO E 614 -24.15 21.87 -10.04
C PRO E 614 -25.44 22.43 -10.61
N THR E 615 -26.54 21.71 -10.39
CA THR E 615 -27.81 22.10 -10.99
C THR E 615 -28.36 23.38 -10.36
N TRP E 616 -28.19 23.54 -9.04
CA TRP E 616 -28.59 24.78 -8.40
C TRP E 616 -27.72 25.91 -8.90
N ARG E 617 -28.35 27.04 -9.24
CA ARG E 617 -27.64 28.18 -9.78
C ARG E 617 -27.61 29.30 -8.76
N VAL E 618 -26.55 30.12 -8.82
CA VAL E 618 -26.38 31.26 -7.94
C VAL E 618 -26.63 32.52 -8.75
N TYR E 619 -27.36 33.47 -8.14
CA TYR E 619 -27.64 34.75 -8.76
C TYR E 619 -26.90 35.83 -7.99
N SER E 620 -26.18 36.68 -8.71
CA SER E 620 -25.28 37.65 -8.11
C SER E 620 -26.00 38.98 -7.94
N THR E 621 -26.12 39.43 -6.68
CA THR E 621 -26.61 40.75 -6.37
C THR E 621 -25.44 41.69 -6.13
N GLY E 622 -25.72 42.92 -5.67
CA GLY E 622 -24.69 43.92 -5.57
C GLY E 622 -23.60 43.57 -4.58
N SER E 623 -23.98 43.12 -3.38
CA SER E 623 -23.06 43.00 -2.27
C SER E 623 -22.80 41.56 -1.83
N ASN E 624 -23.41 40.57 -2.47
CA ASN E 624 -23.17 39.19 -2.04
C ASN E 624 -21.82 38.67 -2.50
N VAL E 625 -21.38 39.05 -3.69
CA VAL E 625 -20.14 38.52 -4.25
C VAL E 625 -18.97 39.30 -3.70
N PHE E 626 -17.99 38.57 -3.15
CA PHE E 626 -16.77 39.16 -2.60
C PHE E 626 -15.58 38.39 -3.15
N GLN E 627 -14.49 39.11 -3.40
CA GLN E 627 -13.28 38.52 -3.96
C GLN E 627 -12.19 38.49 -2.89
N THR E 628 -11.67 37.31 -2.63
CA THR E 628 -10.56 37.10 -1.70
C THR E 628 -9.37 36.52 -2.45
N ARG E 629 -8.30 36.27 -1.72
CA ARG E 629 -7.10 35.67 -2.30
C ARG E 629 -7.14 34.14 -2.32
N ALA E 630 -8.18 33.54 -1.74
CA ALA E 630 -8.35 32.09 -1.75
C ALA E 630 -9.47 31.64 -2.67
N GLY E 631 -10.10 32.56 -3.39
CA GLY E 631 -11.23 32.23 -4.25
C GLY E 631 -12.24 33.35 -4.29
N CYS E 632 -13.51 33.00 -4.50
CA CYS E 632 -14.59 33.98 -4.45
C CYS E 632 -15.69 33.50 -3.54
N LEU E 633 -16.20 34.41 -2.71
CA LEU E 633 -17.18 34.10 -1.68
C LEU E 633 -18.54 34.67 -2.10
N ILE E 634 -19.57 33.83 -2.07
CA ILE E 634 -20.92 34.22 -2.46
C ILE E 634 -21.83 34.00 -1.25
N GLY E 635 -22.59 35.03 -0.90
CA GLY E 635 -23.52 34.95 0.21
C GLY E 635 -23.01 35.49 1.53
N ALA E 636 -21.92 36.24 1.54
CA ALA E 636 -21.37 36.79 2.77
C ALA E 636 -21.09 38.27 2.59
N GLU E 637 -21.25 39.03 3.67
CA GLU E 637 -21.08 40.48 3.66
C GLU E 637 -19.74 40.83 4.32
N TYR E 638 -19.08 41.85 3.80
CA TYR E 638 -17.76 42.26 4.28
C TYR E 638 -17.86 43.50 5.15
N VAL E 639 -17.15 43.48 6.29
CA VAL E 639 -17.11 44.61 7.21
C VAL E 639 -15.67 44.80 7.69
N ASN E 640 -15.36 46.04 8.10
CA ASN E 640 -14.06 46.33 8.68
C ASN E 640 -13.93 45.92 10.13
N ASN E 641 -15.03 45.66 10.83
CA ASN E 641 -14.93 45.23 12.22
C ASN E 641 -14.13 43.94 12.31
N SER E 642 -13.15 43.92 13.19
CA SER E 642 -12.22 42.80 13.34
C SER E 642 -12.47 42.10 14.66
N TYR E 643 -12.67 40.79 14.61
CA TYR E 643 -12.88 39.97 15.79
C TYR E 643 -11.94 38.76 15.73
N GLU E 644 -12.08 37.88 16.72
CA GLU E 644 -11.36 36.61 16.69
C GLU E 644 -11.93 35.71 15.62
N CYS E 645 -11.09 34.84 15.08
CA CYS E 645 -11.51 33.96 14.00
C CYS E 645 -12.54 32.95 14.50
N ASP E 646 -13.57 32.73 13.68
CA ASP E 646 -14.63 31.78 13.99
C ASP E 646 -14.63 30.60 13.02
N ILE E 647 -14.75 30.87 11.72
CA ILE E 647 -14.68 29.86 10.68
C ILE E 647 -13.59 30.26 9.69
N PRO E 648 -12.42 29.62 9.74
CA PRO E 648 -11.35 29.99 8.82
C PRO E 648 -11.74 29.78 7.37
N ILE E 649 -11.27 30.68 6.50
CA ILE E 649 -11.60 30.62 5.09
C ILE E 649 -10.32 30.53 4.26
N GLY E 650 -9.49 31.56 4.34
CA GLY E 650 -8.31 31.67 3.48
C GLY E 650 -7.22 32.47 4.12
N ALA E 651 -6.59 33.34 3.34
CA ALA E 651 -5.43 34.11 3.80
C ALA E 651 -5.91 35.33 4.57
N GLY E 652 -5.97 35.21 5.89
CA GLY E 652 -6.31 36.34 6.73
C GLY E 652 -7.77 36.74 6.73
N ILE E 653 -8.67 35.82 6.39
CA ILE E 653 -10.11 36.07 6.39
C ILE E 653 -10.78 35.00 7.23
N CYS E 654 -11.85 35.39 7.93
CA CYS E 654 -12.67 34.45 8.67
C CYS E 654 -14.14 34.83 8.47
N ALA E 655 -15.02 33.91 8.80
CA ALA E 655 -16.45 34.12 8.65
C ALA E 655 -17.17 33.80 9.95
N SER E 656 -18.32 34.42 10.14
CA SER E 656 -19.10 34.21 11.35
C SER E 656 -20.56 34.53 11.07
N TYR E 657 -21.42 34.08 11.98
CA TYR E 657 -22.87 34.25 11.84
C TYR E 657 -23.34 35.37 12.76
N GLN E 658 -24.06 36.33 12.20
CA GLN E 658 -24.64 37.43 12.96
C GLN E 658 -26.16 37.34 12.90
N THR E 659 -26.80 37.81 13.96
CA THR E 659 -28.25 37.70 14.08
C THR E 659 -28.95 38.58 13.04
N GLN E 660 -30.01 38.04 12.45
CA GLN E 660 -30.84 38.75 11.48
C GLN E 660 -30.03 39.29 10.31
N SER E 672 -27.44 43.12 3.74
CA SER E 672 -27.28 42.48 5.04
C SER E 672 -27.59 40.99 4.95
N GLN E 673 -26.66 40.22 4.40
CA GLN E 673 -26.88 38.80 4.12
C GLN E 673 -26.32 37.94 5.25
N SER E 674 -26.80 38.21 6.46
CA SER E 674 -26.55 37.34 7.61
C SER E 674 -25.06 37.08 7.84
N ILE E 675 -24.57 35.95 7.30
CA ILE E 675 -23.18 35.57 7.49
C ILE E 675 -22.25 36.68 7.03
N ILE E 676 -21.29 37.03 7.88
CA ILE E 676 -20.35 38.11 7.60
C ILE E 676 -18.94 37.52 7.50
N ALA E 677 -18.09 38.20 6.73
CA ALA E 677 -16.70 37.84 6.56
C ALA E 677 -15.83 39.03 6.93
N TYR E 678 -14.82 38.79 7.77
CA TYR E 678 -14.01 39.86 8.31
C TYR E 678 -12.55 39.42 8.39
N THR E 679 -11.66 40.41 8.47
CA THR E 679 -10.25 40.13 8.68
C THR E 679 -10.01 39.79 10.14
N MET E 680 -9.29 38.71 10.38
CA MET E 680 -9.04 38.26 11.74
C MET E 680 -8.12 39.23 12.48
N SER E 681 -8.27 39.29 13.80
CA SER E 681 -7.54 40.21 14.64
C SER E 681 -6.51 39.44 15.47
N LEU E 682 -5.27 39.93 15.45
CA LEU E 682 -4.19 39.23 16.13
C LEU E 682 -4.33 39.30 17.65
N GLY E 683 -4.58 40.50 18.18
CA GLY E 683 -4.73 40.65 19.62
C GLY E 683 -4.92 42.10 19.99
N ALA E 684 -5.19 42.32 21.27
CA ALA E 684 -5.41 43.66 21.78
C ALA E 684 -4.12 44.47 21.72
N GLU E 685 -4.26 45.75 21.40
CA GLU E 685 -3.10 46.63 21.28
C GLU E 685 -2.57 47.02 22.65
N ASN E 686 -1.28 47.29 22.72
CA ASN E 686 -0.63 47.66 23.97
C ASN E 686 0.67 48.38 23.65
N SER E 687 1.16 49.12 24.64
CA SER E 687 2.45 49.82 24.51
C SER E 687 2.96 50.11 25.91
N VAL E 688 4.11 49.55 26.26
CA VAL E 688 4.68 49.69 27.59
C VAL E 688 5.62 50.89 27.61
N ALA E 689 5.45 51.76 28.60
CA ALA E 689 6.32 52.93 28.72
C ALA E 689 7.71 52.50 29.16
N TYR E 690 8.72 53.00 28.46
CA TYR E 690 10.11 52.64 28.75
C TYR E 690 10.92 53.91 28.95
N SER E 691 11.68 53.96 30.04
CA SER E 691 12.59 55.06 30.33
C SER E 691 13.81 54.48 31.02
N ASN E 692 14.93 55.20 30.95
CA ASN E 692 16.18 54.67 31.46
C ASN E 692 16.41 54.95 32.94
N ASN E 693 15.39 55.43 33.66
CA ASN E 693 15.48 55.53 35.11
C ASN E 693 14.16 55.18 35.79
N SER E 694 13.37 54.29 35.18
CA SER E 694 12.06 53.93 35.72
C SER E 694 11.92 52.41 35.79
N ILE E 695 11.29 51.93 36.87
CA ILE E 695 11.01 50.51 37.05
C ILE E 695 9.59 50.35 37.58
N ALA E 696 9.05 49.14 37.41
CA ALA E 696 7.72 48.80 37.90
C ALA E 696 7.82 47.54 38.72
N ILE E 697 7.37 47.60 39.97
CA ILE E 697 7.49 46.51 40.92
C ILE E 697 6.09 46.10 41.35
N PRO E 698 5.74 44.81 41.31
CA PRO E 698 4.42 44.41 41.78
C PRO E 698 4.29 44.57 43.29
N THR E 699 3.06 44.79 43.74
CA THR E 699 2.76 44.91 45.16
C THR E 699 1.75 43.88 45.64
N ASN E 700 1.29 42.97 44.79
CA ASN E 700 0.33 41.95 45.22
C ASN E 700 0.40 40.75 44.29
N PHE E 701 -0.20 39.63 44.73
CA PHE E 701 -0.08 38.40 43.97
C PHE E 701 -1.44 37.73 43.78
N THR E 702 -1.41 36.66 42.98
CA THR E 702 -2.62 35.88 42.70
C THR E 702 -2.22 34.43 42.42
N ILE E 703 -2.86 33.50 43.12
CA ILE E 703 -2.65 32.07 42.92
C ILE E 703 -3.68 31.57 41.93
N SER E 704 -3.20 30.91 40.86
CA SER E 704 -4.07 30.46 39.79
C SER E 704 -3.91 28.96 39.59
N VAL E 705 -5.00 28.31 39.17
CA VAL E 705 -5.03 26.88 38.93
C VAL E 705 -5.54 26.64 37.51
N THR E 706 -4.76 25.93 36.71
CA THR E 706 -5.10 25.64 35.33
C THR E 706 -5.10 24.14 35.09
N THR E 707 -5.75 23.72 34.00
CA THR E 707 -5.86 22.31 33.65
C THR E 707 -5.20 22.03 32.31
N GLU E 708 -4.66 20.82 32.18
CA GLU E 708 -4.00 20.39 30.96
C GLU E 708 -4.34 18.93 30.70
N ILE E 709 -4.80 18.62 29.49
CA ILE E 709 -5.33 17.29 29.15
C ILE E 709 -4.37 16.64 28.16
N LEU E 710 -4.02 15.37 28.43
CA LEU E 710 -3.09 14.64 27.55
C LEU E 710 -3.56 13.22 27.32
N PRO E 711 -3.71 12.80 26.06
CA PRO E 711 -4.00 11.39 25.79
C PRO E 711 -2.81 10.51 26.10
N VAL E 712 -3.09 9.24 26.42
CA VAL E 712 -2.03 8.30 26.79
C VAL E 712 -2.09 7.06 25.92
N SER E 713 -3.26 6.42 25.84
CA SER E 713 -3.40 5.16 25.14
C SER E 713 -4.66 5.18 24.28
N MET E 714 -4.79 4.17 23.42
CA MET E 714 -5.96 4.03 22.57
C MET E 714 -6.47 2.59 22.57
N THR E 715 -7.46 2.30 21.73
CA THR E 715 -8.09 0.99 21.74
C THR E 715 -7.19 -0.07 21.13
N LYS E 716 -7.22 -1.27 21.72
CA LYS E 716 -6.47 -2.41 21.22
C LYS E 716 -7.42 -3.32 20.46
N THR E 717 -7.18 -3.48 19.15
CA THR E 717 -8.02 -4.29 18.30
C THR E 717 -7.25 -5.50 17.78
N SER E 718 -7.99 -6.48 17.28
CA SER E 718 -7.43 -7.67 16.68
C SER E 718 -8.30 -8.08 15.49
N VAL E 719 -7.65 -8.50 14.41
CA VAL E 719 -8.32 -8.80 13.15
C VAL E 719 -7.99 -10.23 12.75
N ASP E 720 -9.00 -10.96 12.28
CA ASP E 720 -8.83 -12.31 11.76
C ASP E 720 -8.92 -12.27 10.23
N CYS E 721 -7.92 -12.87 9.58
CA CYS E 721 -7.84 -12.82 8.13
C CYS E 721 -8.91 -13.67 7.46
N THR E 722 -8.93 -14.98 7.78
CA THR E 722 -9.75 -15.91 7.02
C THR E 722 -11.23 -15.58 7.13
N MET E 723 -11.69 -15.23 8.34
CA MET E 723 -13.11 -14.93 8.51
C MET E 723 -13.48 -13.61 7.85
N TYR E 724 -12.59 -12.62 7.88
CA TYR E 724 -12.90 -11.34 7.26
C TYR E 724 -12.93 -11.45 5.74
N ILE E 725 -11.98 -12.17 5.16
CA ILE E 725 -11.85 -12.23 3.71
C ILE E 725 -12.77 -13.28 3.10
N CYS E 726 -12.75 -14.50 3.64
CA CYS E 726 -13.46 -15.62 3.04
C CYS E 726 -14.66 -16.10 3.83
N GLY E 727 -14.69 -15.89 5.14
CA GLY E 727 -15.79 -16.40 5.93
C GLY E 727 -15.66 -17.90 6.17
N ASP E 728 -16.78 -18.60 6.02
CA ASP E 728 -16.80 -20.05 6.19
C ASP E 728 -16.49 -20.80 4.90
N SER E 729 -16.27 -20.10 3.80
CA SER E 729 -15.97 -20.74 2.53
C SER E 729 -14.62 -21.46 2.60
N THR E 730 -14.54 -22.58 1.88
CA THR E 730 -13.32 -23.38 1.81
C THR E 730 -12.51 -23.14 0.55
N GLU E 731 -13.18 -22.92 -0.59
CA GLU E 731 -12.47 -22.62 -1.82
C GLU E 731 -11.74 -21.30 -1.73
N CYS E 732 -12.37 -20.29 -1.12
CA CYS E 732 -11.71 -18.99 -0.96
C CYS E 732 -10.48 -19.12 -0.07
N SER E 733 -10.56 -19.92 0.99
CA SER E 733 -9.41 -20.11 1.86
C SER E 733 -8.26 -20.78 1.12
N ASN E 734 -8.56 -21.78 0.29
CA ASN E 734 -7.52 -22.43 -0.49
C ASN E 734 -6.90 -21.47 -1.50
N LEU E 735 -7.73 -20.61 -2.12
CA LEU E 735 -7.19 -19.61 -3.03
C LEU E 735 -6.29 -18.62 -2.30
N LEU E 736 -6.69 -18.20 -1.10
CA LEU E 736 -5.92 -17.23 -0.33
C LEU E 736 -4.64 -17.83 0.23
N LEU E 737 -4.60 -19.15 0.41
CA LEU E 737 -3.43 -19.80 0.99
C LEU E 737 -2.17 -19.59 0.17
N GLN E 738 -2.30 -19.33 -1.13
CA GLN E 738 -1.15 -19.20 -2.01
C GLN E 738 -0.77 -17.74 -2.30
N TYR E 739 -1.30 -16.80 -1.53
CA TYR E 739 -0.97 -15.39 -1.72
C TYR E 739 0.22 -14.94 -0.87
N GLY E 740 0.84 -15.86 -0.12
CA GLY E 740 2.02 -15.51 0.64
C GLY E 740 1.80 -15.53 2.14
N SER E 741 2.44 -14.60 2.85
CA SER E 741 2.36 -14.53 4.31
C SER E 741 2.07 -13.10 4.75
N PHE E 742 1.11 -12.45 4.09
CA PHE E 742 0.72 -11.10 4.49
C PHE E 742 0.02 -11.10 5.84
N CYS E 743 -0.75 -12.15 6.12
CA CYS E 743 -1.59 -12.17 7.31
C CYS E 743 -0.76 -12.29 8.58
N THR E 744 0.34 -13.04 8.53
CA THR E 744 1.24 -13.10 9.67
C THR E 744 1.81 -11.72 9.98
N GLN E 745 2.18 -10.97 8.94
CA GLN E 745 2.67 -9.62 9.14
C GLN E 745 1.61 -8.72 9.77
N LEU E 746 0.37 -8.82 9.28
CA LEU E 746 -0.71 -8.01 9.84
C LEU E 746 -0.93 -8.33 11.31
N LYS E 747 -0.96 -9.62 11.65
CA LYS E 747 -1.14 -10.03 13.04
C LYS E 747 0.00 -9.53 13.91
N ARG E 748 1.24 -9.63 13.41
CA ARG E 748 2.39 -9.16 14.19
C ARG E 748 2.30 -7.67 14.46
N ALA E 749 1.94 -6.88 13.44
CA ALA E 749 1.83 -5.44 13.64
C ALA E 749 0.76 -5.10 14.67
N LEU E 750 -0.40 -5.75 14.58
CA LEU E 750 -1.47 -5.45 15.52
C LEU E 750 -1.10 -5.86 16.93
N THR E 751 -0.43 -7.00 17.09
CA THR E 751 0.02 -7.43 18.41
C THR E 751 1.03 -6.45 18.99
N GLY E 752 1.95 -5.96 18.16
CA GLY E 752 2.90 -4.96 18.64
C GLY E 752 2.23 -3.70 19.14
N ILE E 753 1.25 -3.21 18.38
CA ILE E 753 0.51 -2.01 18.82
C ILE E 753 -0.21 -2.29 20.14
N ALA E 754 -0.84 -3.46 20.25
CA ALA E 754 -1.59 -3.80 21.46
C ALA E 754 -0.68 -3.83 22.69
N VAL E 755 0.52 -4.39 22.55
CA VAL E 755 1.45 -4.42 23.67
C VAL E 755 1.97 -3.01 23.99
N GLU E 756 2.22 -2.21 22.95
CA GLU E 756 2.73 -0.86 23.16
C GLU E 756 1.76 0.00 23.95
N GLN E 757 0.45 -0.21 23.78
CA GLN E 757 -0.51 0.58 24.54
C GLN E 757 -0.38 0.35 26.04
N ASP E 758 -0.30 -0.93 26.46
CA ASP E 758 -0.13 -1.24 27.86
C ASP E 758 1.21 -0.71 28.38
N LYS E 759 2.26 -0.78 27.54
CA LYS E 759 3.54 -0.22 27.94
C LYS E 759 3.42 1.28 28.21
N ASN E 760 2.69 2.00 27.35
CA ASN E 760 2.49 3.43 27.54
C ASN E 760 1.81 3.73 28.87
N THR E 761 0.70 3.04 29.14
CA THR E 761 -0.03 3.31 30.38
C THR E 761 0.82 3.00 31.60
N GLN E 762 1.51 1.85 31.59
CA GLN E 762 2.34 1.47 32.73
C GLN E 762 3.47 2.46 32.94
N GLU E 763 4.11 2.93 31.87
CA GLU E 763 5.20 3.89 32.01
C GLU E 763 4.70 5.21 32.57
N VAL E 764 3.52 5.67 32.12
CA VAL E 764 3.03 6.96 32.56
C VAL E 764 2.62 6.94 34.02
N PHE E 765 1.86 5.92 34.44
CA PHE E 765 1.14 6.00 35.70
C PHE E 765 1.84 5.33 36.89
N ALA E 766 3.02 4.74 36.71
CA ALA E 766 3.60 3.87 37.73
C ALA E 766 5.01 4.31 38.11
N GLN E 767 5.17 5.60 38.41
CA GLN E 767 6.48 6.11 38.79
C GLN E 767 6.91 5.60 40.16
N VAL E 768 6.01 5.58 41.13
CA VAL E 768 6.34 5.19 42.51
C VAL E 768 5.93 3.74 42.72
N LYS E 769 6.66 3.06 43.61
CA LYS E 769 6.41 1.66 43.92
C LYS E 769 5.93 1.45 45.36
N GLN E 770 5.54 2.51 46.05
CA GLN E 770 4.94 2.41 47.37
C GLN E 770 3.61 3.16 47.37
N ILE E 771 2.60 2.55 47.97
CA ILE E 771 1.24 3.10 47.99
C ILE E 771 1.07 3.84 49.31
N TYR E 772 1.20 5.16 49.28
CA TYR E 772 1.06 5.98 50.47
C TYR E 772 -0.41 6.21 50.79
N LYS E 773 -0.68 6.55 52.05
CA LYS E 773 -2.03 6.80 52.53
C LYS E 773 -2.10 8.14 53.22
N THR E 774 -3.17 8.88 52.95
CA THR E 774 -3.38 10.18 53.58
C THR E 774 -3.76 10.01 55.05
N PRO E 775 -3.37 10.95 55.90
CA PRO E 775 -3.71 10.83 57.32
C PRO E 775 -5.21 10.91 57.53
N PRO E 776 -5.73 10.28 58.59
CA PRO E 776 -7.19 10.34 58.83
C PRO E 776 -7.72 11.74 59.05
N ILE E 777 -6.96 12.60 59.71
CA ILE E 777 -7.39 13.97 59.99
C ILE E 777 -6.93 14.86 58.85
N LYS E 778 -7.88 15.56 58.23
CA LYS E 778 -7.59 16.42 57.08
C LYS E 778 -7.55 17.87 57.57
N TYR E 779 -6.36 18.36 57.86
CA TYR E 779 -6.15 19.76 58.18
C TYR E 779 -4.73 20.12 57.77
N PHE E 780 -4.59 20.91 56.71
CA PHE E 780 -3.27 21.22 56.17
C PHE E 780 -3.01 22.73 56.22
N GLY E 781 -3.32 23.37 57.33
CA GLY E 781 -3.11 24.79 57.48
C GLY E 781 -4.18 25.68 56.89
N GLY E 782 -5.26 25.09 56.38
CA GLY E 782 -6.34 25.84 55.75
C GLY E 782 -6.63 25.41 54.32
N PHE E 783 -5.68 24.73 53.68
CA PHE E 783 -5.91 24.27 52.31
C PHE E 783 -6.89 23.11 52.32
N ASN E 784 -7.82 23.12 51.37
CA ASN E 784 -8.93 22.17 51.33
C ASN E 784 -8.77 21.28 50.11
N PHE E 785 -8.30 20.05 50.34
CA PHE E 785 -8.06 19.08 49.27
C PHE E 785 -9.19 18.08 49.12
N SER E 786 -10.40 18.43 49.54
CA SER E 786 -11.52 17.50 49.46
C SER E 786 -12.00 17.29 48.03
N GLN E 787 -11.61 18.16 47.10
CA GLN E 787 -12.06 18.08 45.72
C GLN E 787 -11.16 17.24 44.83
N ILE E 788 -10.04 16.74 45.37
CA ILE E 788 -9.15 15.88 44.58
C ILE E 788 -8.84 14.57 45.27
N LEU E 789 -8.98 14.45 46.58
CA LEU E 789 -8.71 13.21 47.28
C LEU E 789 -9.85 12.22 47.05
N PRO E 790 -9.58 10.92 47.19
CA PRO E 790 -10.62 9.92 46.91
C PRO E 790 -11.81 10.03 47.86
N ASP E 791 -12.99 9.66 47.35
CA ASP E 791 -14.22 9.68 48.13
C ASP E 791 -14.55 8.26 48.57
N PRO E 792 -14.49 7.94 49.86
CA PRO E 792 -14.75 6.56 50.29
C PRO E 792 -16.22 6.17 50.25
N SER E 793 -17.14 7.13 50.21
CA SER E 793 -18.56 6.80 50.21
C SER E 793 -18.95 6.04 48.95
N LYS E 794 -18.47 6.49 47.80
CA LYS E 794 -18.79 5.82 46.55
C LYS E 794 -18.06 4.48 46.45
N PRO E 795 -18.68 3.47 45.85
CA PRO E 795 -17.98 2.18 45.68
C PRO E 795 -16.75 2.28 44.79
N SER E 796 -16.74 3.21 43.84
CA SER E 796 -15.63 3.32 42.90
C SER E 796 -14.38 3.93 43.52
N LYS E 797 -14.53 4.67 44.62
CA LYS E 797 -13.40 5.34 45.29
C LYS E 797 -12.67 6.27 44.33
N ARG E 798 -13.40 7.27 43.84
CA ARG E 798 -12.87 8.26 42.93
C ARG E 798 -13.25 9.65 43.40
N SER E 799 -12.33 10.60 43.18
CA SER E 799 -12.57 11.98 43.56
C SER E 799 -13.67 12.60 42.70
N PRO E 800 -14.34 13.65 43.20
CA PRO E 800 -15.43 14.25 42.42
C PRO E 800 -15.00 14.72 41.04
N ILE E 801 -13.80 15.29 40.90
CA ILE E 801 -13.34 15.74 39.60
C ILE E 801 -13.09 14.54 38.69
N GLU E 802 -12.58 13.44 39.25
CA GLU E 802 -12.42 12.21 38.46
C GLU E 802 -13.77 11.70 38.00
N ASP E 803 -14.79 11.77 38.86
CA ASP E 803 -16.13 11.35 38.47
C ASP E 803 -16.67 12.21 37.33
N LEU E 804 -16.48 13.53 37.43
CA LEU E 804 -16.94 14.42 36.36
C LEU E 804 -16.23 14.12 35.05
N LEU E 805 -14.91 13.89 35.12
CA LEU E 805 -14.16 13.57 33.90
C LEU E 805 -14.64 12.25 33.30
N PHE E 806 -14.90 11.24 34.13
CA PHE E 806 -15.36 9.96 33.63
C PHE E 806 -16.73 10.07 32.98
N ASN E 807 -17.64 10.84 33.59
CA ASN E 807 -18.96 11.00 33.01
C ASN E 807 -18.95 11.89 31.77
N LYS E 808 -17.94 12.75 31.62
CA LYS E 808 -17.92 13.66 30.48
C LYS E 808 -17.56 12.96 29.17
N VAL E 809 -16.74 11.91 29.23
CA VAL E 809 -16.27 11.21 28.05
C VAL E 809 -17.05 9.91 27.91
N THR E 810 -17.69 9.72 26.76
CA THR E 810 -18.40 8.49 26.46
C THR E 810 -17.45 7.48 25.81
N LEU E 811 -17.79 6.20 25.95
CA LEU E 811 -16.95 5.12 25.46
C LEU E 811 -17.77 4.20 24.56
N ALA E 812 -17.17 3.78 23.45
CA ALA E 812 -17.88 2.93 22.49
C ALA E 812 -17.87 1.47 22.94
N ASP E 813 -16.68 0.88 23.04
CA ASP E 813 -16.52 -0.49 23.51
C ASP E 813 -15.46 -0.50 24.60
N ALA E 814 -15.78 -1.10 25.74
CA ALA E 814 -14.86 -1.17 26.87
C ALA E 814 -14.00 -2.43 26.88
N GLY E 815 -14.16 -3.31 25.90
CA GLY E 815 -13.40 -4.53 25.87
C GLY E 815 -13.89 -5.62 26.80
N PHE E 816 -15.08 -5.46 27.38
CA PHE E 816 -15.62 -6.43 28.32
C PHE E 816 -16.23 -7.60 27.55
N ILE E 817 -16.99 -8.43 28.24
CA ILE E 817 -17.59 -9.62 27.63
C ILE E 817 -18.81 -9.22 26.82
N LYS E 818 -18.60 -8.96 25.52
CA LYS E 818 -19.71 -8.78 24.59
C LYS E 818 -20.16 -10.17 24.16
N GLN E 819 -20.96 -10.79 25.03
CA GLN E 819 -21.34 -12.19 24.85
C GLN E 819 -22.19 -12.36 23.61
N TYR E 820 -22.00 -13.50 22.92
CA TYR E 820 -22.78 -13.82 21.73
C TYR E 820 -24.26 -13.93 22.03
N GLY E 821 -24.64 -14.23 23.28
CA GLY E 821 -26.04 -14.26 23.64
C GLY E 821 -26.71 -12.90 23.47
N ASP E 822 -25.97 -11.82 23.75
CA ASP E 822 -26.52 -10.49 23.56
C ASP E 822 -26.77 -10.20 22.08
N CYS E 823 -25.86 -10.64 21.21
CA CYS E 823 -26.07 -10.45 19.77
C CYS E 823 -27.22 -11.30 19.26
N LEU E 824 -27.37 -12.51 19.79
CA LEU E 824 -28.46 -13.40 19.41
C LEU E 824 -29.77 -13.03 20.09
N GLY E 825 -29.77 -12.10 21.03
CA GLY E 825 -30.98 -11.74 21.74
C GLY E 825 -32.11 -11.29 20.82
N ASP E 826 -31.75 -10.75 19.66
CA ASP E 826 -32.71 -10.38 18.62
C ASP E 826 -33.74 -9.38 19.15
N ILE E 827 -33.23 -8.22 19.58
CA ILE E 827 -34.06 -7.15 20.11
C ILE E 827 -34.54 -6.28 18.96
N ALA E 828 -34.32 -6.74 17.73
CA ALA E 828 -34.65 -6.03 16.49
C ALA E 828 -33.89 -4.73 16.34
N ALA E 829 -32.86 -4.50 17.16
CA ALA E 829 -32.00 -3.32 17.08
C ALA E 829 -30.57 -3.81 16.98
N ARG E 830 -30.11 -4.07 15.76
CA ARG E 830 -28.78 -4.60 15.51
C ARG E 830 -27.79 -3.43 15.45
N ASP E 831 -26.97 -3.30 16.50
CA ASP E 831 -26.00 -2.23 16.55
C ASP E 831 -24.78 -2.58 15.70
N LEU E 832 -23.80 -1.67 15.67
CA LEU E 832 -22.60 -1.89 14.87
C LEU E 832 -21.66 -2.90 15.51
N ILE E 833 -21.71 -3.05 16.83
CA ILE E 833 -20.76 -3.91 17.52
C ILE E 833 -20.95 -5.37 17.11
N CYS E 834 -22.20 -5.82 17.01
CA CYS E 834 -22.47 -7.19 16.59
C CYS E 834 -21.99 -7.43 15.16
N ALA E 835 -22.21 -6.45 14.27
CA ALA E 835 -21.76 -6.59 12.89
C ALA E 835 -20.23 -6.67 12.82
N GLN E 836 -19.54 -5.85 13.61
CA GLN E 836 -18.08 -5.92 13.66
C GLN E 836 -17.62 -7.27 14.20
N LYS E 837 -18.28 -7.76 15.25
CA LYS E 837 -17.87 -9.02 15.86
C LYS E 837 -18.05 -10.19 14.91
N PHE E 838 -19.15 -10.20 14.15
CA PHE E 838 -19.45 -11.33 13.27
C PHE E 838 -18.47 -11.45 12.11
N ASN E 839 -17.64 -10.44 11.85
CA ASN E 839 -16.74 -10.45 10.70
C ASN E 839 -15.28 -10.63 11.10
N GLY E 840 -14.99 -10.93 12.36
CA GLY E 840 -13.65 -11.25 12.77
C GLY E 840 -12.85 -10.10 13.37
N LEU E 841 -13.48 -9.00 13.73
CA LEU E 841 -12.81 -7.86 14.36
C LEU E 841 -13.21 -7.81 15.83
N THR E 842 -12.23 -7.80 16.72
CA THR E 842 -12.49 -7.81 18.15
C THR E 842 -11.67 -6.72 18.83
N VAL E 843 -12.09 -6.38 20.05
CA VAL E 843 -11.42 -5.38 20.88
C VAL E 843 -11.03 -6.05 22.19
N LEU E 844 -9.74 -5.92 22.56
CA LEU E 844 -9.22 -6.55 23.77
C LEU E 844 -9.27 -5.58 24.95
N PRO E 845 -9.37 -6.09 26.18
CA PRO E 845 -9.46 -5.20 27.34
C PRO E 845 -8.07 -4.80 27.83
N PRO E 846 -7.95 -3.64 28.45
CA PRO E 846 -6.64 -3.21 28.96
C PRO E 846 -6.21 -4.03 30.16
N LEU E 847 -4.89 -4.04 30.39
CA LEU E 847 -4.33 -4.81 31.49
C LEU E 847 -4.65 -4.17 32.84
N LEU E 848 -4.62 -2.84 32.90
CA LEU E 848 -4.82 -2.12 34.15
C LEU E 848 -6.27 -1.61 34.20
N THR E 849 -7.05 -2.15 35.13
CA THR E 849 -8.39 -1.65 35.34
C THR E 849 -8.37 -0.25 35.94
N ASP E 850 -9.49 0.45 35.81
CA ASP E 850 -9.54 1.85 36.24
C ASP E 850 -9.34 1.98 37.75
N GLU E 851 -9.68 0.94 38.52
CA GLU E 851 -9.44 0.97 39.96
C GLU E 851 -7.96 1.03 40.27
N MET E 852 -7.13 0.30 39.52
CA MET E 852 -5.70 0.33 39.75
C MET E 852 -5.12 1.70 39.42
N ILE E 853 -5.58 2.31 38.32
CA ILE E 853 -5.12 3.65 37.97
C ILE E 853 -5.54 4.67 39.02
N ALA E 854 -6.76 4.53 39.54
CA ALA E 854 -7.21 5.41 40.62
C ALA E 854 -6.35 5.25 41.85
N GLN E 855 -5.98 4.00 42.19
CA GLN E 855 -5.09 3.78 43.33
C GLN E 855 -3.73 4.42 43.10
N TYR E 856 -3.19 4.31 41.89
CA TYR E 856 -1.91 4.94 41.58
C TYR E 856 -1.98 6.44 41.76
N THR E 857 -3.04 7.07 41.22
CA THR E 857 -3.19 8.52 41.32
C THR E 857 -3.35 8.96 42.76
N SER E 858 -4.14 8.21 43.55
CA SER E 858 -4.31 8.55 44.96
C SER E 858 -3.00 8.42 45.73
N ALA E 859 -2.20 7.39 45.42
CA ALA E 859 -0.90 7.25 46.06
C ALA E 859 0.00 8.44 45.74
N LEU E 860 0.02 8.85 44.47
CA LEU E 860 0.84 10.01 44.10
C LEU E 860 0.38 11.27 44.82
N LEU E 861 -0.93 11.48 44.90
CA LEU E 861 -1.45 12.68 45.56
C LEU E 861 -1.09 12.68 47.05
N ALA E 862 -1.29 11.55 47.74
CA ALA E 862 -0.96 11.49 49.16
C ALA E 862 0.52 11.70 49.38
N GLY E 863 1.37 11.08 48.55
CA GLY E 863 2.80 11.26 48.70
C GLY E 863 3.25 12.70 48.49
N THR E 864 2.70 13.36 47.48
CA THR E 864 3.10 14.74 47.23
C THR E 864 2.45 15.73 48.20
N ILE E 865 1.42 15.32 48.93
CA ILE E 865 0.83 16.20 49.94
C ILE E 865 1.55 16.07 51.28
N THR E 866 1.87 14.85 51.71
CA THR E 866 2.41 14.65 53.05
C THR E 866 3.93 14.76 53.14
N SER E 867 4.65 14.72 52.01
CA SER E 867 6.11 14.70 52.07
C SER E 867 6.79 15.66 51.09
N GLY E 868 6.03 16.35 50.24
CA GLY E 868 6.64 17.29 49.31
C GLY E 868 7.19 16.62 48.07
N TRP E 869 8.48 16.80 47.80
CA TRP E 869 9.13 16.19 46.65
C TRP E 869 10.21 15.19 47.04
N THR E 870 10.37 14.90 48.32
CA THR E 870 11.43 13.99 48.75
C THR E 870 11.11 12.54 48.38
N PHE E 871 9.82 12.20 48.26
CA PHE E 871 9.44 10.84 47.93
C PHE E 871 9.77 10.46 46.50
N GLY E 872 10.13 11.42 45.65
CA GLY E 872 10.59 11.15 44.30
C GLY E 872 12.09 11.02 44.15
N ALA E 873 12.84 11.06 45.26
CA ALA E 873 14.30 10.95 45.20
C ALA E 873 14.87 10.09 46.31
N GLY E 874 14.05 9.44 47.12
CA GLY E 874 14.52 8.64 48.22
C GLY E 874 13.40 8.29 49.18
N PRO E 875 13.71 8.09 50.45
CA PRO E 875 12.66 7.85 51.44
C PRO E 875 11.79 9.08 51.62
N ALA E 876 10.53 8.83 51.93
CA ALA E 876 9.57 9.91 52.14
C ALA E 876 9.81 10.53 53.52
N LEU E 877 10.06 11.83 53.55
CA LEU E 877 10.31 12.56 54.79
C LEU E 877 9.18 13.54 55.04
N GLN E 878 8.54 13.42 56.19
CA GLN E 878 7.37 14.23 56.50
C GLN E 878 7.75 15.70 56.68
N ILE E 879 6.78 16.58 56.47
CA ILE E 879 6.96 18.02 56.64
C ILE E 879 5.59 18.67 56.71
N PRO E 880 5.38 19.64 57.60
CA PRO E 880 4.11 20.37 57.61
C PRO E 880 3.88 21.10 56.30
N PHE E 881 2.61 21.17 55.89
CA PHE E 881 2.28 21.76 54.60
C PHE E 881 2.62 23.25 54.50
N PRO E 882 2.32 24.10 55.49
CA PRO E 882 2.69 25.52 55.35
C PRO E 882 4.18 25.73 55.15
N MET E 883 5.03 24.90 55.77
CA MET E 883 6.47 25.02 55.55
C MET E 883 6.85 24.60 54.14
N GLN E 884 6.20 23.56 53.63
CA GLN E 884 6.43 23.16 52.24
C GLN E 884 6.06 24.29 51.30
N MET E 885 4.94 24.96 51.56
CA MET E 885 4.54 26.10 50.75
C MET E 885 5.54 27.25 50.87
N ALA E 886 6.06 27.47 52.08
CA ALA E 886 7.06 28.52 52.26
C ALA E 886 8.32 28.22 51.45
N TYR E 887 8.76 26.96 51.44
CA TYR E 887 9.95 26.61 50.68
C TYR E 887 9.70 26.69 49.17
N ARG E 888 8.49 26.32 48.73
CA ARG E 888 8.16 26.49 47.32
C ARG E 888 8.09 27.96 46.92
N PHE E 889 7.63 28.82 47.83
CA PHE E 889 7.73 30.26 47.60
C PHE E 889 9.18 30.70 47.49
N ASN E 890 10.03 30.21 48.39
CA ASN E 890 11.45 30.55 48.36
C ASN E 890 12.13 30.04 47.10
N GLY E 891 11.55 29.02 46.44
CA GLY E 891 12.15 28.52 45.21
C GLY E 891 12.12 29.51 44.06
N ILE E 892 11.09 30.35 44.00
CA ILE E 892 10.89 31.24 42.86
C ILE E 892 11.42 32.65 43.09
N GLY E 893 12.08 32.90 44.22
CA GLY E 893 12.69 34.19 44.46
C GLY E 893 11.95 35.10 45.42
N VAL E 894 10.89 34.63 46.07
CA VAL E 894 10.15 35.40 47.06
C VAL E 894 10.45 34.80 48.44
N THR E 895 10.84 35.65 49.37
CA THR E 895 11.26 35.19 50.69
C THR E 895 10.11 34.51 51.43
N GLN E 896 10.46 33.83 52.53
CA GLN E 896 9.47 33.03 53.26
C GLN E 896 8.46 33.90 53.99
N ASN E 897 8.90 35.04 54.53
CA ASN E 897 8.02 35.86 55.36
C ASN E 897 6.83 36.43 54.58
N VAL E 898 6.85 36.36 53.25
CA VAL E 898 5.70 36.77 52.47
C VAL E 898 4.52 35.83 52.72
N LEU E 899 4.80 34.53 52.90
CA LEU E 899 3.73 33.57 53.08
C LEU E 899 3.22 33.55 54.53
N TYR E 900 4.14 33.45 55.48
CA TYR E 900 3.73 33.30 56.89
C TYR E 900 2.88 34.45 57.39
N GLU E 901 2.97 35.61 56.77
CA GLU E 901 2.15 36.76 57.12
C GLU E 901 0.90 36.89 56.25
N ASN E 902 0.72 36.00 55.27
CA ASN E 902 -0.42 36.03 54.37
C ASN E 902 -0.95 34.61 54.14
N GLN E 903 -1.00 33.80 55.20
CA GLN E 903 -1.40 32.41 55.04
C GLN E 903 -2.89 32.28 54.74
N LYS E 904 -3.73 33.03 55.46
CA LYS E 904 -5.17 32.91 55.27
C LYS E 904 -5.60 33.34 53.88
N LEU E 905 -5.03 34.44 53.38
CA LEU E 905 -5.39 34.93 52.05
C LEU E 905 -4.99 33.93 50.97
N ILE E 906 -3.78 33.36 51.08
CA ILE E 906 -3.33 32.39 50.09
C ILE E 906 -4.20 31.14 50.15
N ALA E 907 -4.56 30.69 51.35
CA ALA E 907 -5.42 29.51 51.47
C ALA E 907 -6.78 29.76 50.84
N ASN E 908 -7.37 30.93 51.10
CA ASN E 908 -8.67 31.25 50.51
C ASN E 908 -8.59 31.33 48.98
N GLN E 909 -7.53 31.94 48.46
CA GLN E 909 -7.37 32.03 47.02
C GLN E 909 -7.23 30.65 46.40
N PHE E 910 -6.44 29.76 47.04
CA PHE E 910 -6.28 28.41 46.52
C PHE E 910 -7.61 27.66 46.54
N ASN E 911 -8.37 27.79 47.63
CA ASN E 911 -9.66 27.11 47.72
C ASN E 911 -10.62 27.59 46.64
N SER E 912 -10.70 28.90 46.41
CA SER E 912 -11.58 29.42 45.38
C SER E 912 -11.14 28.98 43.98
N ALA E 913 -9.83 28.99 43.73
CA ALA E 913 -9.32 28.56 42.44
C ALA E 913 -9.64 27.09 42.17
N ILE E 914 -9.50 26.25 43.20
CA ILE E 914 -9.87 24.84 43.05
C ILE E 914 -11.37 24.71 42.81
N GLY E 915 -12.18 25.46 43.54
CA GLY E 915 -13.62 25.35 43.41
C GLY E 915 -14.12 25.72 42.02
N LYS E 916 -13.53 26.76 41.42
CA LYS E 916 -13.99 27.19 40.10
C LYS E 916 -13.74 26.15 39.01
N ILE E 917 -12.81 25.22 39.24
CA ILE E 917 -12.39 24.28 38.20
C ILE E 917 -13.53 23.35 37.80
N GLN E 918 -14.29 22.86 38.77
CA GLN E 918 -15.38 21.92 38.47
C GLN E 918 -16.44 22.59 37.59
N ASP E 919 -16.82 23.81 37.95
CA ASP E 919 -17.82 24.52 37.15
C ASP E 919 -17.28 24.87 35.76
N SER E 920 -15.99 25.22 35.68
CA SER E 920 -15.40 25.50 34.37
C SER E 920 -15.43 24.25 33.49
N LEU E 921 -15.11 23.09 34.07
CA LEU E 921 -15.13 21.84 33.31
C LEU E 921 -16.56 21.49 32.87
N SER E 922 -17.53 21.66 33.77
CA SER E 922 -18.90 21.27 33.43
C SER E 922 -19.51 22.19 32.38
N SER E 923 -19.31 23.50 32.53
CA SER E 923 -19.97 24.46 31.64
C SER E 923 -19.45 24.34 30.20
N THR E 924 -18.14 24.19 30.03
CA THR E 924 -17.57 24.15 28.69
C THR E 924 -17.98 22.85 27.99
N PRO E 925 -18.55 22.92 26.78
CA PRO E 925 -19.04 21.70 26.12
C PRO E 925 -17.93 20.87 25.48
N SER E 926 -16.90 21.52 24.96
CA SER E 926 -15.83 20.84 24.22
C SER E 926 -14.51 20.87 25.00
N ALA E 927 -14.59 20.72 26.32
CA ALA E 927 -13.37 20.71 27.13
C ALA E 927 -12.55 19.46 26.88
N LEU E 928 -13.18 18.30 26.91
CA LEU E 928 -12.49 17.02 26.74
C LEU E 928 -12.64 16.51 25.31
N GLY E 929 -12.01 17.24 24.39
CA GLY E 929 -12.07 16.87 22.99
C GLY E 929 -10.95 15.94 22.56
N LYS E 930 -9.77 16.12 23.15
CA LYS E 930 -8.63 15.29 22.80
C LYS E 930 -8.88 13.82 23.12
N LEU E 931 -9.50 13.56 24.27
CA LEU E 931 -9.76 12.17 24.67
C LEU E 931 -10.90 11.56 23.84
N GLN E 932 -11.86 12.37 23.40
CA GLN E 932 -12.98 11.86 22.61
C GLN E 932 -12.58 11.59 21.17
N ASP E 933 -11.64 12.36 20.63
CA ASP E 933 -11.23 12.19 19.24
C ASP E 933 -10.64 10.80 19.00
N VAL E 934 -9.93 10.25 19.99
CA VAL E 934 -9.34 8.92 19.84
C VAL E 934 -10.43 7.88 19.63
N VAL E 935 -11.45 7.90 20.48
CA VAL E 935 -12.55 6.94 20.38
C VAL E 935 -13.28 7.12 19.06
N ASN E 936 -13.55 8.38 18.68
CA ASN E 936 -14.27 8.63 17.44
C ASN E 936 -13.49 8.11 16.23
N HIS E 937 -12.18 8.36 16.19
CA HIS E 937 -11.37 7.92 15.06
C HIS E 937 -11.31 6.39 14.98
N ASN E 938 -11.13 5.72 16.12
CA ASN E 938 -11.07 4.26 16.11
C ASN E 938 -12.41 3.67 15.65
N ALA E 939 -13.52 4.21 16.15
CA ALA E 939 -14.83 3.72 15.74
C ALA E 939 -15.06 3.94 14.26
N GLN E 940 -14.67 5.12 13.74
CA GLN E 940 -14.83 5.38 12.31
C GLN E 940 -14.02 4.42 11.46
N ALA E 941 -12.78 4.13 11.88
CA ALA E 941 -11.96 3.20 11.11
C ALA E 941 -12.59 1.81 11.09
N LEU E 942 -13.06 1.33 12.25
CA LEU E 942 -13.68 0.01 12.29
C LEU E 942 -14.94 -0.04 11.44
N ASN E 943 -15.78 0.99 11.51
CA ASN E 943 -17.02 1.00 10.74
C ASN E 943 -16.74 1.05 9.24
N THR E 944 -15.74 1.83 8.82
CA THR E 944 -15.38 1.85 7.40
C THR E 944 -14.87 0.48 6.95
N LEU E 945 -14.05 -0.17 7.78
CA LEU E 945 -13.56 -1.50 7.42
C LEU E 945 -14.71 -2.49 7.26
N VAL E 946 -15.70 -2.43 8.16
CA VAL E 946 -16.85 -3.31 8.04
C VAL E 946 -17.64 -3.00 6.77
N LYS E 947 -17.88 -1.71 6.50
CA LYS E 947 -18.69 -1.32 5.35
C LYS E 947 -17.99 -1.63 4.03
N GLN E 948 -16.68 -1.80 4.03
CA GLN E 948 -15.96 -2.11 2.79
C GLN E 948 -16.33 -3.47 2.20
N LEU E 949 -17.01 -4.33 2.97
CA LEU E 949 -17.32 -5.69 2.51
C LEU E 949 -18.44 -5.73 1.48
N SER E 950 -19.11 -4.62 1.19
CA SER E 950 -20.26 -4.59 0.29
C SER E 950 -19.92 -4.09 -1.10
N SER E 951 -18.63 -4.05 -1.46
CA SER E 951 -18.19 -3.56 -2.76
C SER E 951 -17.84 -4.72 -3.67
N LYS E 952 -18.17 -4.57 -4.96
CA LYS E 952 -17.97 -5.65 -5.92
C LYS E 952 -16.51 -5.81 -6.33
N PHE E 953 -15.76 -4.71 -6.40
CA PHE E 953 -14.36 -4.72 -6.86
C PHE E 953 -14.24 -5.25 -8.28
N GLY E 954 -15.29 -5.10 -9.08
CA GLY E 954 -15.29 -5.56 -10.44
C GLY E 954 -15.91 -6.93 -10.67
N ALA E 955 -16.15 -7.70 -9.61
CA ALA E 955 -16.75 -9.02 -9.75
C ALA E 955 -18.25 -8.88 -10.02
N ILE E 956 -18.91 -10.01 -10.25
CA ILE E 956 -20.34 -9.99 -10.55
C ILE E 956 -21.20 -9.89 -9.29
N SER E 957 -20.66 -10.26 -8.12
CA SER E 957 -21.41 -10.19 -6.88
C SER E 957 -20.44 -10.04 -5.72
N SER E 958 -20.94 -9.48 -4.62
CA SER E 958 -20.15 -9.26 -3.42
C SER E 958 -20.34 -10.34 -2.37
N VAL E 959 -21.08 -11.40 -2.68
CA VAL E 959 -21.30 -12.51 -1.78
C VAL E 959 -20.70 -13.76 -2.42
N LEU E 960 -19.83 -14.45 -1.67
CA LEU E 960 -19.10 -15.59 -2.22
C LEU E 960 -20.03 -16.74 -2.55
N ASN E 961 -21.11 -16.92 -1.79
CA ASN E 961 -22.02 -18.04 -2.05
C ASN E 961 -22.72 -17.89 -3.39
N ASP E 962 -23.10 -16.66 -3.77
CA ASP E 962 -23.70 -16.44 -5.07
C ASP E 962 -22.72 -16.77 -6.19
N ILE E 963 -21.46 -16.34 -6.06
CA ILE E 963 -20.46 -16.62 -7.08
C ILE E 963 -20.19 -18.11 -7.18
N LEU E 964 -20.26 -18.82 -6.05
CA LEU E 964 -20.01 -20.26 -6.04
C LEU E 964 -21.24 -21.08 -6.41
N SER E 965 -22.42 -20.45 -6.47
CA SER E 965 -23.63 -21.15 -6.88
C SER E 965 -24.06 -20.86 -8.31
N ARG E 966 -23.60 -19.75 -8.89
CA ARG E 966 -24.07 -19.40 -10.25
C ARG E 966 -23.05 -19.83 -11.30
N LEU E 967 -21.76 -19.56 -11.07
CA LEU E 967 -20.74 -19.88 -12.11
C LEU E 967 -20.18 -21.29 -11.91
N ASP E 968 -19.40 -21.78 -12.88
CA ASP E 968 -18.83 -23.15 -12.82
C ASP E 968 -17.59 -23.15 -11.94
N PRO E 969 -17.11 -24.33 -11.47
CA PRO E 969 -15.89 -24.40 -10.67
C PRO E 969 -14.66 -23.71 -11.29
N PRO E 970 -14.30 -23.93 -12.57
CA PRO E 970 -13.06 -23.36 -13.12
C PRO E 970 -13.18 -21.87 -13.45
N GLU E 971 -14.39 -21.31 -13.39
CA GLU E 971 -14.58 -19.89 -13.80
C GLU E 971 -14.75 -19.01 -12.56
N ALA E 972 -15.16 -19.60 -11.44
CA ALA E 972 -15.41 -18.81 -10.22
C ALA E 972 -14.11 -18.11 -9.80
N GLU E 973 -12.97 -18.77 -9.99
CA GLU E 973 -11.69 -18.19 -9.51
C GLU E 973 -11.50 -16.77 -10.06
N VAL E 974 -11.62 -16.58 -11.37
CA VAL E 974 -11.32 -15.24 -11.96
C VAL E 974 -12.17 -14.17 -11.25
N GLN E 975 -13.23 -14.56 -10.55
CA GLN E 975 -14.07 -13.62 -9.82
C GLN E 975 -13.65 -13.52 -8.35
N ILE E 976 -13.31 -14.64 -7.72
CA ILE E 976 -12.92 -14.65 -6.32
C ILE E 976 -11.61 -13.90 -6.11
N ASP E 977 -10.71 -13.94 -7.11
CA ASP E 977 -9.42 -13.28 -6.97
C ASP E 977 -9.58 -11.77 -6.79
N ARG E 978 -10.55 -11.17 -7.50
CA ARG E 978 -10.77 -9.73 -7.38
C ARG E 978 -11.17 -9.35 -5.95
N LEU E 979 -12.11 -10.11 -5.38
CA LEU E 979 -12.53 -9.83 -4.01
C LEU E 979 -11.38 -10.02 -3.03
N ILE E 980 -10.58 -11.07 -3.24
CA ILE E 980 -9.46 -11.34 -2.34
C ILE E 980 -8.47 -10.16 -2.37
N THR E 981 -8.13 -9.71 -3.57
CA THR E 981 -7.19 -8.60 -3.70
C THR E 981 -7.74 -7.32 -3.07
N GLY E 982 -9.02 -7.02 -3.33
CA GLY E 982 -9.60 -5.80 -2.76
C GLY E 982 -9.62 -5.81 -1.25
N ARG E 983 -10.02 -6.95 -0.66
CA ARG E 983 -10.08 -7.02 0.79
C ARG E 983 -8.69 -6.99 1.41
N LEU E 984 -7.69 -7.59 0.74
CA LEU E 984 -6.32 -7.49 1.23
C LEU E 984 -5.84 -6.04 1.21
N GLN E 985 -6.18 -5.30 0.15
CA GLN E 985 -5.81 -3.88 0.10
C GLN E 985 -6.45 -3.09 1.23
N SER E 986 -7.74 -3.36 1.50
CA SER E 986 -8.41 -2.67 2.60
C SER E 986 -7.74 -2.96 3.93
N LEU E 987 -7.42 -4.22 4.19
CA LEU E 987 -6.77 -4.58 5.45
C LEU E 987 -5.40 -3.91 5.58
N GLN E 988 -4.63 -3.88 4.50
CA GLN E 988 -3.31 -3.24 4.56
C GLN E 988 -3.43 -1.75 4.85
N THR E 989 -4.40 -1.08 4.21
CA THR E 989 -4.60 0.34 4.49
C THR E 989 -4.95 0.59 5.95
N TYR E 990 -5.86 -0.24 6.50
CA TYR E 990 -6.24 -0.08 7.90
C TYR E 990 -5.04 -0.28 8.82
N VAL E 991 -4.21 -1.29 8.55
CA VAL E 991 -3.07 -1.57 9.41
C VAL E 991 -2.08 -0.42 9.37
N THR E 992 -1.81 0.13 8.18
CA THR E 992 -0.86 1.25 8.09
C THR E 992 -1.37 2.47 8.85
N GLN E 993 -2.67 2.78 8.71
CA GLN E 993 -3.24 3.92 9.43
C GLN E 993 -3.11 3.72 10.94
N GLN E 994 -3.39 2.51 11.42
CA GLN E 994 -3.28 2.23 12.84
C GLN E 994 -1.83 2.40 13.31
N LEU E 995 -0.86 1.98 12.51
CA LEU E 995 0.55 2.13 12.89
C LEU E 995 0.90 3.61 13.08
N ILE E 996 0.48 4.45 12.13
CA ILE E 996 0.83 5.88 12.23
C ILE E 996 0.17 6.50 13.46
N ARG E 997 -1.11 6.19 13.68
CA ARG E 997 -1.80 6.74 14.84
C ARG E 997 -1.15 6.28 16.15
N ALA E 998 -0.72 5.02 16.21
CA ALA E 998 -0.07 4.52 17.40
C ALA E 998 1.24 5.25 17.66
N ALA E 999 2.00 5.54 16.61
CA ALA E 999 3.24 6.30 16.80
C ALA E 999 2.96 7.68 17.40
N GLU E 1000 1.94 8.37 16.86
CA GLU E 1000 1.61 9.70 17.40
C GLU E 1000 1.19 9.61 18.87
N ILE E 1001 0.37 8.61 19.21
CA ILE E 1001 -0.10 8.46 20.58
C ILE E 1001 1.07 8.14 21.51
N ARG E 1002 2.05 7.36 21.04
CA ARG E 1002 3.23 7.07 21.85
C ARG E 1002 4.02 8.33 22.14
N ALA E 1003 4.15 9.21 21.13
CA ALA E 1003 4.83 10.49 21.38
C ALA E 1003 4.10 11.29 22.45
N SER E 1004 2.77 11.34 22.37
CA SER E 1004 2.00 12.06 23.39
C SER E 1004 2.19 11.44 24.77
N ALA E 1005 2.22 10.11 24.85
CA ALA E 1005 2.39 9.44 26.13
C ALA E 1005 3.76 9.72 26.74
N ASN E 1006 4.81 9.76 25.90
CA ASN E 1006 6.13 10.11 26.41
C ASN E 1006 6.15 11.53 26.96
N LEU E 1007 5.50 12.47 26.26
CA LEU E 1007 5.44 13.83 26.78
C LEU E 1007 4.70 13.88 28.12
N ALA E 1008 3.61 13.12 28.23
CA ALA E 1008 2.86 13.09 29.49
C ALA E 1008 3.69 12.52 30.63
N ALA E 1009 4.46 11.46 30.36
CA ALA E 1009 5.31 10.88 31.39
C ALA E 1009 6.38 11.87 31.84
N THR E 1010 6.98 12.60 30.89
CA THR E 1010 7.97 13.61 31.26
C THR E 1010 7.35 14.70 32.12
N LYS E 1011 6.14 15.16 31.76
CA LYS E 1011 5.46 16.17 32.56
C LYS E 1011 5.18 15.66 33.96
N MET E 1012 4.73 14.40 34.09
CA MET E 1012 4.45 13.85 35.42
C MET E 1012 5.73 13.76 36.25
N SER E 1013 6.84 13.35 35.63
CA SER E 1013 8.08 13.23 36.37
C SER E 1013 8.61 14.59 36.83
N GLU E 1014 8.45 15.63 36.00
CA GLU E 1014 9.11 16.90 36.29
C GLU E 1014 8.25 17.89 37.06
N CYS E 1015 6.95 18.00 36.75
CA CYS E 1015 6.12 19.00 37.42
C CYS E 1015 5.49 18.48 38.71
N VAL E 1016 5.23 17.19 38.81
CA VAL E 1016 4.54 16.64 39.98
C VAL E 1016 5.52 16.27 41.08
N LEU E 1017 6.54 15.46 40.75
CA LEU E 1017 7.51 15.02 41.75
C LEU E 1017 8.53 16.09 42.09
N GLY E 1018 8.38 17.29 41.57
CA GLY E 1018 9.32 18.36 41.87
C GLY E 1018 8.79 19.69 41.41
N GLN E 1019 9.67 20.69 41.45
CA GLN E 1019 9.34 22.03 40.98
C GLN E 1019 10.15 22.34 39.73
N SER E 1020 9.53 23.04 38.78
CA SER E 1020 10.12 23.28 37.47
C SER E 1020 10.43 24.76 37.30
N LYS E 1021 11.65 25.04 36.85
CA LYS E 1021 12.05 26.40 36.48
C LYS E 1021 11.91 26.65 34.98
N ARG E 1022 11.44 25.67 34.22
CA ARG E 1022 11.24 25.85 32.80
C ARG E 1022 10.01 26.71 32.54
N VAL E 1023 10.15 27.66 31.61
CA VAL E 1023 9.10 28.63 31.35
C VAL E 1023 7.98 27.97 30.53
N ASP E 1024 6.75 28.14 30.99
CA ASP E 1024 5.55 27.69 30.27
C ASP E 1024 5.57 26.19 29.99
N PHE E 1025 6.18 25.41 30.87
CA PHE E 1025 6.14 23.95 30.78
C PHE E 1025 5.08 23.34 31.68
N CYS E 1026 4.94 23.85 32.91
CA CYS E 1026 3.96 23.32 33.85
C CYS E 1026 2.97 24.41 34.23
N GLY E 1027 2.47 25.14 33.25
CA GLY E 1027 1.50 26.19 33.44
C GLY E 1027 2.05 27.54 33.03
N LYS E 1028 1.16 28.54 33.09
CA LYS E 1028 1.51 29.92 32.79
C LYS E 1028 1.73 30.66 34.10
N GLY E 1029 2.91 31.26 34.24
CA GLY E 1029 3.28 31.92 35.48
C GLY E 1029 4.48 31.25 36.12
N TYR E 1030 4.65 31.44 37.42
CA TYR E 1030 5.72 30.80 38.17
C TYR E 1030 5.17 29.55 38.85
N HIS E 1031 5.79 28.41 38.59
CA HIS E 1031 5.23 27.14 39.02
C HIS E 1031 5.41 26.91 40.52
N LEU E 1032 4.36 26.37 41.15
CA LEU E 1032 4.42 26.00 42.56
C LEU E 1032 4.27 24.50 42.76
N MET E 1033 3.19 23.89 42.25
CA MET E 1033 3.02 22.44 42.32
C MET E 1033 1.86 22.04 41.43
N SER E 1034 1.78 20.74 41.15
CA SER E 1034 0.74 20.20 40.27
C SER E 1034 0.14 18.94 40.88
N PHE E 1035 -1.11 18.68 40.52
CA PHE E 1035 -1.85 17.51 40.98
C PHE E 1035 -2.37 16.71 39.80
N PRO E 1036 -2.15 15.40 39.76
CA PRO E 1036 -2.65 14.59 38.65
C PRO E 1036 -4.00 13.97 38.91
N GLN E 1037 -4.75 13.79 37.83
CA GLN E 1037 -6.02 13.07 37.85
C GLN E 1037 -6.11 12.21 36.59
N SER E 1038 -6.86 11.12 36.69
CA SER E 1038 -7.01 10.20 35.57
C SER E 1038 -8.27 10.49 34.79
N ALA E 1039 -8.33 9.99 33.56
CA ALA E 1039 -9.48 10.16 32.70
C ALA E 1039 -9.46 9.04 31.67
N PRO E 1040 -10.61 8.69 31.08
CA PRO E 1040 -10.63 7.63 30.07
C PRO E 1040 -9.64 7.88 28.94
N HIS E 1041 -8.62 7.02 28.86
CA HIS E 1041 -7.56 7.12 27.85
C HIS E 1041 -6.80 8.45 27.96
N GLY E 1042 -6.51 8.88 29.18
CA GLY E 1042 -5.71 10.09 29.30
C GLY E 1042 -5.54 10.54 30.74
N VAL E 1043 -4.78 11.62 30.88
CA VAL E 1043 -4.45 12.21 32.17
C VAL E 1043 -4.75 13.70 32.14
N VAL E 1044 -5.04 14.26 33.30
CA VAL E 1044 -5.37 15.67 33.45
C VAL E 1044 -4.53 16.24 34.59
N PHE E 1045 -3.76 17.29 34.29
CA PHE E 1045 -2.90 17.94 35.26
C PHE E 1045 -3.54 19.23 35.74
N LEU E 1046 -3.48 19.47 37.05
CA LEU E 1046 -3.93 20.70 37.68
C LEU E 1046 -2.68 21.44 38.15
N HIS E 1047 -2.28 22.46 37.41
CA HIS E 1047 -1.09 23.25 37.73
C HIS E 1047 -1.47 24.45 38.58
N VAL E 1048 -0.63 24.74 39.57
CA VAL E 1048 -0.80 25.90 40.45
C VAL E 1048 0.35 26.86 40.17
N THR E 1049 0.01 28.13 39.98
CA THR E 1049 1.00 29.13 39.60
C THR E 1049 0.79 30.41 40.39
N TYR E 1050 1.87 31.19 40.49
CA TYR E 1050 1.92 32.45 41.21
C TYR E 1050 2.11 33.56 40.19
N VAL E 1051 1.20 34.52 40.16
CA VAL E 1051 1.17 35.58 39.15
C VAL E 1051 1.18 36.92 39.86
N PRO E 1052 2.13 37.81 39.54
CA PRO E 1052 2.11 39.15 40.15
C PRO E 1052 1.00 40.02 39.59
N ALA E 1053 0.68 41.06 40.35
CA ALA E 1053 -0.41 41.97 40.04
C ALA E 1053 -0.27 43.23 40.88
N GLN E 1054 -0.98 44.27 40.45
CA GLN E 1054 -1.00 45.59 41.10
C GLN E 1054 0.39 46.22 41.11
N GLU E 1055 0.95 46.39 39.91
CA GLU E 1055 2.27 46.97 39.76
C GLU E 1055 2.28 48.46 40.08
N LYS E 1056 3.33 48.90 40.78
CA LYS E 1056 3.52 50.32 41.04
C LYS E 1056 4.55 50.93 40.09
N ASN E 1057 4.98 52.15 40.37
CA ASN E 1057 5.91 52.88 39.51
C ASN E 1057 6.98 53.48 40.40
N PHE E 1058 8.25 53.39 39.98
CA PHE E 1058 9.33 53.83 40.86
C PHE E 1058 10.53 54.31 40.05
N THR E 1059 11.34 55.16 40.67
CA THR E 1059 12.63 55.56 40.10
C THR E 1059 13.72 54.64 40.63
N THR E 1060 14.67 54.28 39.76
CA THR E 1060 15.68 53.30 40.10
C THR E 1060 17.05 53.79 39.67
N ALA E 1061 18.09 53.15 40.21
CA ALA E 1061 19.48 53.47 39.94
C ALA E 1061 20.33 52.22 40.08
N PRO E 1062 21.49 52.16 39.40
CA PRO E 1062 22.30 50.94 39.45
C PRO E 1062 23.22 50.85 40.66
N ALA E 1063 23.61 51.96 41.27
CA ALA E 1063 24.55 51.91 42.40
C ALA E 1063 24.34 53.13 43.28
N ILE E 1064 24.84 53.05 44.50
CA ILE E 1064 24.75 54.15 45.47
C ILE E 1064 26.15 54.56 45.87
N CYS E 1065 26.49 55.83 45.68
CA CYS E 1065 27.80 56.34 46.01
C CYS E 1065 27.81 56.91 47.42
N HIS E 1066 28.88 56.63 48.16
CA HIS E 1066 29.00 57.10 49.53
C HIS E 1066 30.46 57.05 49.94
N ASP E 1067 30.98 58.17 50.43
CA ASP E 1067 32.36 58.28 50.90
C ASP E 1067 33.36 57.88 49.82
N GLY E 1068 33.02 58.14 48.57
CA GLY E 1068 33.89 57.78 47.47
C GLY E 1068 33.88 56.31 47.09
N LYS E 1069 32.93 55.53 47.58
CA LYS E 1069 32.81 54.12 47.25
C LYS E 1069 31.42 53.82 46.71
N ALA E 1070 31.34 52.87 45.78
CA ALA E 1070 30.09 52.53 45.13
C ALA E 1070 29.56 51.22 45.71
N HIS E 1071 28.31 51.25 46.18
CA HIS E 1071 27.65 50.09 46.76
C HIS E 1071 26.60 49.57 45.79
N PHE E 1072 26.64 48.26 45.54
CA PHE E 1072 25.71 47.51 44.72
C PHE E 1072 24.85 46.62 45.61
N PRO E 1073 23.60 46.35 45.24
CA PRO E 1073 22.75 45.49 46.06
C PRO E 1073 23.16 44.03 45.97
N ARG E 1074 22.91 43.29 47.05
CA ARG E 1074 23.18 41.85 47.05
C ARG E 1074 22.06 41.09 46.38
N GLU E 1075 20.84 41.21 46.92
CA GLU E 1075 19.64 40.67 46.30
C GLU E 1075 18.56 41.74 46.36
N GLY E 1076 18.18 42.27 45.21
CA GLY E 1076 17.15 43.29 45.12
C GLY E 1076 17.59 44.45 44.26
N VAL E 1077 16.70 45.44 44.17
CA VAL E 1077 16.90 46.62 43.36
C VAL E 1077 16.79 47.86 44.25
N PHE E 1078 17.53 48.89 43.87
CA PHE E 1078 17.39 50.19 44.52
C PHE E 1078 16.14 50.89 44.01
N VAL E 1079 15.44 51.57 44.91
CA VAL E 1079 14.12 52.12 44.63
C VAL E 1079 13.99 53.45 45.37
N SER E 1080 13.05 54.27 44.91
CA SER E 1080 12.84 55.58 45.52
C SER E 1080 11.40 56.02 45.30
N ASN E 1081 10.76 56.50 46.36
CA ASN E 1081 9.39 57.00 46.27
C ASN E 1081 9.34 58.48 45.91
N GLY E 1082 10.48 59.15 45.80
CA GLY E 1082 10.51 60.55 45.45
C GLY E 1082 11.47 61.37 46.30
N THR E 1083 11.63 60.98 47.55
CA THR E 1083 12.50 61.70 48.49
C THR E 1083 13.66 60.85 48.98
N HIS E 1084 13.39 59.65 49.51
CA HIS E 1084 14.40 58.80 50.10
C HIS E 1084 14.70 57.62 49.18
N TRP E 1085 15.65 56.79 49.59
CA TRP E 1085 16.08 55.63 48.82
C TRP E 1085 15.95 54.38 49.68
N PHE E 1086 15.53 53.28 49.05
CA PHE E 1086 15.39 51.99 49.71
C PHE E 1086 15.95 50.91 48.81
N VAL E 1087 16.05 49.70 49.35
CA VAL E 1087 16.39 48.51 48.57
C VAL E 1087 15.30 47.48 48.80
N THR E 1088 14.73 46.96 47.73
CA THR E 1088 13.59 46.05 47.82
C THR E 1088 13.84 44.82 46.97
N GLN E 1089 13.14 43.73 47.31
CA GLN E 1089 13.26 42.51 46.54
C GLN E 1089 12.60 42.69 45.17
N ARG E 1090 12.68 41.63 44.35
CA ARG E 1090 12.30 41.75 42.95
C ARG E 1090 10.79 41.62 42.75
N ASN E 1091 10.22 40.49 43.16
CA ASN E 1091 8.83 40.17 42.87
C ASN E 1091 7.86 40.60 43.96
N PHE E 1092 8.24 41.60 44.77
CA PHE E 1092 7.38 42.10 45.83
C PHE E 1092 7.95 43.43 46.31
N TYR E 1093 7.06 44.32 46.74
CA TYR E 1093 7.48 45.63 47.22
C TYR E 1093 7.60 45.58 48.73
N GLU E 1094 8.83 45.39 49.22
CA GLU E 1094 9.13 45.42 50.64
C GLU E 1094 10.35 46.31 50.85
N PRO E 1095 10.15 47.61 50.99
CA PRO E 1095 11.29 48.52 51.09
C PRO E 1095 12.01 48.38 52.42
N GLN E 1096 13.34 48.47 52.36
CA GLN E 1096 14.18 48.40 53.55
C GLN E 1096 15.22 49.50 53.50
N ILE E 1097 15.66 49.93 54.69
CA ILE E 1097 16.72 50.92 54.79
C ILE E 1097 18.02 50.33 54.24
N ILE E 1098 18.78 51.16 53.54
CA ILE E 1098 20.05 50.74 52.96
C ILE E 1098 21.11 50.73 54.04
N THR E 1099 21.74 49.58 54.25
CA THR E 1099 22.84 49.42 55.19
C THR E 1099 24.01 48.77 54.46
N THR E 1100 25.05 48.43 55.21
CA THR E 1100 26.19 47.71 54.66
C THR E 1100 26.03 46.20 54.79
N ASP E 1101 24.93 45.73 55.36
CA ASP E 1101 24.69 44.29 55.45
C ASP E 1101 24.19 43.70 54.14
N ASN E 1102 23.48 44.50 53.32
CA ASN E 1102 22.92 44.01 52.07
C ASN E 1102 23.52 44.71 50.85
N THR E 1103 24.73 45.26 50.99
CA THR E 1103 25.44 45.87 49.87
C THR E 1103 26.91 45.44 49.90
N PHE E 1104 27.49 45.29 48.72
CA PHE E 1104 28.91 45.02 48.57
C PHE E 1104 29.52 46.12 47.70
N VAL E 1105 30.71 46.59 48.09
CA VAL E 1105 31.26 47.80 47.47
C VAL E 1105 31.97 47.51 46.15
N SER E 1106 33.09 46.79 46.20
CA SER E 1106 33.80 46.27 45.03
C SER E 1106 33.86 47.29 43.87
N GLY E 1107 34.50 48.43 44.13
CA GLY E 1107 34.76 49.36 43.06
C GLY E 1107 34.98 50.77 43.55
N ASN E 1108 34.91 51.70 42.61
CA ASN E 1108 35.08 53.14 42.82
C ASN E 1108 33.83 53.87 42.33
N CYS E 1109 33.87 55.20 42.37
CA CYS E 1109 32.71 56.03 42.07
C CYS E 1109 32.97 56.97 40.90
N ASP E 1110 33.63 56.47 39.84
CA ASP E 1110 33.82 57.27 38.64
C ASP E 1110 33.67 56.49 37.34
N VAL E 1111 33.31 55.21 37.38
CA VAL E 1111 33.33 54.39 36.18
C VAL E 1111 31.92 53.91 35.84
N VAL E 1112 31.05 53.84 36.85
CA VAL E 1112 29.67 53.40 36.64
C VAL E 1112 28.87 54.56 36.05
N ILE E 1113 27.91 54.23 35.19
CA ILE E 1113 27.05 55.22 34.55
C ILE E 1113 25.71 55.24 35.28
N GLY E 1114 25.29 56.43 35.70
CA GLY E 1114 24.01 56.60 36.35
C GLY E 1114 24.01 56.46 37.85
N ILE E 1115 25.18 56.56 38.50
CA ILE E 1115 25.25 56.47 39.95
C ILE E 1115 24.70 57.73 40.60
N VAL E 1116 24.04 57.56 41.74
CA VAL E 1116 23.47 58.64 42.50
C VAL E 1116 23.96 58.47 43.94
N ASN E 1117 24.55 59.51 44.51
CA ASN E 1117 25.08 59.35 45.85
C ASN E 1117 23.98 59.46 46.89
N ASN E 1118 24.12 58.68 47.94
CA ASN E 1118 23.25 58.80 49.12
C ASN E 1118 24.05 58.28 50.30
N THR E 1119 23.48 58.42 51.49
CA THR E 1119 24.14 57.95 52.69
C THR E 1119 23.77 56.49 52.91
N VAL E 1120 24.76 55.71 53.34
CA VAL E 1120 24.58 54.29 53.65
C VAL E 1120 24.90 54.11 55.13
N TYR E 1121 23.91 53.67 55.89
CA TYR E 1121 24.06 53.56 57.34
C TYR E 1121 24.85 52.31 57.69
N ASP E 1122 25.08 52.10 58.98
CA ASP E 1122 25.88 50.97 59.44
C ASP E 1122 25.25 50.31 60.67
N VAL F 3 33.07 -4.61 -66.65
CA VAL F 3 34.46 -4.21 -66.65
C VAL F 3 34.86 -3.68 -65.28
N ASN F 4 36.12 -3.94 -64.90
CA ASN F 4 36.66 -3.53 -63.60
C ASN F 4 37.66 -2.41 -63.84
N LEU F 5 37.30 -1.19 -63.42
CA LEU F 5 38.16 -0.03 -63.65
C LEU F 5 38.18 0.92 -62.45
N ILE F 6 37.84 0.44 -61.26
CA ILE F 6 37.73 1.28 -60.07
C ILE F 6 38.71 0.76 -59.02
N THR F 7 39.46 1.68 -58.41
CA THR F 7 40.36 1.36 -57.32
C THR F 7 39.97 2.15 -56.09
N ARG F 8 40.32 1.64 -54.90
CA ARG F 8 39.84 2.23 -53.66
C ARG F 8 40.94 2.21 -52.60
N THR F 9 40.93 3.25 -51.76
CA THR F 9 41.78 3.33 -50.57
C THR F 9 40.90 3.70 -49.37
N GLN F 10 41.38 3.34 -48.18
CA GLN F 10 40.67 3.60 -46.94
C GLN F 10 41.55 4.39 -45.99
N SER F 11 40.94 5.37 -45.32
CA SER F 11 41.54 6.08 -44.20
C SER F 11 40.56 6.05 -43.04
N TYR F 12 40.99 6.56 -41.89
CA TYR F 12 40.18 6.51 -40.69
C TYR F 12 40.11 7.88 -40.04
N THR F 13 38.99 8.13 -39.36
CA THR F 13 38.77 9.35 -38.60
C THR F 13 37.61 9.09 -37.64
N ASN F 14 37.25 10.12 -36.87
CA ASN F 14 36.21 10.00 -35.86
C ASN F 14 34.95 10.72 -36.30
N SER F 15 33.81 10.25 -35.78
CA SER F 15 32.51 10.83 -36.10
C SER F 15 32.13 11.98 -35.19
N PHE F 16 32.91 12.25 -34.13
CA PHE F 16 32.65 13.32 -33.17
C PHE F 16 31.25 13.11 -32.60
N THR F 17 30.39 14.12 -32.59
CA THR F 17 29.02 14.01 -32.08
C THR F 17 28.07 14.25 -33.26
N ARG F 18 27.81 13.20 -34.03
CA ARG F 18 26.97 13.29 -35.21
C ARG F 18 26.13 12.04 -35.34
N GLY F 19 25.02 12.16 -36.06
CA GLY F 19 24.16 11.02 -36.33
C GLY F 19 22.97 10.90 -35.40
N VAL F 20 22.41 12.03 -35.00
CA VAL F 20 21.21 12.08 -34.17
C VAL F 20 20.04 12.46 -35.06
N TYR F 21 18.92 11.75 -34.91
CA TYR F 21 17.75 12.01 -35.73
C TYR F 21 16.51 11.99 -34.84
N TYR F 22 15.46 12.66 -35.30
CA TYR F 22 14.20 12.68 -34.57
C TYR F 22 13.60 11.29 -34.55
N PRO F 23 13.39 10.68 -33.38
CA PRO F 23 12.91 9.28 -33.37
C PRO F 23 11.47 9.13 -33.84
N ASP F 24 10.63 10.14 -33.67
CA ASP F 24 9.22 10.03 -34.03
C ASP F 24 8.70 11.37 -34.49
N LYS F 25 7.58 11.33 -35.22
CA LYS F 25 6.98 12.52 -35.80
C LYS F 25 5.96 13.15 -34.84
N VAL F 26 6.49 13.62 -33.71
CA VAL F 26 5.67 14.23 -32.66
C VAL F 26 6.39 15.47 -32.16
N PHE F 27 5.67 16.58 -32.04
CA PHE F 27 6.25 17.84 -31.58
C PHE F 27 6.48 17.79 -30.08
N ARG F 28 7.67 18.21 -29.66
CA ARG F 28 8.01 18.35 -28.25
C ARG F 28 8.84 19.62 -28.08
N SER F 29 8.76 20.21 -26.88
CA SER F 29 9.43 21.47 -26.63
C SER F 29 9.79 21.60 -25.16
N SER F 30 11.02 22.04 -24.89
CA SER F 30 11.49 22.34 -23.54
C SER F 30 11.39 21.13 -22.60
N VAL F 31 11.62 19.94 -23.16
CA VAL F 31 11.65 18.71 -22.37
C VAL F 31 12.89 17.91 -22.78
N LEU F 32 13.31 17.03 -21.87
CA LEU F 32 14.41 16.11 -22.11
C LEU F 32 13.83 14.71 -22.27
N HIS F 33 14.08 14.09 -23.42
CA HIS F 33 13.44 12.84 -23.78
C HIS F 33 14.48 11.73 -23.87
N SER F 34 14.19 10.59 -23.25
CA SER F 34 15.06 9.43 -23.28
C SER F 34 14.53 8.45 -24.31
N THR F 35 15.37 8.11 -25.30
CA THR F 35 14.97 7.20 -26.37
C THR F 35 15.96 6.05 -26.47
N GLN F 36 15.50 4.94 -27.04
CA GLN F 36 16.30 3.74 -27.24
C GLN F 36 16.06 3.25 -28.66
N ASP F 37 17.09 3.29 -29.49
CA ASP F 37 16.94 2.93 -30.90
C ASP F 37 18.34 2.77 -31.51
N LEU F 38 18.38 2.58 -32.82
CA LEU F 38 19.63 2.43 -33.54
C LEU F 38 20.26 3.79 -33.77
N PHE F 39 21.36 4.07 -33.08
CA PHE F 39 22.06 5.34 -33.20
C PHE F 39 23.54 5.09 -33.48
N LEU F 40 24.19 6.10 -34.05
CA LEU F 40 25.63 6.05 -34.25
C LEU F 40 26.33 6.49 -32.97
N PRO F 41 27.15 5.64 -32.35
CA PRO F 41 27.77 6.01 -31.07
C PRO F 41 28.73 7.18 -31.23
N PHE F 42 28.88 7.95 -30.15
CA PHE F 42 29.81 9.06 -30.14
C PHE F 42 31.24 8.54 -30.25
N PHE F 43 32.06 9.25 -31.04
CA PHE F 43 33.50 8.96 -31.15
C PHE F 43 33.75 7.53 -31.63
N SER F 44 33.30 7.25 -32.85
CA SER F 44 33.45 5.93 -33.46
C SER F 44 34.39 6.02 -34.66
N ASN F 45 34.58 4.88 -35.31
CA ASN F 45 35.41 4.78 -36.50
C ASN F 45 34.51 4.94 -37.72
N VAL F 46 34.77 5.97 -38.51
CA VAL F 46 34.09 6.16 -39.79
C VAL F 46 35.13 5.95 -40.89
N THR F 47 35.00 4.84 -41.60
CA THR F 47 36.00 4.45 -42.59
C THR F 47 35.91 5.34 -43.82
N TRP F 48 36.73 6.39 -43.86
CA TRP F 48 36.75 7.31 -44.99
C TRP F 48 37.18 6.55 -46.25
N PHE F 49 36.27 6.39 -47.20
CA PHE F 49 36.54 5.66 -48.43
C PHE F 49 36.86 6.65 -49.54
N HIS F 50 37.90 6.33 -50.31
CA HIS F 50 38.28 7.12 -51.48
C HIS F 50 38.30 6.18 -52.69
N ALA F 51 37.57 6.56 -53.73
CA ALA F 51 37.49 5.78 -54.96
C ALA F 51 38.09 6.60 -56.09
N ILE F 52 39.01 5.99 -56.84
CA ILE F 52 39.72 6.66 -57.91
C ILE F 52 39.70 5.77 -59.15
N HIS F 53 39.57 6.41 -60.32
CA HIS F 53 39.66 5.71 -61.58
C HIS F 53 40.36 6.58 -62.61
N ASP F 64 39.06 -4.09 -56.44
CA ASP F 64 38.04 -3.42 -55.65
C ASP F 64 36.97 -4.44 -55.24
N ASN F 65 36.63 -4.45 -53.94
CA ASN F 65 35.59 -5.29 -53.38
C ASN F 65 34.63 -4.36 -52.64
N PRO F 66 33.74 -3.70 -53.37
CA PRO F 66 32.92 -2.65 -52.75
C PRO F 66 31.66 -3.18 -52.10
N ALA F 67 31.60 -4.49 -51.85
CA ALA F 67 30.45 -5.10 -51.20
C ALA F 67 30.60 -4.94 -49.69
N LEU F 68 30.30 -3.74 -49.20
CA LEU F 68 30.40 -3.47 -47.77
C LEU F 68 29.26 -4.16 -47.02
N PRO F 69 29.54 -4.80 -45.89
CA PRO F 69 28.46 -5.40 -45.09
C PRO F 69 27.52 -4.33 -44.56
N PHE F 70 26.25 -4.72 -44.40
CA PHE F 70 25.20 -3.81 -43.98
C PHE F 70 25.02 -3.80 -42.46
N ASN F 71 24.99 -4.97 -41.85
CA ASN F 71 24.79 -5.14 -40.39
C ASN F 71 23.44 -4.51 -40.03
N ASP F 72 23.33 -3.85 -38.87
CA ASP F 72 22.04 -3.37 -38.39
C ASP F 72 21.55 -2.18 -39.22
N GLY F 73 22.43 -1.21 -39.48
CA GLY F 73 22.07 -0.04 -40.24
C GLY F 73 23.32 0.64 -40.75
N VAL F 74 23.13 1.72 -41.50
CA VAL F 74 24.26 2.42 -42.10
C VAL F 74 24.04 3.93 -42.01
N TYR F 75 25.07 4.66 -41.57
CA TYR F 75 25.12 6.11 -41.69
C TYR F 75 26.08 6.45 -42.81
N PHE F 76 25.59 7.20 -43.80
CA PHE F 76 26.36 7.56 -44.97
C PHE F 76 26.54 9.08 -44.99
N ALA F 77 27.71 9.54 -45.41
CA ALA F 77 27.96 10.97 -45.44
C ALA F 77 28.82 11.33 -46.64
N SER F 78 28.53 12.49 -47.24
CA SER F 78 29.32 12.94 -48.38
C SER F 78 29.42 14.45 -48.37
N THR F 79 30.59 14.96 -48.74
CA THR F 79 30.84 16.39 -48.76
C THR F 79 31.13 16.95 -50.14
N GLU F 80 31.12 16.10 -51.17
CA GLU F 80 31.43 16.56 -52.52
C GLU F 80 30.30 17.42 -53.07
N LYS F 81 30.61 18.15 -54.14
CA LYS F 81 29.66 19.02 -54.81
C LYS F 81 29.40 18.64 -56.27
N SER F 82 30.28 17.87 -56.90
CA SER F 82 30.12 17.50 -58.30
C SER F 82 29.01 16.49 -58.53
N ASN F 83 28.45 15.90 -57.46
CA ASN F 83 27.31 14.99 -57.56
C ASN F 83 27.61 13.78 -58.44
N ILE F 84 28.83 13.25 -58.36
CA ILE F 84 29.15 12.06 -59.16
C ILE F 84 28.60 10.81 -58.49
N ILE F 85 28.31 10.88 -57.19
CA ILE F 85 27.71 9.75 -56.49
C ILE F 85 26.20 9.80 -56.68
N ARG F 86 25.60 8.61 -56.81
CA ARG F 86 24.16 8.51 -57.01
C ARG F 86 23.67 7.09 -56.78
N GLY F 87 22.62 6.95 -55.97
CA GLY F 87 21.96 5.67 -55.82
C GLY F 87 22.70 4.71 -54.93
N TRP F 88 22.05 3.58 -54.67
CA TRP F 88 22.59 2.53 -53.81
C TRP F 88 22.02 1.19 -54.25
N ILE F 89 22.69 0.12 -53.83
CA ILE F 89 22.30 -1.25 -54.14
C ILE F 89 22.29 -2.02 -52.83
N PHE F 90 21.29 -2.87 -52.64
CA PHE F 90 21.20 -3.68 -51.43
C PHE F 90 20.85 -5.11 -51.81
N GLY F 91 21.34 -6.06 -51.02
CA GLY F 91 21.02 -7.45 -51.26
C GLY F 91 21.70 -8.34 -50.26
N THR F 92 21.47 -9.64 -50.41
CA THR F 92 22.13 -10.65 -49.57
C THR F 92 23.09 -11.53 -50.34
N THR F 93 22.93 -11.66 -51.65
CA THR F 93 23.88 -12.36 -52.51
C THR F 93 24.27 -11.57 -53.75
N LEU F 94 23.52 -10.51 -54.10
CA LEU F 94 23.81 -9.67 -55.26
C LEU F 94 23.78 -10.46 -56.55
N ASP F 95 22.98 -11.52 -56.59
CA ASP F 95 22.85 -12.38 -57.75
C ASP F 95 21.39 -12.44 -58.18
N SER F 96 21.12 -13.20 -59.24
CA SER F 96 19.77 -13.37 -59.74
C SER F 96 19.00 -14.44 -58.98
N LYS F 97 19.61 -15.11 -58.00
CA LYS F 97 18.94 -16.10 -57.20
C LYS F 97 18.20 -15.50 -56.01
N THR F 98 18.35 -14.21 -55.75
CA THR F 98 17.68 -13.56 -54.64
C THR F 98 17.35 -12.13 -55.03
N GLN F 99 16.28 -11.60 -54.43
CA GLN F 99 15.79 -10.27 -54.75
C GLN F 99 16.76 -9.20 -54.24
N SER F 100 16.75 -8.06 -54.92
CA SER F 100 17.65 -6.95 -54.57
C SER F 100 17.00 -5.63 -54.95
N LEU F 101 17.45 -4.56 -54.29
CA LEU F 101 16.95 -3.22 -54.52
C LEU F 101 17.89 -2.45 -55.46
N LEU F 102 17.34 -1.43 -56.11
CA LEU F 102 18.07 -0.62 -57.07
C LEU F 102 17.71 0.85 -56.90
N ILE F 103 17.79 1.35 -55.66
CA ILE F 103 17.59 2.79 -55.45
C ILE F 103 18.59 3.56 -56.29
N VAL F 104 18.08 4.35 -57.23
CA VAL F 104 18.90 5.08 -58.19
C VAL F 104 18.33 6.49 -58.33
N ASN F 105 19.20 7.49 -58.31
CA ASN F 105 18.80 8.88 -58.40
C ASN F 105 19.38 9.54 -59.65
N ASN F 106 18.63 10.50 -60.18
CA ASN F 106 19.13 11.37 -61.24
C ASN F 106 18.53 12.76 -61.01
N ALA F 107 18.64 13.63 -62.02
CA ALA F 107 18.30 15.03 -61.87
C ALA F 107 16.80 15.28 -61.74
N THR F 108 15.94 14.30 -62.03
CA THR F 108 14.50 14.54 -62.03
C THR F 108 13.67 13.55 -61.24
N ASN F 109 14.13 12.30 -61.04
CA ASN F 109 13.30 11.33 -60.37
C ASN F 109 14.17 10.25 -59.73
N VAL F 110 13.57 9.53 -58.79
CA VAL F 110 14.20 8.36 -58.17
C VAL F 110 13.27 7.17 -58.37
N VAL F 111 13.85 6.07 -58.85
CA VAL F 111 13.10 4.83 -59.08
C VAL F 111 13.66 3.75 -58.16
N ILE F 112 12.77 2.95 -57.59
CA ILE F 112 13.12 1.90 -56.65
C ILE F 112 12.42 0.63 -57.10
N LYS F 113 13.19 -0.43 -57.32
CA LYS F 113 12.66 -1.71 -57.76
C LYS F 113 13.23 -2.83 -56.90
N VAL F 114 12.40 -3.85 -56.67
CA VAL F 114 12.82 -5.04 -55.93
C VAL F 114 12.64 -6.23 -56.86
N CYS F 115 13.72 -6.64 -57.52
CA CYS F 115 13.70 -7.77 -58.45
C CYS F 115 14.96 -8.60 -58.23
N GLU F 116 15.08 -9.68 -59.01
CA GLU F 116 16.23 -10.57 -58.93
C GLU F 116 17.27 -10.17 -59.98
N PHE F 117 17.92 -9.05 -59.73
CA PHE F 117 18.91 -8.51 -60.65
C PHE F 117 20.15 -9.39 -60.69
N GLN F 118 20.76 -9.48 -61.87
CA GLN F 118 22.04 -10.16 -62.05
C GLN F 118 23.12 -9.08 -62.09
N PHE F 119 23.63 -8.73 -60.92
CA PHE F 119 24.56 -7.62 -60.79
C PHE F 119 25.95 -8.00 -61.29
N CYS F 120 26.60 -7.04 -61.96
CA CYS F 120 27.97 -7.22 -62.42
C CYS F 120 28.94 -6.98 -61.28
N ASN F 121 30.22 -7.26 -61.55
CA ASN F 121 31.25 -7.09 -60.53
C ASN F 121 31.41 -5.62 -60.15
N ASP F 122 31.52 -4.74 -61.14
CA ASP F 122 31.70 -3.31 -60.93
C ASP F 122 30.57 -2.57 -61.64
N PRO F 123 29.48 -2.26 -60.95
CA PRO F 123 28.36 -1.57 -61.60
C PRO F 123 28.57 -0.06 -61.66
N PHE F 124 28.02 0.54 -62.71
CA PHE F 124 28.09 1.99 -62.90
C PHE F 124 27.07 2.37 -63.95
N LEU F 125 27.03 3.67 -64.28
CA LEU F 125 26.15 4.22 -65.30
C LEU F 125 26.99 4.83 -66.40
N ASP F 126 26.62 4.54 -67.66
CA ASP F 126 27.41 5.03 -68.79
C ASP F 126 27.33 6.54 -68.91
N VAL F 127 26.17 7.12 -68.59
CA VAL F 127 25.90 8.56 -68.68
C VAL F 127 26.51 9.21 -69.92
N GLU F 137 23.21 7.36 -70.26
CA GLU F 137 22.53 7.18 -68.98
C GLU F 137 21.84 5.83 -68.94
N SER F 138 22.56 4.80 -69.37
CA SER F 138 22.04 3.44 -69.46
C SER F 138 22.66 2.59 -68.35
N GLU F 139 21.82 1.85 -67.64
CA GLU F 139 22.24 1.00 -66.53
C GLU F 139 22.52 -0.44 -66.97
N PHE F 140 22.92 -0.64 -68.23
CA PHE F 140 23.20 -1.99 -68.71
C PHE F 140 24.36 -2.64 -67.99
N ARG F 141 25.26 -1.84 -67.41
CA ARG F 141 26.40 -2.37 -66.67
C ARG F 141 26.09 -2.63 -65.21
N VAL F 142 24.86 -2.35 -64.76
CA VAL F 142 24.46 -2.60 -63.38
C VAL F 142 23.97 -4.04 -63.25
N TYR F 143 22.91 -4.37 -64.02
CA TYR F 143 22.33 -5.70 -64.00
C TYR F 143 22.09 -6.17 -65.43
N SER F 144 22.33 -7.46 -65.67
CA SER F 144 22.10 -8.01 -67.00
C SER F 144 20.61 -8.05 -67.33
N SER F 145 19.80 -8.62 -66.44
CA SER F 145 18.37 -8.74 -66.65
C SER F 145 17.70 -9.18 -65.36
N ALA F 146 16.56 -8.58 -65.05
CA ALA F 146 15.73 -8.95 -63.91
C ALA F 146 14.40 -9.49 -64.41
N ASN F 147 14.05 -10.71 -63.99
CA ASN F 147 12.85 -11.37 -64.50
C ASN F 147 11.64 -11.15 -63.61
N ASN F 148 11.72 -11.58 -62.34
CA ASN F 148 10.61 -11.51 -61.42
C ASN F 148 10.76 -10.29 -60.52
N CYS F 149 9.71 -9.46 -60.46
CA CYS F 149 9.71 -8.26 -59.66
C CYS F 149 8.55 -8.28 -58.67
N THR F 150 8.72 -7.55 -57.57
CA THR F 150 7.73 -7.53 -56.50
C THR F 150 7.30 -6.14 -56.08
N PHE F 151 8.14 -5.12 -56.24
CA PHE F 151 7.82 -3.78 -55.74
C PHE F 151 8.47 -2.75 -56.64
N GLU F 152 7.68 -1.77 -57.08
CA GLU F 152 8.16 -0.66 -57.88
C GLU F 152 7.68 0.66 -57.28
N TYR F 153 8.50 1.69 -57.39
CA TYR F 153 8.21 2.97 -56.76
C TYR F 153 8.94 4.07 -57.50
N VAL F 154 8.27 5.22 -57.66
CA VAL F 154 8.87 6.39 -58.31
C VAL F 154 8.53 7.62 -57.47
N SER F 155 9.52 8.49 -57.28
CA SER F 155 9.28 9.70 -56.49
C SER F 155 10.28 10.78 -56.91
N GLN F 156 10.22 11.91 -56.20
CA GLN F 156 11.16 13.00 -56.42
C GLN F 156 12.54 12.60 -55.88
N PRO F 157 13.63 12.96 -56.57
CA PRO F 157 14.94 12.48 -56.15
C PRO F 157 15.33 12.98 -54.76
N PHE F 158 16.11 12.17 -54.06
CA PHE F 158 16.52 12.49 -52.69
C PHE F 158 17.56 13.61 -52.68
N LEU F 159 18.68 13.39 -53.38
CA LEU F 159 19.79 14.32 -53.33
C LEU F 159 19.43 15.65 -53.96
N MET F 160 19.74 16.75 -53.28
CA MET F 160 19.44 18.08 -53.78
C MET F 160 20.66 19.00 -53.64
N LYS F 170 31.12 22.42 -50.29
CA LYS F 170 30.87 23.34 -49.19
C LYS F 170 29.65 22.93 -48.39
N ASN F 171 29.07 21.78 -48.74
CA ASN F 171 27.89 21.25 -48.07
C ASN F 171 28.10 19.79 -47.74
N LEU F 172 27.50 19.35 -46.64
CA LEU F 172 27.57 17.97 -46.18
C LEU F 172 26.17 17.37 -46.20
N ARG F 173 26.04 16.21 -46.85
CA ARG F 173 24.81 15.47 -46.93
C ARG F 173 24.94 14.20 -46.10
N GLU F 174 23.99 13.98 -45.20
CA GLU F 174 24.02 12.86 -44.28
C GLU F 174 22.76 12.02 -44.46
N PHE F 175 22.93 10.69 -44.44
CA PHE F 175 21.83 9.76 -44.65
C PHE F 175 21.92 8.65 -43.61
N VAL F 176 20.76 8.08 -43.28
CA VAL F 176 20.67 6.94 -42.38
C VAL F 176 19.72 5.94 -43.02
N PHE F 177 20.19 4.70 -43.21
CA PHE F 177 19.38 3.63 -43.76
C PHE F 177 19.25 2.52 -42.72
N LYS F 178 18.02 2.04 -42.53
CA LYS F 178 17.83 0.87 -41.67
C LYS F 178 16.57 0.11 -42.11
N ASN F 179 16.42 -1.10 -41.60
CA ASN F 179 15.26 -1.91 -41.89
C ASN F 179 14.82 -2.67 -40.63
N ILE F 180 13.53 -2.56 -40.31
CA ILE F 180 12.94 -3.25 -39.17
C ILE F 180 11.59 -3.83 -39.59
N ASP F 181 11.39 -5.12 -39.33
CA ASP F 181 10.11 -5.80 -39.56
C ASP F 181 9.65 -5.63 -41.00
N GLY F 182 10.59 -5.78 -41.94
CA GLY F 182 10.24 -5.64 -43.34
C GLY F 182 10.03 -4.22 -43.80
N TYR F 183 10.41 -3.23 -43.01
CA TYR F 183 10.23 -1.83 -43.36
C TYR F 183 11.60 -1.18 -43.53
N PHE F 184 11.81 -0.56 -44.69
CA PHE F 184 13.04 0.16 -45.01
C PHE F 184 12.81 1.64 -44.76
N LYS F 185 13.59 2.21 -43.84
CA LYS F 185 13.45 3.60 -43.42
C LYS F 185 14.72 4.37 -43.77
N ILE F 186 14.53 5.55 -44.36
CA ILE F 186 15.63 6.41 -44.77
C ILE F 186 15.45 7.78 -44.15
N TYR F 187 16.48 8.26 -43.46
CA TYR F 187 16.55 9.61 -42.92
C TYR F 187 17.66 10.36 -43.65
N SER F 188 17.56 11.69 -43.66
CA SER F 188 18.58 12.48 -44.32
C SER F 188 18.62 13.89 -43.76
N LYS F 189 19.70 14.60 -44.06
CA LYS F 189 19.88 15.98 -43.65
C LYS F 189 20.93 16.64 -44.53
N HIS F 190 20.76 17.94 -44.74
CA HIS F 190 21.68 18.76 -45.53
C HIS F 190 22.17 19.90 -44.64
N THR F 191 23.50 20.06 -44.55
CA THR F 191 24.06 21.09 -43.69
C THR F 191 25.16 21.83 -44.45
N PRO F 192 25.38 23.11 -44.11
CA PRO F 192 26.54 23.82 -44.67
C PRO F 192 27.77 23.67 -43.78
N ILE F 193 28.90 23.39 -44.40
CA ILE F 193 30.15 23.11 -43.71
C ILE F 193 31.24 23.98 -44.31
N ASN F 194 32.02 24.63 -43.45
CA ASN F 194 33.11 25.49 -43.91
C ASN F 194 34.33 24.65 -44.28
N LEU F 195 35.46 25.30 -44.49
CA LEU F 195 36.67 24.59 -44.91
C LEU F 195 37.26 23.80 -43.74
N GLU F 196 36.89 22.51 -43.65
CA GLU F 196 37.37 21.63 -42.60
C GLU F 196 37.67 20.26 -43.20
N ARG F 197 38.79 19.68 -42.81
CA ARG F 197 39.22 18.39 -43.34
C ARG F 197 38.63 17.21 -42.54
N ASP F 198 37.97 17.47 -41.42
CA ASP F 198 37.32 16.43 -40.65
C ASP F 198 35.87 16.81 -40.42
N LEU F 199 35.10 15.86 -39.91
CA LEU F 199 33.69 16.10 -39.65
C LEU F 199 33.54 17.19 -38.60
N PRO F 200 32.70 18.19 -38.84
CA PRO F 200 32.65 19.35 -37.93
C PRO F 200 32.02 19.01 -36.59
N GLN F 201 32.40 19.80 -35.59
CA GLN F 201 31.80 19.69 -34.27
C GLN F 201 30.41 20.29 -34.28
N GLY F 202 29.58 19.85 -33.35
CA GLY F 202 28.24 20.39 -33.17
C GLY F 202 27.18 19.33 -33.40
N PHE F 203 25.93 19.78 -33.39
CA PHE F 203 24.77 18.91 -33.52
C PHE F 203 23.89 19.38 -34.68
N SER F 204 23.34 18.41 -35.41
CA SER F 204 22.39 18.69 -36.48
C SER F 204 21.53 17.45 -36.67
N ALA F 205 20.27 17.52 -36.25
CA ALA F 205 19.40 16.36 -36.29
C ALA F 205 19.02 16.00 -37.73
N LEU F 206 18.55 14.77 -37.90
CA LEU F 206 18.20 14.22 -39.21
C LEU F 206 16.70 13.94 -39.26
N GLU F 207 16.10 14.20 -40.41
CA GLU F 207 14.65 14.14 -40.57
C GLU F 207 14.26 13.09 -41.61
N PRO F 208 13.29 12.24 -41.32
CA PRO F 208 12.95 11.15 -42.24
C PRO F 208 12.29 11.63 -43.51
N LEU F 209 12.46 10.84 -44.57
CA LEU F 209 11.73 11.04 -45.82
C LEU F 209 10.85 9.85 -46.19
N VAL F 210 11.41 8.66 -46.28
CA VAL F 210 10.80 7.56 -47.01
C VAL F 210 10.81 6.28 -46.17
N ASP F 211 9.66 5.61 -46.11
CA ASP F 211 9.51 4.28 -45.52
C ASP F 211 8.82 3.39 -46.54
N LEU F 212 9.38 2.20 -46.77
CA LEU F 212 8.86 1.28 -47.78
C LEU F 212 8.71 -0.13 -47.23
N PRO F 213 7.63 -0.82 -47.58
CA PRO F 213 7.51 -2.27 -47.24
C PRO F 213 8.34 -3.16 -48.15
N ILE F 214 9.64 -3.27 -47.87
CA ILE F 214 10.50 -4.12 -48.68
C ILE F 214 10.30 -5.58 -48.29
N GLY F 215 10.54 -5.93 -47.03
CA GLY F 215 10.32 -7.27 -46.55
C GLY F 215 11.21 -8.34 -47.15
N ILE F 216 12.51 -8.06 -47.29
CA ILE F 216 13.47 -9.04 -47.78
C ILE F 216 14.71 -9.01 -46.90
N ASN F 217 15.51 -10.07 -47.03
CA ASN F 217 16.85 -10.09 -46.44
C ASN F 217 17.74 -9.01 -47.05
N ILE F 218 18.48 -8.32 -46.18
CA ILE F 218 19.53 -7.39 -46.57
C ILE F 218 20.75 -7.68 -45.69
N THR F 219 21.89 -7.96 -46.32
CA THR F 219 23.10 -8.25 -45.56
C THR F 219 24.26 -7.38 -46.04
N ARG F 220 24.26 -7.04 -47.33
CA ARG F 220 25.33 -6.28 -47.94
C ARG F 220 24.73 -5.18 -48.82
N PHE F 221 25.51 -4.12 -49.02
CA PHE F 221 25.09 -3.01 -49.86
C PHE F 221 26.25 -2.58 -50.75
N GLN F 222 26.00 -1.56 -51.56
CA GLN F 222 26.85 -1.19 -52.68
C GLN F 222 26.53 0.23 -53.08
N THR F 223 27.54 0.94 -53.59
CA THR F 223 27.37 2.32 -54.05
C THR F 223 27.78 2.40 -55.52
N LEU F 224 26.95 3.07 -56.31
CA LEU F 224 27.18 3.23 -57.74
C LEU F 224 27.79 4.59 -58.04
N LEU F 225 28.52 4.66 -59.14
CA LEU F 225 29.15 5.89 -59.59
C LEU F 225 28.87 6.09 -61.07
N ALA F 226 28.86 7.34 -61.50
CA ALA F 226 28.60 7.70 -62.89
C ALA F 226 29.90 8.10 -63.56
N LEU F 227 30.23 7.45 -64.67
CA LEU F 227 31.47 7.69 -65.40
C LEU F 227 31.12 8.17 -66.81
N HIS F 228 31.58 9.36 -67.15
CA HIS F 228 31.32 9.91 -68.47
C HIS F 228 32.24 9.30 -69.52
N ARG F 229 31.80 9.35 -70.77
CA ARG F 229 32.57 8.82 -71.89
C ARG F 229 32.26 9.57 -73.17
N TRP F 241 36.30 6.03 -71.32
CA TRP F 241 35.72 6.81 -70.24
C TRP F 241 36.65 7.94 -69.82
N THR F 242 36.37 8.54 -68.66
CA THR F 242 37.15 9.65 -68.14
C THR F 242 37.48 9.41 -66.67
N ALA F 243 38.62 9.93 -66.24
CA ALA F 243 39.08 9.74 -64.87
C ALA F 243 38.17 10.45 -63.88
N GLY F 244 38.12 9.92 -62.65
CA GLY F 244 37.28 10.49 -61.62
C GLY F 244 37.72 10.08 -60.23
N ALA F 245 37.21 10.81 -59.25
CA ALA F 245 37.54 10.58 -57.85
C ALA F 245 36.34 10.91 -56.98
N ALA F 246 36.14 10.11 -55.93
CA ALA F 246 35.02 10.27 -55.01
C ALA F 246 35.48 9.95 -53.61
N ALA F 247 34.79 10.52 -52.63
CA ALA F 247 35.07 10.27 -51.23
C ALA F 247 33.76 10.20 -50.45
N TYR F 248 33.67 9.23 -49.54
CA TYR F 248 32.46 9.12 -48.72
C TYR F 248 32.76 8.48 -47.39
N TYR F 249 31.94 8.81 -46.39
CA TYR F 249 32.10 8.32 -45.03
C TYR F 249 31.00 7.31 -44.73
N VAL F 250 31.39 6.17 -44.15
CA VAL F 250 30.46 5.10 -43.82
C VAL F 250 30.63 4.72 -42.36
N GLY F 251 29.54 4.72 -41.60
CA GLY F 251 29.56 4.27 -40.23
C GLY F 251 28.42 3.29 -39.97
N TYR F 252 28.58 2.51 -38.92
CA TYR F 252 27.62 1.48 -38.55
C TYR F 252 26.87 1.88 -37.29
N LEU F 253 25.54 1.81 -37.34
CA LEU F 253 24.72 2.12 -36.19
C LEU F 253 24.67 0.92 -35.24
N GLN F 254 24.34 1.20 -33.99
CA GLN F 254 24.19 0.18 -32.96
C GLN F 254 23.00 0.53 -32.08
N PRO F 255 22.39 -0.47 -31.44
CA PRO F 255 21.28 -0.18 -30.52
C PRO F 255 21.76 0.50 -29.25
N ARG F 256 21.41 1.77 -29.08
CA ARG F 256 21.85 2.57 -27.96
C ARG F 256 20.67 3.28 -27.32
N THR F 257 20.95 3.93 -26.19
CA THR F 257 20.00 4.76 -25.48
C THR F 257 20.57 6.17 -25.38
N PHE F 258 19.79 7.16 -25.81
CA PHE F 258 20.21 8.55 -25.83
C PHE F 258 19.26 9.39 -24.99
N LEU F 259 19.76 10.52 -24.51
CA LEU F 259 18.96 11.54 -23.85
C LEU F 259 19.06 12.81 -24.67
N LEU F 260 17.97 13.19 -25.34
CA LEU F 260 17.95 14.32 -26.25
C LEU F 260 17.26 15.51 -25.58
N LYS F 261 17.73 16.70 -25.94
CA LYS F 261 17.24 17.94 -25.37
C LYS F 261 16.56 18.77 -26.45
N TYR F 262 15.33 19.20 -26.17
CA TYR F 262 14.57 20.05 -27.07
C TYR F 262 14.53 21.46 -26.51
N ASN F 263 14.83 22.45 -27.35
CA ASN F 263 14.71 23.84 -26.95
C ASN F 263 13.27 24.32 -27.19
N GLU F 264 13.03 25.61 -26.94
CA GLU F 264 11.67 26.14 -27.04
C GLU F 264 11.13 26.12 -28.46
N ASN F 265 12.00 26.05 -29.47
CA ASN F 265 11.56 26.04 -30.86
C ASN F 265 11.18 24.65 -31.36
N GLY F 266 11.45 23.61 -30.58
CA GLY F 266 11.14 22.26 -31.01
C GLY F 266 12.26 21.55 -31.72
N THR F 267 13.48 22.09 -31.72
CA THR F 267 14.62 21.48 -32.39
C THR F 267 15.55 20.83 -31.37
N ILE F 268 16.23 19.78 -31.80
CA ILE F 268 17.18 19.07 -30.95
C ILE F 268 18.51 19.79 -30.99
N THR F 269 18.94 20.30 -29.84
CA THR F 269 20.19 21.06 -29.75
C THR F 269 21.27 20.37 -28.94
N ASP F 270 20.96 19.26 -28.28
CA ASP F 270 21.94 18.56 -27.47
C ASP F 270 21.49 17.13 -27.25
N ALA F 271 22.47 16.26 -27.02
CA ALA F 271 22.19 14.85 -26.73
C ALA F 271 23.32 14.28 -25.90
N VAL F 272 22.98 13.30 -25.07
CA VAL F 272 23.94 12.64 -24.20
C VAL F 272 23.81 11.13 -24.41
N ASP F 273 24.93 10.48 -24.70
CA ASP F 273 24.98 9.02 -24.81
C ASP F 273 25.10 8.42 -23.42
N CYS F 274 24.31 7.37 -23.17
CA CYS F 274 24.19 6.82 -21.82
C CYS F 274 25.15 5.66 -21.55
N ALA F 275 26.05 5.35 -22.49
CA ALA F 275 26.97 4.23 -22.30
C ALA F 275 28.37 4.60 -22.79
N LEU F 276 28.83 5.81 -22.45
CA LEU F 276 30.16 6.25 -22.85
C LEU F 276 31.14 6.32 -21.69
N ASP F 277 30.72 6.84 -20.54
CA ASP F 277 31.56 6.92 -19.35
C ASP F 277 30.65 7.05 -18.14
N PRO F 278 31.17 6.81 -16.92
CA PRO F 278 30.29 6.85 -15.74
C PRO F 278 29.57 8.17 -15.55
N LEU F 279 30.18 9.30 -15.92
CA LEU F 279 29.51 10.59 -15.77
C LEU F 279 28.26 10.67 -16.64
N SER F 280 28.35 10.19 -17.88
CA SER F 280 27.19 10.20 -18.76
C SER F 280 26.09 9.27 -18.25
N GLU F 281 26.47 8.12 -17.70
CA GLU F 281 25.49 7.23 -17.10
C GLU F 281 24.80 7.89 -15.91
N THR F 282 25.56 8.61 -15.09
CA THR F 282 24.97 9.34 -13.97
C THR F 282 24.01 10.41 -14.47
N LYS F 283 24.39 11.13 -15.52
CA LYS F 283 23.51 12.17 -16.07
C LYS F 283 22.22 11.55 -16.61
N CYS F 284 22.32 10.41 -17.29
CA CYS F 284 21.13 9.74 -17.79
C CYS F 284 20.25 9.24 -16.65
N THR F 285 20.85 8.72 -15.59
CA THR F 285 20.07 8.25 -14.45
C THR F 285 19.34 9.40 -13.77
N LEU F 286 20.03 10.53 -13.55
CA LEU F 286 19.40 11.68 -12.91
C LEU F 286 18.44 12.44 -13.82
N LYS F 287 18.44 12.12 -15.12
CA LYS F 287 17.62 12.85 -16.10
C LYS F 287 17.91 14.34 -16.07
N SER F 288 19.19 14.70 -16.00
CA SER F 288 19.61 16.08 -15.98
C SER F 288 20.96 16.21 -16.66
N PHE F 289 21.25 17.42 -17.13
CA PHE F 289 22.52 17.71 -17.80
C PHE F 289 23.57 18.28 -16.86
N THR F 290 23.26 18.42 -15.57
CA THR F 290 24.20 18.90 -14.57
C THR F 290 24.17 17.99 -13.36
N VAL F 291 25.33 17.75 -12.77
CA VAL F 291 25.48 16.85 -11.63
C VAL F 291 26.21 17.59 -10.52
N GLU F 292 25.65 17.57 -9.32
CA GLU F 292 26.25 18.25 -8.18
C GLU F 292 27.16 17.29 -7.41
N LYS F 293 27.98 17.86 -6.53
CA LYS F 293 28.96 17.08 -5.79
C LYS F 293 28.29 16.03 -4.91
N GLY F 294 28.81 14.82 -4.95
CA GLY F 294 28.27 13.74 -4.15
C GLY F 294 28.62 12.40 -4.74
N ILE F 295 28.06 11.36 -4.14
CA ILE F 295 28.22 9.99 -4.60
C ILE F 295 26.86 9.43 -4.96
N TYR F 296 26.74 8.89 -6.18
CA TYR F 296 25.49 8.39 -6.70
C TYR F 296 25.62 6.91 -7.05
N GLN F 297 24.48 6.22 -7.08
CA GLN F 297 24.40 4.86 -7.57
C GLN F 297 23.81 4.86 -8.97
N THR F 298 24.52 4.27 -9.92
CA THR F 298 24.13 4.30 -11.32
C THR F 298 23.57 2.98 -11.82
N SER F 299 24.30 1.89 -11.69
CA SER F 299 23.89 0.63 -12.30
C SER F 299 24.57 -0.54 -11.59
N ASN F 300 24.40 -1.72 -12.16
CA ASN F 300 24.97 -2.96 -11.65
C ASN F 300 25.85 -3.59 -12.73
N PHE F 301 26.74 -4.47 -12.29
CA PHE F 301 27.60 -5.23 -13.19
C PHE F 301 27.36 -6.72 -13.01
N ARG F 302 27.29 -7.42 -14.13
CA ARG F 302 27.06 -8.86 -14.17
C ARG F 302 28.00 -9.50 -15.18
N VAL F 303 28.23 -10.79 -15.01
CA VAL F 303 29.09 -11.56 -15.90
C VAL F 303 28.20 -12.35 -16.85
N GLN F 304 28.36 -12.12 -18.16
CA GLN F 304 27.55 -12.80 -19.16
C GLN F 304 28.05 -14.23 -19.38
N PRO F 305 27.16 -15.14 -19.76
CA PRO F 305 27.59 -16.51 -20.04
C PRO F 305 28.33 -16.60 -21.36
N THR F 306 29.04 -17.72 -21.54
CA THR F 306 29.88 -17.94 -22.71
C THR F 306 29.25 -18.85 -23.75
N GLU F 307 28.75 -20.01 -23.34
CA GLU F 307 28.16 -20.97 -24.28
C GLU F 307 26.90 -21.57 -23.65
N SER F 308 26.35 -22.59 -24.29
CA SER F 308 25.15 -23.27 -23.82
C SER F 308 25.37 -24.78 -23.86
N ILE F 309 24.77 -25.48 -22.89
CA ILE F 309 24.85 -26.93 -22.81
C ILE F 309 23.44 -27.49 -22.66
N VAL F 310 23.25 -28.70 -23.20
CA VAL F 310 21.97 -29.42 -23.12
C VAL F 310 22.26 -30.86 -22.70
N ARG F 311 21.50 -31.36 -21.74
CA ARG F 311 21.67 -32.72 -21.24
C ARG F 311 20.32 -33.43 -21.26
N PHE F 312 20.21 -34.46 -22.09
CA PHE F 312 19.01 -35.25 -22.27
C PHE F 312 19.34 -36.73 -22.14
N PRO F 313 18.36 -37.57 -21.76
CA PRO F 313 18.67 -38.99 -21.50
C PRO F 313 19.01 -39.79 -22.76
N ASN F 314 19.29 -41.08 -22.58
CA ASN F 314 19.65 -41.97 -23.68
C ASN F 314 18.38 -42.64 -24.20
N ILE F 315 17.64 -41.90 -25.02
CA ILE F 315 16.38 -42.36 -25.58
C ILE F 315 16.52 -42.41 -27.10
N THR F 316 16.23 -43.58 -27.68
CA THR F 316 16.36 -43.79 -29.11
C THR F 316 15.08 -44.20 -29.80
N ASN F 317 14.14 -44.83 -29.09
CA ASN F 317 12.92 -45.32 -29.72
C ASN F 317 12.00 -44.15 -30.09
N LEU F 318 11.00 -44.46 -30.91
CA LEU F 318 10.00 -43.50 -31.33
C LEU F 318 8.67 -43.86 -30.70
N CYS F 319 7.96 -42.85 -30.21
CA CYS F 319 6.71 -43.09 -29.51
C CYS F 319 5.65 -43.61 -30.47
N PRO F 320 4.81 -44.56 -30.05
CA PRO F 320 3.81 -45.16 -30.94
C PRO F 320 2.48 -44.41 -30.96
N PHE F 321 2.48 -43.25 -31.62
CA PHE F 321 1.26 -42.48 -31.78
C PHE F 321 0.40 -42.95 -32.94
N HIS F 322 0.93 -43.83 -33.81
CA HIS F 322 0.16 -44.32 -34.94
C HIS F 322 -0.92 -45.31 -34.50
N GLU F 323 -0.60 -46.17 -33.53
CA GLU F 323 -1.55 -47.20 -33.10
C GLU F 323 -2.69 -46.65 -32.26
N VAL F 324 -2.63 -45.38 -31.86
CA VAL F 324 -3.66 -44.79 -31.00
C VAL F 324 -4.66 -43.97 -31.81
N PHE F 325 -4.16 -43.17 -32.77
CA PHE F 325 -5.01 -42.20 -33.44
C PHE F 325 -5.87 -42.78 -34.56
N ASN F 326 -5.61 -44.02 -34.99
CA ASN F 326 -6.58 -44.72 -35.84
C ASN F 326 -6.34 -46.21 -35.74
N ALA F 327 -7.35 -46.94 -35.27
CA ALA F 327 -7.29 -48.39 -35.17
C ALA F 327 -8.57 -49.05 -35.67
N THR F 328 -9.40 -48.32 -36.42
CA THR F 328 -10.62 -48.81 -37.07
C THR F 328 -11.72 -49.11 -36.05
N THR F 329 -11.42 -48.98 -34.76
CA THR F 329 -12.41 -49.21 -33.73
C THR F 329 -12.03 -48.44 -32.48
N PHE F 330 -13.03 -47.86 -31.83
CA PHE F 330 -12.86 -47.10 -30.59
C PHE F 330 -13.78 -47.66 -29.53
N ALA F 331 -13.27 -47.76 -28.30
CA ALA F 331 -14.03 -48.35 -27.21
C ALA F 331 -15.16 -47.42 -26.78
N SER F 332 -16.17 -48.00 -26.14
CA SER F 332 -17.31 -47.24 -25.66
C SER F 332 -16.89 -46.30 -24.53
N VAL F 333 -17.72 -45.29 -24.28
CA VAL F 333 -17.39 -44.28 -23.28
C VAL F 333 -17.44 -44.86 -21.87
N TYR F 334 -18.30 -45.87 -21.64
CA TYR F 334 -18.42 -46.42 -20.30
C TYR F 334 -17.24 -47.32 -19.93
N ALA F 335 -16.60 -47.93 -20.93
CA ALA F 335 -15.37 -48.71 -20.73
C ALA F 335 -14.36 -48.23 -21.76
N TRP F 336 -13.63 -47.17 -21.41
CA TRP F 336 -12.67 -46.55 -22.31
C TRP F 336 -11.29 -47.18 -22.14
N ASN F 337 -10.56 -47.28 -23.25
CA ASN F 337 -9.21 -47.83 -23.22
C ASN F 337 -8.26 -46.82 -22.57
N ARG F 338 -7.04 -47.29 -22.31
CA ARG F 338 -5.99 -46.42 -21.78
C ARG F 338 -4.64 -47.04 -22.12
N LYS F 339 -3.80 -46.28 -22.80
CA LYS F 339 -2.47 -46.73 -23.21
C LYS F 339 -1.41 -45.88 -22.52
N ARG F 340 -0.37 -46.54 -22.03
CA ARG F 340 0.73 -45.88 -21.35
C ARG F 340 1.93 -45.78 -22.29
N ILE F 341 2.49 -44.57 -22.39
CA ILE F 341 3.61 -44.28 -23.27
C ILE F 341 4.79 -43.84 -22.41
N SER F 342 5.92 -44.52 -22.58
CA SER F 342 7.15 -44.22 -21.85
C SER F 342 8.33 -44.75 -22.64
N ASN F 343 9.51 -44.20 -22.35
CA ASN F 343 10.77 -44.62 -22.95
C ASN F 343 10.74 -44.51 -24.48
N CYS F 344 10.48 -43.29 -24.95
CA CYS F 344 10.48 -43.04 -26.39
C CYS F 344 10.66 -41.55 -26.63
N VAL F 345 11.07 -41.21 -27.85
CA VAL F 345 11.20 -39.83 -28.29
C VAL F 345 9.86 -39.41 -28.90
N ALA F 346 9.26 -38.35 -28.36
CA ALA F 346 7.93 -37.92 -28.74
C ALA F 346 8.01 -36.81 -29.79
N ASP F 347 7.37 -37.04 -30.93
CA ASP F 347 7.26 -36.05 -32.00
C ASP F 347 5.78 -35.73 -32.17
N TYR F 348 5.36 -34.56 -31.68
CA TYR F 348 3.97 -34.16 -31.70
C TYR F 348 3.59 -33.43 -32.99
N SER F 349 4.51 -33.26 -33.93
CA SER F 349 4.21 -32.63 -35.19
C SER F 349 3.68 -33.60 -36.24
N VAL F 350 3.72 -34.91 -35.96
CA VAL F 350 3.18 -35.90 -36.89
C VAL F 350 1.74 -36.25 -36.58
N ILE F 351 1.22 -35.87 -35.40
CA ILE F 351 -0.15 -36.20 -35.03
C ILE F 351 -1.14 -35.61 -36.02
N TYR F 352 -0.80 -34.46 -36.62
CA TYR F 352 -1.68 -33.83 -37.59
C TYR F 352 -1.85 -34.66 -38.86
N ASN F 353 -0.97 -35.62 -39.10
CA ASN F 353 -1.05 -36.45 -40.31
C ASN F 353 -1.86 -37.72 -40.12
N PHE F 354 -2.41 -37.95 -38.92
CA PHE F 354 -3.13 -39.18 -38.64
C PHE F 354 -4.64 -39.01 -38.53
N ALA F 355 -5.11 -37.87 -38.04
CA ALA F 355 -6.54 -37.66 -37.84
C ALA F 355 -6.95 -36.32 -38.45
N PRO F 356 -8.18 -36.24 -38.98
CA PRO F 356 -8.65 -35.02 -39.63
C PRO F 356 -9.32 -34.02 -38.68
N PHE F 357 -8.64 -33.71 -37.58
CA PHE F 357 -9.18 -32.74 -36.63
C PHE F 357 -8.72 -31.33 -37.00
N PHE F 358 -9.26 -30.35 -36.27
CA PHE F 358 -9.00 -28.94 -36.57
C PHE F 358 -7.82 -28.40 -35.77
N ALA F 359 -7.88 -28.49 -34.44
CA ALA F 359 -6.81 -27.97 -33.60
C ALA F 359 -6.84 -28.68 -32.26
N PHE F 360 -5.73 -28.56 -31.53
CA PHE F 360 -5.64 -29.13 -30.19
C PHE F 360 -6.47 -28.32 -29.21
N LYS F 361 -6.52 -28.81 -27.97
CA LYS F 361 -7.10 -28.04 -26.86
C LYS F 361 -6.34 -28.47 -25.62
N CYS F 362 -5.35 -27.68 -25.23
CA CYS F 362 -4.47 -28.01 -24.11
C CYS F 362 -4.69 -27.01 -22.99
N TYR F 363 -4.55 -27.50 -21.76
CA TYR F 363 -4.91 -26.74 -20.56
C TYR F 363 -3.71 -26.27 -19.75
N GLY F 364 -2.77 -27.18 -19.45
CA GLY F 364 -1.63 -26.80 -18.65
C GLY F 364 -0.44 -26.29 -19.44
N VAL F 365 -0.40 -26.58 -20.74
CA VAL F 365 0.72 -26.23 -21.60
C VAL F 365 0.16 -25.66 -22.90
N SER F 366 1.06 -25.36 -23.84
CA SER F 366 0.67 -24.87 -25.15
C SER F 366 1.02 -25.91 -26.22
N PRO F 367 0.19 -26.05 -27.25
CA PRO F 367 0.44 -27.09 -28.27
C PRO F 367 1.77 -26.93 -28.99
N THR F 368 2.25 -25.70 -29.20
CA THR F 368 3.47 -25.49 -29.95
C THR F 368 4.73 -25.71 -29.12
N LYS F 369 4.62 -25.80 -27.80
CA LYS F 369 5.77 -25.98 -26.92
C LYS F 369 5.93 -27.41 -26.44
N LEU F 370 5.24 -28.37 -27.06
CA LEU F 370 5.27 -29.75 -26.61
C LEU F 370 6.51 -30.51 -27.08
N ASN F 371 7.34 -29.90 -27.93
CA ASN F 371 8.54 -30.56 -28.42
C ASN F 371 9.78 -30.31 -27.56
N ASP F 372 9.66 -29.48 -26.53
CA ASP F 372 10.79 -29.10 -25.69
C ASP F 372 10.75 -29.71 -24.30
N LEU F 373 9.57 -29.79 -23.68
CA LEU F 373 9.47 -30.31 -22.32
C LEU F 373 9.69 -31.81 -22.30
N CYS F 374 10.13 -32.32 -21.15
CA CYS F 374 10.42 -33.74 -20.99
C CYS F 374 9.67 -34.27 -19.79
N PHE F 375 8.78 -35.24 -20.04
CA PHE F 375 7.85 -35.72 -19.03
C PHE F 375 8.33 -37.04 -18.44
N THR F 376 7.53 -37.57 -17.51
CA THR F 376 7.79 -38.86 -16.87
C THR F 376 7.00 -40.00 -17.52
N ASN F 377 5.70 -39.81 -17.72
CA ASN F 377 4.85 -40.79 -18.36
C ASN F 377 3.75 -40.07 -19.12
N VAL F 378 3.26 -40.70 -20.18
CA VAL F 378 2.14 -40.15 -20.96
C VAL F 378 1.02 -41.18 -20.97
N TYR F 379 -0.23 -40.70 -20.92
CA TYR F 379 -1.37 -41.60 -20.97
C TYR F 379 -2.34 -41.15 -22.06
N ALA F 380 -2.91 -42.11 -22.77
CA ALA F 380 -3.84 -41.81 -23.85
C ALA F 380 -5.14 -42.56 -23.62
N ASP F 381 -6.25 -41.83 -23.57
CA ASP F 381 -7.58 -42.41 -23.41
C ASP F 381 -8.41 -42.12 -24.66
N SER F 382 -9.11 -43.14 -25.17
CA SER F 382 -9.84 -43.00 -26.42
C SER F 382 -11.27 -43.50 -26.26
N PHE F 383 -12.22 -42.78 -26.84
CA PHE F 383 -13.61 -43.22 -26.84
C PHE F 383 -14.38 -42.46 -27.91
N VAL F 384 -15.69 -42.73 -27.97
CA VAL F 384 -16.61 -42.12 -28.93
C VAL F 384 -17.81 -41.58 -28.16
N ILE F 385 -18.15 -40.32 -28.37
CA ILE F 385 -19.25 -39.67 -27.66
C ILE F 385 -20.13 -38.95 -28.67
N ARG F 386 -21.18 -38.30 -28.16
CA ARG F 386 -22.11 -37.55 -28.98
C ARG F 386 -21.52 -36.18 -29.33
N GLY F 387 -22.19 -35.49 -30.25
CA GLY F 387 -21.67 -34.21 -30.72
C GLY F 387 -21.67 -33.12 -29.65
N ASN F 388 -22.77 -33.01 -28.90
CA ASN F 388 -22.92 -31.93 -27.93
C ASN F 388 -22.36 -32.27 -26.55
N GLU F 389 -21.85 -33.49 -26.37
CA GLU F 389 -21.23 -33.88 -25.10
C GLU F 389 -19.72 -33.71 -25.12
N VAL F 390 -19.15 -33.18 -26.19
CA VAL F 390 -17.71 -32.94 -26.24
C VAL F 390 -17.31 -31.86 -25.24
N SER F 391 -18.17 -30.85 -25.06
CA SER F 391 -17.88 -29.76 -24.13
C SER F 391 -17.83 -30.23 -22.68
N GLN F 392 -18.32 -31.43 -22.37
CA GLN F 392 -18.26 -31.96 -21.02
C GLN F 392 -16.90 -32.58 -20.70
N ILE F 393 -16.05 -32.79 -21.69
CA ILE F 393 -14.70 -33.36 -21.45
C ILE F 393 -13.80 -32.17 -21.15
N ALA F 394 -13.84 -31.73 -19.90
CA ALA F 394 -13.09 -30.57 -19.43
C ALA F 394 -13.13 -30.56 -17.92
N PRO F 395 -12.14 -29.94 -17.27
CA PRO F 395 -12.17 -29.84 -15.81
C PRO F 395 -13.39 -29.06 -15.34
N GLY F 396 -13.94 -29.47 -14.21
CA GLY F 396 -15.06 -28.78 -13.59
C GLY F 396 -16.32 -28.74 -14.43
N GLN F 397 -16.71 -29.88 -15.00
CA GLN F 397 -17.92 -29.97 -15.80
C GLN F 397 -18.87 -30.99 -15.18
N THR F 398 -20.17 -30.74 -15.36
CA THR F 398 -21.22 -31.59 -14.81
C THR F 398 -22.18 -31.99 -15.91
N GLY F 399 -22.49 -33.27 -15.98
CA GLY F 399 -23.39 -33.78 -17.01
C GLY F 399 -23.45 -35.28 -16.94
N ASN F 400 -24.16 -35.86 -17.91
CA ASN F 400 -24.29 -37.32 -17.96
C ASN F 400 -22.95 -37.99 -18.22
N ILE F 401 -22.14 -37.42 -19.11
CA ILE F 401 -20.83 -37.98 -19.40
C ILE F 401 -19.86 -37.70 -18.25
N ALA F 402 -19.94 -36.52 -17.66
CA ALA F 402 -18.90 -36.05 -16.76
C ALA F 402 -18.84 -36.88 -15.48
N ASP F 403 -19.97 -37.08 -14.81
CA ASP F 403 -19.97 -37.66 -13.48
C ASP F 403 -20.40 -39.13 -13.45
N TYR F 404 -20.78 -39.71 -14.58
CA TYR F 404 -21.19 -41.10 -14.61
C TYR F 404 -20.35 -41.98 -15.51
N ASN F 405 -19.71 -41.43 -16.54
CA ASN F 405 -18.92 -42.22 -17.48
C ASN F 405 -17.44 -41.89 -17.42
N TYR F 406 -17.06 -40.62 -17.58
CA TYR F 406 -15.66 -40.22 -17.64
C TYR F 406 -15.50 -38.89 -16.94
N LYS F 407 -14.68 -38.87 -15.88
CA LYS F 407 -14.49 -37.68 -15.06
C LYS F 407 -13.03 -37.25 -15.12
N LEU F 408 -12.80 -35.97 -15.39
CA LEU F 408 -11.50 -35.33 -15.44
C LEU F 408 -11.21 -34.58 -14.15
N PRO F 409 -9.97 -34.58 -13.68
CA PRO F 409 -9.65 -33.86 -12.44
C PRO F 409 -9.68 -32.35 -12.64
N ASP F 410 -9.71 -31.64 -11.51
CA ASP F 410 -9.78 -30.18 -11.54
C ASP F 410 -8.45 -29.52 -11.88
N ASP F 411 -7.34 -30.24 -11.79
CA ASP F 411 -6.01 -29.72 -12.06
C ASP F 411 -5.40 -30.38 -13.29
N PHE F 412 -6.22 -30.61 -14.32
CA PHE F 412 -5.78 -31.34 -15.50
C PHE F 412 -4.62 -30.64 -16.20
N THR F 413 -3.68 -31.43 -16.69
CA THR F 413 -2.52 -30.93 -17.45
C THR F 413 -2.37 -31.86 -18.65
N GLY F 414 -2.99 -31.49 -19.76
CA GLY F 414 -2.96 -32.34 -20.93
C GLY F 414 -3.72 -31.70 -22.08
N CYS F 415 -4.06 -32.52 -23.06
CA CYS F 415 -4.71 -32.04 -24.27
C CYS F 415 -5.85 -32.96 -24.67
N VAL F 416 -6.83 -32.38 -25.37
CA VAL F 416 -8.02 -33.09 -25.83
C VAL F 416 -8.11 -32.94 -27.34
N ILE F 417 -8.31 -34.05 -28.05
CA ILE F 417 -8.39 -34.07 -29.50
C ILE F 417 -9.69 -34.77 -29.89
N ALA F 418 -10.64 -34.00 -30.43
CA ALA F 418 -11.93 -34.55 -30.82
C ALA F 418 -12.19 -34.23 -32.28
N TRP F 419 -12.62 -35.23 -33.03
CA TRP F 419 -12.92 -35.01 -34.45
C TRP F 419 -14.12 -35.84 -34.87
N ASN F 420 -14.85 -35.33 -35.86
CA ASN F 420 -16.04 -36.00 -36.36
C ASN F 420 -15.67 -37.28 -37.09
N SER F 421 -16.49 -38.32 -36.88
CA SER F 421 -16.27 -39.62 -37.52
C SER F 421 -17.59 -40.15 -38.05
N ASN F 422 -18.35 -39.30 -38.74
CA ASN F 422 -19.66 -39.68 -39.24
C ASN F 422 -19.57 -40.70 -40.37
N LYS F 423 -18.44 -40.73 -41.08
CA LYS F 423 -18.31 -41.63 -42.23
C LYS F 423 -17.89 -43.04 -41.85
N LEU F 424 -17.61 -43.31 -40.58
CA LEU F 424 -17.21 -44.63 -40.13
C LEU F 424 -18.10 -45.22 -39.05
N ASP F 425 -18.71 -44.39 -38.20
CA ASP F 425 -19.48 -44.86 -37.06
C ASP F 425 -20.99 -44.74 -37.27
N SER F 426 -21.44 -44.53 -38.51
CA SER F 426 -22.85 -44.34 -38.81
C SER F 426 -23.29 -45.38 -39.84
N LYS F 427 -24.50 -45.90 -39.66
CA LYS F 427 -25.10 -46.86 -40.56
C LYS F 427 -26.52 -46.43 -40.90
N PRO F 428 -27.00 -46.77 -42.10
CA PRO F 428 -28.38 -46.38 -42.45
C PRO F 428 -29.44 -46.96 -41.53
N SER F 429 -29.24 -48.18 -41.04
CA SER F 429 -30.17 -48.77 -40.09
C SER F 429 -29.99 -48.20 -38.69
N GLY F 430 -28.77 -47.84 -38.32
CA GLY F 430 -28.50 -47.28 -37.01
C GLY F 430 -27.48 -48.07 -36.21
N ASN F 431 -26.38 -47.41 -35.85
CA ASN F 431 -25.34 -48.06 -35.07
C ASN F 431 -25.80 -48.24 -33.63
N TYR F 432 -25.66 -49.46 -33.11
CA TYR F 432 -26.08 -49.77 -31.75
C TYR F 432 -24.95 -50.41 -30.93
N ASN F 433 -23.70 -50.29 -31.39
CA ASN F 433 -22.57 -50.90 -30.72
C ASN F 433 -21.90 -49.96 -29.73
N TYR F 434 -22.37 -48.72 -29.59
CA TYR F 434 -21.81 -47.76 -28.66
C TYR F 434 -22.83 -47.47 -27.57
N LEU F 435 -22.44 -47.66 -26.31
CA LEU F 435 -23.33 -47.55 -25.18
C LEU F 435 -22.78 -46.54 -24.18
N TYR F 436 -23.65 -46.08 -23.28
CA TYR F 436 -23.26 -45.18 -22.21
C TYR F 436 -24.13 -45.44 -21.00
N ARG F 437 -23.58 -45.14 -19.83
CA ARG F 437 -24.27 -45.34 -18.57
C ARG F 437 -25.24 -44.20 -18.31
N LEU F 438 -26.40 -44.53 -17.74
CA LEU F 438 -27.44 -43.54 -17.47
C LEU F 438 -27.75 -43.38 -15.99
N PHE F 439 -27.83 -44.47 -15.24
CA PHE F 439 -28.16 -44.43 -13.82
C PHE F 439 -26.95 -44.80 -12.99
N ARG F 440 -26.76 -44.12 -11.86
CA ARG F 440 -25.70 -44.46 -10.94
C ARG F 440 -26.01 -43.89 -9.56
N LYS F 441 -25.61 -44.63 -8.53
CA LYS F 441 -25.89 -44.21 -7.16
C LYS F 441 -25.14 -42.94 -6.79
N SER F 442 -23.88 -42.81 -7.21
CA SER F 442 -23.06 -41.67 -6.82
C SER F 442 -22.15 -41.30 -7.98
N LYS F 443 -21.67 -40.06 -7.95
CA LYS F 443 -20.82 -39.53 -9.01
C LYS F 443 -19.45 -40.22 -9.00
N LEU F 444 -18.77 -40.14 -10.13
CA LEU F 444 -17.48 -40.78 -10.31
C LEU F 444 -16.35 -39.94 -9.74
N LYS F 445 -15.31 -40.61 -9.25
CA LYS F 445 -14.08 -39.97 -8.88
C LYS F 445 -13.22 -39.77 -10.14
N PRO F 446 -12.30 -38.80 -10.11
CA PRO F 446 -11.51 -38.51 -11.32
C PRO F 446 -10.73 -39.73 -11.81
N PHE F 447 -10.71 -39.91 -13.12
CA PHE F 447 -10.01 -40.99 -13.80
C PHE F 447 -10.40 -42.36 -13.23
N GLU F 448 -11.71 -42.64 -13.31
CA GLU F 448 -12.24 -43.92 -12.87
C GLU F 448 -13.24 -44.44 -13.90
N ARG F 449 -13.25 -45.76 -14.09
CA ARG F 449 -14.14 -46.42 -15.02
C ARG F 449 -15.10 -47.33 -14.27
N ASP F 450 -16.19 -47.69 -14.95
CA ASP F 450 -17.15 -48.65 -14.44
C ASP F 450 -17.53 -49.61 -15.56
N ILE F 451 -17.48 -50.91 -15.28
CA ILE F 451 -17.73 -51.93 -16.30
C ILE F 451 -18.92 -52.77 -15.89
N SER F 452 -19.16 -52.88 -14.58
CA SER F 452 -20.19 -53.77 -14.06
C SER F 452 -21.56 -53.43 -14.66
N THR F 453 -22.26 -54.47 -15.10
CA THR F 453 -23.61 -54.34 -15.64
C THR F 453 -24.58 -55.06 -14.72
N GLU F 454 -25.65 -54.36 -14.35
CA GLU F 454 -26.64 -54.88 -13.42
C GLU F 454 -27.97 -54.20 -13.72
N ILE F 455 -28.96 -54.49 -12.89
CA ILE F 455 -30.31 -53.93 -13.06
C ILE F 455 -30.49 -52.86 -11.99
N TYR F 456 -30.44 -51.60 -12.42
CA TYR F 456 -30.59 -50.49 -11.48
C TYR F 456 -32.00 -50.46 -10.91
N GLN F 457 -32.09 -50.20 -9.61
CA GLN F 457 -33.35 -50.21 -8.86
C GLN F 457 -33.69 -48.78 -8.45
N ALA F 458 -34.88 -48.32 -8.85
CA ALA F 458 -35.38 -47.01 -8.47
C ALA F 458 -36.55 -47.09 -7.50
N GLY F 459 -36.70 -48.22 -6.80
CA GLY F 459 -37.77 -48.40 -5.85
C GLY F 459 -37.28 -49.08 -4.60
N ASN F 460 -38.20 -49.24 -3.64
CA ASN F 460 -37.84 -49.90 -2.39
C ASN F 460 -37.69 -51.40 -2.56
N LYS F 461 -38.57 -52.02 -3.35
CA LYS F 461 -38.51 -53.46 -3.54
C LYS F 461 -37.29 -53.85 -4.36
N PRO F 462 -36.66 -54.99 -4.06
CA PRO F 462 -35.50 -55.41 -4.84
C PRO F 462 -35.88 -55.77 -6.27
N CYS F 463 -34.93 -55.55 -7.18
CA CYS F 463 -35.18 -55.85 -8.58
C CYS F 463 -35.30 -57.35 -8.83
N ASN F 464 -34.52 -58.15 -8.11
CA ASN F 464 -34.54 -59.61 -8.22
C ASN F 464 -34.21 -60.09 -9.63
N GLY F 465 -33.37 -59.33 -10.35
CA GLY F 465 -32.89 -59.76 -11.64
C GLY F 465 -33.84 -59.62 -12.79
N VAL F 466 -34.91 -58.83 -12.65
CA VAL F 466 -35.86 -58.60 -13.72
C VAL F 466 -36.09 -57.10 -13.85
N ALA F 467 -36.10 -56.60 -15.09
CA ALA F 467 -36.30 -55.18 -15.36
C ALA F 467 -37.79 -54.85 -15.41
N GLY F 468 -38.40 -54.90 -14.23
CA GLY F 468 -39.80 -54.59 -14.08
C GLY F 468 -40.01 -53.15 -13.63
N PRO F 469 -41.09 -52.91 -12.87
CA PRO F 469 -41.32 -51.57 -12.34
C PRO F 469 -40.18 -51.15 -11.41
N ASN F 470 -39.76 -49.89 -11.56
CA ASN F 470 -38.64 -49.34 -10.80
C ASN F 470 -37.40 -50.22 -10.95
N CYS F 471 -37.20 -50.75 -12.15
CA CYS F 471 -36.06 -51.61 -12.45
C CYS F 471 -35.69 -51.41 -13.91
N TYR F 472 -34.49 -50.87 -14.15
CA TYR F 472 -34.06 -50.53 -15.50
C TYR F 472 -32.65 -51.04 -15.75
N SER F 473 -32.21 -50.93 -17.00
CA SER F 473 -30.86 -51.29 -17.40
C SER F 473 -30.07 -50.01 -17.67
N PRO F 474 -29.03 -49.71 -16.88
CA PRO F 474 -28.30 -48.45 -17.02
C PRO F 474 -27.22 -48.46 -18.10
N LEU F 475 -27.59 -48.96 -19.29
CA LEU F 475 -26.69 -49.01 -20.43
C LEU F 475 -27.53 -48.71 -21.67
N GLN F 476 -27.57 -47.43 -22.05
CA GLN F 476 -28.36 -47.00 -23.19
C GLN F 476 -27.46 -46.88 -24.42
N SER F 477 -27.97 -47.33 -25.56
CA SER F 477 -27.20 -47.34 -26.79
C SER F 477 -27.45 -46.06 -27.57
N TYR F 478 -26.38 -45.44 -28.06
CA TYR F 478 -26.51 -44.31 -28.97
C TYR F 478 -27.18 -44.75 -30.26
N GLY F 479 -28.04 -43.88 -30.80
CA GLY F 479 -28.59 -44.12 -32.12
C GLY F 479 -27.95 -43.20 -33.14
N PHE F 480 -27.04 -43.73 -33.94
CA PHE F 480 -26.28 -42.94 -34.90
C PHE F 480 -26.83 -43.17 -36.30
N ARG F 481 -27.21 -42.10 -36.97
CA ARG F 481 -27.72 -42.11 -38.33
C ARG F 481 -27.04 -41.02 -39.14
N PRO F 482 -26.92 -41.20 -40.47
CA PRO F 482 -26.22 -40.20 -41.27
C PRO F 482 -27.05 -38.98 -41.62
N THR F 483 -28.34 -38.97 -41.30
CA THR F 483 -29.21 -37.84 -41.60
C THR F 483 -29.46 -36.95 -40.39
N TYR F 484 -28.71 -37.16 -39.30
CA TYR F 484 -28.90 -36.38 -38.09
C TYR F 484 -28.23 -35.02 -38.21
N GLY F 485 -28.58 -34.14 -37.28
CA GLY F 485 -27.92 -32.85 -37.21
C GLY F 485 -26.51 -32.95 -36.66
N VAL F 486 -25.77 -31.85 -36.81
CA VAL F 486 -24.36 -31.85 -36.44
C VAL F 486 -24.19 -32.15 -34.95
N GLY F 487 -25.09 -31.64 -34.12
CA GLY F 487 -24.99 -31.83 -32.69
C GLY F 487 -25.25 -33.25 -32.22
N HIS F 488 -25.68 -34.15 -33.10
CA HIS F 488 -25.96 -35.53 -32.74
C HIS F 488 -25.03 -36.53 -33.42
N GLN F 489 -24.11 -36.08 -34.27
CA GLN F 489 -23.24 -37.02 -34.96
C GLN F 489 -22.14 -37.53 -34.03
N PRO F 490 -21.67 -38.77 -34.25
CA PRO F 490 -20.62 -39.30 -33.38
C PRO F 490 -19.32 -38.54 -33.52
N TYR F 491 -18.61 -38.41 -32.41
CA TYR F 491 -17.31 -37.73 -32.36
C TYR F 491 -16.31 -38.63 -31.65
N ARG F 492 -15.14 -38.82 -32.25
CA ARG F 492 -14.07 -39.59 -31.66
C ARG F 492 -13.18 -38.67 -30.83
N VAL F 493 -12.89 -39.08 -29.60
CA VAL F 493 -12.16 -38.25 -28.64
C VAL F 493 -10.96 -39.03 -28.13
N VAL F 494 -9.79 -38.38 -28.11
CA VAL F 494 -8.57 -38.90 -27.52
C VAL F 494 -8.00 -37.86 -26.58
N VAL F 495 -7.74 -38.25 -25.35
CA VAL F 495 -7.21 -37.36 -24.32
C VAL F 495 -5.79 -37.80 -24.00
N LEU F 496 -4.86 -36.86 -24.07
CA LEU F 496 -3.47 -37.08 -23.70
C LEU F 496 -3.20 -36.42 -22.36
N SER F 497 -2.71 -37.20 -21.40
CA SER F 497 -2.40 -36.73 -20.06
C SER F 497 -0.90 -36.83 -19.83
N PHE F 498 -0.32 -35.72 -19.40
CA PHE F 498 1.12 -35.62 -19.14
C PHE F 498 1.39 -35.67 -17.65
N GLU F 499 2.48 -36.34 -17.28
CA GLU F 499 2.96 -36.36 -15.90
C GLU F 499 4.21 -35.50 -15.82
N LEU F 500 4.23 -34.59 -14.86
CA LEU F 500 5.32 -33.64 -14.75
C LEU F 500 6.57 -34.34 -14.21
N LEU F 501 7.63 -33.55 -14.02
CA LEU F 501 8.96 -34.07 -13.68
C LEU F 501 9.05 -34.25 -12.17
N HIS F 502 8.96 -35.49 -11.71
CA HIS F 502 9.21 -35.83 -10.31
C HIS F 502 10.20 -36.99 -10.23
N ALA F 503 10.16 -37.85 -11.23
CA ALA F 503 11.01 -39.03 -11.34
C ALA F 503 11.91 -38.87 -12.57
N PRO F 504 12.85 -39.78 -12.83
CA PRO F 504 13.61 -39.70 -14.07
C PRO F 504 12.71 -39.63 -15.29
N ALA F 505 13.02 -38.71 -16.19
CA ALA F 505 12.18 -38.47 -17.36
C ALA F 505 12.36 -39.58 -18.40
N THR F 506 11.31 -39.80 -19.19
CA THR F 506 11.33 -40.85 -20.20
C THR F 506 10.80 -40.44 -21.57
N VAL F 507 9.98 -39.38 -21.67
CA VAL F 507 9.32 -39.02 -22.92
C VAL F 507 9.57 -37.55 -23.20
N CYS F 508 10.18 -37.25 -24.35
CA CYS F 508 10.36 -35.88 -24.84
C CYS F 508 10.99 -35.86 -26.22
N GLY F 509 11.03 -34.66 -26.80
CA GLY F 509 11.31 -34.48 -28.20
C GLY F 509 12.78 -34.61 -28.55
N PRO F 510 13.06 -34.49 -29.85
CA PRO F 510 14.42 -34.72 -30.39
C PRO F 510 15.35 -33.53 -30.23
N LYS F 511 15.94 -33.43 -29.05
CA LYS F 511 16.93 -32.41 -28.74
C LYS F 511 18.29 -33.07 -28.53
N LYS F 512 19.29 -32.60 -29.27
CA LYS F 512 20.63 -33.12 -29.14
C LYS F 512 21.25 -32.74 -27.80
N SER F 513 22.05 -33.64 -27.26
CA SER F 513 22.73 -33.42 -25.98
C SER F 513 24.20 -33.12 -26.23
N THR F 514 24.66 -31.97 -25.74
CA THR F 514 26.01 -31.50 -25.97
C THR F 514 26.92 -31.87 -24.80
N ASN F 515 28.14 -31.34 -24.81
CA ASN F 515 29.15 -31.64 -23.80
C ASN F 515 28.83 -30.92 -22.50
N LEU F 516 29.43 -31.40 -21.41
CA LEU F 516 29.26 -30.82 -20.09
C LEU F 516 30.51 -30.06 -19.69
N VAL F 517 30.34 -28.81 -19.28
CA VAL F 517 31.44 -27.96 -18.83
C VAL F 517 31.20 -27.57 -17.39
N LYS F 518 32.29 -27.24 -16.70
CA LYS F 518 32.23 -26.92 -15.28
C LYS F 518 33.09 -25.68 -15.00
N ASN F 519 32.77 -25.02 -13.88
CA ASN F 519 33.49 -23.84 -13.40
C ASN F 519 33.47 -22.69 -14.41
N LYS F 520 32.38 -22.58 -15.17
CA LYS F 520 32.21 -21.48 -16.11
C LYS F 520 30.77 -20.99 -16.04
N CYS F 521 30.59 -19.68 -16.12
CA CYS F 521 29.25 -19.10 -16.18
C CYS F 521 28.63 -19.50 -17.50
N VAL F 522 27.70 -20.47 -17.45
CA VAL F 522 27.17 -21.11 -18.64
C VAL F 522 25.66 -21.27 -18.51
N ASN F 523 25.00 -21.43 -19.65
CA ASN F 523 23.58 -21.73 -19.69
C ASN F 523 23.38 -23.24 -19.71
N PHE F 524 22.36 -23.70 -18.98
CA PHE F 524 22.07 -25.12 -18.85
C PHE F 524 20.61 -25.38 -19.12
N ASN F 525 20.33 -26.58 -19.64
CA ASN F 525 18.98 -27.06 -19.92
C ASN F 525 18.95 -28.53 -19.53
N PHE F 526 18.55 -28.80 -18.29
CA PHE F 526 18.46 -30.15 -17.72
C PHE F 526 17.00 -30.59 -17.75
N ASN F 527 16.65 -31.43 -18.72
CA ASN F 527 15.32 -32.03 -18.81
C ASN F 527 14.22 -30.97 -18.80
N GLY F 528 14.41 -29.90 -19.56
CA GLY F 528 13.46 -28.82 -19.65
C GLY F 528 13.60 -27.75 -18.59
N LEU F 529 14.49 -27.93 -17.61
CA LEU F 529 14.79 -26.91 -16.62
C LEU F 529 15.92 -26.05 -17.18
N THR F 530 15.63 -24.80 -17.51
CA THR F 530 16.59 -23.93 -18.16
C THR F 530 17.04 -22.83 -17.21
N GLY F 531 18.31 -22.45 -17.32
CA GLY F 531 18.83 -21.40 -16.47
C GLY F 531 20.26 -21.06 -16.83
N THR F 532 20.82 -20.14 -16.06
CA THR F 532 22.21 -19.72 -16.21
C THR F 532 22.90 -19.78 -14.85
N GLY F 533 24.15 -20.22 -14.83
CA GLY F 533 24.86 -20.29 -13.59
C GLY F 533 26.21 -20.97 -13.76
N VAL F 534 26.85 -21.24 -12.63
CA VAL F 534 28.13 -21.93 -12.57
C VAL F 534 27.87 -23.30 -11.95
N LEU F 535 28.27 -24.35 -12.65
CA LEU F 535 28.05 -25.72 -12.22
C LEU F 535 29.35 -26.29 -11.68
N THR F 536 29.31 -26.78 -10.45
CA THR F 536 30.49 -27.36 -9.80
C THR F 536 30.15 -28.72 -9.22
N GLU F 537 31.17 -29.41 -8.75
CA GLU F 537 30.99 -30.73 -8.15
C GLU F 537 30.19 -30.63 -6.86
N SER F 538 29.63 -31.76 -6.44
CA SER F 538 28.67 -31.79 -5.34
C SER F 538 29.16 -32.70 -4.23
N ASN F 539 28.97 -32.25 -3.00
CA ASN F 539 29.15 -33.09 -1.81
C ASN F 539 27.82 -33.54 -1.21
N LYS F 540 26.70 -33.19 -1.85
CA LYS F 540 25.39 -33.55 -1.33
C LYS F 540 25.12 -35.03 -1.54
N LYS F 541 24.45 -35.65 -0.56
CA LYS F 541 24.16 -37.08 -0.59
C LYS F 541 22.71 -37.29 -1.00
N PHE F 542 22.48 -37.29 -2.30
CA PHE F 542 21.14 -37.52 -2.84
C PHE F 542 20.71 -38.96 -2.59
N LEU F 543 19.45 -39.12 -2.22
CA LEU F 543 18.87 -40.45 -2.10
C LEU F 543 18.54 -40.97 -3.50
N PRO F 544 18.47 -42.30 -3.67
CA PRO F 544 18.26 -42.86 -5.02
C PRO F 544 17.01 -42.34 -5.72
N PHE F 545 15.93 -42.06 -4.98
CA PHE F 545 14.69 -41.64 -5.61
C PHE F 545 14.63 -40.13 -5.85
N GLN F 546 15.61 -39.37 -5.38
CA GLN F 546 15.59 -37.92 -5.52
C GLN F 546 16.27 -37.50 -6.82
N GLN F 547 15.81 -36.38 -7.37
CA GLN F 547 16.34 -35.87 -8.63
C GLN F 547 16.65 -34.37 -8.61
N PHE F 548 16.10 -33.60 -7.68
CA PHE F 548 16.30 -32.16 -7.62
C PHE F 548 16.75 -31.76 -6.22
N GLY F 549 17.07 -30.47 -6.07
CA GLY F 549 17.45 -29.93 -4.78
C GLY F 549 17.03 -28.49 -4.65
N ARG F 550 16.36 -28.14 -3.54
CA ARG F 550 15.73 -26.84 -3.39
C ARG F 550 16.26 -26.11 -2.16
N ASP F 551 16.07 -24.80 -2.16
CA ASP F 551 16.59 -23.90 -1.14
C ASP F 551 15.44 -23.13 -0.50
N ILE F 552 15.80 -22.10 0.28
CA ILE F 552 14.81 -21.34 1.03
C ILE F 552 13.80 -20.68 0.09
N ALA F 553 14.29 -20.07 -0.98
CA ALA F 553 13.41 -19.38 -1.94
C ALA F 553 12.71 -20.33 -2.90
N ASP F 554 12.90 -21.64 -2.75
CA ASP F 554 12.29 -22.65 -3.61
C ASP F 554 12.72 -22.47 -5.08
N THR F 555 14.03 -22.52 -5.28
CA THR F 555 14.62 -22.56 -6.61
C THR F 555 15.68 -23.65 -6.64
N THR F 556 15.83 -24.28 -7.80
CA THR F 556 16.73 -25.42 -7.93
C THR F 556 18.18 -24.97 -7.77
N ASP F 557 18.93 -25.71 -6.95
CA ASP F 557 20.35 -25.44 -6.80
C ASP F 557 21.23 -26.69 -6.86
N ALA F 558 20.67 -27.89 -6.91
CA ALA F 558 21.43 -29.11 -7.10
C ALA F 558 20.67 -30.02 -8.05
N VAL F 559 21.34 -30.48 -9.11
CA VAL F 559 20.70 -31.24 -10.17
C VAL F 559 21.46 -32.55 -10.38
N ARG F 560 20.78 -33.51 -11.00
CA ARG F 560 21.37 -34.79 -11.33
C ARG F 560 21.46 -34.92 -12.85
N ASP F 561 22.65 -35.25 -13.34
CA ASP F 561 22.86 -35.31 -14.79
C ASP F 561 22.12 -36.51 -15.38
N PRO F 562 21.28 -36.32 -16.40
CA PRO F 562 20.50 -37.44 -16.93
C PRO F 562 21.32 -38.59 -17.48
N GLN F 563 22.46 -38.31 -18.11
CA GLN F 563 23.22 -39.37 -18.76
C GLN F 563 24.08 -40.14 -17.78
N THR F 564 24.94 -39.43 -17.04
CA THR F 564 25.73 -40.03 -15.97
C THR F 564 25.13 -39.59 -14.63
N LEU F 565 24.87 -40.57 -13.76
CA LEU F 565 24.16 -40.30 -12.51
C LEU F 565 25.12 -39.58 -11.55
N GLU F 566 25.27 -38.27 -11.80
CA GLU F 566 26.16 -37.42 -11.03
C GLU F 566 25.43 -36.16 -10.65
N ILE F 567 25.79 -35.61 -9.49
CA ILE F 567 25.12 -34.45 -8.91
C ILE F 567 26.01 -33.23 -9.10
N LEU F 568 25.39 -32.12 -9.52
CA LEU F 568 26.08 -30.85 -9.73
C LEU F 568 25.38 -29.76 -8.92
N ASP F 569 26.18 -28.81 -8.44
CA ASP F 569 25.69 -27.66 -7.69
C ASP F 569 25.75 -26.40 -8.55
N ILE F 570 24.68 -25.61 -8.49
CA ILE F 570 24.51 -24.42 -9.31
C ILE F 570 24.65 -23.19 -8.43
N THR F 571 25.48 -22.24 -8.85
CA THR F 571 25.58 -20.96 -8.17
C THR F 571 25.43 -19.83 -9.17
N PRO F 572 24.67 -18.78 -8.85
CA PRO F 572 24.53 -17.66 -9.78
C PRO F 572 25.87 -16.99 -10.06
N CYS F 573 26.03 -16.48 -11.27
CA CYS F 573 27.27 -15.84 -11.67
C CYS F 573 27.46 -14.53 -10.91
N SER F 574 28.71 -14.05 -10.89
CA SER F 574 29.06 -12.90 -10.09
C SER F 574 28.32 -11.65 -10.56
N PHE F 575 27.96 -10.80 -9.60
CA PHE F 575 27.26 -9.55 -9.87
C PHE F 575 27.47 -8.60 -8.70
N GLY F 576 27.18 -7.33 -8.93
CA GLY F 576 27.34 -6.34 -7.88
C GLY F 576 26.85 -4.98 -8.35
N GLY F 577 27.02 -4.00 -7.45
CA GLY F 577 26.58 -2.65 -7.73
C GLY F 577 27.72 -1.67 -7.93
N VAL F 578 27.46 -0.58 -8.65
CA VAL F 578 28.48 0.41 -9.00
C VAL F 578 28.01 1.78 -8.54
N SER F 579 28.92 2.53 -7.92
CA SER F 579 28.67 3.90 -7.51
C SER F 579 29.67 4.83 -8.17
N VAL F 580 29.25 6.05 -8.45
CA VAL F 580 30.06 7.03 -9.14
C VAL F 580 30.30 8.21 -8.20
N ILE F 581 31.57 8.50 -7.93
CA ILE F 581 31.97 9.59 -7.05
C ILE F 581 32.53 10.71 -7.92
N THR F 582 31.88 11.86 -7.87
CA THR F 582 32.26 12.98 -8.72
C THR F 582 32.09 14.29 -7.96
N PRO F 583 32.95 15.27 -8.23
CA PRO F 583 32.66 16.65 -7.83
C PRO F 583 31.67 17.24 -8.82
N GLY F 584 31.29 18.49 -8.57
CA GLY F 584 30.34 19.16 -9.44
C GLY F 584 30.85 19.27 -10.86
N THR F 585 29.93 19.14 -11.81
CA THR F 585 30.28 19.29 -13.23
C THR F 585 30.87 20.67 -13.51
N ASN F 586 30.48 21.68 -12.73
CA ASN F 586 31.07 23.01 -12.87
C ASN F 586 32.56 23.02 -12.54
N THR F 587 33.06 21.97 -11.87
CA THR F 587 34.47 21.93 -11.47
C THR F 587 35.30 21.07 -12.41
N SER F 588 34.94 19.80 -12.59
CA SER F 588 35.74 18.91 -13.43
C SER F 588 34.85 17.79 -13.94
N ASN F 589 35.35 17.09 -14.97
CA ASN F 589 34.65 16.00 -15.61
C ASN F 589 35.16 14.63 -15.18
N GLN F 590 36.06 14.56 -14.21
CA GLN F 590 36.65 13.30 -13.78
C GLN F 590 35.82 12.66 -12.68
N VAL F 591 35.74 11.33 -12.69
CA VAL F 591 34.97 10.57 -11.73
C VAL F 591 35.80 9.39 -11.24
N ALA F 592 35.37 8.82 -10.10
CA ALA F 592 35.90 7.57 -9.58
C ALA F 592 34.75 6.57 -9.47
N VAL F 593 35.07 5.29 -9.63
CA VAL F 593 34.05 4.25 -9.68
C VAL F 593 34.28 3.27 -8.53
N LEU F 594 33.26 3.07 -7.71
CA LEU F 594 33.34 2.17 -6.57
C LEU F 594 32.47 0.95 -6.84
N TYR F 595 33.10 -0.21 -6.94
CA TYR F 595 32.40 -1.49 -7.03
C TYR F 595 32.12 -1.95 -5.60
N GLN F 596 30.85 -2.08 -5.25
CA GLN F 596 30.44 -2.24 -3.86
C GLN F 596 30.51 -3.71 -3.43
N GLY F 597 31.16 -3.95 -2.30
CA GLY F 597 31.18 -5.28 -1.70
C GLY F 597 31.82 -6.34 -2.56
N VAL F 598 32.98 -6.05 -3.15
CA VAL F 598 33.65 -6.96 -4.06
C VAL F 598 35.15 -6.90 -3.76
N ASN F 599 35.73 -8.04 -3.35
CA ASN F 599 37.17 -8.22 -3.47
C ASN F 599 37.68 -7.78 -4.83
N CYS F 600 38.64 -6.86 -4.83
CA CYS F 600 38.96 -6.14 -6.05
C CYS F 600 39.98 -6.96 -6.83
N THR F 601 39.66 -8.23 -7.03
CA THR F 601 40.44 -9.16 -7.83
C THR F 601 39.55 -9.77 -8.90
N GLU F 602 38.23 -9.59 -8.77
CA GLU F 602 37.24 -10.13 -9.68
C GLU F 602 36.92 -9.15 -10.80
N VAL F 603 36.54 -7.91 -10.45
CA VAL F 603 36.15 -6.82 -11.36
C VAL F 603 36.11 -7.16 -12.84
N GLN F 611 32.73 -10.67 -20.10
CA GLN F 611 31.69 -9.89 -20.75
C GLN F 611 30.85 -9.13 -19.72
N LEU F 612 31.37 -8.01 -19.24
CA LEU F 612 30.68 -7.23 -18.24
C LEU F 612 29.47 -6.51 -18.85
N THR F 613 28.45 -6.31 -18.01
CA THR F 613 27.24 -5.62 -18.48
C THR F 613 27.51 -4.18 -18.91
N PRO F 614 28.20 -3.34 -18.14
CA PRO F 614 28.43 -1.96 -18.62
C PRO F 614 29.24 -1.94 -19.90
N THR F 615 28.88 -1.02 -20.80
CA THR F 615 29.54 -0.95 -22.10
C THR F 615 30.98 -0.45 -21.94
N TRP F 616 31.18 0.63 -21.21
CA TRP F 616 32.52 1.14 -20.98
C TRP F 616 33.33 0.15 -20.15
N ARG F 617 34.63 0.06 -20.43
CA ARG F 617 35.51 -0.85 -19.73
C ARG F 617 36.59 -0.06 -19.00
N VAL F 618 37.02 -0.62 -17.86
CA VAL F 618 38.05 0.01 -17.03
C VAL F 618 39.37 -0.72 -17.28
N TYR F 619 40.46 0.04 -17.31
CA TYR F 619 41.80 -0.50 -17.43
C TYR F 619 42.58 -0.15 -16.17
N SER F 620 43.21 -1.15 -15.57
CA SER F 620 43.85 -1.01 -14.27
C SER F 620 45.34 -0.70 -14.45
N THR F 621 45.75 0.45 -13.97
CA THR F 621 47.17 0.80 -13.90
C THR F 621 47.69 0.48 -12.50
N GLY F 622 48.92 0.91 -12.21
CA GLY F 622 49.56 0.49 -10.97
C GLY F 622 48.86 1.00 -9.72
N SER F 623 48.50 2.28 -9.70
CA SER F 623 48.06 2.92 -8.47
C SER F 623 46.63 3.45 -8.51
N ASN F 624 45.87 3.21 -9.59
CA ASN F 624 44.50 3.71 -9.63
C ASN F 624 43.51 2.80 -8.94
N VAL F 625 43.90 1.58 -8.58
CA VAL F 625 43.00 0.60 -7.98
C VAL F 625 43.32 0.51 -6.50
N PHE F 626 42.29 0.73 -5.67
CA PHE F 626 42.42 0.66 -4.23
C PHE F 626 41.33 -0.27 -3.70
N GLN F 627 41.62 -0.96 -2.60
CA GLN F 627 40.67 -1.88 -1.99
C GLN F 627 40.30 -1.37 -0.61
N THR F 628 39.01 -1.16 -0.36
CA THR F 628 38.52 -0.71 0.93
C THR F 628 37.66 -1.81 1.54
N ARG F 629 37.09 -1.51 2.70
CA ARG F 629 36.18 -2.46 3.35
C ARG F 629 34.76 -2.34 2.83
N ALA F 630 34.49 -1.41 1.91
CA ALA F 630 33.18 -1.26 1.28
C ALA F 630 33.19 -1.67 -0.19
N GLY F 631 34.25 -2.31 -0.65
CA GLY F 631 34.39 -2.68 -2.05
C GLY F 631 35.76 -2.32 -2.58
N CYS F 632 35.86 -1.97 -3.86
CA CYS F 632 37.12 -1.39 -4.31
C CYS F 632 36.85 -0.22 -5.24
N LEU F 633 37.79 0.72 -5.20
CA LEU F 633 37.66 2.03 -5.82
C LEU F 633 38.67 2.16 -6.94
N ILE F 634 38.19 2.52 -8.13
CA ILE F 634 39.02 2.68 -9.32
C ILE F 634 39.01 4.16 -9.69
N GLY F 635 40.20 4.72 -9.90
CA GLY F 635 40.33 6.11 -10.28
C GLY F 635 40.60 7.08 -9.16
N ALA F 636 41.12 6.60 -8.02
CA ALA F 636 41.46 7.49 -6.90
C ALA F 636 42.81 7.09 -6.32
N GLU F 637 43.53 8.10 -5.84
CA GLU F 637 44.85 7.91 -5.26
C GLU F 637 44.78 8.03 -3.75
N TYR F 638 45.40 7.08 -3.04
CA TYR F 638 45.40 7.04 -1.59
C TYR F 638 46.54 7.88 -1.02
N VAL F 639 46.27 8.58 0.09
CA VAL F 639 47.26 9.45 0.71
C VAL F 639 47.27 9.21 2.21
N ASN F 640 48.39 9.55 2.85
CA ASN F 640 48.48 9.43 4.31
C ASN F 640 47.90 10.61 5.06
N ASN F 641 47.61 11.72 4.40
CA ASN F 641 47.05 12.86 5.11
C ASN F 641 45.63 12.59 5.58
N SER F 642 45.19 13.40 6.54
CA SER F 642 43.88 13.24 7.17
C SER F 642 43.24 14.62 7.28
N TYR F 643 42.21 14.85 6.48
CA TYR F 643 41.41 16.07 6.53
C TYR F 643 39.99 15.74 6.95
N GLU F 644 39.14 16.77 6.97
CA GLU F 644 37.72 16.56 7.23
C GLU F 644 37.08 15.85 6.03
N CYS F 645 36.01 15.11 6.31
CA CYS F 645 35.35 14.34 5.26
C CYS F 645 34.67 15.28 4.26
N ASP F 646 34.78 14.93 2.98
CA ASP F 646 34.15 15.69 1.91
C ASP F 646 33.08 14.89 1.20
N ILE F 647 33.41 13.72 0.67
CA ILE F 647 32.46 12.82 0.03
C ILE F 647 32.56 11.46 0.71
N PRO F 648 31.61 11.12 1.58
CA PRO F 648 31.69 9.84 2.29
C PRO F 648 31.65 8.66 1.33
N ILE F 649 32.41 7.62 1.66
CA ILE F 649 32.50 6.44 0.81
C ILE F 649 32.08 5.19 1.58
N GLY F 650 32.82 4.86 2.63
CA GLY F 650 32.63 3.60 3.35
C GLY F 650 33.04 3.70 4.80
N ALA F 651 33.72 2.68 5.29
CA ALA F 651 34.08 2.57 6.70
C ALA F 651 35.34 3.39 6.96
N GLY F 652 35.14 4.65 7.34
CA GLY F 652 36.25 5.51 7.70
C GLY F 652 37.09 6.00 6.54
N ILE F 653 36.51 6.08 5.35
CA ILE F 653 37.20 6.58 4.16
C ILE F 653 36.37 7.71 3.56
N CYS F 654 37.06 8.73 3.05
CA CYS F 654 36.41 9.83 2.35
C CYS F 654 37.22 10.16 1.10
N ALA F 655 36.63 10.97 0.22
CA ALA F 655 37.27 11.35 -1.03
C ALA F 655 37.09 12.84 -1.26
N SER F 656 38.00 13.41 -2.04
CA SER F 656 37.96 14.84 -2.33
C SER F 656 38.67 15.08 -3.66
N TYR F 657 38.59 16.32 -4.13
CA TYR F 657 39.17 16.74 -5.40
C TYR F 657 40.43 17.55 -5.15
N GLN F 658 41.53 17.15 -5.78
CA GLN F 658 42.79 17.87 -5.67
C GLN F 658 42.84 18.99 -6.70
N THR F 659 43.86 19.84 -6.55
CA THR F 659 44.01 20.99 -7.45
C THR F 659 44.34 20.54 -8.87
N GLN F 660 45.14 19.49 -9.02
CA GLN F 660 45.54 19.00 -10.34
C GLN F 660 44.33 18.51 -11.14
N SER F 672 44.96 7.71 -11.06
CA SER F 672 44.34 9.02 -11.27
C SER F 672 44.83 10.02 -10.24
N GLN F 673 45.56 11.03 -10.71
CA GLN F 673 46.14 12.01 -9.79
C GLN F 673 45.06 12.82 -9.08
N SER F 674 44.03 13.24 -9.80
CA SER F 674 42.92 13.92 -9.16
C SER F 674 42.05 12.92 -8.41
N ILE F 675 41.12 13.44 -7.60
CA ILE F 675 40.23 12.65 -6.77
C ILE F 675 41.05 11.77 -5.83
N ILE F 676 41.46 12.33 -4.70
CA ILE F 676 42.22 11.59 -3.71
C ILE F 676 41.26 10.99 -2.69
N ALA F 677 41.63 9.81 -2.18
CA ALA F 677 40.85 9.12 -1.14
C ALA F 677 41.73 8.97 0.09
N TYR F 678 41.20 9.41 1.23
CA TYR F 678 41.97 9.44 2.47
C TYR F 678 41.10 8.92 3.61
N THR F 679 41.64 8.98 4.82
CA THR F 679 40.94 8.59 6.03
C THR F 679 40.50 9.84 6.79
N MET F 680 39.23 9.89 7.17
CA MET F 680 38.69 11.07 7.83
C MET F 680 39.35 11.29 9.18
N SER F 681 39.47 12.55 9.57
CA SER F 681 40.10 12.96 10.81
C SER F 681 39.04 13.36 11.82
N LEU F 682 39.13 12.80 13.03
CA LEU F 682 38.11 13.04 14.05
C LEU F 682 38.15 14.48 14.55
N GLY F 683 39.33 14.96 14.90
CA GLY F 683 39.46 16.33 15.40
C GLY F 683 40.90 16.62 15.78
N ALA F 684 41.13 17.90 16.09
CA ALA F 684 42.46 18.35 16.48
C ALA F 684 42.87 17.74 17.82
N GLU F 685 44.14 17.38 17.93
CA GLU F 685 44.65 16.77 19.15
C GLU F 685 44.80 17.81 20.25
N ASN F 686 44.62 17.36 21.49
CA ASN F 686 44.74 18.24 22.65
C ASN F 686 45.04 17.39 23.87
N SER F 687 45.56 18.05 24.90
CA SER F 687 45.85 17.39 26.18
C SER F 687 45.92 18.46 27.26
N VAL F 688 45.00 18.40 28.21
CA VAL F 688 44.93 19.42 29.27
C VAL F 688 45.78 18.95 30.45
N ALA F 689 46.64 19.84 30.93
CA ALA F 689 47.50 19.53 32.06
C ALA F 689 46.66 19.46 33.34
N TYR F 690 46.74 18.34 34.04
CA TYR F 690 45.98 18.13 35.27
C TYR F 690 46.94 17.93 36.44
N SER F 691 46.73 18.68 37.50
CA SER F 691 47.51 18.55 38.74
C SER F 691 46.58 18.78 39.91
N ASN F 692 46.91 18.19 41.05
CA ASN F 692 46.03 18.23 42.21
C ASN F 692 46.28 19.43 43.12
N ASN F 693 47.03 20.43 42.67
CA ASN F 693 47.09 21.71 43.37
C ASN F 693 47.11 22.89 42.38
N SER F 694 46.49 22.72 41.22
CA SER F 694 46.51 23.75 40.18
C SER F 694 45.11 23.95 39.62
N ILE F 695 44.77 25.21 39.34
CA ILE F 695 43.48 25.57 38.75
C ILE F 695 43.73 26.62 37.67
N ALA F 696 42.75 26.78 36.78
CA ALA F 696 42.81 27.76 35.70
C ALA F 696 41.56 28.61 35.74
N ILE F 697 41.73 29.92 35.81
CA ILE F 697 40.63 30.86 35.98
C ILE F 697 40.66 31.84 34.80
N PRO F 698 39.54 32.07 34.12
CA PRO F 698 39.53 33.02 33.02
C PRO F 698 39.64 34.46 33.50
N THR F 699 40.19 35.32 32.63
CA THR F 699 40.33 36.73 32.94
C THR F 699 39.67 37.64 31.92
N ASN F 700 38.94 37.10 30.95
CA ASN F 700 38.24 37.92 29.98
C ASN F 700 37.05 37.14 29.44
N PHE F 701 36.15 37.84 28.75
CA PHE F 701 34.96 37.20 28.21
C PHE F 701 34.78 37.60 26.75
N THR F 702 33.80 36.96 26.12
CA THR F 702 33.45 37.25 24.73
C THR F 702 31.96 36.98 24.53
N ILE F 703 31.26 37.94 23.95
CA ILE F 703 29.84 37.79 23.64
C ILE F 703 29.73 37.27 22.21
N SER F 704 28.97 36.20 22.03
CA SER F 704 28.81 35.57 20.73
C SER F 704 27.33 35.48 20.37
N VAL F 705 27.05 35.55 19.06
CA VAL F 705 25.69 35.46 18.55
C VAL F 705 25.66 34.38 17.47
N THR F 706 24.82 33.38 17.66
CA THR F 706 24.70 32.25 16.73
C THR F 706 23.28 32.16 16.20
N THR F 707 23.12 31.45 15.09
CA THR F 707 21.83 31.29 14.44
C THR F 707 21.41 29.82 14.42
N GLU F 708 20.09 29.61 14.49
CA GLU F 708 19.53 28.27 14.45
C GLU F 708 18.24 28.28 13.64
N ILE F 709 18.15 27.43 12.63
CA ILE F 709 17.05 27.43 11.67
C ILE F 709 16.17 26.21 11.92
N LEU F 710 14.86 26.41 11.98
CA LEU F 710 13.93 25.32 12.22
C LEU F 710 12.70 25.40 11.31
N PRO F 711 12.38 24.33 10.58
CA PRO F 711 11.13 24.32 9.80
C PRO F 711 9.92 24.23 10.72
N VAL F 712 8.79 24.74 10.23
CA VAL F 712 7.57 24.77 11.02
C VAL F 712 6.43 24.09 10.27
N SER F 713 6.19 24.51 9.03
CA SER F 713 5.06 24.01 8.25
C SER F 713 5.50 23.69 6.83
N MET F 714 4.65 22.98 6.11
CA MET F 714 4.89 22.62 4.72
C MET F 714 3.66 22.96 3.89
N THR F 715 3.72 22.62 2.61
CA THR F 715 2.67 23.00 1.66
C THR F 715 1.41 22.19 1.90
N LYS F 716 0.26 22.84 1.73
CA LYS F 716 -1.04 22.20 1.84
C LYS F 716 -1.61 21.95 0.46
N THR F 717 -1.80 20.68 0.11
CA THR F 717 -2.31 20.30 -1.20
C THR F 717 -3.64 19.56 -1.06
N SER F 718 -4.40 19.57 -2.15
CA SER F 718 -5.66 18.84 -2.24
C SER F 718 -5.70 18.11 -3.57
N VAL F 719 -6.29 16.92 -3.56
CA VAL F 719 -6.31 16.03 -4.71
C VAL F 719 -7.77 15.65 -5.02
N ASP F 720 -8.12 15.68 -6.30
CA ASP F 720 -9.44 15.25 -6.76
C ASP F 720 -9.31 13.88 -7.40
N CYS F 721 -10.15 12.93 -6.95
CA CYS F 721 -10.08 11.57 -7.44
C CYS F 721 -10.56 11.45 -8.87
N THR F 722 -11.83 11.81 -9.12
CA THR F 722 -12.46 11.49 -10.39
C THR F 722 -11.73 12.14 -11.56
N MET F 723 -11.31 13.39 -11.40
CA MET F 723 -10.59 14.06 -12.48
C MET F 723 -9.21 13.46 -12.69
N TYR F 724 -8.52 13.08 -11.62
CA TYR F 724 -7.18 12.51 -11.77
C TYR F 724 -7.22 11.14 -12.42
N ILE F 725 -8.16 10.29 -12.00
CA ILE F 725 -8.18 8.91 -12.46
C ILE F 725 -8.88 8.79 -13.80
N CYS F 726 -10.07 9.39 -13.92
CA CYS F 726 -10.90 9.23 -15.11
C CYS F 726 -10.98 10.47 -15.99
N GLY F 727 -11.06 11.66 -15.41
CA GLY F 727 -11.20 12.86 -16.20
C GLY F 727 -12.65 13.18 -16.51
N ASP F 728 -12.94 13.55 -17.75
CA ASP F 728 -14.30 13.84 -18.18
C ASP F 728 -15.05 12.60 -18.64
N SER F 729 -14.40 11.44 -18.65
CA SER F 729 -15.07 10.21 -19.06
C SER F 729 -16.14 9.80 -18.06
N THR F 730 -17.21 9.19 -18.57
CA THR F 730 -18.32 8.73 -17.74
C THR F 730 -18.27 7.25 -17.46
N GLU F 731 -17.82 6.44 -18.44
CA GLU F 731 -17.70 5.01 -18.21
C GLU F 731 -16.67 4.69 -17.14
N CYS F 732 -15.54 5.41 -17.15
CA CYS F 732 -14.51 5.20 -16.15
C CYS F 732 -15.02 5.53 -14.75
N SER F 733 -15.79 6.62 -14.62
CA SER F 733 -16.33 6.98 -13.31
C SER F 733 -17.32 5.94 -12.82
N ASN F 734 -18.15 5.41 -13.72
CA ASN F 734 -19.08 4.35 -13.33
C ASN F 734 -18.33 3.10 -12.89
N LEU F 735 -17.25 2.75 -13.59
CA LEU F 735 -16.44 1.61 -13.18
C LEU F 735 -15.79 1.85 -11.82
N LEU F 736 -15.31 3.07 -11.58
CA LEU F 736 -14.66 3.40 -10.32
C LEU F 736 -15.64 3.49 -9.16
N LEU F 737 -16.93 3.74 -9.44
CA LEU F 737 -17.91 3.89 -8.37
C LEU F 737 -18.04 2.61 -7.54
N GLN F 738 -17.73 1.45 -8.12
CA GLN F 738 -17.90 0.18 -7.43
C GLN F 738 -16.62 -0.33 -6.80
N TYR F 739 -15.59 0.51 -6.69
CA TYR F 739 -14.32 0.11 -6.09
C TYR F 739 -14.25 0.39 -4.59
N GLY F 740 -15.34 0.87 -3.99
CA GLY F 740 -15.34 1.11 -2.56
C GLY F 740 -15.38 2.59 -2.19
N SER F 741 -14.77 2.94 -1.07
CA SER F 741 -14.73 4.31 -0.57
C SER F 741 -13.30 4.71 -0.23
N PHE F 742 -12.37 4.41 -1.13
CA PHE F 742 -10.98 4.79 -0.92
C PHE F 742 -10.80 6.30 -0.99
N CYS F 743 -11.55 6.96 -1.87
CA CYS F 743 -11.35 8.38 -2.11
C CYS F 743 -11.79 9.23 -0.93
N THR F 744 -12.84 8.81 -0.22
CA THR F 744 -13.22 9.53 0.99
C THR F 744 -12.11 9.48 2.02
N GLN F 745 -11.46 8.31 2.16
CA GLN F 745 -10.33 8.19 3.06
C GLN F 745 -9.18 9.08 2.65
N LEU F 746 -8.87 9.12 1.35
CA LEU F 746 -7.77 9.95 0.87
C LEU F 746 -8.05 11.43 1.15
N LYS F 747 -9.28 11.87 0.85
CA LYS F 747 -9.65 13.26 1.11
C LYS F 747 -9.58 13.59 2.59
N ARG F 748 -10.03 12.67 3.45
CA ARG F 748 -9.98 12.92 4.88
C ARG F 748 -8.54 13.05 5.37
N ALA F 749 -7.65 12.18 4.89
CA ALA F 749 -6.25 12.27 5.30
C ALA F 749 -5.63 13.59 4.87
N LEU F 750 -5.87 14.00 3.62
CA LEU F 750 -5.28 15.24 3.14
C LEU F 750 -5.85 16.45 3.88
N THR F 751 -7.14 16.44 4.19
CA THR F 751 -7.74 17.54 4.95
C THR F 751 -7.15 17.62 6.36
N GLY F 752 -6.95 16.47 7.00
CA GLY F 752 -6.32 16.48 8.32
C GLY F 752 -4.93 17.05 8.28
N ILE F 753 -4.13 16.66 7.28
CA ILE F 753 -2.79 17.23 7.14
C ILE F 753 -2.86 18.74 6.94
N ALA F 754 -3.80 19.19 6.10
CA ALA F 754 -3.92 20.62 5.81
C ALA F 754 -4.26 21.41 7.07
N VAL F 755 -5.16 20.89 7.91
CA VAL F 755 -5.52 21.60 9.14
C VAL F 755 -4.35 21.61 10.12
N GLU F 756 -3.67 20.46 10.26
CA GLU F 756 -2.53 20.40 11.16
C GLU F 756 -1.44 21.39 10.76
N GLN F 757 -1.31 21.66 9.46
CA GLN F 757 -0.29 22.61 9.01
C GLN F 757 -0.54 24.00 9.55
N ASP F 758 -1.81 24.45 9.58
CA ASP F 758 -2.12 25.75 10.17
C ASP F 758 -1.97 25.72 11.68
N LYS F 759 -2.34 24.58 12.30
CA LYS F 759 -2.22 24.47 13.75
C LYS F 759 -0.76 24.65 14.19
N ASN F 760 0.18 24.12 13.40
CA ASN F 760 1.59 24.23 13.77
C ASN F 760 2.03 25.68 13.90
N THR F 761 1.75 26.50 12.87
CA THR F 761 2.16 27.90 12.91
C THR F 761 1.41 28.65 14.01
N GLN F 762 0.11 28.38 14.17
CA GLN F 762 -0.65 29.05 15.21
C GLN F 762 -0.07 28.77 16.59
N GLU F 763 0.38 27.54 16.82
CA GLU F 763 0.96 27.21 18.13
C GLU F 763 2.34 27.84 18.30
N VAL F 764 3.15 27.85 17.23
CA VAL F 764 4.53 28.32 17.36
C VAL F 764 4.57 29.82 17.58
N PHE F 765 3.87 30.60 16.74
CA PHE F 765 4.11 32.02 16.66
C PHE F 765 3.21 32.88 17.54
N ALA F 766 2.25 32.29 18.26
CA ALA F 766 1.25 33.10 18.94
C ALA F 766 1.25 32.92 20.45
N GLN F 767 2.43 32.98 21.06
CA GLN F 767 2.52 32.80 22.52
C GLN F 767 1.84 33.93 23.27
N VAL F 768 2.06 35.18 22.85
CA VAL F 768 1.53 36.34 23.55
C VAL F 768 0.27 36.82 22.85
N LYS F 769 -0.63 37.43 23.64
CA LYS F 769 -1.91 37.91 23.13
C LYS F 769 -2.05 39.42 23.22
N GLN F 770 -0.93 40.13 23.42
CA GLN F 770 -0.90 41.58 23.36
C GLN F 770 0.21 42.00 22.42
N ILE F 771 -0.07 42.99 21.58
CA ILE F 771 0.88 43.47 20.57
C ILE F 771 1.57 44.70 21.15
N TYR F 772 2.80 44.52 21.63
CA TYR F 772 3.56 45.61 22.23
C TYR F 772 4.19 46.47 21.15
N LYS F 773 4.54 47.70 21.53
CA LYS F 773 5.15 48.66 20.63
C LYS F 773 6.47 49.16 21.21
N THR F 774 7.49 49.25 20.37
CA THR F 774 8.77 49.77 20.80
C THR F 774 8.69 51.29 21.00
N PRO F 775 9.45 51.83 21.93
CA PRO F 775 9.41 53.28 22.16
C PRO F 775 9.90 54.04 20.95
N PRO F 776 9.40 55.26 20.74
CA PRO F 776 9.85 56.04 19.57
C PRO F 776 11.35 56.34 19.58
N ILE F 777 11.93 56.56 20.75
CA ILE F 777 13.35 56.89 20.86
C ILE F 777 14.13 55.59 21.09
N LYS F 778 15.06 55.30 20.19
CA LYS F 778 15.84 54.07 20.26
C LYS F 778 17.19 54.38 20.89
N TYR F 779 17.27 54.17 22.21
CA TYR F 779 18.54 54.26 22.92
C TYR F 779 18.47 53.30 24.09
N PHE F 780 19.29 52.25 24.06
CA PHE F 780 19.23 51.21 25.08
C PHE F 780 20.59 51.02 25.74
N GLY F 781 21.25 52.11 26.10
CA GLY F 781 22.54 52.03 26.75
C GLY F 781 23.72 51.82 25.83
N GLY F 782 23.49 51.78 24.53
CA GLY F 782 24.53 51.53 23.54
C GLY F 782 24.25 50.35 22.63
N PHE F 783 23.33 49.48 23.00
CA PHE F 783 23.00 48.32 22.18
C PHE F 783 22.21 48.77 20.96
N ASN F 784 22.61 48.29 19.79
CA ASN F 784 22.01 48.72 18.51
C ASN F 784 21.15 47.59 17.98
N PHE F 785 19.83 47.76 18.09
CA PHE F 785 18.84 46.77 17.65
C PHE F 785 18.25 47.12 16.29
N SER F 786 18.87 48.03 15.54
CA SER F 786 18.30 48.45 14.26
C SER F 786 18.33 47.34 13.21
N GLN F 787 19.12 46.30 13.42
CA GLN F 787 19.26 45.23 12.45
C GLN F 787 18.23 44.11 12.64
N ILE F 788 17.38 44.20 13.66
CA ILE F 788 16.34 43.21 13.87
C ILE F 788 14.96 43.81 14.05
N LEU F 789 14.84 45.10 14.36
CA LEU F 789 13.54 45.74 14.51
C LEU F 789 12.95 46.04 13.13
N PRO F 790 11.62 46.18 13.04
CA PRO F 790 11.00 46.42 11.73
C PRO F 790 11.44 47.72 11.10
N ASP F 791 11.45 47.74 9.77
CA ASP F 791 11.81 48.92 9.00
C ASP F 791 10.56 49.57 8.44
N PRO F 792 10.16 50.75 8.92
CA PRO F 792 8.91 51.36 8.42
C PRO F 792 9.02 51.92 7.01
N SER F 793 10.23 52.08 6.47
CA SER F 793 10.37 52.64 5.13
C SER F 793 9.80 51.72 4.08
N LYS F 794 10.18 50.44 4.11
CA LYS F 794 9.66 49.49 3.14
C LYS F 794 8.18 49.21 3.40
N PRO F 795 7.38 49.01 2.36
CA PRO F 795 5.95 48.71 2.59
C PRO F 795 5.71 47.42 3.35
N SER F 796 6.60 46.44 3.24
CA SER F 796 6.39 45.14 3.88
C SER F 796 6.53 45.22 5.40
N LYS F 797 7.25 46.22 5.91
CA LYS F 797 7.50 46.37 7.35
C LYS F 797 8.19 45.13 7.92
N ARG F 798 9.38 44.85 7.39
CA ARG F 798 10.18 43.72 7.82
C ARG F 798 11.61 44.18 8.09
N SER F 799 12.24 43.53 9.06
CA SER F 799 13.62 43.85 9.41
C SER F 799 14.56 43.43 8.30
N PRO F 800 15.74 44.05 8.21
CA PRO F 800 16.67 43.69 7.11
C PRO F 800 17.06 42.22 7.09
N ILE F 801 17.25 41.61 8.25
CA ILE F 801 17.58 40.19 8.29
C ILE F 801 16.39 39.36 7.79
N GLU F 802 15.18 39.77 8.14
CA GLU F 802 14.00 39.10 7.59
C GLU F 802 13.92 39.23 6.08
N ASP F 803 14.28 40.41 5.56
CA ASP F 803 14.30 40.60 4.11
C ASP F 803 15.31 39.67 3.45
N LEU F 804 16.52 39.56 4.03
CA LEU F 804 17.52 38.66 3.47
C LEU F 804 17.04 37.22 3.51
N LEU F 805 16.43 36.81 4.63
CA LEU F 805 15.94 35.44 4.74
C LEU F 805 14.84 35.16 3.71
N PHE F 806 13.94 36.12 3.50
CA PHE F 806 12.88 35.92 2.52
C PHE F 806 13.43 35.87 1.10
N ASN F 807 14.46 36.66 0.81
CA ASN F 807 15.05 36.63 -0.53
C ASN F 807 15.84 35.36 -0.79
N LYS F 808 16.46 34.80 0.25
CA LYS F 808 17.31 33.62 0.05
C LYS F 808 16.50 32.40 -0.38
N VAL F 809 15.33 32.19 0.22
CA VAL F 809 14.53 31.00 -0.05
C VAL F 809 13.57 31.30 -1.19
N THR F 810 13.63 30.51 -2.25
CA THR F 810 12.70 30.63 -3.36
C THR F 810 11.48 29.75 -3.11
N LEU F 811 10.36 30.14 -3.72
CA LEU F 811 9.08 29.46 -3.49
C LEU F 811 8.50 29.03 -4.84
N ALA F 812 7.98 27.81 -4.89
CA ALA F 812 7.43 27.28 -6.14
C ALA F 812 6.01 27.78 -6.37
N ASP F 813 5.09 27.45 -5.46
CA ASP F 813 3.71 27.90 -5.54
C ASP F 813 3.33 28.50 -4.20
N ALA F 814 2.77 29.70 -4.23
CA ALA F 814 2.37 30.41 -3.01
C ALA F 814 0.92 30.15 -2.63
N GLY F 815 0.19 29.35 -3.41
CA GLY F 815 -1.20 29.10 -3.09
C GLY F 815 -2.14 30.23 -3.40
N PHE F 816 -1.67 31.24 -4.13
CA PHE F 816 -2.48 32.42 -4.44
C PHE F 816 -3.39 32.12 -5.62
N ILE F 817 -3.98 33.16 -6.20
CA ILE F 817 -4.95 33.00 -7.27
C ILE F 817 -4.23 32.73 -8.59
N LYS F 818 -4.03 31.45 -8.90
CA LYS F 818 -3.46 31.02 -10.18
C LYS F 818 -4.62 30.91 -11.17
N GLN F 819 -4.93 32.04 -11.81
CA GLN F 819 -6.11 32.13 -12.65
C GLN F 819 -5.96 31.29 -13.91
N TYR F 820 -7.07 30.69 -14.33
CA TYR F 820 -7.11 29.90 -15.56
C TYR F 820 -6.74 30.72 -16.78
N GLY F 821 -6.96 32.03 -16.73
CA GLY F 821 -6.56 32.88 -17.84
C GLY F 821 -5.05 32.86 -18.08
N ASP F 822 -4.28 32.74 -17.00
CA ASP F 822 -2.83 32.65 -17.14
C ASP F 822 -2.43 31.37 -17.86
N CYS F 823 -3.09 30.25 -17.54
CA CYS F 823 -2.78 28.99 -18.21
C CYS F 823 -3.24 29.03 -19.67
N LEU F 824 -4.38 29.67 -19.94
CA LEU F 824 -4.87 29.81 -21.31
C LEU F 824 -4.15 30.90 -22.10
N GLY F 825 -3.29 31.69 -21.44
CA GLY F 825 -2.59 32.76 -22.14
C GLY F 825 -1.79 32.27 -23.33
N ASP F 826 -1.34 31.02 -23.30
CA ASP F 826 -0.64 30.39 -24.42
C ASP F 826 0.60 31.17 -24.81
N ILE F 827 1.52 31.27 -23.86
CA ILE F 827 2.78 31.98 -24.04
C ILE F 827 3.81 31.04 -24.66
N ALA F 828 3.35 29.86 -25.10
CA ALA F 828 4.18 28.81 -25.68
C ALA F 828 5.23 28.30 -24.71
N ALA F 829 5.06 28.59 -23.41
CA ALA F 829 5.94 28.10 -22.35
C ALA F 829 5.04 27.51 -21.26
N ARG F 830 4.71 26.23 -21.40
CA ARG F 830 3.81 25.56 -20.48
C ARG F 830 4.62 25.04 -19.29
N ASP F 831 4.46 25.69 -18.15
CA ASP F 831 5.17 25.27 -16.94
C ASP F 831 4.46 24.07 -16.31
N LEU F 832 5.02 23.58 -15.20
CA LEU F 832 4.47 22.41 -14.54
C LEU F 832 3.21 22.73 -13.76
N ILE F 833 3.03 23.98 -13.34
CA ILE F 833 1.90 24.34 -12.49
C ILE F 833 0.59 24.16 -13.24
N CYS F 834 0.54 24.58 -14.51
CA CYS F 834 -0.67 24.41 -15.30
C CYS F 834 -0.99 22.93 -15.50
N ALA F 835 0.04 22.11 -15.74
CA ALA F 835 -0.18 20.68 -15.92
C ALA F 835 -0.71 20.04 -14.65
N GLN F 836 -0.18 20.43 -13.49
CA GLN F 836 -0.72 19.93 -12.23
C GLN F 836 -2.16 20.38 -12.02
N LYS F 837 -2.45 21.64 -12.32
CA LYS F 837 -3.80 22.18 -12.12
C LYS F 837 -4.82 21.48 -12.99
N PHE F 838 -4.45 21.17 -14.24
CA PHE F 838 -5.39 20.56 -15.18
C PHE F 838 -5.77 19.14 -14.80
N ASN F 839 -5.07 18.51 -13.86
CA ASN F 839 -5.33 17.12 -13.50
C ASN F 839 -5.91 16.96 -12.10
N GLY F 840 -6.38 18.04 -11.49
CA GLY F 840 -7.08 17.94 -10.22
C GLY F 840 -6.22 18.04 -8.97
N LEU F 841 -5.00 18.56 -9.08
CA LEU F 841 -4.13 18.77 -7.93
C LEU F 841 -4.01 20.27 -7.68
N THR F 842 -4.34 20.70 -6.47
CA THR F 842 -4.35 22.12 -6.14
C THR F 842 -3.55 22.36 -4.86
N VAL F 843 -3.11 23.61 -4.68
CA VAL F 843 -2.39 24.03 -3.49
C VAL F 843 -3.19 25.15 -2.83
N LEU F 844 -3.47 24.99 -1.52
CA LEU F 844 -4.26 25.96 -0.78
C LEU F 844 -3.36 26.98 -0.08
N PRO F 845 -3.85 28.18 0.16
CA PRO F 845 -3.02 29.21 0.80
C PRO F 845 -3.09 29.11 2.31
N PRO F 846 -2.05 29.53 3.02
CA PRO F 846 -2.07 29.47 4.48
C PRO F 846 -3.04 30.49 5.08
N LEU F 847 -3.46 30.21 6.31
CA LEU F 847 -4.41 31.07 6.99
C LEU F 847 -3.75 32.37 7.44
N LEU F 848 -2.52 32.31 7.92
CA LEU F 848 -1.80 33.47 8.43
C LEU F 848 -0.88 34.00 7.35
N THR F 849 -1.17 35.21 6.87
CA THR F 849 -0.31 35.84 5.89
C THR F 849 1.02 36.25 6.54
N ASP F 850 2.02 36.51 5.69
CA ASP F 850 3.35 36.82 6.19
C ASP F 850 3.36 38.11 7.01
N GLU F 851 2.45 39.04 6.71
CA GLU F 851 2.38 40.28 7.49
C GLU F 851 1.98 40.00 8.94
N MET F 852 1.06 39.06 9.15
CA MET F 852 0.64 38.73 10.52
C MET F 852 1.78 38.07 11.29
N ILE F 853 2.54 37.20 10.64
CA ILE F 853 3.69 36.58 11.28
C ILE F 853 4.74 37.62 11.63
N ALA F 854 4.96 38.58 10.72
CA ALA F 854 5.90 39.65 11.01
C ALA F 854 5.43 40.50 12.19
N GLN F 855 4.13 40.76 12.27
CA GLN F 855 3.61 41.51 13.41
C GLN F 855 3.81 40.75 14.71
N TYR F 856 3.57 39.44 14.69
CA TYR F 856 3.79 38.63 15.89
C TYR F 856 5.25 38.68 16.33
N THR F 857 6.18 38.52 15.37
CA THR F 857 7.60 38.54 15.71
C THR F 857 8.02 39.90 16.25
N SER F 858 7.52 40.98 15.66
CA SER F 858 7.85 42.31 16.14
C SER F 858 7.30 42.56 17.54
N ALA F 859 6.09 42.08 17.81
CA ALA F 859 5.53 42.21 19.15
C ALA F 859 6.38 41.48 20.17
N LEU F 860 6.80 40.25 19.84
CA LEU F 860 7.64 39.49 20.76
C LEU F 860 8.98 40.19 21.00
N LEU F 861 9.59 40.73 19.93
CA LEU F 861 10.86 41.41 20.09
C LEU F 861 10.74 42.65 20.97
N ALA F 862 9.71 43.47 20.72
CA ALA F 862 9.52 44.67 21.52
C ALA F 862 9.24 44.32 22.98
N GLY F 863 8.42 43.29 23.21
CA GLY F 863 8.14 42.89 24.58
C GLY F 863 9.37 42.40 25.32
N THR F 864 10.20 41.60 24.65
CA THR F 864 11.40 41.10 25.31
C THR F 864 12.49 42.16 25.42
N ILE F 865 12.40 43.24 24.67
CA ILE F 865 13.37 44.32 24.81
C ILE F 865 12.99 45.28 25.93
N THR F 866 11.71 45.66 26.03
CA THR F 866 11.31 46.67 27.01
C THR F 866 10.83 46.10 28.33
N SER F 867 10.76 44.77 28.49
CA SER F 867 10.23 44.18 29.71
C SER F 867 11.08 43.07 30.30
N GLY F 868 11.96 42.45 29.55
CA GLY F 868 12.77 41.34 30.05
C GLY F 868 12.06 40.01 29.83
N TRP F 869 11.79 39.28 30.91
CA TRP F 869 11.05 38.03 30.83
C TRP F 869 9.75 38.07 31.62
N THR F 870 9.37 39.25 32.13
CA THR F 870 8.15 39.34 32.94
C THR F 870 6.89 39.25 32.08
N PHE F 871 6.97 39.67 30.83
CA PHE F 871 5.78 39.65 29.97
C PHE F 871 5.36 38.24 29.59
N GLY F 872 6.19 37.24 29.83
CA GLY F 872 5.83 35.85 29.62
C GLY F 872 5.26 35.15 30.83
N ALA F 873 5.06 35.86 31.94
CA ALA F 873 4.53 35.25 33.15
C ALA F 873 3.49 36.13 33.84
N GLY F 874 3.09 37.25 33.24
CA GLY F 874 2.13 38.14 33.84
C GLY F 874 2.13 39.49 33.15
N PRO F 875 1.78 40.53 33.88
CA PRO F 875 1.82 41.88 33.31
C PRO F 875 3.25 42.29 32.97
N ALA F 876 3.38 43.09 31.91
CA ALA F 876 4.69 43.56 31.48
C ALA F 876 5.15 44.68 32.41
N LEU F 877 6.35 44.51 32.97
CA LEU F 877 6.92 45.47 33.91
C LEU F 877 8.19 46.05 33.30
N GLN F 878 8.23 47.38 33.18
CA GLN F 878 9.34 48.06 32.53
C GLN F 878 10.62 47.91 33.35
N ILE F 879 11.75 48.00 32.66
CA ILE F 879 13.07 47.96 33.30
C ILE F 879 14.11 48.45 32.29
N PRO F 880 15.04 49.32 32.70
CA PRO F 880 16.11 49.75 31.78
C PRO F 880 16.96 48.58 31.32
N PHE F 881 17.39 48.65 30.06
CA PHE F 881 18.19 47.56 29.49
C PHE F 881 19.53 47.35 30.19
N PRO F 882 20.31 48.38 30.53
CA PRO F 882 21.59 48.11 31.23
C PRO F 882 21.42 47.44 32.58
N MET F 883 20.22 47.48 33.17
CA MET F 883 19.97 46.72 34.39
C MET F 883 19.45 45.32 34.09
N GLN F 884 18.65 45.16 33.02
CA GLN F 884 18.23 43.84 32.62
C GLN F 884 19.41 42.97 32.24
N MET F 885 20.39 43.55 31.54
CA MET F 885 21.59 42.79 31.20
C MET F 885 22.37 42.42 32.45
N ALA F 886 22.40 43.28 33.46
CA ALA F 886 23.07 42.95 34.71
C ALA F 886 22.38 41.80 35.43
N TYR F 887 21.05 41.82 35.49
CA TYR F 887 20.34 40.74 36.15
C TYR F 887 20.26 39.48 35.32
N ARG F 888 20.64 39.54 34.04
CA ARG F 888 20.91 38.31 33.29
C ARG F 888 22.32 37.81 33.49
N PHE F 889 23.29 38.72 33.66
CA PHE F 889 24.64 38.31 34.03
C PHE F 889 24.65 37.60 35.37
N ASN F 890 23.89 38.11 36.34
CA ASN F 890 23.86 37.51 37.66
C ASN F 890 23.28 36.10 37.64
N GLY F 891 22.53 35.74 36.59
CA GLY F 891 21.97 34.40 36.52
C GLY F 891 23.01 33.31 36.32
N ILE F 892 24.05 33.61 35.53
CA ILE F 892 25.04 32.60 35.16
C ILE F 892 26.21 32.52 36.13
N GLY F 893 26.19 33.28 37.22
CA GLY F 893 27.21 33.19 38.24
C GLY F 893 28.24 34.30 38.26
N VAL F 894 28.08 35.34 37.45
CA VAL F 894 28.98 36.48 37.43
C VAL F 894 28.28 37.66 38.09
N THR F 895 28.97 38.32 39.01
CA THR F 895 28.37 39.40 39.78
C THR F 895 27.99 40.58 38.87
N GLN F 896 27.19 41.49 39.43
CA GLN F 896 26.68 42.60 38.64
C GLN F 896 27.77 43.59 38.27
N ASN F 897 28.72 43.82 39.16
CA ASN F 897 29.71 44.87 38.95
C ASN F 897 30.63 44.58 37.77
N VAL F 898 30.60 43.36 37.23
CA VAL F 898 31.36 43.07 36.02
C VAL F 898 30.78 43.83 34.83
N LEU F 899 29.45 43.98 34.78
CA LEU F 899 28.83 44.66 33.64
C LEU F 899 28.96 46.17 33.75
N TYR F 900 28.57 46.75 34.87
CA TYR F 900 28.52 48.20 35.00
C TYR F 900 29.88 48.85 34.80
N GLU F 901 30.97 48.12 35.02
CA GLU F 901 32.30 48.63 34.77
C GLU F 901 32.82 48.28 33.39
N ASN F 902 32.06 47.53 32.60
CA ASN F 902 32.46 47.12 31.26
C ASN F 902 31.29 47.24 30.29
N GLN F 903 30.52 48.32 30.40
CA GLN F 903 29.31 48.45 29.58
C GLN F 903 29.65 48.75 28.12
N LYS F 904 30.59 49.67 27.89
CA LYS F 904 30.92 50.07 26.53
C LYS F 904 31.51 48.91 25.73
N LEU F 905 32.42 48.15 26.33
CA LEU F 905 33.05 47.03 25.64
C LEU F 905 32.02 45.97 25.28
N ILE F 906 31.12 45.65 26.20
CA ILE F 906 30.09 44.64 25.93
C ILE F 906 29.14 45.12 24.84
N ALA F 907 28.76 46.41 24.89
CA ALA F 907 27.88 46.94 23.85
C ALA F 907 28.55 46.87 22.47
N ASN F 908 29.84 47.23 22.40
CA ASN F 908 30.55 47.16 21.12
C ASN F 908 30.66 45.73 20.62
N GLN F 909 30.96 44.79 21.52
CA GLN F 909 31.05 43.39 21.12
C GLN F 909 29.72 42.87 20.60
N PHE F 910 28.62 43.22 21.28
CA PHE F 910 27.30 42.79 20.83
C PHE F 910 26.97 43.38 19.47
N ASN F 911 27.28 44.67 19.26
CA ASN F 911 26.99 45.30 17.98
C ASN F 911 27.78 44.63 16.86
N SER F 912 29.06 44.35 17.08
CA SER F 912 29.87 43.70 16.05
C SER F 912 29.37 42.28 15.76
N ALA F 913 29.00 41.55 16.81
CA ALA F 913 28.49 40.19 16.63
C ALA F 913 27.20 40.19 15.82
N ILE F 914 26.31 41.15 16.10
CA ILE F 914 25.08 41.27 15.30
C ILE F 914 25.41 41.64 13.87
N GLY F 915 26.36 42.56 13.68
CA GLY F 915 26.69 43.00 12.33
C GLY F 915 27.24 41.88 11.46
N LYS F 916 28.07 41.01 12.03
CA LYS F 916 28.67 39.94 11.23
C LYS F 916 27.64 38.93 10.73
N ILE F 917 26.46 38.87 11.34
CA ILE F 917 25.48 37.83 11.02
C ILE F 917 24.97 37.99 9.59
N GLN F 918 24.71 39.22 9.17
CA GLN F 918 24.18 39.45 7.82
C GLN F 918 25.16 38.97 6.75
N ASP F 919 26.44 39.32 6.90
CA ASP F 919 27.45 38.89 5.93
C ASP F 919 27.64 37.37 5.99
N SER F 920 27.58 36.79 7.19
CA SER F 920 27.69 35.34 7.29
C SER F 920 26.55 34.64 6.56
N LEU F 921 25.32 35.16 6.72
CA LEU F 921 24.18 34.58 6.02
C LEU F 921 24.29 34.74 4.51
N SER F 922 24.72 35.92 4.05
CA SER F 922 24.79 36.17 2.61
C SER F 922 25.88 35.34 1.95
N SER F 923 27.08 35.28 2.55
CA SER F 923 28.21 34.64 1.91
C SER F 923 28.01 33.13 1.78
N THR F 924 27.49 32.48 2.81
CA THR F 924 27.32 31.04 2.79
C THR F 924 26.23 30.66 1.78
N PRO F 925 26.50 29.75 0.85
CA PRO F 925 25.52 29.43 -0.19
C PRO F 925 24.40 28.51 0.29
N SER F 926 24.71 27.57 1.18
CA SER F 926 23.77 26.55 1.62
C SER F 926 23.37 26.75 3.08
N ALA F 927 23.21 28.01 3.50
CA ALA F 927 22.80 28.29 4.87
C ALA F 927 21.37 27.83 5.12
N LEU F 928 20.44 28.22 4.26
CA LEU F 928 19.03 27.91 4.43
C LEU F 928 18.63 26.67 3.61
N GLY F 929 19.26 25.54 3.92
CA GLY F 929 18.93 24.31 3.22
C GLY F 929 17.73 23.59 3.79
N LYS F 930 17.53 23.68 5.10
CA LYS F 930 16.41 22.98 5.73
C LYS F 930 15.07 23.48 5.21
N LEU F 931 14.95 24.80 5.03
CA LEU F 931 13.70 25.37 4.54
C LEU F 931 13.50 25.13 3.05
N GLN F 932 14.59 25.00 2.28
CA GLN F 932 14.48 24.73 0.86
C GLN F 932 14.14 23.27 0.57
N ASP F 933 14.59 22.34 1.42
CA ASP F 933 14.33 20.93 1.19
C ASP F 933 12.84 20.62 1.21
N VAL F 934 12.07 21.32 2.05
CA VAL F 934 10.63 21.09 2.12
C VAL F 934 9.98 21.39 0.77
N VAL F 935 10.27 22.57 0.22
CA VAL F 935 9.71 22.97 -1.07
C VAL F 935 10.14 22.00 -2.16
N ASN F 936 11.43 21.65 -2.18
CA ASN F 936 11.93 20.75 -3.21
C ASN F 936 11.23 19.40 -3.15
N HIS F 937 11.08 18.84 -1.95
CA HIS F 937 10.45 17.53 -1.80
C HIS F 937 8.99 17.56 -2.22
N ASN F 938 8.25 18.59 -1.81
CA ASN F 938 6.83 18.68 -2.19
C ASN F 938 6.68 18.81 -3.70
N ALA F 939 7.51 19.67 -4.33
CA ALA F 939 7.44 19.83 -5.77
C ALA F 939 7.78 18.53 -6.49
N GLN F 940 8.80 17.81 -6.00
CA GLN F 940 9.17 16.55 -6.62
C GLN F 940 8.03 15.54 -6.53
N ALA F 941 7.38 15.46 -5.37
CA ALA F 941 6.27 14.52 -5.20
C ALA F 941 5.13 14.85 -6.18
N LEU F 942 4.78 16.13 -6.29
CA LEU F 942 3.69 16.50 -7.19
C LEU F 942 4.05 16.22 -8.64
N ASN F 943 5.29 16.53 -9.04
CA ASN F 943 5.70 16.30 -10.42
C ASN F 943 5.72 14.81 -10.75
N THR F 944 6.18 13.98 -9.81
CA THR F 944 6.15 12.54 -10.04
C THR F 944 4.71 12.03 -10.17
N LEU F 945 3.81 12.53 -9.32
CA LEU F 945 2.41 12.13 -9.43
C LEU F 945 1.83 12.51 -10.78
N VAL F 946 2.15 13.70 -11.28
CA VAL F 946 1.66 14.10 -12.59
C VAL F 946 2.25 13.22 -13.69
N LYS F 947 3.56 12.95 -13.63
CA LYS F 947 4.21 12.16 -14.65
C LYS F 947 3.76 10.70 -14.64
N GLN F 948 3.19 10.23 -13.54
CA GLN F 948 2.72 8.85 -13.48
C GLN F 948 1.57 8.55 -14.44
N LEU F 949 0.94 9.58 -15.03
CA LEU F 949 -0.24 9.39 -15.86
C LEU F 949 0.09 8.86 -17.26
N SER F 950 1.36 8.74 -17.62
CA SER F 950 1.76 8.34 -18.97
C SER F 950 2.16 6.87 -19.06
N SER F 951 1.84 6.07 -18.05
CA SER F 951 2.21 4.66 -18.03
C SER F 951 1.03 3.79 -18.43
N LYS F 952 1.33 2.70 -19.13
CA LYS F 952 0.28 1.82 -19.65
C LYS F 952 -0.30 0.90 -18.59
N PHE F 953 0.51 0.47 -17.62
CA PHE F 953 0.07 -0.48 -16.59
C PHE F 953 -0.42 -1.79 -17.18
N GLY F 954 0.08 -2.15 -18.36
CA GLY F 954 -0.31 -3.37 -19.03
C GLY F 954 -1.41 -3.21 -20.06
N ALA F 955 -2.11 -2.09 -20.07
CA ALA F 955 -3.15 -1.85 -21.06
C ALA F 955 -2.54 -1.51 -22.41
N ILE F 956 -3.40 -1.43 -23.42
CA ILE F 956 -2.91 -1.14 -24.77
C ILE F 956 -2.62 0.34 -24.99
N SER F 957 -3.22 1.22 -24.19
CA SER F 957 -3.01 2.65 -24.35
C SER F 957 -3.21 3.34 -23.02
N SER F 958 -2.55 4.47 -22.84
CA SER F 958 -2.62 5.25 -21.62
C SER F 958 -3.63 6.38 -21.68
N VAL F 959 -4.39 6.49 -22.78
CA VAL F 959 -5.42 7.50 -22.94
C VAL F 959 -6.76 6.81 -23.01
N LEU F 960 -7.69 7.21 -22.14
CA LEU F 960 -8.97 6.51 -22.03
C LEU F 960 -9.81 6.67 -23.29
N ASN F 961 -9.68 7.81 -23.98
CA ASN F 961 -10.48 8.03 -25.19
C ASN F 961 -10.09 7.04 -26.28
N ASP F 962 -8.80 6.74 -26.43
CA ASP F 962 -8.37 5.76 -27.42
C ASP F 962 -8.95 4.38 -27.11
N ILE F 963 -8.90 3.96 -25.83
CA ILE F 963 -9.45 2.67 -25.45
C ILE F 963 -10.94 2.62 -25.71
N LEU F 964 -11.64 3.74 -25.44
CA LEU F 964 -13.08 3.77 -25.64
C LEU F 964 -13.44 3.79 -27.12
N SER F 965 -12.60 4.38 -27.97
CA SER F 965 -12.91 4.52 -29.38
C SER F 965 -12.36 3.40 -30.25
N ARG F 966 -11.50 2.54 -29.72
CA ARG F 966 -10.96 1.44 -30.52
C ARG F 966 -11.64 0.10 -30.22
N LEU F 967 -11.78 -0.23 -28.94
CA LEU F 967 -12.38 -1.55 -28.59
C LEU F 967 -13.89 -1.40 -28.45
N ASP F 968 -14.60 -2.51 -28.21
CA ASP F 968 -16.08 -2.47 -28.11
C ASP F 968 -16.49 -2.42 -26.64
N PRO F 969 -17.73 -1.98 -26.31
CA PRO F 969 -18.12 -1.82 -24.90
C PRO F 969 -17.74 -3.00 -23.99
N PRO F 970 -18.04 -4.28 -24.31
CA PRO F 970 -17.76 -5.37 -23.39
C PRO F 970 -16.28 -5.52 -23.02
N GLU F 971 -15.37 -5.30 -23.98
CA GLU F 971 -13.93 -5.53 -23.72
C GLU F 971 -13.29 -4.33 -23.04
N ALA F 972 -13.63 -3.12 -23.48
CA ALA F 972 -13.00 -1.91 -22.93
C ALA F 972 -12.70 -2.11 -21.44
N GLU F 973 -13.64 -2.66 -20.68
CA GLU F 973 -13.45 -2.75 -19.21
C GLU F 973 -12.14 -3.47 -18.88
N VAL F 974 -11.92 -4.67 -19.41
CA VAL F 974 -10.71 -5.45 -19.01
C VAL F 974 -9.46 -4.58 -19.14
N GLN F 975 -9.52 -3.50 -19.93
CA GLN F 975 -8.38 -2.60 -20.09
C GLN F 975 -8.46 -1.41 -19.14
N ILE F 976 -9.65 -0.85 -18.94
CA ILE F 976 -9.80 0.32 -18.08
C ILE F 976 -9.50 -0.02 -16.63
N ASP F 977 -9.79 -1.26 -16.21
CA ASP F 977 -9.55 -1.64 -14.82
C ASP F 977 -8.06 -1.58 -14.47
N ARG F 978 -7.19 -1.93 -15.41
CA ARG F 978 -5.75 -1.87 -15.16
C ARG F 978 -5.32 -0.43 -14.86
N LEU F 979 -5.78 0.51 -15.68
CA LEU F 979 -5.44 1.92 -15.45
C LEU F 979 -5.99 2.41 -14.12
N ILE F 980 -7.23 2.03 -13.80
CA ILE F 980 -7.83 2.45 -12.54
C ILE F 980 -7.02 1.94 -11.35
N THR F 981 -6.64 0.67 -11.40
CA THR F 981 -5.86 0.07 -10.31
C THR F 981 -4.50 0.75 -10.17
N GLY F 982 -3.81 0.98 -11.29
CA GLY F 982 -2.51 1.62 -11.21
C GLY F 982 -2.57 3.03 -10.65
N ARG F 983 -3.55 3.81 -11.10
CA ARG F 983 -3.66 5.19 -10.61
C ARG F 983 -4.07 5.22 -9.14
N LEU F 984 -4.92 4.29 -8.71
CA LEU F 984 -5.25 4.19 -7.29
C LEU F 984 -4.02 3.86 -6.45
N GLN F 985 -3.18 2.95 -6.94
CA GLN F 985 -1.95 2.62 -6.22
C GLN F 985 -1.03 3.83 -6.10
N SER F 986 -0.89 4.59 -7.20
CA SER F 986 -0.06 5.80 -7.16
C SER F 986 -0.59 6.80 -6.13
N LEU F 987 -1.90 7.02 -6.12
CA LEU F 987 -2.48 7.97 -5.18
C LEU F 987 -2.26 7.52 -3.73
N GLN F 988 -2.44 6.22 -3.47
CA GLN F 988 -2.24 5.71 -2.11
C GLN F 988 -0.79 5.90 -1.66
N THR F 989 0.17 5.62 -2.55
CA THR F 989 1.57 5.81 -2.19
C THR F 989 1.85 7.28 -1.86
N TYR F 990 1.35 8.19 -2.69
CA TYR F 990 1.56 9.61 -2.43
C TYR F 990 0.98 10.04 -1.10
N VAL F 991 -0.23 9.56 -0.77
CA VAL F 991 -0.87 9.94 0.48
C VAL F 991 -0.08 9.45 1.67
N THR F 992 0.40 8.20 1.61
CA THR F 992 1.18 7.66 2.73
C THR F 992 2.47 8.45 2.93
N GLN F 993 3.17 8.78 1.84
CA GLN F 993 4.39 9.56 1.96
C GLN F 993 4.11 10.92 2.59
N GLN F 994 3.02 11.57 2.17
CA GLN F 994 2.67 12.86 2.75
C GLN F 994 2.38 12.74 4.25
N LEU F 995 1.71 11.66 4.65
CA LEU F 995 1.42 11.47 6.07
C LEU F 995 2.71 11.38 6.89
N ILE F 996 3.68 10.60 6.42
CA ILE F 996 4.93 10.45 7.17
C ILE F 996 5.67 11.78 7.25
N ARG F 997 5.75 12.50 6.12
CA ARG F 997 6.44 13.79 6.14
C ARG F 997 5.75 14.77 7.08
N ALA F 998 4.42 14.76 7.11
CA ALA F 998 3.69 15.65 8.01
C ALA F 998 4.00 15.34 9.47
N ALA F 999 4.10 14.05 9.80
CA ALA F 999 4.45 13.69 11.18
C ALA F 999 5.83 14.25 11.56
N GLU F 1000 6.80 14.08 10.66
CA GLU F 1000 8.14 14.60 10.97
C GLU F 1000 8.13 16.12 11.14
N ILE F 1001 7.40 16.82 10.28
CA ILE F 1001 7.34 18.28 10.36
C ILE F 1001 6.65 18.72 11.65
N ARG F 1002 5.64 17.96 12.09
CA ARG F 1002 4.98 18.29 13.35
C ARG F 1002 5.94 18.15 14.52
N ALA F 1003 6.78 17.10 14.50
CA ALA F 1003 7.78 16.97 15.56
C ALA F 1003 8.72 18.18 15.58
N SER F 1004 9.17 18.61 14.38
CA SER F 1004 10.05 19.78 14.31
C SER F 1004 9.35 21.03 14.85
N ALA F 1005 8.07 21.20 14.51
CA ALA F 1005 7.33 22.38 14.97
C ALA F 1005 7.17 22.38 16.48
N ASN F 1006 6.92 21.21 17.08
CA ASN F 1006 6.83 21.14 18.54
C ASN F 1006 8.16 21.52 19.18
N LEU F 1007 9.28 21.04 18.62
CA LEU F 1007 10.58 21.44 19.16
C LEU F 1007 10.78 22.94 19.06
N ALA F 1008 10.39 23.54 17.93
CA ALA F 1008 10.54 24.98 17.76
C ALA F 1008 9.70 25.75 18.78
N ALA F 1009 8.47 25.30 19.02
CA ALA F 1009 7.63 25.96 20.01
C ALA F 1009 8.23 25.88 21.40
N THR F 1010 8.78 24.72 21.76
CA THR F 1010 9.45 24.60 23.07
C THR F 1010 10.63 25.55 23.17
N LYS F 1011 11.46 25.61 22.11
CA LYS F 1011 12.61 26.52 22.12
C LYS F 1011 12.16 27.97 22.28
N MET F 1012 11.05 28.33 21.63
CA MET F 1012 10.56 29.70 21.75
C MET F 1012 10.05 29.99 23.15
N SER F 1013 9.36 29.02 23.76
CA SER F 1013 8.84 29.24 25.11
C SER F 1013 9.96 29.37 26.14
N GLU F 1014 11.04 28.60 25.98
CA GLU F 1014 12.07 28.58 27.03
C GLU F 1014 13.18 29.58 26.79
N CYS F 1015 13.78 29.60 25.59
CA CYS F 1015 14.95 30.43 25.37
C CYS F 1015 14.60 31.91 25.21
N VAL F 1016 13.44 32.21 24.63
CA VAL F 1016 13.08 33.59 24.32
C VAL F 1016 12.41 34.26 25.52
N LEU F 1017 11.33 33.67 26.01
CA LEU F 1017 10.58 34.26 27.11
C LEU F 1017 11.28 34.14 28.46
N GLY F 1018 12.48 33.59 28.49
CA GLY F 1018 13.21 33.46 29.74
C GLY F 1018 14.65 33.08 29.49
N GLN F 1019 15.37 32.82 30.57
CA GLN F 1019 16.76 32.39 30.50
C GLN F 1019 16.82 30.90 30.80
N SER F 1020 17.70 30.20 30.10
CA SER F 1020 17.78 28.74 30.16
C SER F 1020 19.10 28.31 30.79
N LYS F 1021 19.01 27.42 31.77
CA LYS F 1021 20.18 26.78 32.37
C LYS F 1021 20.49 25.42 31.76
N ARG F 1022 19.72 25.00 30.75
CA ARG F 1022 20.00 23.74 30.07
C ARG F 1022 21.21 23.90 29.16
N VAL F 1023 22.09 22.91 29.20
CA VAL F 1023 23.35 22.98 28.46
C VAL F 1023 23.11 22.70 26.99
N ASP F 1024 23.61 23.57 26.13
CA ASP F 1024 23.58 23.39 24.68
C ASP F 1024 22.17 23.26 24.14
N PHE F 1025 21.20 23.90 24.79
CA PHE F 1025 19.83 23.97 24.30
C PHE F 1025 19.52 25.26 23.57
N CYS F 1026 20.08 26.38 24.01
CA CYS F 1026 19.83 27.66 23.38
C CYS F 1026 21.16 28.31 22.98
N GLY F 1027 22.02 27.54 22.34
CA GLY F 1027 23.32 28.01 21.89
C GLY F 1027 24.45 27.30 22.61
N LYS F 1028 25.67 27.60 22.16
CA LYS F 1028 26.88 27.06 22.76
C LYS F 1028 27.49 28.12 23.67
N GLY F 1029 27.70 27.76 24.94
CA GLY F 1029 28.17 28.70 25.93
C GLY F 1029 27.15 28.88 27.03
N TYR F 1030 27.22 30.01 27.73
CA TYR F 1030 26.26 30.35 28.77
C TYR F 1030 25.21 31.29 28.19
N HIS F 1031 23.94 30.90 28.30
CA HIS F 1031 22.88 31.62 27.62
C HIS F 1031 22.59 32.95 28.29
N LEU F 1032 22.34 33.97 27.46
CA LEU F 1032 21.92 35.29 27.94
C LEU F 1032 20.53 35.66 27.46
N MET F 1033 20.27 35.60 26.15
CA MET F 1033 18.96 35.89 25.61
C MET F 1033 18.91 35.37 24.16
N SER F 1034 17.76 35.56 23.52
CA SER F 1034 17.58 35.13 22.14
C SER F 1034 16.56 36.02 21.47
N PHE F 1035 16.68 36.14 20.15
CA PHE F 1035 15.79 36.96 19.34
C PHE F 1035 15.22 36.12 18.20
N PRO F 1036 13.91 36.10 18.00
CA PRO F 1036 13.33 35.32 16.91
C PRO F 1036 13.14 36.14 15.63
N GLN F 1037 13.20 35.43 14.51
CA GLN F 1037 12.95 36.00 13.20
C GLN F 1037 12.17 34.97 12.38
N SER F 1038 11.38 35.45 11.44
CA SER F 1038 10.57 34.58 10.59
C SER F 1038 11.29 34.29 9.28
N ALA F 1039 10.86 33.23 8.61
CA ALA F 1039 11.40 32.86 7.31
C ALA F 1039 10.37 31.99 6.61
N PRO F 1040 10.40 31.93 5.27
CA PRO F 1040 9.42 31.11 4.55
C PRO F 1040 9.40 29.67 5.05
N HIS F 1041 8.28 29.29 5.67
CA HIS F 1041 8.09 27.96 6.23
C HIS F 1041 9.12 27.65 7.33
N GLY F 1042 9.37 28.62 8.20
CA GLY F 1042 10.24 28.33 9.33
C GLY F 1042 10.59 29.54 10.15
N VAL F 1043 11.39 29.28 11.19
CA VAL F 1043 11.80 30.29 12.15
C VAL F 1043 13.32 30.24 12.29
N VAL F 1044 13.92 31.36 12.68
CA VAL F 1044 15.36 31.50 12.83
C VAL F 1044 15.62 32.18 14.17
N PHE F 1045 16.38 31.52 15.04
CA PHE F 1045 16.71 32.05 16.35
C PHE F 1045 18.12 32.63 16.33
N LEU F 1046 18.29 33.78 16.99
CA LEU F 1046 19.59 34.40 17.21
C LEU F 1046 19.87 34.30 18.71
N HIS F 1047 20.75 33.37 19.08
CA HIS F 1047 21.10 33.14 20.48
C HIS F 1047 22.32 33.95 20.84
N VAL F 1048 22.27 34.64 21.98
CA VAL F 1048 23.39 35.38 22.53
C VAL F 1048 23.98 34.60 23.69
N THR F 1049 25.30 34.46 23.71
CA THR F 1049 25.97 33.65 24.71
C THR F 1049 27.23 34.34 25.20
N TYR F 1050 27.65 33.95 26.40
CA TYR F 1050 28.83 34.48 27.08
C TYR F 1050 29.86 33.36 27.17
N VAL F 1051 31.06 33.59 26.66
CA VAL F 1051 32.10 32.58 26.56
C VAL F 1051 33.35 33.10 27.25
N PRO F 1052 33.92 32.38 28.21
CA PRO F 1052 35.16 32.85 28.86
C PRO F 1052 36.36 32.71 27.93
N ALA F 1053 37.41 33.46 28.24
CA ALA F 1053 38.62 33.45 27.44
C ALA F 1053 39.77 34.06 28.24
N GLN F 1054 40.99 33.78 27.79
CA GLN F 1054 42.22 34.28 28.39
C GLN F 1054 42.37 33.80 29.83
N GLU F 1055 42.46 32.48 29.98
CA GLU F 1055 42.62 31.86 31.30
C GLU F 1055 44.04 32.03 31.81
N LYS F 1056 44.20 31.85 33.12
CA LYS F 1056 45.49 31.93 33.78
C LYS F 1056 45.61 30.83 34.82
N ASN F 1057 46.85 30.42 35.07
CA ASN F 1057 47.16 29.34 36.00
C ASN F 1057 47.30 29.87 37.42
N PHE F 1058 46.90 29.06 38.39
CA PHE F 1058 46.95 29.45 39.79
C PHE F 1058 47.09 28.21 40.66
N THR F 1059 47.56 28.43 41.89
CA THR F 1059 47.64 27.39 42.91
C THR F 1059 46.46 27.51 43.87
N THR F 1060 45.83 26.38 44.18
CA THR F 1060 44.59 26.38 44.95
C THR F 1060 44.70 25.44 46.14
N ALA F 1061 43.87 25.70 47.15
CA ALA F 1061 43.76 24.89 48.34
C ALA F 1061 42.29 24.78 48.73
N PRO F 1062 41.89 23.67 49.37
CA PRO F 1062 40.47 23.50 49.70
C PRO F 1062 40.02 24.28 50.93
N ALA F 1063 40.91 24.63 51.84
CA ALA F 1063 40.52 25.33 53.05
C ALA F 1063 41.72 26.09 53.59
N ILE F 1064 41.47 27.02 54.51
CA ILE F 1064 42.51 27.85 55.10
C ILE F 1064 42.48 27.63 56.61
N CYS F 1065 43.61 27.21 57.17
CA CYS F 1065 43.70 26.98 58.60
C CYS F 1065 44.18 28.24 59.31
N HIS F 1066 43.56 28.52 60.45
CA HIS F 1066 43.90 29.72 61.22
C HIS F 1066 43.38 29.55 62.64
N ASP F 1067 44.28 29.71 63.62
CA ASP F 1067 43.94 29.63 65.04
C ASP F 1067 43.31 28.27 65.38
N GLY F 1068 43.74 27.22 64.68
CA GLY F 1068 43.17 25.90 64.92
C GLY F 1068 41.77 25.71 64.37
N LYS F 1069 41.35 26.53 63.41
CA LYS F 1069 40.03 26.39 62.79
C LYS F 1069 40.19 26.43 61.29
N ALA F 1070 39.33 25.68 60.59
CA ALA F 1070 39.38 25.58 59.14
C ALA F 1070 38.28 26.45 58.53
N HIS F 1071 38.68 27.34 57.63
CA HIS F 1071 37.76 28.24 56.94
C HIS F 1071 37.57 27.78 55.50
N PHE F 1072 36.32 27.69 55.08
CA PHE F 1072 35.89 27.35 53.73
C PHE F 1072 35.28 28.57 53.06
N PRO F 1073 35.39 28.69 51.74
CA PRO F 1073 34.80 29.85 51.06
C PRO F 1073 33.31 29.73 50.91
N ARG F 1074 32.63 30.88 50.96
CA ARG F 1074 31.18 30.91 50.75
C ARG F 1074 30.84 30.81 49.27
N GLU F 1075 31.33 31.76 48.47
CA GLU F 1075 31.21 31.70 47.02
C GLU F 1075 32.56 32.06 46.40
N GLY F 1076 33.17 31.10 45.72
CA GLY F 1076 34.45 31.30 45.08
C GLY F 1076 35.47 30.28 45.51
N VAL F 1077 36.66 30.39 44.90
CA VAL F 1077 37.77 29.48 45.16
C VAL F 1077 38.91 30.28 45.79
N PHE F 1078 39.79 29.54 46.45
CA PHE F 1078 41.03 30.11 46.97
C PHE F 1078 42.11 30.05 45.90
N VAL F 1079 42.88 31.14 45.79
CA VAL F 1079 43.92 31.25 44.77
C VAL F 1079 45.15 31.89 45.38
N SER F 1080 46.28 31.80 44.67
CA SER F 1080 47.53 32.37 45.12
C SER F 1080 48.39 32.66 43.91
N ASN F 1081 48.98 33.85 43.86
CA ASN F 1081 49.90 34.17 42.77
C ASN F 1081 51.31 33.64 43.01
N GLY F 1082 51.57 33.10 44.20
CA GLY F 1082 52.88 32.58 44.53
C GLY F 1082 53.33 32.96 45.93
N THR F 1083 52.90 34.11 46.42
CA THR F 1083 53.26 34.59 47.74
C THR F 1083 52.07 34.74 48.67
N HIS F 1084 51.04 35.47 48.26
CA HIS F 1084 49.88 35.74 49.09
C HIS F 1084 48.69 34.89 48.64
N TRP F 1085 47.62 34.92 49.44
CA TRP F 1085 46.42 34.15 49.18
C TRP F 1085 45.24 35.10 49.00
N PHE F 1086 44.29 34.68 48.15
CA PHE F 1086 43.10 35.45 47.86
C PHE F 1086 41.92 34.50 47.68
N VAL F 1087 40.72 35.08 47.69
CA VAL F 1087 39.50 34.35 47.36
C VAL F 1087 38.82 35.08 46.22
N THR F 1088 38.44 34.35 45.17
CA THR F 1088 37.90 34.94 43.96
C THR F 1088 36.65 34.19 43.52
N GLN F 1089 35.93 34.76 42.57
CA GLN F 1089 34.77 34.09 42.01
C GLN F 1089 35.23 33.07 40.97
N ARG F 1090 34.25 32.43 40.31
CA ARG F 1090 34.53 31.29 39.45
C ARG F 1090 34.90 31.71 38.02
N ASN F 1091 34.02 32.43 37.35
CA ASN F 1091 34.16 32.72 35.93
C ASN F 1091 34.84 34.05 35.66
N PHE F 1092 35.58 34.58 36.64
CA PHE F 1092 36.27 35.85 36.47
C PHE F 1092 37.34 35.95 37.55
N TYR F 1093 38.48 36.56 37.19
CA TYR F 1093 39.57 36.74 38.14
C TYR F 1093 39.41 38.09 38.83
N GLU F 1094 38.84 38.07 40.03
CA GLU F 1094 38.71 39.27 40.86
C GLU F 1094 39.17 38.93 42.27
N PRO F 1095 40.48 39.02 42.53
CA PRO F 1095 40.99 38.61 43.84
C PRO F 1095 40.60 39.60 44.93
N GLN F 1096 40.24 39.06 46.09
CA GLN F 1096 39.87 39.86 47.25
C GLN F 1096 40.60 39.34 48.48
N ILE F 1097 40.80 40.23 49.45
CA ILE F 1097 41.40 39.83 50.71
C ILE F 1097 40.49 38.85 51.43
N ILE F 1098 41.08 37.88 52.11
CA ILE F 1098 40.31 36.89 52.86
C ILE F 1098 39.93 37.48 54.22
N THR F 1099 38.63 37.53 54.49
CA THR F 1099 38.12 37.97 55.78
C THR F 1099 37.20 36.89 56.34
N THR F 1100 36.54 37.21 57.45
CA THR F 1100 35.53 36.32 58.02
C THR F 1100 34.14 36.62 57.49
N ASP F 1101 34.00 37.58 56.58
CA ASP F 1101 32.70 37.87 55.98
C ASP F 1101 32.36 36.92 54.83
N ASN F 1102 33.37 36.38 54.16
CA ASN F 1102 33.15 35.48 53.03
C ASN F 1102 33.67 34.07 53.30
N THR F 1103 33.84 33.70 54.57
CA THR F 1103 34.25 32.35 54.95
C THR F 1103 33.41 31.89 56.13
N PHE F 1104 33.11 30.59 56.15
CA PHE F 1104 32.45 29.95 57.28
C PHE F 1104 33.33 28.81 57.77
N VAL F 1105 33.45 28.69 59.10
CA VAL F 1105 34.45 27.80 59.68
C VAL F 1105 34.00 26.34 59.68
N SER F 1106 32.99 26.00 60.48
CA SER F 1106 32.32 24.71 60.47
C SER F 1106 33.30 23.53 60.40
N GLY F 1107 34.13 23.40 61.42
CA GLY F 1107 34.96 22.20 61.52
C GLY F 1107 36.23 22.45 62.32
N ASN F 1108 37.19 21.55 62.13
CA ASN F 1108 38.48 21.55 62.79
C ASN F 1108 39.57 21.50 61.72
N CYS F 1109 40.84 21.45 62.16
CA CYS F 1109 41.98 21.52 61.26
C CYS F 1109 42.84 20.26 61.36
N ASP F 1110 42.22 19.09 61.38
CA ASP F 1110 42.98 17.84 61.34
C ASP F 1110 42.34 16.77 60.46
N VAL F 1111 41.26 17.07 59.76
CA VAL F 1111 40.54 16.06 58.99
C VAL F 1111 40.48 16.37 57.51
N VAL F 1112 40.60 17.62 57.09
CA VAL F 1112 40.58 17.97 55.67
C VAL F 1112 41.96 17.68 55.07
N ILE F 1113 41.96 17.17 53.84
CA ILE F 1113 43.20 16.82 53.16
C ILE F 1113 43.63 18.00 52.29
N GLY F 1114 44.87 18.43 52.46
CA GLY F 1114 45.42 19.51 51.65
C GLY F 1114 45.23 20.91 52.19
N ILE F 1115 44.96 21.06 53.49
CA ILE F 1115 44.74 22.38 54.05
C ILE F 1115 46.06 23.13 54.18
N VAL F 1116 46.00 24.44 54.00
CA VAL F 1116 47.16 25.32 54.01
C VAL F 1116 46.83 26.48 54.93
N ASN F 1117 47.62 26.66 55.98
CA ASN F 1117 47.29 27.72 56.92
C ASN F 1117 47.71 29.08 56.40
N ASN F 1118 46.87 30.08 56.67
CA ASN F 1118 47.25 31.46 56.41
C ASN F 1118 46.40 32.33 57.34
N THR F 1119 46.87 33.55 57.56
CA THR F 1119 46.14 34.44 58.45
C THR F 1119 44.83 34.88 57.79
N VAL F 1120 43.79 35.01 58.61
CA VAL F 1120 42.49 35.49 58.15
C VAL F 1120 42.15 36.72 58.96
N TYR F 1121 42.03 37.85 58.28
CA TYR F 1121 41.80 39.13 58.94
C TYR F 1121 40.34 39.24 59.38
N ASP F 1122 39.98 40.38 59.96
CA ASP F 1122 38.65 40.59 60.48
C ASP F 1122 38.15 42.00 60.17
#